data_7AUD
#
_entry.id   7AUD
#
_cell.length_a   84.916
_cell.length_b   111.709
_cell.length_c   132.344
_cell.angle_alpha   72.640
_cell.angle_beta   80.180
_cell.angle_gamma   79.220
#
_symmetry.space_group_name_H-M   'P 1'
#
loop_
_entity.id
_entity.type
_entity.pdbx_description
1 polymer 'Bloom syndrome protein,Bloom syndrome protein'
2 polymer "DNA (5'-D(*GP*TP*AP*CP*CP*CP*GP*AP*TP*GP*TP*GP*T)-3')"
3 non-polymer 'ZINC ION'
4 non-polymer "ADENOSINE-5'-DIPHOSPHATE"
5 non-polymer N-(2,3-dimethyl-5-sulfamoylphenyl)-4-(2-methylthiazol-4-yl)benzamide
6 non-polymer 'TETRAETHYLENE GLYCOL'
7 non-polymer 'MAGNESIUM ION'
8 water water
#
loop_
_entity_poly.entity_id
_entity_poly.type
_entity_poly.pdbx_seq_one_letter_code
_entity_poly.pdbx_strand_id
1 'polypeptide(L)'
;MGSAWSHPQFEKSSGLEVLFQGGPHMSRNLKHERFQSLSFPHTKEMMKIFHKKFGLHNFRTNQLEAINAALLGEDCFILM
PTGGGKSLCYQLPACVSPGVTVVISPLRSLIVDQVQKLTSLDIPATYLTGDKTDSEATNIYLQLSKKDPIIKLLYVTPEK
ICASNRLISTLENLYERKLLARFVIDEAHCVSQWGHDFRQDYKRMNMLRQKFPSVPVMALTATANPRVQKDILTQLKILR
PQVFSMSFNRHNLKYYVLPKKPKKVAFDCLEWIRKHHPYDSGIIYCLSRRECDTMADTLQRDGLAALAYHAGLSDSARDE
VQQKWINQDGCQVICATIAFGMGIDKPDVRFVIHASLPKSVEGYYQESGRAGRDGEISHCLLFYTYHDVTRLKRLIMMEK
DGNHHTRETHFNNLYSMVHYCENITECRRIQLLAYFGENGFNPDFCKKHPDVSCDNCCKTKGSGGSKALVAKVSQREEMV
KKCLGELTEVCKSLGKVFGVHYFNIFNTVTLKKLAESLSSDPEVLLQIDGVTEDKLEKYGAEVISVLQKYSEWTSPAEDS
SPG
;
A,B,C,D,E,F
2 'polydeoxyribonucleotide' (DC)(DG)(DT)(DA)(DC)(DC)(DC)(DG)(DA)(DT)(DG)(DT)(DG)(DT)(DT) M,N,O,P,Q,R
#
loop_
_chem_comp.id
_chem_comp.type
_chem_comp.name
_chem_comp.formula
ADP non-polymer ADENOSINE-5'-DIPHOSPHATE 'C10 H15 N5 O10 P2'
DA DNA linking 2'-DEOXYADENOSINE-5'-MONOPHOSPHATE 'C10 H14 N5 O6 P'
DC DNA linking 2'-DEOXYCYTIDINE-5'-MONOPHOSPHATE 'C9 H14 N3 O7 P'
DG DNA linking 2'-DEOXYGUANOSINE-5'-MONOPHOSPHATE 'C10 H14 N5 O7 P'
DT DNA linking THYMIDINE-5'-MONOPHOSPHATE 'C10 H15 N2 O8 P'
MG non-polymer 'MAGNESIUM ION' 'Mg 2'
PG4 non-polymer 'TETRAETHYLENE GLYCOL' 'C8 H18 O5'
RY8 non-polymer N-(2,3-dimethyl-5-sulfamoylphenyl)-4-(2-methylthiazol-4-yl)benzamide 'C19 H19 N3 O3 S2'
ZN non-polymer 'ZINC ION' 'Zn 2'
#
# COMPACT_ATOMS: atom_id res chain seq x y z
N LYS A 31 -2.48 5.17 -49.80
CA LYS A 31 -3.39 6.16 -50.34
C LYS A 31 -2.62 7.34 -50.92
N HIS A 32 -1.31 7.38 -50.66
CA HIS A 32 -0.44 8.47 -51.11
C HIS A 32 0.41 8.06 -52.30
N GLU A 33 0.02 7.01 -53.03
CA GLU A 33 0.77 6.60 -54.21
C GLU A 33 0.68 7.65 -55.32
N ARG A 34 -0.47 8.30 -55.47
CA ARG A 34 -0.62 9.32 -56.49
C ARG A 34 0.36 10.48 -56.30
N PHE A 35 0.76 10.75 -55.06
CA PHE A 35 1.73 11.80 -54.80
C PHE A 35 3.17 11.36 -55.04
N GLN A 36 3.43 10.08 -55.28
CA GLN A 36 4.77 9.61 -55.63
C GLN A 36 4.92 9.62 -57.16
N SER A 37 4.95 10.83 -57.72
CA SER A 37 5.02 10.97 -59.16
C SER A 37 5.92 12.14 -59.53
N LEU A 38 6.69 11.94 -60.60
CA LEU A 38 7.54 12.97 -61.17
C LEU A 38 7.03 13.43 -62.53
N SER A 39 5.73 13.24 -62.78
CA SER A 39 5.12 13.57 -64.06
C SER A 39 4.10 14.69 -63.95
N PHE A 40 4.19 15.52 -62.90
CA PHE A 40 3.31 16.67 -62.77
C PHE A 40 3.86 17.85 -63.57
N PRO A 41 3.00 18.81 -63.92
CA PRO A 41 3.51 20.00 -64.63
C PRO A 41 4.55 20.80 -63.86
N HIS A 42 4.50 20.79 -62.53
CA HIS A 42 5.45 21.57 -61.76
C HIS A 42 6.77 20.85 -61.55
N THR A 43 6.80 19.52 -61.74
CA THR A 43 7.95 18.71 -61.35
C THR A 43 9.25 19.30 -61.88
N LYS A 44 9.31 19.58 -63.18
CA LYS A 44 10.54 20.05 -63.77
C LYS A 44 11.10 21.26 -63.03
N GLU A 45 10.27 22.30 -62.86
CA GLU A 45 10.79 23.49 -62.20
C GLU A 45 11.16 23.18 -60.77
N MET A 46 10.32 22.39 -60.09
CA MET A 46 10.64 22.01 -58.72
C MET A 46 12.03 21.41 -58.67
N MET A 47 12.27 20.43 -59.55
CA MET A 47 13.56 19.74 -59.53
C MET A 47 14.69 20.74 -59.74
N LYS A 48 14.49 21.71 -60.63
CA LYS A 48 15.53 22.71 -60.88
C LYS A 48 15.92 23.38 -59.57
N ILE A 49 14.94 23.90 -58.83
CA ILE A 49 15.29 24.56 -57.58
C ILE A 49 15.88 23.54 -56.62
N PHE A 50 15.30 22.33 -56.60
CA PHE A 50 15.79 21.27 -55.72
C PHE A 50 17.25 21.01 -55.97
N HIS A 51 17.70 21.20 -57.21
CA HIS A 51 19.10 20.99 -57.55
C HIS A 51 19.90 22.29 -57.46
N LYS A 52 19.31 23.41 -57.89
CA LYS A 52 20.11 24.62 -58.06
C LYS A 52 20.16 25.50 -56.83
N LYS A 53 19.04 25.64 -56.11
CA LYS A 53 19.00 26.51 -54.95
C LYS A 53 19.33 25.79 -53.65
N PHE A 54 18.79 24.59 -53.46
CA PHE A 54 19.03 23.84 -52.24
C PHE A 54 20.25 22.94 -52.33
N GLY A 55 20.66 22.52 -53.53
CA GLY A 55 21.86 21.73 -53.66
C GLY A 55 21.71 20.29 -53.20
N LEU A 56 20.53 19.71 -53.35
CA LEU A 56 20.27 18.33 -52.95
C LEU A 56 20.25 17.42 -54.18
N HIS A 57 20.15 16.12 -53.92
CA HIS A 57 20.20 15.17 -55.02
C HIS A 57 19.06 14.16 -55.00
N ASN A 58 18.65 13.69 -53.81
CA ASN A 58 17.60 12.70 -53.69
C ASN A 58 16.66 13.08 -52.56
N PHE A 59 15.37 12.91 -52.79
CA PHE A 59 14.38 13.18 -51.75
C PHE A 59 14.40 12.10 -50.68
N ARG A 60 14.08 12.49 -49.46
CA ARG A 60 13.95 11.55 -48.35
C ARG A 60 12.51 11.05 -48.25
N THR A 61 12.27 10.18 -47.29
CA THR A 61 10.95 9.58 -47.09
C THR A 61 9.88 10.66 -46.89
N ASN A 62 8.79 10.56 -47.66
CA ASN A 62 7.62 11.44 -47.63
C ASN A 62 7.90 12.84 -48.13
N GLN A 63 9.15 13.18 -48.47
CA GLN A 63 9.44 14.53 -48.93
C GLN A 63 8.77 14.83 -50.25
N LEU A 64 8.98 13.98 -51.25
CA LEU A 64 8.42 14.23 -52.58
C LEU A 64 6.90 14.24 -52.54
N GLU A 65 6.29 13.31 -51.81
CA GLU A 65 4.83 13.26 -51.74
C GLU A 65 4.25 14.51 -51.08
N ALA A 66 4.84 14.92 -49.95
CA ALA A 66 4.35 16.10 -49.27
C ALA A 66 4.55 17.36 -50.10
N ILE A 67 5.69 17.46 -50.80
CA ILE A 67 5.94 18.61 -51.66
C ILE A 67 4.95 18.66 -52.81
N ASN A 68 4.67 17.49 -53.41
CA ASN A 68 3.68 17.43 -54.48
C ASN A 68 2.30 17.85 -53.99
N ALA A 69 1.89 17.33 -52.83
CA ALA A 69 0.61 17.70 -52.25
C ALA A 69 0.54 19.20 -51.97
N ALA A 70 1.64 19.78 -51.48
CA ALA A 70 1.67 21.21 -51.22
C ALA A 70 1.52 22.01 -52.51
N LEU A 71 2.26 21.64 -53.55
CA LEU A 71 2.18 22.35 -54.82
C LEU A 71 0.86 22.12 -55.53
N LEU A 72 0.10 21.10 -55.16
CA LEU A 72 -1.23 20.88 -55.69
C LEU A 72 -2.31 21.59 -54.89
N GLY A 73 -1.95 22.34 -53.85
CA GLY A 73 -2.91 23.11 -53.09
C GLY A 73 -3.54 22.40 -51.91
N GLU A 74 -3.06 21.21 -51.55
CA GLU A 74 -3.65 20.46 -50.45
C GLU A 74 -3.18 21.02 -49.10
N ASP A 75 -4.08 20.93 -48.11
CA ASP A 75 -3.67 21.16 -46.72
C ASP A 75 -2.93 19.94 -46.22
N CYS A 76 -1.83 20.17 -45.49
CA CYS A 76 -0.93 19.09 -45.14
C CYS A 76 -0.66 19.04 -43.65
N PHE A 77 -0.53 17.81 -43.13
CA PHE A 77 -0.08 17.57 -41.76
C PHE A 77 1.08 16.58 -41.80
N ILE A 78 2.25 17.04 -41.37
CA ILE A 78 3.49 16.28 -41.52
C ILE A 78 4.01 15.91 -40.14
N LEU A 79 4.09 14.61 -39.87
CA LEU A 79 4.76 14.05 -38.69
C LEU A 79 6.09 13.48 -39.18
N MET A 80 7.18 14.22 -38.93
CA MET A 80 8.48 13.78 -39.42
C MET A 80 9.53 14.04 -38.35
N PRO A 81 10.38 13.05 -38.05
CA PRO A 81 11.36 13.22 -36.97
C PRO A 81 12.34 14.35 -37.24
N THR A 82 12.97 14.82 -36.17
CA THR A 82 13.97 15.88 -36.30
C THR A 82 15.12 15.41 -37.18
N GLY A 83 15.51 16.25 -38.12
CA GLY A 83 16.50 15.89 -39.11
C GLY A 83 15.96 15.16 -40.32
N GLY A 84 14.67 14.80 -40.32
CA GLY A 84 14.08 14.10 -41.44
C GLY A 84 13.91 14.96 -42.67
N GLY A 85 13.89 16.29 -42.51
CA GLY A 85 13.74 17.19 -43.64
C GLY A 85 12.38 17.86 -43.67
N LYS A 86 11.95 18.38 -42.53
CA LYS A 86 10.65 19.05 -42.46
C LYS A 86 10.66 20.38 -43.20
N SER A 87 11.77 21.12 -43.11
CA SER A 87 11.80 22.46 -43.66
C SER A 87 11.61 22.46 -45.17
N LEU A 88 12.31 21.55 -45.87
CA LEU A 88 12.21 21.48 -47.32
C LEU A 88 10.75 21.34 -47.74
N CYS A 89 9.98 20.55 -47.00
CA CYS A 89 8.59 20.25 -47.36
C CYS A 89 7.78 21.52 -47.57
N TYR A 90 8.13 22.62 -46.91
CA TYR A 90 7.46 23.87 -47.21
C TYR A 90 8.34 24.90 -47.88
N GLN A 91 9.67 24.76 -47.80
CA GLN A 91 10.54 25.77 -48.39
C GLN A 91 10.73 25.57 -49.87
N LEU A 92 10.76 24.32 -50.34
CA LEU A 92 10.86 24.09 -51.78
C LEU A 92 9.59 24.48 -52.51
N PRO A 93 8.37 24.11 -52.05
CA PRO A 93 7.17 24.65 -52.70
C PRO A 93 7.07 26.16 -52.62
N ALA A 94 7.51 26.76 -51.51
CA ALA A 94 7.47 28.22 -51.37
C ALA A 94 8.25 28.91 -52.48
N CYS A 95 9.34 28.29 -52.94
CA CYS A 95 10.10 28.87 -54.05
C CYS A 95 9.39 28.65 -55.38
N VAL A 96 8.66 27.56 -55.53
CA VAL A 96 8.01 27.26 -56.82
C VAL A 96 6.76 28.10 -57.00
N SER A 97 5.92 28.17 -55.96
CA SER A 97 4.63 28.81 -56.07
C SER A 97 4.78 30.34 -56.20
N PRO A 98 3.84 30.99 -56.88
CA PRO A 98 3.85 32.46 -56.89
C PRO A 98 3.33 33.01 -55.57
N GLY A 99 3.77 34.23 -55.26
CA GLY A 99 3.33 34.90 -54.06
C GLY A 99 4.18 34.56 -52.83
N VAL A 100 3.63 34.90 -51.67
CA VAL A 100 4.36 34.84 -50.41
C VAL A 100 3.82 33.69 -49.56
N THR A 101 4.73 32.94 -48.94
CA THR A 101 4.40 31.93 -47.94
C THR A 101 4.71 32.49 -46.55
N VAL A 102 3.70 32.50 -45.68
CA VAL A 102 3.84 33.01 -44.32
C VAL A 102 4.08 31.82 -43.38
N VAL A 103 5.19 31.87 -42.65
CA VAL A 103 5.59 30.81 -41.73
C VAL A 103 5.45 31.32 -40.31
N ILE A 104 4.64 30.63 -39.51
CA ILE A 104 4.41 30.97 -38.11
C ILE A 104 5.33 30.12 -37.25
N SER A 105 6.17 30.78 -36.45
CA SER A 105 7.16 30.12 -35.59
C SER A 105 7.07 30.69 -34.18
N PRO A 106 7.34 29.87 -33.17
CA PRO A 106 7.11 30.33 -31.78
C PRO A 106 8.21 31.20 -31.19
N LEU A 107 9.40 31.24 -31.78
CA LEU A 107 10.54 31.91 -31.14
C LEU A 107 11.25 32.81 -32.13
N ARG A 108 11.62 34.01 -31.67
CA ARG A 108 12.38 34.93 -32.51
C ARG A 108 13.74 34.36 -32.90
N SER A 109 14.39 33.66 -31.97
CA SER A 109 15.70 33.07 -32.26
C SER A 109 15.60 32.07 -33.41
N LEU A 110 14.60 31.19 -33.36
CA LEU A 110 14.39 30.23 -34.43
C LEU A 110 14.11 30.93 -35.75
N ILE A 111 13.36 32.03 -35.69
CA ILE A 111 13.06 32.80 -36.90
C ILE A 111 14.35 33.35 -37.51
N VAL A 112 15.20 33.96 -36.68
CA VAL A 112 16.45 34.51 -37.20
C VAL A 112 17.32 33.40 -37.78
N ASP A 113 17.35 32.25 -37.11
CA ASP A 113 18.14 31.12 -37.62
C ASP A 113 17.67 30.70 -39.00
N GLN A 114 16.35 30.51 -39.16
CA GLN A 114 15.83 30.04 -40.44
C GLN A 114 15.99 31.07 -41.54
N VAL A 115 15.75 32.35 -41.23
CA VAL A 115 15.91 33.38 -42.25
C VAL A 115 17.36 33.55 -42.65
N GLN A 116 18.29 33.41 -41.70
CA GLN A 116 19.71 33.48 -42.06
C GLN A 116 20.10 32.34 -42.98
N LYS A 117 19.66 31.11 -42.65
CA LYS A 117 19.92 29.98 -43.54
C LYS A 117 19.37 30.25 -44.94
N LEU A 118 18.12 30.71 -45.03
CA LEU A 118 17.48 30.91 -46.33
C LEU A 118 18.18 32.00 -47.13
N THR A 119 18.51 33.12 -46.49
CA THR A 119 19.21 34.19 -47.20
C THR A 119 20.59 33.76 -47.65
N SER A 120 21.28 32.95 -46.84
CA SER A 120 22.55 32.38 -47.28
C SER A 120 22.36 31.48 -48.51
N LEU A 121 21.23 30.78 -48.58
CA LEU A 121 20.93 30.00 -49.77
C LEU A 121 20.49 30.85 -50.95
N ASP A 122 20.45 32.17 -50.80
CA ASP A 122 20.03 33.10 -51.86
C ASP A 122 18.56 32.88 -52.21
N ILE A 123 17.75 32.58 -51.20
CA ILE A 123 16.30 32.50 -51.32
C ILE A 123 15.71 33.73 -50.65
N PRO A 124 14.92 34.54 -51.36
CA PRO A 124 14.35 35.75 -50.73
C PRO A 124 13.45 35.42 -49.54
N ALA A 125 13.87 35.80 -48.35
CA ALA A 125 13.12 35.52 -47.14
C ALA A 125 13.39 36.61 -46.11
N THR A 126 12.36 36.92 -45.33
CA THR A 126 12.46 37.96 -44.32
C THR A 126 11.48 37.68 -43.20
N TYR A 127 11.56 38.49 -42.14
CA TYR A 127 10.70 38.31 -40.98
C TYR A 127 10.28 39.66 -40.44
N LEU A 128 9.18 39.65 -39.67
CA LEU A 128 8.64 40.84 -39.01
C LEU A 128 8.42 40.51 -37.54
N THR A 129 9.44 40.73 -36.72
CA THR A 129 9.32 40.59 -35.27
C THR A 129 9.79 41.86 -34.58
N GLY A 130 9.87 41.82 -33.25
CA GLY A 130 10.34 42.97 -32.49
C GLY A 130 11.82 43.28 -32.62
N ASP A 131 12.55 42.52 -33.44
CA ASP A 131 13.98 42.74 -33.63
C ASP A 131 14.29 43.52 -34.90
N LYS A 132 13.32 43.72 -35.77
CA LYS A 132 13.49 44.61 -36.91
C LYS A 132 13.22 46.05 -36.48
N THR A 133 14.00 46.98 -37.03
CA THR A 133 13.71 48.38 -36.75
C THR A 133 12.48 48.82 -37.55
N ASP A 134 11.88 49.92 -37.11
CA ASP A 134 10.69 50.43 -37.79
C ASP A 134 10.95 50.69 -39.27
N SER A 135 12.15 51.16 -39.60
CA SER A 135 12.49 51.40 -41.00
C SER A 135 12.56 50.10 -41.79
N GLU A 136 13.16 49.06 -41.20
CA GLU A 136 13.20 47.76 -41.87
C GLU A 136 11.81 47.20 -42.06
N ALA A 137 10.93 47.39 -41.08
CA ALA A 137 9.56 46.93 -41.22
C ALA A 137 8.83 47.65 -42.34
N THR A 138 8.98 48.98 -42.40
CA THR A 138 8.36 49.74 -43.48
C THR A 138 8.88 49.32 -44.84
N ASN A 139 10.19 49.07 -44.94
CA ASN A 139 10.76 48.61 -46.20
C ASN A 139 10.23 47.24 -46.59
N ILE A 140 10.05 46.35 -45.60
CA ILE A 140 9.51 45.02 -45.90
C ILE A 140 8.07 45.13 -46.40
N TYR A 141 7.25 45.97 -45.73
CA TYR A 141 5.87 46.16 -46.18
C TYR A 141 5.83 46.75 -47.59
N LEU A 142 6.71 47.71 -47.88
CA LEU A 142 6.73 48.31 -49.21
C LEU A 142 7.14 47.29 -50.27
N GLN A 143 8.13 46.46 -49.97
CA GLN A 143 8.55 45.42 -50.91
C GLN A 143 7.43 44.41 -51.14
N LEU A 144 6.72 44.04 -50.07
CA LEU A 144 5.61 43.10 -50.22
C LEU A 144 4.44 43.72 -50.99
N SER A 145 4.30 45.05 -50.96
CA SER A 145 3.23 45.71 -51.68
C SER A 145 3.52 45.92 -53.16
N LYS A 146 4.75 45.69 -53.60
CA LYS A 146 5.10 45.90 -55.00
C LYS A 146 4.36 44.92 -55.91
N LYS A 147 4.37 45.22 -57.21
CA LYS A 147 3.70 44.37 -58.18
C LYS A 147 4.26 42.95 -58.17
N ASP A 148 5.56 42.82 -57.98
CA ASP A 148 6.20 41.50 -57.83
C ASP A 148 6.79 41.40 -56.43
N PRO A 149 6.12 40.73 -55.50
CA PRO A 149 6.66 40.56 -54.15
C PRO A 149 7.81 39.58 -54.07
N ILE A 150 8.97 39.94 -54.63
CA ILE A 150 10.23 39.19 -54.58
C ILE A 150 10.28 38.19 -53.43
N ILE A 151 9.91 38.64 -52.24
CA ILE A 151 9.94 37.80 -51.03
C ILE A 151 9.10 36.54 -51.24
N LYS A 152 9.68 35.39 -50.90
CA LYS A 152 8.97 34.12 -50.96
C LYS A 152 8.59 33.59 -49.58
N LEU A 153 9.26 34.01 -48.51
CA LEU A 153 9.01 33.51 -47.17
C LEU A 153 8.99 34.67 -46.20
N LEU A 154 7.89 34.80 -45.46
CA LEU A 154 7.74 35.81 -44.42
C LEU A 154 7.51 35.10 -43.09
N TYR A 155 8.47 35.23 -42.18
CA TYR A 155 8.40 34.57 -40.88
C TYR A 155 7.83 35.50 -39.82
N VAL A 156 6.83 35.00 -39.09
CA VAL A 156 6.17 35.76 -38.03
C VAL A 156 5.87 34.83 -36.86
N THR A 157 5.61 35.44 -35.70
CA THR A 157 5.15 34.75 -34.50
C THR A 157 3.63 34.79 -34.42
N PRO A 158 3.01 33.87 -33.67
CA PRO A 158 1.55 33.96 -33.48
C PRO A 158 1.13 35.27 -32.86
N GLU A 159 1.93 35.82 -31.96
CA GLU A 159 1.61 37.09 -31.32
C GLU A 159 1.66 38.24 -32.32
N LYS A 160 2.55 38.16 -33.30
CA LYS A 160 2.59 39.18 -34.35
C LYS A 160 1.31 39.17 -35.17
N ILE A 161 0.77 37.97 -35.42
CA ILE A 161 -0.46 37.85 -36.19
C ILE A 161 -1.65 38.39 -35.40
N CYS A 162 -1.60 38.29 -34.07
CA CYS A 162 -2.70 38.70 -33.22
C CYS A 162 -2.52 40.09 -32.62
N ALA A 163 -1.63 40.90 -33.19
CA ALA A 163 -1.39 42.25 -32.68
C ALA A 163 -1.14 43.30 -33.74
N SER A 164 -0.53 42.94 -34.88
CA SER A 164 -0.22 43.91 -35.93
C SER A 164 -1.41 44.02 -36.88
N ASN A 165 -2.09 45.18 -36.84
CA ASN A 165 -3.12 45.45 -37.84
C ASN A 165 -2.49 45.70 -39.20
N ARG A 166 -1.32 46.34 -39.22
CA ARG A 166 -0.62 46.59 -40.48
C ARG A 166 -0.30 45.28 -41.20
N LEU A 167 0.12 44.27 -40.43
CA LEU A 167 0.40 42.96 -41.03
C LEU A 167 -0.87 42.34 -41.60
N ILE A 168 -1.99 42.46 -40.90
CA ILE A 168 -3.24 41.89 -41.40
C ILE A 168 -3.67 42.59 -42.69
N SER A 169 -3.52 43.91 -42.75
CA SER A 169 -3.87 44.63 -43.98
C SER A 169 -2.94 44.26 -45.13
N THR A 170 -1.66 44.04 -44.82
CA THR A 170 -0.73 43.59 -45.86
C THR A 170 -1.11 42.20 -46.36
N LEU A 171 -1.51 41.32 -45.44
CA LEU A 171 -1.97 39.99 -45.84
C LEU A 171 -3.23 40.10 -46.69
N GLU A 172 -4.11 41.05 -46.39
CA GLU A 172 -5.29 41.26 -47.22
C GLU A 172 -4.91 41.70 -48.62
N ASN A 173 -3.97 42.64 -48.73
CA ASN A 173 -3.48 43.08 -50.03
C ASN A 173 -2.91 41.92 -50.83
N LEU A 174 -2.10 41.09 -50.18
CA LEU A 174 -1.53 39.93 -50.88
C LEU A 174 -2.61 38.93 -51.28
N TYR A 175 -3.61 38.74 -50.42
CA TYR A 175 -4.69 37.81 -50.70
C TYR A 175 -5.52 38.27 -51.89
N GLU A 176 -5.75 39.57 -52.01
CA GLU A 176 -6.58 40.09 -53.10
C GLU A 176 -5.91 39.92 -54.46
N ARG A 177 -4.57 39.93 -54.50
CA ARG A 177 -3.84 39.79 -55.75
C ARG A 177 -3.42 38.35 -56.03
N LYS A 178 -4.01 37.38 -55.31
CA LYS A 178 -3.71 35.96 -55.49
C LYS A 178 -2.23 35.67 -55.24
N LEU A 179 -1.65 36.39 -54.28
CA LEU A 179 -0.24 36.25 -53.96
C LEU A 179 0.00 35.84 -52.51
N LEU A 180 -0.99 35.23 -51.87
CA LEU A 180 -0.84 34.65 -50.54
C LEU A 180 -0.82 33.14 -50.74
N ALA A 181 0.39 32.58 -50.77
CA ALA A 181 0.59 31.20 -51.23
C ALA A 181 0.14 30.17 -50.20
N ARG A 182 0.65 30.26 -48.98
CA ARG A 182 0.41 29.19 -48.02
CA ARG A 182 0.43 29.17 -48.02
C ARG A 182 0.73 29.68 -46.62
N PHE A 183 -0.01 29.16 -45.64
CA PHE A 183 0.25 29.39 -44.22
C PHE A 183 0.95 28.16 -43.67
N VAL A 184 2.14 28.35 -43.11
CA VAL A 184 2.94 27.25 -42.58
C VAL A 184 2.98 27.39 -41.06
N ILE A 185 2.69 26.29 -40.37
CA ILE A 185 2.73 26.22 -38.91
C ILE A 185 3.90 25.31 -38.55
N ASP A 186 5.03 25.92 -38.23
CA ASP A 186 6.22 25.19 -37.87
C ASP A 186 6.18 24.81 -36.40
N GLU A 187 6.44 23.53 -36.11
CA GLU A 187 6.31 22.98 -34.76
C GLU A 187 4.86 23.11 -34.28
N ALA A 188 3.97 22.43 -35.01
CA ALA A 188 2.53 22.59 -34.78
C ALA A 188 2.10 22.09 -33.43
N HIS A 189 2.91 21.24 -32.78
CA HIS A 189 2.58 20.78 -31.43
C HIS A 189 2.44 21.95 -30.46
N CYS A 190 3.17 23.04 -30.72
CA CYS A 190 3.04 24.23 -29.87
C CYS A 190 1.61 24.73 -29.84
N VAL A 191 0.89 24.61 -30.96
CA VAL A 191 -0.52 24.99 -30.97
C VAL A 191 -1.28 24.29 -29.86
N SER A 192 -1.04 22.98 -29.70
CA SER A 192 -1.67 22.23 -28.64
C SER A 192 -0.95 22.37 -27.29
N GLN A 193 0.32 22.80 -27.30
CA GLN A 193 1.10 22.82 -26.07
C GLN A 193 0.88 24.09 -25.26
N TRP A 194 0.71 25.24 -25.95
CA TRP A 194 0.51 26.51 -25.27
C TRP A 194 -0.75 27.23 -25.72
N GLY A 195 -1.53 26.66 -26.64
CA GLY A 195 -2.67 27.37 -27.18
C GLY A 195 -3.83 27.53 -26.22
N HIS A 196 -3.89 26.71 -25.18
CA HIS A 196 -4.96 26.77 -24.20
C HIS A 196 -4.61 27.61 -22.98
N ASP A 197 -3.33 27.92 -22.79
CA ASP A 197 -2.81 28.66 -21.66
C ASP A 197 -1.35 29.00 -21.92
N PHE A 198 -0.91 30.13 -21.35
CA PHE A 198 0.46 30.65 -21.45
C PHE A 198 0.65 31.44 -22.75
N ARG A 199 0.36 30.83 -23.91
CA ARG A 199 0.43 31.52 -25.19
C ARG A 199 -0.85 31.22 -25.98
N GLN A 200 -1.95 31.84 -25.58
CA GLN A 200 -3.25 31.57 -26.19
C GLN A 200 -3.39 32.15 -27.58
N ASP A 201 -2.45 33.01 -28.01
CA ASP A 201 -2.49 33.50 -29.39
C ASP A 201 -2.32 32.37 -30.39
N TYR A 202 -1.63 31.30 -30.02
CA TYR A 202 -1.56 30.12 -30.88
C TYR A 202 -2.94 29.61 -31.25
N LYS A 203 -3.93 29.84 -30.38
CA LYS A 203 -5.31 29.57 -30.76
C LYS A 203 -5.92 30.74 -31.51
N ARG A 204 -5.68 31.97 -31.05
CA ARG A 204 -6.33 33.16 -31.62
C ARG A 204 -6.01 33.35 -33.09
N MET A 205 -4.80 32.97 -33.52
CA MET A 205 -4.44 33.04 -34.94
C MET A 205 -5.43 32.30 -35.84
N ASN A 206 -6.39 31.55 -35.27
CA ASN A 206 -7.46 30.97 -36.06
C ASN A 206 -8.19 32.00 -36.90
N MET A 207 -8.15 33.27 -36.46
CA MET A 207 -8.66 34.38 -37.25
C MET A 207 -8.26 34.29 -38.72
N LEU A 208 -7.02 33.87 -38.99
CA LEU A 208 -6.56 33.82 -40.38
C LEU A 208 -7.48 32.96 -41.24
N ARG A 209 -7.87 31.79 -40.74
CA ARG A 209 -8.71 30.90 -41.54
C ARG A 209 -10.07 31.50 -41.86
N GLN A 210 -10.53 32.49 -41.08
CA GLN A 210 -11.76 33.18 -41.45
C GLN A 210 -11.50 34.33 -42.41
N LYS A 211 -10.36 35.02 -42.28
CA LYS A 211 -10.11 36.18 -43.13
C LYS A 211 -9.62 35.77 -44.51
N PHE A 212 -8.81 34.72 -44.59
CA PHE A 212 -8.23 34.26 -45.85
C PHE A 212 -8.48 32.75 -45.95
N PRO A 213 -9.73 32.36 -46.25
CA PRO A 213 -10.07 30.93 -46.19
C PRO A 213 -9.52 30.10 -47.33
N SER A 214 -9.18 30.69 -48.47
CA SER A 214 -8.77 29.90 -49.63
C SER A 214 -7.28 29.57 -49.68
N VAL A 215 -6.45 30.14 -48.80
CA VAL A 215 -5.02 29.84 -48.82
C VAL A 215 -4.77 28.57 -48.03
N PRO A 216 -4.04 27.60 -48.57
CA PRO A 216 -3.83 26.33 -47.89
C PRO A 216 -2.93 26.46 -46.67
N VAL A 217 -3.06 25.47 -45.77
CA VAL A 217 -2.32 25.41 -44.53
C VAL A 217 -1.51 24.13 -44.49
N MET A 218 -0.28 24.25 -43.99
CA MET A 218 0.62 23.11 -43.79
C MET A 218 1.16 23.17 -42.37
N ALA A 219 0.87 22.15 -41.57
CA ALA A 219 1.39 22.04 -40.21
C ALA A 219 2.45 20.96 -40.14
N LEU A 220 3.59 21.27 -39.52
CA LEU A 220 4.69 20.32 -39.41
C LEU A 220 5.11 20.14 -37.96
N THR A 221 5.36 18.90 -37.57
CA THR A 221 5.81 18.61 -36.21
C THR A 221 6.55 17.27 -36.21
N ALA A 222 7.42 17.11 -35.22
CA ALA A 222 8.17 15.87 -35.06
C ALA A 222 7.65 14.97 -33.95
N THR A 223 6.77 15.47 -33.08
CA THR A 223 6.28 14.72 -31.93
C THR A 223 4.82 15.07 -31.71
N ALA A 224 3.94 14.07 -31.80
CA ALA A 224 2.52 14.30 -31.56
C ALA A 224 1.75 12.98 -31.43
N ASN A 225 1.25 12.71 -30.22
CA ASN A 225 0.37 11.58 -29.98
C ASN A 225 -1.00 11.84 -30.63
N PRO A 226 -1.83 10.80 -30.77
CA PRO A 226 -3.09 10.99 -31.54
C PRO A 226 -4.00 12.09 -31.02
N ARG A 227 -4.11 12.23 -29.70
CA ARG A 227 -4.96 13.30 -29.16
C ARG A 227 -4.43 14.67 -29.54
N VAL A 228 -3.11 14.86 -29.44
CA VAL A 228 -2.51 16.14 -29.81
C VAL A 228 -2.59 16.35 -31.32
N GLN A 229 -2.48 15.28 -32.11
CA GLN A 229 -2.69 15.43 -33.56
C GLN A 229 -4.08 15.97 -33.86
N LYS A 230 -5.11 15.33 -33.30
CA LYS A 230 -6.48 15.80 -33.50
C LYS A 230 -6.67 17.22 -32.98
N ASP A 231 -6.01 17.55 -31.86
CA ASP A 231 -6.13 18.89 -31.31
C ASP A 231 -5.49 19.93 -32.23
N ILE A 232 -4.31 19.63 -32.78
CA ILE A 232 -3.67 20.54 -33.72
C ILE A 232 -4.55 20.75 -34.94
N LEU A 233 -5.08 19.66 -35.48
CA LEU A 233 -5.91 19.77 -36.69
C LEU A 233 -7.19 20.55 -36.40
N THR A 234 -7.76 20.39 -35.20
CA THR A 234 -8.96 21.15 -34.85
C THR A 234 -8.63 22.63 -34.66
N GLN A 235 -7.53 22.93 -33.98
CA GLN A 235 -7.19 24.32 -33.71
C GLN A 235 -6.77 25.06 -34.98
N LEU A 236 -6.11 24.37 -35.92
CA LEU A 236 -5.77 24.99 -37.19
C LEU A 236 -6.90 24.91 -38.20
N LYS A 237 -7.99 24.22 -37.85
CA LYS A 237 -9.17 24.06 -38.68
C LYS A 237 -8.83 23.49 -40.06
N ILE A 238 -8.11 22.37 -40.04
CA ILE A 238 -7.84 21.59 -41.24
C ILE A 238 -8.18 20.14 -40.94
N LEU A 239 -9.47 19.82 -40.90
CA LEU A 239 -9.91 18.52 -40.39
C LEU A 239 -9.68 17.38 -41.38
N ARG A 240 -9.54 17.66 -42.67
CA ARG A 240 -9.27 16.65 -43.68
C ARG A 240 -7.97 16.97 -44.42
N PRO A 241 -6.83 16.91 -43.76
CA PRO A 241 -5.56 17.17 -44.42
C PRO A 241 -4.94 15.88 -44.96
N GLN A 242 -4.05 16.05 -45.92
CA GLN A 242 -3.20 14.93 -46.32
C GLN A 242 -2.12 14.77 -45.26
N VAL A 243 -2.05 13.60 -44.65
CA VAL A 243 -1.17 13.34 -43.51
C VAL A 243 0.00 12.48 -43.98
N PHE A 244 1.21 12.97 -43.73
CA PHE A 244 2.44 12.25 -44.06
C PHE A 244 3.16 11.96 -42.75
N SER A 245 3.18 10.69 -42.35
CA SER A 245 3.74 10.29 -41.06
C SER A 245 4.85 9.25 -41.26
N MET A 246 5.58 9.00 -40.17
CA MET A 246 6.66 8.02 -40.17
C MET A 246 6.76 7.39 -38.78
N SER A 247 7.71 6.47 -38.64
CA SER A 247 7.89 5.72 -37.41
C SER A 247 8.44 6.62 -36.30
N PHE A 248 7.83 6.53 -35.12
CA PHE A 248 8.29 7.27 -33.94
C PHE A 248 9.51 6.66 -33.29
N ASN A 249 9.94 5.47 -33.73
CA ASN A 249 11.04 4.79 -33.06
C ASN A 249 12.36 5.51 -33.31
N ARG A 250 13.15 5.66 -32.25
CA ARG A 250 14.48 6.23 -32.32
C ARG A 250 15.47 5.08 -32.12
N HIS A 251 15.96 4.54 -33.24
CA HIS A 251 16.67 3.26 -33.22
C HIS A 251 17.98 3.33 -32.44
N ASN A 252 18.59 4.52 -32.36
CA ASN A 252 19.95 4.64 -31.82
C ASN A 252 19.96 5.14 -30.38
N LEU A 253 18.82 5.24 -29.72
CA LEU A 253 18.73 5.79 -28.38
C LEU A 253 18.50 4.68 -27.36
N LYS A 254 19.25 4.74 -26.26
CA LYS A 254 19.07 3.83 -25.14
C LYS A 254 18.33 4.57 -24.03
N TYR A 255 17.15 4.08 -23.68
CA TYR A 255 16.33 4.73 -22.68
C TYR A 255 16.57 4.09 -21.32
N TYR A 256 16.89 4.91 -20.32
CA TYR A 256 17.13 4.47 -18.96
C TYR A 256 16.33 5.33 -17.99
N VAL A 257 15.84 4.70 -16.93
CA VAL A 257 15.24 5.40 -15.80
C VAL A 257 15.86 4.82 -14.53
N LEU A 258 16.51 5.67 -13.74
CA LEU A 258 17.17 5.25 -12.53
C LEU A 258 16.53 5.94 -11.32
N PRO A 259 16.55 5.30 -10.16
CA PRO A 259 16.02 5.95 -8.96
C PRO A 259 16.90 7.12 -8.57
N LYS A 260 16.26 8.25 -8.24
CA LYS A 260 16.96 9.47 -7.94
C LYS A 260 17.05 9.67 -6.43
N LYS A 261 18.24 10.01 -5.96
CA LYS A 261 18.43 10.49 -4.60
C LYS A 261 18.45 12.01 -4.66
N PRO A 262 17.40 12.69 -4.18
CA PRO A 262 17.26 14.14 -4.42
C PRO A 262 18.45 14.98 -3.97
N LYS A 263 19.24 14.49 -3.02
CA LYS A 263 20.39 15.21 -2.48
C LYS A 263 21.71 14.54 -2.86
N LYS A 264 21.82 14.09 -4.10
CA LYS A 264 23.04 13.45 -4.58
C LYS A 264 23.05 13.33 -6.10
N VAL A 265 21.93 13.70 -6.73
CA VAL A 265 21.75 13.46 -8.17
C VAL A 265 22.89 14.07 -8.97
N ALA A 266 23.28 15.30 -8.62
CA ALA A 266 24.39 15.95 -9.31
C ALA A 266 25.63 15.09 -9.28
N PHE A 267 26.00 14.62 -8.09
CA PHE A 267 27.17 13.74 -7.97
C PHE A 267 26.99 12.50 -8.82
N ASP A 268 25.76 11.97 -8.88
CA ASP A 268 25.49 10.85 -9.76
C ASP A 268 25.80 11.22 -11.21
N CYS A 269 25.20 12.32 -11.69
CA CYS A 269 25.45 12.74 -13.07
C CYS A 269 26.93 12.90 -13.33
N LEU A 270 27.61 13.62 -12.45
CA LEU A 270 29.05 13.82 -12.57
C LEU A 270 29.76 12.50 -12.75
N GLU A 271 29.43 11.51 -11.92
CA GLU A 271 30.07 10.21 -12.05
C GLU A 271 29.66 9.54 -13.35
N TRP A 272 28.36 9.53 -13.66
CA TRP A 272 27.87 8.78 -14.82
C TRP A 272 28.54 9.28 -16.09
N ILE A 273 28.61 10.59 -16.26
CA ILE A 273 29.29 11.16 -17.43
C ILE A 273 30.71 10.63 -17.50
N ARG A 274 31.47 10.79 -16.40
CA ARG A 274 32.87 10.36 -16.39
CA ARG A 274 32.86 10.37 -16.41
C ARG A 274 32.99 8.87 -16.64
N LYS A 275 31.95 8.10 -16.33
CA LYS A 275 32.06 6.66 -16.58
C LYS A 275 31.79 6.34 -18.04
N HIS A 276 30.86 7.06 -18.68
CA HIS A 276 30.40 6.70 -20.02
C HIS A 276 30.73 7.71 -21.09
N HIS A 277 30.74 9.01 -20.80
CA HIS A 277 30.94 10.04 -21.83
C HIS A 277 31.89 11.11 -21.32
N PRO A 278 33.16 10.76 -21.09
CA PRO A 278 34.12 11.78 -20.61
C PRO A 278 34.47 12.81 -21.67
N TYR A 279 34.29 12.50 -22.96
CA TYR A 279 34.68 13.41 -24.04
C TYR A 279 33.50 13.78 -24.92
N ASP A 280 32.27 13.60 -24.45
CA ASP A 280 31.09 13.81 -25.27
C ASP A 280 30.25 14.97 -24.76
N SER A 281 29.62 15.68 -25.70
CA SER A 281 28.73 16.78 -25.36
C SER A 281 27.41 16.24 -24.83
N GLY A 282 26.80 16.98 -23.92
CA GLY A 282 25.54 16.51 -23.36
C GLY A 282 24.68 17.62 -22.78
N ILE A 283 23.44 17.24 -22.52
CA ILE A 283 22.44 18.12 -21.93
C ILE A 283 21.92 17.47 -20.65
N ILE A 284 21.84 18.26 -19.58
CA ILE A 284 21.19 17.86 -18.35
C ILE A 284 20.01 18.79 -18.13
N TYR A 285 18.80 18.26 -18.30
CA TYR A 285 17.61 19.07 -18.12
C TYR A 285 17.21 19.11 -16.64
N CYS A 286 16.95 20.32 -16.15
CA CYS A 286 16.66 20.56 -14.74
C CYS A 286 15.29 21.19 -14.62
N LEU A 287 14.70 21.04 -13.43
CA LEU A 287 13.34 21.53 -13.20
C LEU A 287 13.31 23.04 -12.98
N SER A 288 14.32 23.59 -12.29
CA SER A 288 14.32 25.00 -11.92
C SER A 288 15.65 25.65 -12.32
N ARG A 289 15.67 26.98 -12.26
CA ARG A 289 16.89 27.72 -12.59
C ARG A 289 17.98 27.47 -11.58
N ARG A 290 17.65 27.49 -10.28
CA ARG A 290 18.66 27.24 -9.26
C ARG A 290 19.23 25.84 -9.38
N GLU A 291 18.41 24.87 -9.79
CA GLU A 291 18.92 23.54 -10.05
C GLU A 291 19.95 23.55 -11.16
N CYS A 292 19.69 24.31 -12.24
CA CYS A 292 20.66 24.43 -13.31
C CYS A 292 21.96 25.04 -12.81
N ASP A 293 21.85 26.13 -12.04
CA ASP A 293 23.05 26.82 -11.56
C ASP A 293 23.87 25.92 -10.65
N THR A 294 23.22 25.22 -9.73
CA THR A 294 23.95 24.36 -8.80
C THR A 294 24.51 23.13 -9.50
N MET A 295 23.80 22.60 -10.49
CA MET A 295 24.33 21.50 -11.28
C MET A 295 25.60 21.91 -12.01
N ALA A 296 25.55 23.06 -12.69
CA ALA A 296 26.74 23.56 -13.38
C ALA A 296 27.87 23.82 -12.40
N ASP A 297 27.57 24.37 -11.22
CA ASP A 297 28.60 24.64 -10.23
C ASP A 297 29.25 23.35 -9.74
N THR A 298 28.43 22.34 -9.44
CA THR A 298 28.96 21.06 -8.99
C THR A 298 29.86 20.43 -10.06
N LEU A 299 29.39 20.43 -11.31
CA LEU A 299 30.21 19.86 -12.38
C LEU A 299 31.49 20.65 -12.60
N GLN A 300 31.45 21.98 -12.41
CA GLN A 300 32.65 22.79 -12.57
C GLN A 300 33.66 22.52 -11.47
N ARG A 301 33.20 22.40 -10.23
CA ARG A 301 34.11 22.14 -9.12
C ARG A 301 34.88 20.84 -9.29
N ASP A 302 34.34 19.88 -10.05
CA ASP A 302 35.03 18.63 -10.33
C ASP A 302 35.75 18.66 -11.67
N GLY A 303 35.87 19.82 -12.29
CA GLY A 303 36.64 19.97 -13.52
C GLY A 303 35.89 19.71 -14.81
N LEU A 304 34.57 19.59 -14.77
CA LEU A 304 33.77 19.44 -15.98
C LEU A 304 33.33 20.80 -16.49
N ALA A 305 33.54 21.05 -17.79
CA ALA A 305 33.14 22.30 -18.42
C ALA A 305 31.63 22.26 -18.64
N ALA A 306 30.89 22.61 -17.59
CA ALA A 306 29.43 22.63 -17.63
C ALA A 306 28.94 24.05 -17.42
N LEU A 307 27.91 24.44 -18.16
CA LEU A 307 27.37 25.79 -18.10
C LEU A 307 25.85 25.76 -17.96
N ALA A 308 25.33 26.60 -17.08
CA ALA A 308 23.90 26.70 -16.86
C ALA A 308 23.22 27.55 -17.92
N TYR A 309 21.96 27.21 -18.22
CA TYR A 309 21.19 27.90 -19.24
C TYR A 309 19.72 27.90 -18.83
N HIS A 310 19.16 29.08 -18.65
CA HIS A 310 17.75 29.24 -18.31
C HIS A 310 17.33 30.65 -18.66
N ALA A 311 16.04 30.95 -18.47
CA ALA A 311 15.50 32.25 -18.83
C ALA A 311 16.04 33.38 -17.98
N GLY A 312 16.67 33.08 -16.84
CA GLY A 312 17.20 34.13 -15.98
C GLY A 312 18.39 34.85 -16.59
N LEU A 313 19.13 34.20 -17.47
CA LEU A 313 20.26 34.85 -18.12
C LEU A 313 19.78 35.81 -19.20
N SER A 314 20.60 36.82 -19.47
CA SER A 314 20.32 37.76 -20.56
C SER A 314 20.46 37.05 -21.90
N ASP A 315 19.95 37.71 -22.95
CA ASP A 315 20.07 37.16 -24.29
C ASP A 315 21.52 37.04 -24.70
N SER A 316 22.36 37.99 -24.27
CA SER A 316 23.79 37.91 -24.59
C SER A 316 24.45 36.72 -23.90
N ALA A 317 24.18 36.54 -22.60
CA ALA A 317 24.78 35.42 -21.88
C ALA A 317 24.25 34.09 -22.38
N ARG A 318 22.97 34.04 -22.73
CA ARG A 318 22.38 32.82 -23.29
C ARG A 318 23.02 32.48 -24.64
N ASP A 319 23.19 33.50 -25.50
CA ASP A 319 23.89 33.28 -26.77
C ASP A 319 25.31 32.80 -26.53
N GLU A 320 26.00 33.37 -25.54
CA GLU A 320 27.36 32.95 -25.25
C GLU A 320 27.42 31.49 -24.83
N VAL A 321 26.55 31.09 -23.91
CA VAL A 321 26.54 29.71 -23.43
C VAL A 321 26.18 28.75 -24.56
N GLN A 322 25.20 29.13 -25.39
CA GLN A 322 24.79 28.27 -26.50
C GLN A 322 25.91 28.11 -27.52
N GLN A 323 26.59 29.21 -27.87
CA GLN A 323 27.67 29.13 -28.84
C GLN A 323 28.86 28.36 -28.29
N LYS A 324 29.15 28.53 -27.00
CA LYS A 324 30.23 27.76 -26.38
C LYS A 324 29.91 26.27 -26.36
N TRP A 325 28.65 25.91 -26.10
CA TRP A 325 28.28 24.50 -26.09
C TRP A 325 28.30 23.90 -27.48
N ILE A 326 27.75 24.61 -28.47
CA ILE A 326 27.72 24.09 -29.84
C ILE A 326 29.13 23.90 -30.37
N ASN A 327 30.03 24.84 -30.06
CA ASN A 327 31.40 24.78 -30.54
C ASN A 327 32.31 23.95 -29.65
N GLN A 328 31.78 23.41 -28.54
CA GLN A 328 32.57 22.66 -27.57
C GLN A 328 33.77 23.47 -27.10
N ASP A 329 33.56 24.78 -26.96
CA ASP A 329 34.60 25.72 -26.52
C ASP A 329 34.31 26.09 -25.08
N GLY A 330 34.91 25.33 -24.16
CA GLY A 330 34.73 25.60 -22.74
C GLY A 330 33.40 25.19 -22.16
N CYS A 331 32.65 24.33 -22.84
CA CYS A 331 31.39 23.83 -22.30
C CYS A 331 31.11 22.46 -22.89
N GLN A 332 31.25 21.42 -22.07
CA GLN A 332 30.93 20.06 -22.48
C GLN A 332 29.48 19.71 -22.22
N VAL A 333 28.95 20.11 -21.06
CA VAL A 333 27.60 19.80 -20.65
C VAL A 333 26.85 21.10 -20.42
N ILE A 334 25.63 21.18 -20.95
CA ILE A 334 24.75 22.31 -20.72
C ILE A 334 23.65 21.88 -19.76
N CYS A 335 23.49 22.63 -18.67
CA CYS A 335 22.53 22.32 -17.62
C CYS A 335 21.38 23.30 -17.77
N ALA A 336 20.27 22.84 -18.33
CA ALA A 336 19.25 23.74 -18.83
C ALA A 336 17.86 23.33 -18.37
N THR A 337 16.97 24.31 -18.35
CA THR A 337 15.53 24.07 -18.30
C THR A 337 15.02 23.82 -19.71
N ILE A 338 13.72 23.54 -19.84
CA ILE A 338 13.13 23.31 -21.16
C ILE A 338 13.23 24.54 -22.06
N ALA A 339 13.71 25.67 -21.56
CA ALA A 339 13.91 26.84 -22.40
C ALA A 339 14.93 26.56 -23.50
N PHE A 340 15.90 25.70 -23.24
CA PHE A 340 16.93 25.34 -24.21
C PHE A 340 16.49 24.14 -25.04
N GLY A 341 16.75 24.20 -26.35
CA GLY A 341 16.59 23.02 -27.18
C GLY A 341 15.89 23.18 -28.52
N MET A 342 14.95 24.12 -28.65
CA MET A 342 14.11 24.15 -29.84
C MET A 342 14.89 24.50 -31.11
N GLY A 343 15.93 25.33 -30.99
CA GLY A 343 16.70 25.71 -32.15
C GLY A 343 17.94 24.90 -32.39
N ILE A 344 18.18 23.87 -31.57
CA ILE A 344 19.45 23.15 -31.60
C ILE A 344 19.39 22.05 -32.66
N ASP A 345 20.43 21.98 -33.48
CA ASP A 345 20.59 20.94 -34.48
C ASP A 345 21.95 20.27 -34.35
N LYS A 346 22.43 20.13 -33.12
CA LYS A 346 23.75 19.54 -32.90
C LYS A 346 23.68 18.04 -33.17
N PRO A 347 24.53 17.51 -34.03
CA PRO A 347 24.40 16.10 -34.42
C PRO A 347 25.04 15.12 -33.45
N ASP A 348 25.98 15.55 -32.62
CA ASP A 348 26.75 14.60 -31.82
C ASP A 348 26.48 14.75 -30.33
N VAL A 349 25.21 14.86 -29.94
CA VAL A 349 24.84 14.83 -28.53
C VAL A 349 24.75 13.37 -28.10
N ARG A 350 25.69 12.94 -27.26
CA ARG A 350 25.80 11.53 -26.89
C ARG A 350 24.97 11.16 -25.67
N PHE A 351 24.56 12.12 -24.84
CA PHE A 351 23.72 11.80 -23.70
C PHE A 351 22.81 12.97 -23.36
N VAL A 352 21.57 12.65 -22.99
CA VAL A 352 20.63 13.61 -22.42
C VAL A 352 20.16 13.06 -21.08
N ILE A 353 20.40 13.84 -20.02
CA ILE A 353 20.02 13.46 -18.66
C ILE A 353 18.91 14.38 -18.20
N HIS A 354 17.78 13.78 -17.79
CA HIS A 354 16.71 14.50 -17.11
C HIS A 354 16.91 14.30 -15.61
N ALA A 355 17.49 15.31 -14.96
CA ALA A 355 17.70 15.26 -13.52
C ALA A 355 16.38 15.21 -12.76
N SER A 356 15.28 15.64 -13.39
CA SER A 356 13.94 15.50 -12.85
C SER A 356 13.03 15.03 -13.96
N LEU A 357 11.95 14.36 -13.60
CA LEU A 357 11.03 13.85 -14.62
C LEU A 357 10.37 15.02 -15.34
N PRO A 358 10.16 14.92 -16.65
CA PRO A 358 9.51 16.01 -17.37
C PRO A 358 8.01 16.03 -17.11
N LYS A 359 7.38 17.11 -17.59
CA LYS A 359 5.95 17.32 -17.33
C LYS A 359 5.06 16.40 -18.15
N SER A 360 5.57 15.85 -19.26
CA SER A 360 4.75 15.02 -20.13
C SER A 360 5.64 14.04 -20.88
N VAL A 361 5.00 13.01 -21.44
CA VAL A 361 5.73 12.02 -22.22
C VAL A 361 6.21 12.61 -23.54
N GLU A 362 5.40 13.48 -24.15
CA GLU A 362 5.84 14.16 -25.37
C GLU A 362 7.07 15.04 -25.10
N GLY A 363 7.06 15.78 -23.99
CA GLY A 363 8.22 16.57 -23.64
C GLY A 363 9.45 15.73 -23.43
N TYR A 364 9.31 14.61 -22.72
CA TYR A 364 10.45 13.72 -22.52
C TYR A 364 10.96 13.19 -23.86
N TYR A 365 10.04 12.77 -24.74
CA TYR A 365 10.43 12.24 -26.03
C TYR A 365 11.23 13.27 -26.83
N GLN A 366 10.74 14.51 -26.89
CA GLN A 366 11.44 15.54 -27.65
C GLN A 366 12.80 15.87 -27.03
N GLU A 367 12.84 16.02 -25.70
CA GLU A 367 14.06 16.47 -25.04
C GLU A 367 15.14 15.40 -25.09
N SER A 368 14.79 14.14 -24.80
CA SER A 368 15.75 13.06 -24.96
C SER A 368 16.08 12.81 -26.42
N GLY A 369 15.15 13.10 -27.35
CA GLY A 369 15.40 12.90 -28.76
C GLY A 369 16.36 13.90 -29.36
N ARG A 370 16.61 15.01 -28.66
CA ARG A 370 17.66 15.89 -29.14
C ARG A 370 19.04 15.25 -29.11
N ALA A 371 19.20 14.11 -28.44
CA ALA A 371 20.46 13.38 -28.46
C ALA A 371 20.59 12.53 -29.73
N GLY A 372 21.82 12.41 -30.21
CA GLY A 372 22.16 11.51 -31.29
C GLY A 372 21.40 11.72 -32.59
N ARG A 373 21.33 12.96 -33.06
CA ARG A 373 20.72 13.23 -34.35
C ARG A 373 21.54 12.67 -35.51
N ASP A 374 22.83 12.40 -35.31
CA ASP A 374 23.67 11.83 -36.35
C ASP A 374 23.46 10.34 -36.54
N GLY A 375 22.64 9.70 -35.71
CA GLY A 375 22.40 8.28 -35.80
C GLY A 375 23.34 7.40 -35.02
N GLU A 376 24.30 7.97 -34.31
CA GLU A 376 25.18 7.16 -33.48
C GLU A 376 24.53 6.89 -32.13
N ILE A 377 25.03 5.86 -31.45
CA ILE A 377 24.42 5.42 -30.20
C ILE A 377 24.54 6.51 -29.14
N SER A 378 23.41 6.82 -28.50
CA SER A 378 23.35 7.83 -27.45
C SER A 378 22.48 7.32 -26.31
N HIS A 379 22.62 7.99 -25.17
CA HIS A 379 21.92 7.60 -23.94
C HIS A 379 20.89 8.65 -23.55
N CYS A 380 19.75 8.20 -23.03
CA CYS A 380 18.72 9.04 -22.49
C CYS A 380 18.45 8.55 -21.07
N LEU A 381 18.95 9.28 -20.09
CA LEU A 381 18.91 8.88 -18.69
C LEU A 381 17.92 9.76 -17.94
N LEU A 382 17.00 9.14 -17.20
CA LEU A 382 15.97 9.84 -16.45
C LEU A 382 16.09 9.47 -14.97
N PHE A 383 16.30 10.47 -14.11
CA PHE A 383 16.33 10.27 -12.66
C PHE A 383 14.97 10.60 -12.09
N TYR A 384 14.32 9.62 -11.47
CA TYR A 384 12.92 9.74 -11.06
C TYR A 384 12.77 9.70 -9.55
N THR A 385 12.05 10.68 -9.01
CA THR A 385 11.54 10.64 -7.64
C THR A 385 10.19 11.34 -7.61
N TYR A 386 9.30 10.87 -6.72
CA TYR A 386 7.93 11.37 -6.68
C TYR A 386 7.86 12.78 -6.08
N HIS A 387 8.85 13.17 -5.29
CA HIS A 387 8.89 14.56 -4.84
C HIS A 387 8.97 15.52 -6.03
N ASP A 388 9.66 15.11 -7.09
CA ASP A 388 9.64 15.91 -8.31
C ASP A 388 8.24 15.94 -8.93
N VAL A 389 7.46 14.87 -8.75
CA VAL A 389 6.06 14.89 -9.19
C VAL A 389 5.29 15.97 -8.43
N THR A 390 5.52 16.07 -7.12
CA THR A 390 4.87 17.12 -6.34
C THR A 390 5.32 18.50 -6.80
N ARG A 391 6.61 18.67 -7.07
CA ARG A 391 7.13 19.94 -7.55
C ARG A 391 6.50 20.32 -8.90
N LEU A 392 6.33 19.34 -9.79
CA LEU A 392 5.72 19.61 -11.07
C LEU A 392 4.24 19.93 -10.92
N LYS A 393 3.56 19.34 -9.94
CA LYS A 393 2.19 19.75 -9.65
C LYS A 393 2.15 21.21 -9.19
N ARG A 394 3.11 21.61 -8.35
CA ARG A 394 3.21 23.01 -7.96
C ARG A 394 3.41 23.91 -9.18
N LEU A 395 4.28 23.50 -10.10
CA LEU A 395 4.49 24.27 -11.31
C LEU A 395 3.22 24.35 -12.16
N ILE A 396 2.46 23.26 -12.22
CA ILE A 396 1.21 23.24 -12.99
C ILE A 396 0.16 24.16 -12.38
N MET A 397 0.14 24.29 -11.05
CA MET A 397 -0.88 25.11 -10.43
C MET A 397 -0.48 26.57 -10.28
N MET A 398 0.74 26.93 -10.64
CA MET A 398 1.14 28.32 -10.82
C MET A 398 0.92 28.76 -12.26
N GLU A 399 -0.29 28.55 -12.79
CA GLU A 399 -0.59 28.93 -14.17
C GLU A 399 -1.47 30.17 -14.16
N LYS A 400 -0.98 31.24 -14.79
CA LYS A 400 -1.69 32.52 -14.73
C LYS A 400 -3.01 32.43 -15.46
N ASP A 401 -3.04 31.71 -16.59
CA ASP A 401 -4.21 31.64 -17.46
C ASP A 401 -4.71 30.21 -17.61
N GLY A 402 -4.46 29.37 -16.62
CA GLY A 402 -4.96 28.00 -16.65
C GLY A 402 -6.28 27.88 -15.90
N ASN A 403 -7.16 27.03 -16.42
CA ASN A 403 -8.43 26.74 -15.77
C ASN A 403 -8.46 25.29 -15.30
N HIS A 404 -9.63 24.86 -14.85
CA HIS A 404 -9.78 23.49 -14.34
C HIS A 404 -9.48 22.46 -15.41
N HIS A 405 -9.95 22.69 -16.64
CA HIS A 405 -9.75 21.73 -17.71
C HIS A 405 -8.28 21.61 -18.10
N THR A 406 -7.62 22.74 -18.31
CA THR A 406 -6.21 22.71 -18.69
C THR A 406 -5.37 22.05 -17.62
N ARG A 407 -5.67 22.33 -16.35
CA ARG A 407 -4.91 21.72 -15.27
C ARG A 407 -5.18 20.22 -15.17
N GLU A 408 -6.42 19.80 -15.39
CA GLU A 408 -6.71 18.36 -15.39
C GLU A 408 -5.95 17.66 -16.51
N THR A 409 -5.90 18.28 -17.70
CA THR A 409 -5.14 17.70 -18.81
C THR A 409 -3.66 17.62 -18.48
N HIS A 410 -3.10 18.67 -17.88
CA HIS A 410 -1.69 18.65 -17.51
C HIS A 410 -1.41 17.60 -16.44
N PHE A 411 -2.31 17.44 -15.48
CA PHE A 411 -2.12 16.39 -14.47
C PHE A 411 -2.18 15.01 -15.10
N ASN A 412 -3.04 14.82 -16.10
CA ASN A 412 -3.06 13.53 -16.79
C ASN A 412 -1.76 13.29 -17.55
N ASN A 413 -1.20 14.34 -18.17
CA ASN A 413 0.09 14.21 -18.82
C ASN A 413 1.18 13.81 -17.82
N LEU A 414 1.20 14.47 -16.67
CA LEU A 414 2.19 14.16 -15.65
C LEU A 414 1.99 12.74 -15.14
N TYR A 415 0.73 12.30 -15.04
CA TYR A 415 0.43 10.93 -14.64
C TYR A 415 0.98 9.92 -15.63
N SER A 416 0.85 10.22 -16.93
CA SER A 416 1.42 9.33 -17.95
C SER A 416 2.94 9.29 -17.84
N MET A 417 3.56 10.44 -17.53
CA MET A 417 5.00 10.46 -17.35
C MET A 417 5.43 9.59 -16.17
N VAL A 418 4.71 9.70 -15.05
CA VAL A 418 5.03 8.89 -13.89
C VAL A 418 4.80 7.41 -14.18
N HIS A 419 3.75 7.09 -14.92
CA HIS A 419 3.48 5.70 -15.28
C HIS A 419 4.60 5.13 -16.15
N TYR A 420 5.16 5.96 -17.04
CA TYR A 420 6.34 5.54 -17.79
C TYR A 420 7.53 5.30 -16.87
N CYS A 421 7.76 6.22 -15.93
CA CYS A 421 8.90 6.10 -15.02
C CYS A 421 8.82 4.84 -14.17
N GLU A 422 7.63 4.52 -13.68
CA GLU A 422 7.47 3.42 -12.72
C GLU A 422 7.28 2.06 -13.38
N ASN A 423 7.07 2.01 -14.70
CA ASN A 423 6.89 0.74 -15.39
C ASN A 423 8.27 0.16 -15.67
N ILE A 424 8.73 -0.72 -14.77
CA ILE A 424 10.04 -1.36 -14.91
C ILE A 424 9.95 -2.73 -15.56
N THR A 425 8.78 -3.09 -16.10
CA THR A 425 8.55 -4.40 -16.69
C THR A 425 8.45 -4.31 -18.22
N GLU A 426 7.59 -3.44 -18.73
CA GLU A 426 7.39 -3.32 -20.16
C GLU A 426 8.59 -2.65 -20.82
N CYS A 427 8.86 -3.04 -22.06
CA CYS A 427 9.90 -2.41 -22.83
C CYS A 427 9.60 -0.93 -23.02
N ARG A 428 10.59 -0.07 -22.76
CA ARG A 428 10.34 1.36 -22.81
C ARG A 428 9.99 1.83 -24.21
N ARG A 429 10.60 1.21 -25.23
CA ARG A 429 10.24 1.54 -26.61
C ARG A 429 8.78 1.21 -26.89
N ILE A 430 8.32 0.05 -26.42
CA ILE A 430 6.93 -0.36 -26.67
C ILE A 430 5.96 0.59 -25.98
N GLN A 431 6.23 0.98 -24.74
CA GLN A 431 5.32 1.92 -24.07
C GLN A 431 5.32 3.27 -24.76
N LEU A 432 6.50 3.80 -25.15
CA LEU A 432 6.52 5.09 -25.83
C LEU A 432 5.76 5.03 -27.15
N LEU A 433 5.99 3.99 -27.96
CA LEU A 433 5.31 3.89 -29.25
C LEU A 433 3.81 3.65 -29.06
N ALA A 434 3.40 2.95 -28.01
CA ALA A 434 1.99 2.81 -27.71
C ALA A 434 1.39 4.15 -27.28
N TYR A 435 2.16 4.96 -26.56
CA TYR A 435 1.71 6.29 -26.19
C TYR A 435 1.49 7.16 -27.43
N PHE A 436 2.35 7.02 -28.44
CA PHE A 436 2.18 7.78 -29.66
C PHE A 436 1.31 7.09 -30.69
N GLY A 437 0.77 5.91 -30.39
CA GLY A 437 -0.16 5.24 -31.26
C GLY A 437 0.43 4.42 -32.38
N GLU A 438 1.73 4.14 -32.35
CA GLU A 438 2.36 3.26 -33.33
C GLU A 438 2.27 1.83 -32.81
N ASN A 439 1.61 0.97 -33.59
CA ASN A 439 1.25 -0.37 -33.11
C ASN A 439 2.16 -1.47 -33.65
N GLY A 440 2.36 -1.54 -34.95
CA GLY A 440 3.02 -2.68 -35.57
C GLY A 440 4.50 -2.83 -35.32
N PHE A 441 4.98 -2.39 -34.16
CA PHE A 441 6.40 -2.43 -33.84
C PHE A 441 6.77 -3.73 -33.14
N ASN A 442 7.92 -4.27 -33.50
CA ASN A 442 8.42 -5.51 -32.89
C ASN A 442 8.69 -5.31 -31.41
N PRO A 443 8.06 -6.10 -30.53
CA PRO A 443 8.35 -5.96 -29.09
C PRO A 443 9.74 -6.45 -28.70
N ASP A 444 10.36 -7.31 -29.50
CA ASP A 444 11.67 -7.86 -29.19
C ASP A 444 12.81 -7.05 -29.81
N PHE A 445 12.54 -5.81 -30.25
CA PHE A 445 13.56 -4.98 -30.87
C PHE A 445 14.79 -4.84 -29.99
N CYS A 446 14.58 -4.56 -28.70
CA CYS A 446 15.70 -4.40 -27.78
C CYS A 446 16.49 -5.69 -27.61
N LYS A 447 15.88 -6.84 -27.92
CA LYS A 447 16.57 -8.11 -27.80
C LYS A 447 17.35 -8.46 -29.06
N LYS A 448 16.83 -8.09 -30.24
CA LYS A 448 17.56 -8.32 -31.48
C LYS A 448 18.76 -7.39 -31.61
N HIS A 449 18.67 -6.18 -31.06
CA HIS A 449 19.73 -5.18 -31.14
C HIS A 449 20.12 -4.80 -29.70
N PRO A 450 20.89 -5.65 -29.03
CA PRO A 450 21.23 -5.36 -27.62
C PRO A 450 22.09 -4.13 -27.43
N ASP A 451 22.77 -3.65 -28.47
CA ASP A 451 23.62 -2.48 -28.33
C ASP A 451 22.81 -1.22 -27.99
N VAL A 452 21.54 -1.17 -28.39
CA VAL A 452 20.71 -0.01 -28.15
C VAL A 452 19.46 -0.39 -27.35
N SER A 453 19.62 -1.30 -26.39
CA SER A 453 18.50 -1.79 -25.61
C SER A 453 18.20 -0.86 -24.42
N CYS A 454 16.91 -0.71 -24.12
CA CYS A 454 16.52 0.04 -22.93
C CYS A 454 16.83 -0.77 -21.67
N ASP A 455 16.70 -0.11 -20.51
CA ASP A 455 17.04 -0.76 -19.24
C ASP A 455 16.12 -1.92 -18.91
N ASN A 456 14.83 -1.78 -19.21
CA ASN A 456 13.87 -2.82 -18.84
C ASN A 456 14.11 -4.11 -19.62
N CYS A 457 14.53 -4.01 -20.88
CA CYS A 457 14.80 -5.20 -21.68
C CYS A 457 16.14 -5.85 -21.37
N CYS A 458 17.02 -5.16 -20.64
CA CYS A 458 18.30 -5.77 -20.27
C CYS A 458 18.14 -6.83 -19.20
N LYS A 459 16.97 -6.93 -18.57
CA LYS A 459 16.71 -7.97 -17.59
C LYS A 459 16.24 -9.25 -18.29
N THR A 460 15.49 -10.09 -17.58
CA THR A 460 15.03 -11.36 -18.14
C THR A 460 13.52 -11.48 -18.08
N LYS A 461 12.94 -11.59 -16.88
CA LYS A 461 11.49 -11.74 -16.73
C LYS A 461 11.06 -11.46 -15.30
N SER A 466 10.97 -12.22 -7.62
CA SER A 466 9.58 -12.66 -7.51
C SER A 466 8.64 -11.48 -7.29
N LYS A 467 7.43 -11.58 -7.82
CA LYS A 467 6.46 -10.49 -7.74
C LYS A 467 5.63 -10.52 -6.47
N ALA A 468 5.41 -11.70 -5.88
CA ALA A 468 4.48 -11.85 -4.77
C ALA A 468 5.15 -12.10 -3.43
N LEU A 469 6.44 -12.45 -3.40
CA LEU A 469 7.12 -12.70 -2.13
C LEU A 469 7.65 -11.42 -1.48
N VAL A 470 8.19 -10.50 -2.30
CA VAL A 470 8.70 -9.24 -1.77
C VAL A 470 7.60 -8.42 -1.13
N ALA A 471 6.37 -8.51 -1.66
CA ALA A 471 5.26 -7.75 -1.10
C ALA A 471 4.95 -8.21 0.32
N LYS A 472 4.81 -9.53 0.53
CA LYS A 472 4.54 -10.01 1.87
C LYS A 472 5.74 -9.84 2.79
N VAL A 473 6.95 -9.84 2.24
CA VAL A 473 8.12 -9.55 3.07
C VAL A 473 8.07 -8.11 3.59
N SER A 474 7.72 -7.17 2.73
CA SER A 474 7.61 -5.78 3.16
C SER A 474 6.46 -5.60 4.15
N GLN A 475 5.33 -6.29 3.92
CA GLN A 475 4.24 -6.23 4.87
C GLN A 475 4.64 -6.77 6.23
N ARG A 476 5.41 -7.87 6.24
CA ARG A 476 5.88 -8.43 7.51
C ARG A 476 6.84 -7.47 8.20
N GLU A 477 7.69 -6.78 7.44
CA GLU A 477 8.59 -5.81 8.04
C GLU A 477 7.81 -4.66 8.68
N GLU A 478 6.78 -4.18 8.00
CA GLU A 478 5.95 -3.12 8.56
C GLU A 478 5.26 -3.60 9.84
N MET A 479 4.72 -4.82 9.83
CA MET A 479 4.10 -5.36 11.03
C MET A 479 5.11 -5.55 12.17
N VAL A 480 6.37 -5.88 11.84
CA VAL A 480 7.40 -6.02 12.86
C VAL A 480 7.71 -4.66 13.49
N LYS A 481 7.76 -3.61 12.68
CA LYS A 481 7.97 -2.27 13.22
C LYS A 481 6.82 -1.87 14.15
N LYS A 482 5.58 -2.10 13.71
CA LYS A 482 4.42 -1.80 14.55
C LYS A 482 4.46 -2.59 15.85
N CYS A 483 4.84 -3.88 15.76
CA CYS A 483 4.96 -4.71 16.95
C CYS A 483 6.02 -4.18 17.90
N LEU A 484 7.16 -3.73 17.35
CA LEU A 484 8.19 -3.13 18.20
C LEU A 484 7.65 -1.92 18.95
N GLY A 485 6.90 -1.06 18.25
CA GLY A 485 6.30 0.07 18.93
C GLY A 485 5.36 -0.33 20.06
N GLU A 486 4.49 -1.31 19.78
CA GLU A 486 3.57 -1.78 20.81
C GLU A 486 4.31 -2.38 22.00
N LEU A 487 5.35 -3.16 21.72
CA LEU A 487 6.11 -3.80 22.79
C LEU A 487 6.82 -2.76 23.65
N THR A 488 7.40 -1.74 23.02
CA THR A 488 8.03 -0.67 23.78
C THR A 488 7.02 0.04 24.68
N GLU A 489 5.83 0.34 24.16
CA GLU A 489 4.80 0.95 24.99
C GLU A 489 4.42 0.07 26.17
N VAL A 490 4.27 -1.23 25.93
CA VAL A 490 3.91 -2.15 26.99
C VAL A 490 5.02 -2.22 28.04
N CYS A 491 6.28 -2.19 27.60
CA CYS A 491 7.38 -2.20 28.56
C CYS A 491 7.42 -0.91 29.37
N LYS A 492 7.06 0.22 28.78
CA LYS A 492 6.97 1.46 29.55
C LYS A 492 5.88 1.37 30.60
N SER A 493 4.73 0.81 30.25
CA SER A 493 3.67 0.60 31.24
C SER A 493 4.14 -0.35 32.35
N LEU A 494 4.84 -1.42 31.98
CA LEU A 494 5.37 -2.35 32.97
C LEU A 494 6.37 -1.66 33.90
N GLY A 495 7.18 -0.76 33.35
CA GLY A 495 8.11 0.00 34.17
C GLY A 495 7.39 0.92 35.14
N LYS A 496 6.32 1.56 34.69
CA LYS A 496 5.48 2.33 35.60
C LYS A 496 4.98 1.45 36.75
N VAL A 497 4.50 0.24 36.41
CA VAL A 497 3.91 -0.62 37.43
C VAL A 497 4.96 -1.08 38.44
N PHE A 498 6.13 -1.49 37.95
CA PHE A 498 7.14 -2.12 38.80
C PHE A 498 8.12 -1.14 39.42
N GLY A 499 8.04 0.14 39.08
CA GLY A 499 8.92 1.14 39.67
C GLY A 499 10.35 1.08 39.18
N VAL A 500 10.57 0.65 37.94
CA VAL A 500 11.89 0.59 37.34
C VAL A 500 11.81 1.14 35.92
N HIS A 501 12.98 1.50 35.37
CA HIS A 501 13.06 1.95 34.00
C HIS A 501 12.73 0.79 33.05
N TYR A 502 12.12 1.12 31.91
CA TYR A 502 11.69 0.07 31.00
C TYR A 502 12.87 -0.68 30.39
N PHE A 503 14.09 -0.16 30.52
CA PHE A 503 15.28 -0.90 30.14
C PHE A 503 15.55 -2.08 31.06
N ASN A 504 14.95 -2.09 32.26
CA ASN A 504 15.13 -3.17 33.22
C ASN A 504 14.11 -4.29 33.03
N ILE A 505 13.10 -4.07 32.20
CA ILE A 505 12.20 -5.15 31.79
C ILE A 505 12.82 -5.82 30.57
N PHE A 506 12.91 -5.08 29.47
CA PHE A 506 13.63 -5.53 28.30
C PHE A 506 14.33 -4.32 27.69
N ASN A 507 15.61 -4.46 27.38
CA ASN A 507 16.36 -3.34 26.83
C ASN A 507 16.01 -3.16 25.35
N THR A 508 16.61 -2.13 24.75
CA THR A 508 16.28 -1.77 23.37
C THR A 508 16.58 -2.91 22.39
N VAL A 509 17.75 -3.53 22.52
CA VAL A 509 18.14 -4.57 21.57
C VAL A 509 17.30 -5.82 21.76
N THR A 510 17.01 -6.17 23.02
CA THR A 510 16.15 -7.32 23.27
C THR A 510 14.73 -7.08 22.77
N LEU A 511 14.23 -5.86 22.90
CA LEU A 511 12.91 -5.54 22.35
C LEU A 511 12.91 -5.61 20.83
N LYS A 512 13.96 -5.11 20.19
CA LYS A 512 14.07 -5.22 18.74
C LYS A 512 14.08 -6.67 18.30
N LYS A 513 14.80 -7.52 19.03
CA LYS A 513 14.85 -8.94 18.68
C LYS A 513 13.52 -9.63 18.95
N LEU A 514 12.79 -9.20 19.99
CA LEU A 514 11.47 -9.76 20.25
C LEU A 514 10.49 -9.40 19.14
N ALA A 515 10.57 -8.17 18.63
CA ALA A 515 9.67 -7.76 17.55
C ALA A 515 9.93 -8.58 16.28
N GLU A 516 11.20 -8.79 15.94
CA GLU A 516 11.52 -9.50 14.71
C GLU A 516 11.03 -10.95 14.74
N SER A 517 10.98 -11.57 15.93
CA SER A 517 10.56 -12.97 16.01
C SER A 517 9.07 -13.13 15.73
N LEU A 518 8.24 -12.21 16.23
CA LEU A 518 6.79 -12.29 16.14
C LEU A 518 6.24 -13.58 16.73
N SER A 519 6.99 -14.21 17.63
CA SER A 519 6.62 -15.51 18.18
C SER A 519 5.87 -15.35 19.50
N SER A 520 4.84 -16.16 19.68
CA SER A 520 4.13 -16.27 20.95
C SER A 520 4.52 -17.52 21.72
N ASP A 521 5.42 -18.33 21.19
CA ASP A 521 5.92 -19.53 21.85
C ASP A 521 6.95 -19.12 22.90
N PRO A 522 6.67 -19.33 24.19
CA PRO A 522 7.66 -18.95 25.22
C PRO A 522 8.98 -19.68 25.05
N GLU A 523 8.97 -20.92 24.55
CA GLU A 523 10.21 -21.64 24.33
C GLU A 523 11.06 -20.97 23.25
N VAL A 524 10.42 -20.32 22.28
CA VAL A 524 11.15 -19.59 21.25
C VAL A 524 11.63 -18.24 21.79
N LEU A 525 10.78 -17.54 22.54
CA LEU A 525 11.17 -16.24 23.09
C LEU A 525 12.33 -16.39 24.07
N LEU A 526 12.36 -17.48 24.84
CA LEU A 526 13.47 -17.72 25.76
C LEU A 526 14.79 -17.98 25.06
N GLN A 527 14.75 -18.30 23.75
CA GLN A 527 16.00 -18.47 23.01
C GLN A 527 16.58 -17.15 22.53
N ILE A 528 15.89 -16.04 22.73
CA ILE A 528 16.38 -14.71 22.37
C ILE A 528 17.20 -14.17 23.53
N ASP A 529 18.34 -13.57 23.21
CA ASP A 529 19.21 -13.00 24.23
C ASP A 529 18.48 -11.92 25.00
N GLY A 530 18.55 -11.98 26.33
CA GLY A 530 17.91 -11.02 27.21
C GLY A 530 16.61 -11.48 27.82
N VAL A 531 15.93 -12.45 27.22
CA VAL A 531 14.70 -13.01 27.76
C VAL A 531 15.07 -14.18 28.66
N THR A 532 14.61 -14.13 29.92
CA THR A 532 14.92 -15.16 30.90
C THR A 532 13.64 -15.75 31.48
N GLU A 533 13.78 -16.93 32.09
CA GLU A 533 12.64 -17.59 32.69
C GLU A 533 12.05 -16.79 33.84
N ASP A 534 12.90 -16.11 34.61
CA ASP A 534 12.42 -15.26 35.69
C ASP A 534 11.68 -14.04 35.15
N LYS A 535 12.28 -13.38 34.15
CA LYS A 535 11.63 -12.21 33.55
C LYS A 535 10.35 -12.61 32.84
N LEU A 536 10.28 -13.83 32.32
CA LEU A 536 9.01 -14.30 31.75
C LEU A 536 8.00 -14.60 32.84
N GLU A 537 8.41 -15.29 33.91
CA GLU A 537 7.52 -15.48 35.05
C GLU A 537 6.97 -14.16 35.57
N LYS A 538 7.66 -13.05 35.29
CA LYS A 538 7.16 -11.75 35.73
C LYS A 538 6.32 -11.01 34.69
N TYR A 539 6.67 -11.10 33.40
CA TYR A 539 6.07 -10.26 32.37
C TYR A 539 5.39 -11.01 31.23
N GLY A 540 5.29 -12.35 31.32
CA GLY A 540 4.93 -13.15 30.17
C GLY A 540 3.51 -12.92 29.70
N ALA A 541 2.56 -12.77 30.63
CA ALA A 541 1.19 -12.50 30.25
C ALA A 541 1.11 -11.33 29.28
N GLU A 542 1.68 -10.18 29.67
CA GLU A 542 1.60 -8.99 28.83
C GLU A 542 2.38 -9.17 27.53
N VAL A 543 3.63 -9.65 27.61
CA VAL A 543 4.44 -9.67 26.41
C VAL A 543 3.88 -10.67 25.39
N ILE A 544 3.44 -11.84 25.85
CA ILE A 544 2.86 -12.83 24.96
C ILE A 544 1.51 -12.35 24.45
N SER A 545 0.75 -11.58 25.25
CA SER A 545 -0.51 -11.05 24.76
C SER A 545 -0.29 -10.08 23.61
N VAL A 546 0.74 -9.23 23.71
CA VAL A 546 0.96 -8.29 22.62
C VAL A 546 1.60 -8.98 21.41
N LEU A 547 2.35 -10.07 21.62
CA LEU A 547 2.95 -10.76 20.49
C LEU A 547 1.99 -11.71 19.79
N GLN A 548 0.95 -12.19 20.49
CA GLN A 548 0.04 -13.16 19.91
C GLN A 548 -0.84 -12.57 18.82
N LYS A 549 -1.02 -11.25 18.81
CA LYS A 549 -1.81 -10.62 17.76
C LYS A 549 -1.10 -10.63 16.41
N TYR A 550 0.17 -11.07 16.36
CA TYR A 550 0.96 -11.11 15.13
C TYR A 550 1.26 -12.54 14.71
N SER A 551 0.39 -13.49 15.09
CA SER A 551 0.66 -14.89 14.78
C SER A 551 0.51 -15.20 13.30
N GLU A 552 -0.32 -14.42 12.59
CA GLU A 552 -0.53 -14.66 11.17
C GLU A 552 0.68 -14.29 10.32
N TRP A 553 1.62 -13.51 10.87
CA TRP A 553 2.81 -13.10 10.14
C TRP A 553 4.10 -13.58 10.78
N THR A 554 4.03 -14.53 11.72
CA THR A 554 5.24 -15.03 12.37
C THR A 554 6.14 -15.75 11.37
N SER A 555 5.57 -16.55 10.49
CA SER A 555 6.35 -17.25 9.49
C SER A 555 6.98 -16.25 8.52
N PRO A 556 8.30 -16.26 8.32
CA PRO A 556 8.99 -15.31 7.45
C PRO A 556 8.76 -15.59 5.97
N ASN B 29 11.84 -49.70 -39.31
CA ASN B 29 11.32 -48.34 -39.41
C ASN B 29 11.83 -47.66 -40.69
N LEU B 30 10.90 -47.35 -41.60
CA LEU B 30 11.25 -46.62 -42.81
C LEU B 30 11.69 -45.20 -42.51
N LYS B 31 11.44 -44.70 -41.31
CA LYS B 31 11.88 -43.35 -40.96
C LYS B 31 13.39 -43.29 -40.77
N HIS B 32 13.98 -44.33 -40.17
CA HIS B 32 15.44 -44.34 -40.05
C HIS B 32 16.10 -44.52 -41.40
N GLU B 33 15.44 -45.20 -42.33
CA GLU B 33 15.97 -45.30 -43.68
C GLU B 33 15.99 -43.93 -44.35
N ARG B 34 14.95 -43.13 -44.10
CA ARG B 34 14.95 -41.76 -44.60
C ARG B 34 16.11 -40.97 -44.02
N PHE B 35 16.56 -41.32 -42.82
CA PHE B 35 17.71 -40.63 -42.24
C PHE B 35 19.04 -41.11 -42.82
N GLN B 36 19.03 -42.22 -43.56
CA GLN B 36 20.22 -42.69 -44.27
C GLN B 36 20.17 -42.14 -45.70
N SER B 37 20.32 -40.83 -45.82
CA SER B 37 20.19 -40.20 -47.12
C SER B 37 21.24 -39.10 -47.26
N LEU B 38 21.81 -39.01 -48.46
CA LEU B 38 22.78 -37.99 -48.79
C LEU B 38 22.23 -37.01 -49.82
N SER B 39 20.90 -36.87 -49.86
CA SER B 39 20.23 -36.01 -50.83
C SER B 39 19.50 -34.86 -50.16
N PHE B 40 19.90 -34.49 -48.95
CA PHE B 40 19.31 -33.36 -48.25
C PHE B 40 19.97 -32.06 -48.70
N PRO B 41 19.30 -30.92 -48.52
CA PRO B 41 19.93 -29.64 -48.88
C PRO B 41 21.21 -29.36 -48.11
N HIS B 42 21.33 -29.86 -46.88
CA HIS B 42 22.51 -29.61 -46.07
C HIS B 42 23.67 -30.55 -46.36
N THR B 43 23.42 -31.65 -47.08
CA THR B 43 24.42 -32.70 -47.27
C THR B 43 25.75 -32.15 -47.77
N LYS B 44 25.72 -31.29 -48.78
CA LYS B 44 26.96 -30.78 -49.36
C LYS B 44 27.86 -30.17 -48.29
N GLU B 45 27.32 -29.22 -47.51
CA GLU B 45 28.11 -28.57 -46.48
C GLU B 45 28.48 -29.53 -45.36
N MET B 46 27.53 -30.39 -44.96
CA MET B 46 27.82 -31.37 -43.91
C MET B 46 29.02 -32.23 -44.29
N MET B 47 29.00 -32.83 -45.48
CA MET B 47 30.11 -33.66 -45.94
C MET B 47 31.39 -32.85 -46.08
N LYS B 48 31.28 -31.62 -46.58
CA LYS B 48 32.47 -30.78 -46.72
C LYS B 48 33.17 -30.59 -45.37
N ILE B 49 32.40 -30.21 -44.34
CA ILE B 49 32.98 -30.03 -43.01
C ILE B 49 33.43 -31.37 -42.43
N PHE B 50 32.68 -32.44 -42.68
CA PHE B 50 33.02 -33.77 -42.22
C PHE B 50 34.37 -34.23 -42.75
N HIS B 51 34.72 -33.81 -43.97
CA HIS B 51 35.97 -34.24 -44.58
C HIS B 51 37.11 -33.28 -44.30
N LYS B 52 36.84 -31.97 -44.36
CA LYS B 52 37.89 -30.95 -44.29
C LYS B 52 38.16 -30.47 -42.86
N LYS B 53 37.13 -30.35 -42.03
CA LYS B 53 37.33 -29.80 -40.69
C LYS B 53 37.62 -30.88 -39.66
N PHE B 54 36.86 -31.98 -39.69
CA PHE B 54 37.10 -33.06 -38.73
C PHE B 54 38.10 -34.08 -39.25
N GLY B 55 38.23 -34.20 -40.57
CA GLY B 55 39.21 -35.11 -41.15
C GLY B 55 38.86 -36.58 -41.10
N LEU B 56 37.58 -36.93 -41.17
CA LEU B 56 37.17 -38.32 -41.18
C LEU B 56 36.77 -38.74 -42.59
N HIS B 57 36.49 -40.02 -42.75
CA HIS B 57 36.20 -40.61 -44.05
C HIS B 57 34.92 -41.43 -44.07
N ASN B 58 34.60 -42.12 -42.97
CA ASN B 58 33.43 -42.99 -42.90
C ASN B 58 32.68 -42.73 -41.61
N PHE B 59 31.35 -42.67 -41.72
CA PHE B 59 30.50 -42.55 -40.53
C PHE B 59 30.40 -43.89 -39.80
N ARG B 60 30.23 -43.81 -38.50
CA ARG B 60 30.01 -44.99 -37.68
C ARG B 60 28.51 -45.28 -37.58
N THR B 61 28.16 -46.37 -36.91
CA THR B 61 26.76 -46.75 -36.77
C THR B 61 25.97 -45.63 -36.09
N ASN B 62 24.85 -45.25 -36.71
CA ASN B 62 23.90 -44.24 -36.25
C ASN B 62 24.45 -42.82 -36.29
N GLN B 63 25.71 -42.63 -36.68
CA GLN B 63 26.27 -41.28 -36.71
C GLN B 63 25.60 -40.43 -37.79
N LEU B 64 25.57 -40.93 -39.03
CA LEU B 64 24.99 -40.17 -40.13
C LEU B 64 23.49 -39.93 -39.90
N GLU B 65 22.77 -40.94 -39.42
CA GLU B 65 21.34 -40.79 -39.20
C GLU B 65 21.05 -39.73 -38.15
N ALA B 66 21.79 -39.76 -37.03
CA ALA B 66 21.60 -38.77 -35.98
C ALA B 66 21.96 -37.37 -36.49
N ILE B 67 23.03 -37.25 -37.28
CA ILE B 67 23.42 -35.95 -37.80
C ILE B 67 22.34 -35.41 -38.75
N ASN B 68 21.78 -36.29 -39.60
CA ASN B 68 20.70 -35.87 -40.48
C ASN B 68 19.48 -35.42 -39.70
N ALA B 69 19.09 -36.20 -38.68
CA ALA B 69 17.96 -35.82 -37.86
C ALA B 69 18.20 -34.47 -37.17
N ALA B 70 19.42 -34.24 -36.69
CA ALA B 70 19.74 -32.97 -36.06
C ALA B 70 19.64 -31.81 -37.05
N LEU B 71 20.21 -31.98 -38.25
CA LEU B 71 20.19 -30.91 -39.23
C LEU B 71 18.80 -30.67 -39.80
N LEU B 72 17.88 -31.60 -39.62
CA LEU B 72 16.49 -31.40 -40.01
C LEU B 72 15.65 -30.78 -38.89
N GLY B 73 16.26 -30.44 -37.75
CA GLY B 73 15.56 -29.79 -36.68
C GLY B 73 14.92 -30.71 -35.67
N GLU B 74 15.17 -32.01 -35.74
CA GLU B 74 14.57 -32.97 -34.84
C GLU B 74 15.25 -32.97 -33.48
N ASP B 75 14.47 -33.24 -32.43
CA ASP B 75 15.04 -33.55 -31.13
C ASP B 75 15.56 -34.98 -31.15
N CYS B 76 16.73 -35.19 -30.56
CA CYS B 76 17.43 -36.46 -30.70
C CYS B 76 17.75 -37.06 -29.34
N PHE B 77 17.68 -38.39 -29.24
CA PHE B 77 18.14 -39.12 -28.06
C PHE B 77 19.08 -40.22 -28.55
N ILE B 78 20.35 -40.12 -28.17
CA ILE B 78 21.41 -40.95 -28.72
C ILE B 78 21.98 -41.82 -27.61
N LEU B 79 21.78 -43.13 -27.73
CA LEU B 79 22.40 -44.14 -26.86
C LEU B 79 23.53 -44.79 -27.65
N MET B 80 24.76 -44.39 -27.36
CA MET B 80 25.90 -44.90 -28.10
C MET B 80 27.04 -45.15 -27.12
N PRO B 81 27.72 -46.30 -27.21
CA PRO B 81 28.76 -46.63 -26.23
C PRO B 81 29.90 -45.62 -26.26
N THR B 82 30.65 -45.57 -25.15
CA THR B 82 31.80 -44.69 -25.05
C THR B 82 32.83 -45.04 -26.12
N GLY B 83 33.34 -44.00 -26.79
CA GLY B 83 34.22 -44.18 -27.92
C GLY B 83 33.50 -44.33 -29.25
N GLY B 84 32.18 -44.45 -29.24
CA GLY B 84 31.43 -44.58 -30.48
C GLY B 84 31.42 -43.34 -31.33
N GLY B 85 31.63 -42.16 -30.73
CA GLY B 85 31.65 -40.93 -31.49
C GLY B 85 30.44 -40.05 -31.24
N LYS B 86 30.02 -39.92 -29.98
CA LYS B 86 28.84 -39.11 -29.67
C LYS B 86 29.12 -37.63 -29.88
N SER B 87 30.38 -37.20 -29.72
CA SER B 87 30.70 -35.78 -29.84
C SER B 87 30.37 -35.25 -31.23
N LEU B 88 30.75 -35.99 -32.27
CA LEU B 88 30.49 -35.58 -33.64
C LEU B 88 29.00 -35.35 -33.87
N CYS B 89 28.15 -36.20 -33.28
CA CYS B 89 26.71 -36.16 -33.53
C CYS B 89 26.10 -34.78 -33.28
N TYR B 90 26.69 -34.00 -32.36
CA TYR B 90 26.25 -32.62 -32.18
C TYR B 90 27.27 -31.58 -32.62
N GLN B 91 28.54 -31.95 -32.78
CA GLN B 91 29.54 -30.95 -33.16
C GLN B 91 29.55 -30.68 -34.65
N LEU B 92 29.30 -31.70 -35.48
CA LEU B 92 29.22 -31.46 -36.92
C LEU B 92 27.97 -30.68 -37.29
N PRO B 93 26.77 -31.03 -36.82
CA PRO B 93 25.62 -30.14 -37.06
C PRO B 93 25.82 -28.75 -36.49
N ALA B 94 26.48 -28.63 -35.34
CA ALA B 94 26.77 -27.31 -34.79
C ALA B 94 27.59 -26.47 -35.76
N CYS B 95 28.51 -27.12 -36.49
CA CYS B 95 29.28 -26.40 -37.50
C CYS B 95 28.44 -26.10 -38.73
N VAL B 96 27.49 -26.98 -39.07
CA VAL B 96 26.68 -26.77 -40.25
C VAL B 96 25.60 -25.71 -39.99
N SER B 97 24.93 -25.82 -38.84
CA SER B 97 23.80 -24.93 -38.56
C SER B 97 24.30 -23.51 -38.28
N PRO B 98 23.49 -22.50 -38.58
CA PRO B 98 23.84 -21.12 -38.20
C PRO B 98 23.60 -20.90 -36.71
N GLY B 99 24.36 -19.96 -36.17
CA GLY B 99 24.23 -19.61 -34.77
C GLY B 99 25.05 -20.49 -33.85
N VAL B 100 24.70 -20.42 -32.57
CA VAL B 100 25.47 -21.05 -31.49
C VAL B 100 24.72 -22.25 -30.96
N THR B 101 25.45 -23.34 -30.73
CA THR B 101 24.93 -24.52 -30.05
C THR B 101 25.38 -24.50 -28.60
N VAL B 102 24.43 -24.58 -27.68
CA VAL B 102 24.70 -24.57 -26.26
C VAL B 102 24.75 -26.01 -25.77
N VAL B 103 25.90 -26.40 -25.21
CA VAL B 103 26.14 -27.76 -24.74
C VAL B 103 26.20 -27.72 -23.22
N ILE B 104 25.32 -28.48 -22.58
CA ILE B 104 25.23 -28.56 -21.13
C ILE B 104 26.03 -29.78 -20.68
N SER B 105 27.02 -29.56 -19.82
CA SER B 105 27.90 -30.61 -19.36
C SER B 105 28.02 -30.56 -17.83
N PRO B 106 28.20 -31.71 -17.18
CA PRO B 106 28.13 -31.74 -15.71
C PRO B 106 29.39 -31.28 -14.99
N LEU B 107 30.54 -31.18 -15.66
CA LEU B 107 31.80 -30.94 -14.97
C LEU B 107 32.61 -29.87 -15.70
N ARG B 108 33.21 -28.97 -14.92
CA ARG B 108 34.09 -27.95 -15.51
C ARG B 108 35.28 -28.60 -16.22
N SER B 109 35.83 -29.66 -15.64
CA SER B 109 36.95 -30.37 -16.26
C SER B 109 36.56 -30.93 -17.62
N LEU B 110 35.38 -31.55 -17.71
CA LEU B 110 34.92 -32.10 -18.97
C LEU B 110 34.76 -31.00 -20.03
N ILE B 111 34.20 -29.85 -19.64
CA ILE B 111 34.03 -28.77 -20.61
C ILE B 111 35.38 -28.25 -21.09
N VAL B 112 36.34 -28.05 -20.18
CA VAL B 112 37.64 -27.54 -20.63
C VAL B 112 38.29 -28.55 -21.57
N ASP B 113 38.12 -29.85 -21.29
CA ASP B 113 38.65 -30.87 -22.19
C ASP B 113 38.02 -30.75 -23.58
N GLN B 114 36.70 -30.61 -23.64
CA GLN B 114 36.01 -30.56 -24.93
C GLN B 114 36.38 -29.30 -25.70
N VAL B 115 36.48 -28.16 -25.01
CA VAL B 115 36.84 -26.91 -25.68
C VAL B 115 38.28 -26.97 -26.16
N GLN B 116 39.16 -27.62 -25.40
CA GLN B 116 40.54 -27.79 -25.85
C GLN B 116 40.60 -28.61 -27.13
N LYS B 117 39.86 -29.72 -27.17
CA LYS B 117 39.82 -30.53 -28.38
C LYS B 117 39.31 -29.73 -29.57
N LEU B 118 38.19 -29.01 -29.38
CA LEU B 118 37.59 -28.26 -30.48
C LEU B 118 38.51 -27.15 -30.97
N THR B 119 39.14 -26.41 -30.06
CA THR B 119 40.06 -25.35 -30.46
C THR B 119 41.29 -25.92 -31.17
N SER B 120 41.75 -27.10 -30.74
CA SER B 120 42.83 -27.77 -31.47
C SER B 120 42.38 -28.10 -32.89
N LEU B 121 41.10 -28.47 -33.05
CA LEU B 121 40.54 -28.68 -34.39
C LEU B 121 40.23 -27.38 -35.11
N ASP B 122 40.52 -26.21 -34.51
CA ASP B 122 40.22 -24.91 -35.12
C ASP B 122 38.71 -24.72 -35.26
N ILE B 123 37.97 -25.19 -34.27
CA ILE B 123 36.52 -25.00 -34.20
C ILE B 123 36.25 -23.91 -33.16
N PRO B 124 35.56 -22.81 -33.53
CA PRO B 124 35.29 -21.76 -32.55
C PRO B 124 34.42 -22.27 -31.42
N ALA B 125 34.97 -22.34 -30.21
CA ALA B 125 34.23 -22.88 -29.07
C ALA B 125 34.73 -22.21 -27.79
N THR B 126 33.81 -22.04 -26.85
CA THR B 126 34.14 -21.40 -25.58
C THR B 126 33.20 -21.90 -24.50
N TYR B 127 33.49 -21.51 -23.26
CA TYR B 127 32.69 -21.91 -22.11
C TYR B 127 32.56 -20.76 -21.14
N LEU B 128 31.53 -20.81 -20.31
CA LEU B 128 31.27 -19.79 -19.28
C LEU B 128 31.05 -20.48 -17.93
N THR B 129 32.15 -20.65 -17.18
CA THR B 129 32.05 -21.18 -15.82
C THR B 129 32.77 -20.27 -14.85
N GLY B 130 32.89 -20.71 -13.59
CA GLY B 130 33.61 -19.96 -12.58
C GLY B 130 35.11 -19.95 -12.79
N ASP B 131 35.60 -20.56 -13.86
CA ASP B 131 37.03 -20.62 -14.16
C ASP B 131 37.46 -19.58 -15.17
N LYS B 132 36.52 -18.90 -15.82
CA LYS B 132 36.84 -17.76 -16.65
C LYS B 132 36.92 -16.50 -15.79
N THR B 133 37.87 -15.62 -16.12
CA THR B 133 37.94 -14.36 -15.41
C THR B 133 36.81 -13.44 -15.86
N ASP B 134 36.54 -12.42 -15.04
CA ASP B 134 35.46 -11.47 -15.37
C ASP B 134 35.69 -10.84 -16.73
N SER B 135 36.96 -10.54 -17.06
CA SER B 135 37.27 -9.95 -18.36
C SER B 135 37.00 -10.94 -19.49
N GLU B 136 37.39 -12.20 -19.30
CA GLU B 136 37.11 -13.22 -20.31
C GLU B 136 35.61 -13.43 -20.47
N ALA B 137 34.86 -13.38 -19.36
CA ALA B 137 33.41 -13.52 -19.44
C ALA B 137 32.79 -12.37 -20.22
N THR B 138 33.21 -11.14 -19.93
CA THR B 138 32.71 -9.99 -20.69
C THR B 138 33.06 -10.11 -22.17
N ASN B 139 34.28 -10.59 -22.47
CA ASN B 139 34.66 -10.77 -23.86
C ASN B 139 33.80 -11.82 -24.55
N ILE B 140 33.46 -12.90 -23.84
CA ILE B 140 32.61 -13.93 -24.42
C ILE B 140 31.22 -13.39 -24.70
N TYR B 141 30.64 -12.67 -23.73
CA TYR B 141 29.32 -12.07 -23.96
C TYR B 141 29.34 -11.07 -25.10
N LEU B 142 30.41 -10.27 -25.20
CA LEU B 142 30.51 -9.29 -26.29
C LEU B 142 30.63 -9.99 -27.64
N GLN B 143 31.42 -11.07 -27.71
CA GLN B 143 31.54 -11.82 -28.96
C GLN B 143 30.20 -12.44 -29.35
N LEU B 144 29.46 -12.96 -28.37
CA LEU B 144 28.15 -13.54 -28.67
C LEU B 144 27.14 -12.46 -29.07
N SER B 145 27.33 -11.23 -28.61
CA SER B 145 26.42 -10.14 -28.95
C SER B 145 26.69 -9.51 -30.30
N LYS B 146 27.82 -9.84 -30.93
CA LYS B 146 28.15 -9.25 -32.23
C LYS B 146 27.16 -9.71 -33.29
N LYS B 147 27.18 -9.00 -34.43
CA LYS B 147 26.30 -9.35 -35.53
C LYS B 147 26.54 -10.77 -36.02
N ASP B 148 27.80 -11.21 -36.00
CA ASP B 148 28.15 -12.60 -36.32
C ASP B 148 28.73 -13.27 -35.08
N PRO B 149 27.97 -14.10 -34.39
CA PRO B 149 28.51 -14.80 -33.21
C PRO B 149 29.48 -15.91 -33.60
N ILE B 150 30.66 -15.53 -34.10
CA ILE B 150 31.77 -16.41 -34.45
C ILE B 150 31.71 -17.76 -33.74
N ILE B 151 31.47 -17.74 -32.43
CA ILE B 151 31.42 -18.97 -31.64
C ILE B 151 30.36 -19.92 -32.19
N LYS B 152 30.74 -21.19 -32.36
CA LYS B 152 29.79 -22.21 -32.76
C LYS B 152 29.33 -23.10 -31.61
N LEU B 153 30.12 -23.21 -30.55
CA LEU B 153 29.82 -24.10 -29.43
C LEU B 153 30.08 -23.36 -28.13
N LEU B 154 29.06 -23.27 -27.27
CA LEU B 154 29.17 -22.65 -25.95
C LEU B 154 28.84 -23.69 -24.90
N TYR B 155 29.83 -24.05 -24.08
CA TYR B 155 29.68 -25.06 -23.05
C TYR B 155 29.34 -24.42 -21.72
N VAL B 156 28.30 -24.94 -21.06
CA VAL B 156 27.85 -24.44 -19.77
C VAL B 156 27.43 -25.61 -18.89
N THR B 157 27.37 -25.36 -17.58
CA THR B 157 26.86 -26.30 -16.60
C THR B 157 25.38 -26.03 -16.33
N PRO B 158 24.65 -27.02 -15.82
CA PRO B 158 23.25 -26.75 -15.44
C PRO B 158 23.11 -25.66 -14.39
N GLU B 159 24.06 -25.57 -13.46
CA GLU B 159 24.00 -24.55 -12.42
C GLU B 159 24.20 -23.15 -13.00
N LYS B 160 25.01 -23.02 -14.06
CA LYS B 160 25.21 -21.73 -14.69
C LYS B 160 23.92 -21.21 -15.31
N ILE B 161 23.12 -22.09 -15.90
CA ILE B 161 21.87 -21.67 -16.53
C ILE B 161 20.85 -21.28 -15.48
N CYS B 162 20.89 -21.89 -14.30
CA CYS B 162 19.93 -21.64 -13.24
C CYS B 162 20.42 -20.61 -12.23
N ALA B 163 21.45 -19.84 -12.57
CA ALA B 163 21.99 -18.82 -11.67
C ALA B 163 22.42 -17.54 -12.37
N SER B 164 22.90 -17.60 -13.61
CA SER B 164 23.35 -16.41 -14.33
C SER B 164 22.17 -15.82 -15.09
N ASN B 165 21.70 -14.65 -14.65
CA ASN B 165 20.71 -13.91 -15.42
C ASN B 165 21.30 -13.35 -16.71
N ARG B 166 22.58 -12.96 -16.68
CA ARG B 166 23.21 -12.44 -17.89
C ARG B 166 23.30 -13.49 -18.98
N LEU B 167 23.59 -14.74 -18.61
CA LEU B 167 23.59 -15.81 -19.60
C LEU B 167 22.22 -15.98 -20.23
N ILE B 168 21.16 -15.89 -19.41
CA ILE B 168 19.81 -16.01 -19.95
C ILE B 168 19.48 -14.84 -20.88
N SER B 169 19.94 -13.63 -20.54
CA SER B 169 19.69 -12.49 -21.42
C SER B 169 20.44 -12.66 -22.74
N THR B 170 21.65 -13.20 -22.70
CA THR B 170 22.38 -13.48 -23.93
C THR B 170 21.66 -14.54 -24.75
N LEU B 171 21.13 -15.58 -24.09
CA LEU B 171 20.38 -16.60 -24.79
C LEU B 171 19.12 -16.00 -25.45
N GLU B 172 18.49 -15.04 -24.78
CA GLU B 172 17.35 -14.35 -25.38
C GLU B 172 17.77 -13.57 -26.60
N ASN B 173 18.90 -12.86 -26.51
CA ASN B 173 19.43 -12.11 -27.65
C ASN B 173 19.68 -13.03 -28.84
N LEU B 174 20.31 -14.18 -28.60
CA LEU B 174 20.56 -15.13 -29.69
C LEU B 174 19.25 -15.71 -30.22
N TYR B 175 18.29 -16.01 -29.34
CA TYR B 175 17.03 -16.60 -29.77
C TYR B 175 16.25 -15.67 -30.67
N GLU B 176 16.23 -14.37 -30.35
CA GLU B 176 15.47 -13.43 -31.17
C GLU B 176 16.07 -13.25 -32.56
N ARG B 177 17.38 -13.44 -32.70
CA ARG B 177 18.03 -13.32 -34.00
C ARG B 177 18.17 -14.66 -34.70
N LYS B 178 17.46 -15.70 -34.24
CA LYS B 178 17.47 -17.02 -34.85
C LYS B 178 18.89 -17.60 -34.92
N LEU B 179 19.68 -17.33 -33.87
CA LEU B 179 21.06 -17.78 -33.81
C LEU B 179 21.30 -18.68 -32.60
N LEU B 180 20.25 -19.31 -32.08
CA LEU B 180 20.35 -20.30 -31.03
C LEU B 180 20.06 -21.65 -31.68
N ALA B 181 21.12 -22.40 -31.98
CA ALA B 181 20.99 -23.57 -32.85
C ALA B 181 20.26 -24.71 -32.16
N ARG B 182 20.86 -25.27 -31.10
CA ARG B 182 20.21 -26.33 -30.35
C ARG B 182 20.81 -26.41 -28.96
N PHE B 183 20.09 -27.12 -28.08
CA PHE B 183 20.54 -27.40 -26.72
C PHE B 183 21.01 -28.85 -26.66
N VAL B 184 22.25 -29.05 -26.24
CA VAL B 184 22.86 -30.38 -26.18
C VAL B 184 23.02 -30.77 -24.72
N ILE B 185 22.59 -31.98 -24.39
CA ILE B 185 22.70 -32.53 -23.05
C ILE B 185 23.73 -33.65 -23.12
N ASP B 186 24.96 -33.34 -22.74
CA ASP B 186 26.05 -34.31 -22.76
C ASP B 186 26.00 -35.11 -21.46
N GLU B 187 26.04 -36.44 -21.59
CA GLU B 187 25.86 -37.35 -20.45
C GLU B 187 24.47 -37.15 -19.83
N ALA B 188 23.44 -37.43 -20.64
CA ALA B 188 22.07 -37.13 -20.24
C ALA B 188 21.62 -37.96 -19.05
N HIS B 189 22.31 -39.07 -18.76
CA HIS B 189 21.95 -39.86 -17.58
C HIS B 189 22.05 -39.04 -16.31
N CYS B 190 22.93 -38.04 -16.29
CA CYS B 190 23.05 -37.16 -15.13
C CYS B 190 21.74 -36.48 -14.81
N VAL B 191 20.95 -36.14 -15.83
CA VAL B 191 19.63 -35.55 -15.59
C VAL B 191 18.82 -36.41 -14.64
N SER B 192 18.82 -37.73 -14.87
CA SER B 192 18.09 -38.63 -14.00
C SER B 192 18.89 -39.01 -12.76
N GLN B 193 20.22 -38.81 -12.78
CA GLN B 193 21.04 -39.29 -11.68
C GLN B 193 21.07 -38.29 -10.53
N TRP B 194 21.09 -37.00 -10.84
CA TRP B 194 21.15 -35.97 -9.82
C TRP B 194 20.02 -34.95 -9.90
N GLY B 195 19.11 -35.09 -10.86
CA GLY B 195 18.09 -34.06 -11.04
C GLY B 195 17.03 -34.04 -9.96
N HIS B 196 16.88 -35.13 -9.22
CA HIS B 196 15.89 -35.22 -8.15
C HIS B 196 16.47 -34.90 -6.78
N ASP B 197 17.79 -34.87 -6.66
CA ASP B 197 18.50 -34.63 -5.40
C ASP B 197 19.98 -34.43 -5.72
N PHE B 198 20.63 -33.62 -4.89
CA PHE B 198 22.07 -33.30 -4.97
C PHE B 198 22.33 -32.19 -5.99
N ARG B 199 21.88 -32.37 -7.24
CA ARG B 199 22.01 -31.34 -8.28
C ARG B 199 20.67 -31.16 -8.99
N GLN B 200 19.72 -30.52 -8.32
CA GLN B 200 18.37 -30.39 -8.85
C GLN B 200 18.27 -29.37 -9.97
N ASP B 201 19.32 -28.59 -10.25
CA ASP B 201 19.31 -27.71 -11.40
C ASP B 201 19.16 -28.49 -12.69
N TYR B 202 19.67 -29.72 -12.73
CA TYR B 202 19.47 -30.58 -13.89
C TYR B 202 17.99 -30.76 -14.20
N LYS B 203 17.13 -30.65 -13.19
CA LYS B 203 15.70 -30.57 -13.45
C LYS B 203 15.28 -29.16 -13.79
N ARG B 204 15.72 -28.18 -12.98
CA ARG B 204 15.26 -26.81 -13.13
C ARG B 204 15.56 -26.26 -14.52
N MET B 205 16.63 -26.74 -15.14
CA MET B 205 17.02 -26.21 -16.45
C MET B 205 16.01 -26.51 -17.55
N ASN B 206 15.04 -27.42 -17.32
CA ASN B 206 13.97 -27.57 -18.30
C ASN B 206 13.24 -26.25 -18.54
N MET B 207 13.38 -25.31 -17.60
CA MET B 207 12.96 -23.92 -17.76
C MET B 207 13.29 -23.38 -19.15
N LEU B 208 14.46 -23.73 -19.69
CA LEU B 208 14.86 -23.22 -20.99
C LEU B 208 13.83 -23.52 -22.07
N ARG B 209 13.28 -24.74 -22.08
CA ARG B 209 12.31 -25.08 -23.12
C ARG B 209 11.03 -24.26 -23.01
N GLN B 210 10.78 -23.63 -21.87
CA GLN B 210 9.66 -22.69 -21.80
C GLN B 210 10.04 -21.34 -22.38
N LYS B 211 11.29 -20.92 -22.16
CA LYS B 211 11.73 -19.62 -22.65
C LYS B 211 12.05 -19.66 -24.15
N PHE B 212 12.61 -20.76 -24.61
CA PHE B 212 13.02 -20.92 -26.01
C PHE B 212 12.43 -22.23 -26.54
N PRO B 213 11.13 -22.25 -26.81
CA PRO B 213 10.46 -23.52 -27.15
C PRO B 213 10.79 -24.05 -28.53
N SER B 214 11.22 -23.20 -29.46
CA SER B 214 11.47 -23.64 -30.83
C SER B 214 12.87 -24.21 -31.04
N VAL B 215 13.75 -24.12 -30.06
CA VAL B 215 15.12 -24.61 -30.24
C VAL B 215 15.14 -26.11 -29.97
N PRO B 216 15.67 -26.92 -30.89
CA PRO B 216 15.69 -28.37 -30.67
C PRO B 216 16.69 -28.79 -29.62
N VAL B 217 16.45 -29.97 -29.04
CA VAL B 217 17.29 -30.53 -28.00
C VAL B 217 17.80 -31.90 -28.44
N MET B 218 19.07 -32.17 -28.13
CA MET B 218 19.69 -33.46 -28.36
C MET B 218 20.34 -33.93 -27.07
N ALA B 219 19.89 -35.08 -26.56
CA ALA B 219 20.46 -35.68 -25.36
C ALA B 219 21.28 -36.90 -25.75
N LEU B 220 22.50 -36.99 -25.22
CA LEU B 220 23.40 -38.09 -25.54
C LEU B 220 23.86 -38.78 -24.27
N THR B 221 23.90 -40.12 -24.31
CA THR B 221 24.34 -40.95 -23.20
C THR B 221 24.81 -42.29 -23.73
N ALA B 222 25.69 -42.92 -22.96
CA ALA B 222 26.21 -44.25 -23.29
C ALA B 222 25.60 -45.35 -22.45
N THR B 223 24.91 -45.02 -21.37
CA THR B 223 24.34 -46.02 -20.47
C THR B 223 23.04 -45.49 -19.89
N ALA B 224 21.94 -46.19 -20.13
CA ALA B 224 20.62 -45.81 -19.61
C ALA B 224 19.60 -46.92 -19.82
N ASN B 225 19.08 -47.49 -18.74
CA ASN B 225 18.01 -48.47 -18.84
C ASN B 225 16.72 -47.76 -19.27
N PRO B 226 15.68 -48.50 -19.68
CA PRO B 226 14.48 -47.84 -20.22
C PRO B 226 13.84 -46.84 -19.28
N ARG B 227 13.82 -47.13 -17.97
CA ARG B 227 13.22 -46.19 -17.03
C ARG B 227 13.99 -44.88 -16.99
N VAL B 228 15.32 -44.95 -16.95
CA VAL B 228 16.11 -43.72 -16.95
C VAL B 228 16.00 -43.01 -18.30
N GLN B 229 15.86 -43.77 -19.39
CA GLN B 229 15.63 -43.14 -20.69
C GLN B 229 14.37 -42.27 -20.66
N LYS B 230 13.26 -42.86 -20.23
CA LYS B 230 12.01 -42.10 -20.16
C LYS B 230 12.08 -40.97 -19.14
N ASP B 231 12.83 -41.17 -18.04
CA ASP B 231 13.00 -40.10 -17.07
C ASP B 231 13.76 -38.92 -17.68
N ILE B 232 14.83 -39.20 -18.42
CA ILE B 232 15.57 -38.15 -19.10
C ILE B 232 14.66 -37.40 -20.06
N LEU B 233 13.89 -38.15 -20.86
CA LEU B 233 13.03 -37.51 -21.85
C LEU B 233 11.94 -36.67 -21.21
N THR B 234 11.37 -37.13 -20.08
CA THR B 234 10.35 -36.33 -19.40
C THR B 234 10.95 -35.09 -18.75
N GLN B 235 12.09 -35.24 -18.07
CA GLN B 235 12.69 -34.11 -17.37
C GLN B 235 13.21 -33.06 -18.33
N LEU B 236 13.69 -33.48 -19.50
CA LEU B 236 14.14 -32.56 -20.52
C LEU B 236 13.00 -32.03 -21.39
N LYS B 237 11.78 -32.51 -21.18
CA LYS B 237 10.61 -32.09 -21.96
C LYS B 237 10.86 -32.30 -23.45
N ILE B 238 11.09 -33.55 -23.82
CA ILE B 238 11.28 -33.97 -25.20
C ILE B 238 10.20 -35.00 -25.48
N LEU B 239 9.11 -34.55 -26.10
CA LEU B 239 7.90 -35.36 -26.21
C LEU B 239 7.99 -36.38 -27.34
N ARG B 240 8.67 -36.05 -28.44
CA ARG B 240 8.72 -36.91 -29.62
C ARG B 240 10.11 -36.86 -30.25
N PRO B 241 11.11 -37.43 -29.58
CA PRO B 241 12.46 -37.46 -30.16
C PRO B 241 12.71 -38.70 -31.00
N GLN B 242 13.65 -38.55 -31.93
CA GLN B 242 14.19 -39.70 -32.65
C GLN B 242 15.26 -40.37 -31.80
N VAL B 243 15.09 -41.68 -31.55
CA VAL B 243 15.96 -42.45 -30.67
C VAL B 243 16.87 -43.32 -31.52
N PHE B 244 18.18 -43.17 -31.32
CA PHE B 244 19.19 -43.98 -32.00
C PHE B 244 19.97 -44.76 -30.96
N SER B 245 19.80 -46.09 -30.94
CA SER B 245 20.41 -46.94 -29.93
C SER B 245 21.33 -47.97 -30.59
N MET B 246 22.10 -48.66 -29.75
CA MET B 246 23.02 -49.70 -30.20
C MET B 246 23.08 -50.79 -29.13
N SER B 247 23.88 -51.83 -29.41
CA SER B 247 23.98 -52.95 -28.51
C SER B 247 24.70 -52.54 -27.23
N PHE B 248 24.12 -52.90 -26.09
CA PHE B 248 24.74 -52.64 -24.79
C PHE B 248 25.83 -53.64 -24.44
N ASN B 249 26.00 -54.70 -25.23
CA ASN B 249 26.98 -55.72 -24.89
C ASN B 249 28.39 -55.18 -25.04
N ARG B 250 29.24 -55.51 -24.08
CA ARG B 250 30.66 -55.17 -24.10
C ARG B 250 31.42 -56.47 -24.36
N HIS B 251 31.76 -56.69 -25.64
CA HIS B 251 32.21 -58.01 -26.08
C HIS B 251 33.53 -58.42 -25.45
N ASN B 252 34.38 -57.46 -25.07
CA ASN B 252 35.74 -57.76 -24.66
C ASN B 252 35.95 -57.77 -23.16
N LEU B 253 34.88 -57.69 -22.36
CA LEU B 253 34.99 -57.60 -20.92
C LEU B 253 34.59 -58.92 -20.27
N LYS B 254 35.39 -59.35 -19.30
CA LYS B 254 35.09 -60.52 -18.49
C LYS B 254 34.60 -60.04 -17.13
N TYR B 255 33.35 -60.36 -16.80
CA TYR B 255 32.74 -59.90 -15.56
C TYR B 255 32.89 -60.93 -14.46
N TYR B 256 33.40 -60.50 -13.30
CA TYR B 256 33.59 -61.35 -12.14
C TYR B 256 33.00 -60.65 -10.92
N VAL B 257 32.42 -61.43 -10.02
CA VAL B 257 32.10 -60.96 -8.68
C VAL B 257 32.56 -62.03 -7.71
N LEU B 258 33.45 -61.65 -6.79
CA LEU B 258 34.01 -62.62 -5.87
C LEU B 258 33.63 -62.27 -4.45
N PRO B 259 33.54 -63.25 -3.54
CA PRO B 259 33.24 -62.93 -2.15
C PRO B 259 34.36 -62.13 -1.52
N LYS B 260 33.97 -61.08 -0.79
CA LYS B 260 34.92 -60.13 -0.22
C LYS B 260 35.15 -60.45 1.25
N LYS B 261 36.43 -60.45 1.65
CA LYS B 261 36.79 -60.48 3.06
C LYS B 261 37.02 -59.05 3.52
N PRO B 262 36.13 -58.48 4.33
CA PRO B 262 36.18 -57.03 4.61
C PRO B 262 37.51 -56.53 5.15
N LYS B 263 38.32 -57.36 5.78
CA LYS B 263 39.58 -56.95 6.38
C LYS B 263 40.80 -57.56 5.68
N LYS B 264 40.78 -57.59 4.35
CA LYS B 264 41.91 -58.13 3.60
C LYS B 264 41.86 -57.74 2.13
N VAL B 265 40.77 -57.07 1.73
CA VAL B 265 40.53 -56.80 0.30
C VAL B 265 41.72 -56.08 -0.32
N ALA B 266 42.29 -55.10 0.39
CA ALA B 266 43.42 -54.36 -0.14
C ALA B 266 44.54 -55.31 -0.55
N PHE B 267 44.91 -56.23 0.36
CA PHE B 267 45.91 -57.23 0.00
C PHE B 267 45.40 -58.14 -1.11
N ASP B 268 44.12 -58.55 -1.01
CA ASP B 268 43.55 -59.43 -2.03
C ASP B 268 43.66 -58.83 -3.41
N CYS B 269 43.18 -57.60 -3.58
CA CYS B 269 43.33 -56.91 -4.85
C CYS B 269 44.79 -56.90 -5.25
N LEU B 270 45.65 -56.52 -4.29
CA LEU B 270 47.08 -56.49 -4.50
C LEU B 270 47.58 -57.82 -5.06
N GLU B 271 47.13 -58.93 -4.50
CA GLU B 271 47.55 -60.23 -5.01
C GLU B 271 47.05 -60.43 -6.44
N TRP B 272 45.77 -60.16 -6.68
CA TRP B 272 45.19 -60.44 -8.00
C TRP B 272 45.92 -59.68 -9.08
N ILE B 273 46.15 -58.38 -8.86
CA ILE B 273 46.91 -57.59 -9.82
C ILE B 273 48.27 -58.23 -10.04
N ARG B 274 49.00 -58.50 -8.95
CA ARG B 274 50.33 -59.08 -9.04
C ARG B 274 50.35 -60.35 -9.87
N LYS B 275 49.21 -61.00 -10.03
CA LYS B 275 49.13 -62.25 -10.78
C LYS B 275 48.70 -62.06 -12.22
N HIS B 276 47.81 -61.11 -12.50
CA HIS B 276 47.17 -61.07 -13.81
C HIS B 276 47.57 -59.89 -14.67
N HIS B 277 47.74 -58.70 -14.09
CA HIS B 277 48.14 -57.51 -14.83
C HIS B 277 49.12 -56.71 -13.97
N PRO B 278 50.33 -57.24 -13.76
CA PRO B 278 51.31 -56.53 -12.93
C PRO B 278 51.84 -55.26 -13.56
N TYR B 279 51.76 -55.10 -14.89
CA TYR B 279 52.33 -53.94 -15.56
C TYR B 279 51.28 -53.15 -16.35
N ASP B 280 50.00 -53.33 -16.04
CA ASP B 280 48.94 -52.70 -16.79
C ASP B 280 48.20 -51.70 -15.91
N SER B 281 47.72 -50.63 -16.54
CA SER B 281 47.00 -49.60 -15.80
C SER B 281 45.62 -50.11 -15.40
N GLY B 282 45.16 -49.65 -14.24
CA GLY B 282 43.87 -50.10 -13.74
C GLY B 282 43.28 -49.14 -12.74
N ILE B 283 42.00 -49.38 -12.47
CA ILE B 283 41.25 -48.56 -11.53
C ILE B 283 40.68 -49.45 -10.43
N ILE B 284 40.81 -49.01 -9.19
CA ILE B 284 40.17 -49.64 -8.04
C ILE B 284 39.21 -48.62 -7.46
N TYR B 285 37.92 -48.81 -7.69
CA TYR B 285 36.89 -47.92 -7.17
C TYR B 285 36.55 -48.30 -5.74
N CYS B 286 36.52 -47.31 -4.86
CA CYS B 286 36.30 -47.52 -3.44
C CYS B 286 35.05 -46.75 -3.00
N LEU B 287 34.47 -47.21 -1.88
CA LEU B 287 33.24 -46.61 -1.39
C LEU B 287 33.50 -45.27 -0.70
N SER B 288 34.61 -45.15 0.01
CA SER B 288 34.92 -43.97 0.81
C SER B 288 36.33 -43.49 0.50
N ARG B 289 36.62 -42.27 0.97
CA ARG B 289 37.97 -41.72 0.81
C ARG B 289 39.00 -42.53 1.57
N ARG B 290 38.67 -42.95 2.80
CA ARG B 290 39.60 -43.74 3.59
C ARG B 290 39.93 -45.07 2.91
N GLU B 291 38.94 -45.67 2.24
CA GLU B 291 39.21 -46.88 1.47
C GLU B 291 40.22 -46.62 0.37
N CYS B 292 40.07 -45.49 -0.34
CA CYS B 292 41.04 -45.13 -1.38
C CYS B 292 42.44 -44.97 -0.80
N ASP B 293 42.53 -44.24 0.32
CA ASP B 293 43.85 -43.98 0.91
C ASP B 293 44.51 -45.27 1.37
N THR B 294 43.75 -46.16 2.03
CA THR B 294 44.33 -47.41 2.52
C THR B 294 44.70 -48.34 1.37
N MET B 295 43.88 -48.37 0.32
CA MET B 295 44.19 -49.19 -0.85
C MET B 295 45.48 -48.72 -1.51
N ALA B 296 45.60 -47.42 -1.75
CA ALA B 296 46.82 -46.88 -2.35
C ALA B 296 48.03 -47.11 -1.44
N ASP B 297 47.85 -46.96 -0.12
CA ASP B 297 48.95 -47.17 0.80
C ASP B 297 49.43 -48.61 0.77
N THR B 298 48.50 -49.56 0.81
CA THR B 298 48.87 -50.98 0.75
C THR B 298 49.60 -51.31 -0.55
N LEU B 299 49.05 -50.86 -1.68
CA LEU B 299 49.66 -51.18 -2.97
C LEU B 299 51.06 -50.57 -3.09
N GLN B 300 51.23 -49.31 -2.67
CA GLN B 300 52.56 -48.70 -2.67
C GLN B 300 53.48 -49.39 -1.66
N ARG B 301 52.92 -49.90 -0.57
CA ARG B 301 53.71 -50.65 0.40
C ARG B 301 54.24 -51.94 -0.19
N ASP B 302 53.54 -52.52 -1.17
CA ASP B 302 54.04 -53.69 -1.85
C ASP B 302 54.72 -53.35 -3.18
N GLY B 303 55.01 -52.07 -3.43
CA GLY B 303 55.74 -51.67 -4.61
C GLY B 303 54.92 -51.36 -5.85
N LEU B 304 53.60 -51.25 -5.72
CA LEU B 304 52.75 -50.87 -6.84
C LEU B 304 52.60 -49.35 -6.88
N ALA B 305 52.83 -48.77 -8.06
CA ALA B 305 52.67 -47.32 -8.21
C ALA B 305 51.17 -47.03 -8.25
N ALA B 306 50.59 -46.93 -7.07
CA ALA B 306 49.17 -46.68 -6.90
C ALA B 306 48.95 -45.34 -6.22
N LEU B 307 47.94 -44.61 -6.67
CA LEU B 307 47.66 -43.28 -6.14
C LEU B 307 46.18 -43.13 -5.83
N ALA B 308 45.88 -42.55 -4.67
CA ALA B 308 44.49 -42.31 -4.28
C ALA B 308 43.94 -41.06 -4.96
N TYR B 309 42.65 -41.08 -5.24
CA TYR B 309 41.98 -39.99 -5.96
C TYR B 309 40.57 -39.89 -5.42
N HIS B 310 40.22 -38.74 -4.84
CA HIS B 310 38.86 -38.51 -4.39
C HIS B 310 38.64 -37.01 -4.25
N ALA B 311 37.42 -36.62 -3.90
CA ALA B 311 37.09 -35.21 -3.80
C ALA B 311 37.82 -34.51 -2.66
N GLY B 312 38.37 -35.27 -1.72
CA GLY B 312 39.13 -34.66 -0.64
C GLY B 312 40.43 -34.05 -1.10
N LEU B 313 40.97 -34.50 -2.22
CA LEU B 313 42.19 -33.94 -2.77
C LEU B 313 41.89 -32.60 -3.44
N SER B 314 42.91 -31.74 -3.48
CA SER B 314 42.76 -30.47 -4.19
C SER B 314 42.68 -30.70 -5.69
N ASP B 315 42.17 -29.69 -6.40
CA ASP B 315 42.09 -29.78 -7.85
C ASP B 315 43.47 -29.95 -8.47
N SER B 316 44.47 -29.25 -7.93
CA SER B 316 45.84 -29.40 -8.42
C SER B 316 46.33 -30.83 -8.20
N ALA B 317 46.14 -31.37 -7.00
CA ALA B 317 46.58 -32.73 -6.71
C ALA B 317 45.78 -33.75 -7.53
N ARG B 318 44.49 -33.48 -7.73
CA ARG B 318 43.68 -34.40 -8.53
C ARG B 318 44.16 -34.45 -9.97
N ASP B 319 44.46 -33.29 -10.56
CA ASP B 319 44.99 -33.30 -11.92
C ASP B 319 46.39 -33.90 -11.98
N GLU B 320 47.19 -33.71 -10.92
CA GLU B 320 48.49 -34.38 -10.86
C GLU B 320 48.34 -35.89 -10.91
N VAL B 321 47.45 -36.44 -10.06
CA VAL B 321 47.25 -37.88 -10.01
C VAL B 321 46.70 -38.39 -11.34
N GLN B 322 45.75 -37.64 -11.93
CA GLN B 322 45.18 -38.06 -13.21
C GLN B 322 46.23 -38.08 -14.31
N GLN B 323 47.07 -37.05 -14.37
CA GLN B 323 48.11 -37.01 -15.41
C GLN B 323 49.15 -38.10 -15.19
N LYS B 324 49.49 -38.40 -13.94
CA LYS B 324 50.42 -39.50 -13.68
C LYS B 324 49.83 -40.84 -14.09
N TRP B 325 48.53 -41.03 -13.85
CA TRP B 325 47.89 -42.29 -14.23
C TRP B 325 47.75 -42.42 -15.74
N ILE B 326 47.34 -41.34 -16.42
CA ILE B 326 47.15 -41.38 -17.87
C ILE B 326 48.47 -41.68 -18.57
N ASN B 327 49.56 -41.06 -18.14
CA ASN B 327 50.86 -41.22 -18.75
C ASN B 327 51.64 -42.41 -18.19
N GLN B 328 51.09 -43.09 -17.18
CA GLN B 328 51.78 -44.18 -16.50
C GLN B 328 53.15 -43.75 -15.98
N ASP B 329 53.21 -42.50 -15.50
CA ASP B 329 54.44 -41.93 -14.95
C ASP B 329 54.28 -41.93 -13.43
N GLY B 330 54.72 -43.00 -12.80
CA GLY B 330 54.62 -43.12 -11.36
C GLY B 330 53.24 -43.43 -10.83
N CYS B 331 52.34 -43.92 -11.67
CA CYS B 331 51.02 -44.34 -11.22
C CYS B 331 50.48 -45.39 -12.18
N GLN B 332 50.48 -46.65 -11.73
CA GLN B 332 49.90 -47.73 -12.51
C GLN B 332 48.43 -47.95 -12.18
N VAL B 333 48.08 -47.89 -10.91
CA VAL B 333 46.71 -48.13 -10.45
C VAL B 333 46.22 -46.88 -9.73
N ILE B 334 45.01 -46.45 -10.07
CA ILE B 334 44.37 -45.32 -9.40
C ILE B 334 43.26 -45.87 -8.51
N CYS B 335 43.31 -45.50 -7.23
CA CYS B 335 42.36 -45.96 -6.22
C CYS B 335 41.43 -44.79 -5.94
N ALA B 336 40.23 -44.85 -6.49
CA ALA B 336 39.39 -43.66 -6.58
C ALA B 336 37.97 -43.93 -6.11
N THR B 337 37.31 -42.85 -5.71
CA THR B 337 35.86 -42.82 -5.56
C THR B 337 35.22 -42.55 -6.92
N ILE B 338 33.89 -42.53 -6.95
CA ILE B 338 33.16 -42.26 -8.19
C ILE B 338 33.47 -40.88 -8.76
N ALA B 339 34.20 -40.03 -8.04
CA ALA B 339 34.59 -38.73 -8.58
C ALA B 339 35.47 -38.88 -9.81
N PHE B 340 36.28 -39.93 -9.87
CA PHE B 340 37.16 -40.17 -11.00
C PHE B 340 36.45 -40.98 -12.08
N GLY B 341 36.65 -40.58 -13.34
CA GLY B 341 36.21 -41.43 -14.42
C GLY B 341 35.45 -40.78 -15.57
N MET B 342 34.73 -39.70 -15.30
CA MET B 342 33.81 -39.15 -16.29
C MET B 342 34.54 -38.58 -17.50
N GLY B 343 35.73 -38.05 -17.33
CA GLY B 343 36.50 -37.45 -18.39
C GLY B 343 37.55 -38.33 -19.04
N ILE B 344 37.61 -39.61 -18.70
CA ILE B 344 38.74 -40.46 -19.07
C ILE B 344 38.57 -40.99 -20.49
N ASP B 345 39.64 -40.93 -21.28
CA ASP B 345 39.69 -41.47 -22.63
C ASP B 345 40.86 -42.43 -22.80
N LYS B 346 41.22 -43.13 -21.73
CA LYS B 346 42.33 -44.07 -21.77
C LYS B 346 41.93 -45.35 -22.48
N PRO B 347 42.65 -45.79 -23.50
CA PRO B 347 42.22 -46.95 -24.29
C PRO B 347 42.64 -48.29 -23.69
N ASP B 348 43.67 -48.29 -22.85
CA ASP B 348 44.26 -49.54 -22.39
C ASP B 348 44.08 -49.79 -20.90
N VAL B 349 42.87 -49.60 -20.38
CA VAL B 349 42.58 -49.95 -19.00
C VAL B 349 42.28 -51.45 -18.95
N ARG B 350 43.17 -52.22 -18.33
CA ARG B 350 43.06 -53.66 -18.35
C ARG B 350 42.22 -54.23 -17.20
N PHE B 351 42.02 -53.48 -16.12
CA PHE B 351 41.18 -53.99 -15.05
C PHE B 351 40.50 -52.86 -14.28
N VAL B 352 39.24 -53.10 -13.94
CA VAL B 352 38.46 -52.26 -13.05
C VAL B 352 37.98 -53.14 -11.90
N ILE B 353 38.39 -52.80 -10.69
CA ILE B 353 38.04 -53.54 -9.49
C ILE B 353 37.16 -52.65 -8.63
N HIS B 354 35.95 -53.11 -8.32
CA HIS B 354 35.10 -52.47 -7.33
C HIS B 354 35.33 -53.18 -6.00
N ALA B 355 36.16 -52.55 -5.16
CA ALA B 355 36.44 -53.11 -3.83
C ALA B 355 35.19 -53.16 -2.96
N SER B 356 34.18 -52.35 -3.28
CA SER B 356 32.88 -52.40 -2.65
C SER B 356 31.83 -52.30 -3.75
N LEU B 357 30.65 -52.86 -3.49
CA LEU B 357 29.62 -52.84 -4.51
C LEU B 357 29.15 -51.40 -4.75
N PRO B 358 28.91 -51.02 -6.00
CA PRO B 358 28.41 -49.67 -6.27
C PRO B 358 26.94 -49.54 -5.92
N LYS B 359 26.45 -48.30 -5.95
CA LYS B 359 25.09 -48.02 -5.53
C LYS B 359 24.04 -48.51 -6.52
N SER B 360 24.41 -48.74 -7.78
CA SER B 360 23.40 -49.12 -8.78
C SER B 360 24.05 -49.94 -9.88
N VAL B 361 23.19 -50.63 -10.64
CA VAL B 361 23.68 -51.42 -11.77
C VAL B 361 24.13 -50.52 -12.91
N GLU B 362 23.45 -49.39 -13.11
CA GLU B 362 23.92 -48.43 -14.12
C GLU B 362 25.29 -47.89 -13.75
N GLY B 363 25.48 -47.56 -12.47
CA GLY B 363 26.79 -47.10 -12.03
C GLY B 363 27.87 -48.15 -12.23
N TYR B 364 27.57 -49.41 -11.90
CA TYR B 364 28.55 -50.47 -12.12
C TYR B 364 28.87 -50.62 -13.60
N TYR B 365 27.85 -50.60 -14.45
CA TYR B 365 28.07 -50.73 -15.89
C TYR B 365 28.97 -49.62 -16.40
N GLN B 366 28.68 -48.38 -16.00
CA GLN B 366 29.50 -47.26 -16.46
C GLN B 366 30.92 -47.34 -15.91
N GLU B 367 31.08 -47.70 -14.63
CA GLU B 367 32.40 -47.68 -14.01
C GLU B 367 33.27 -48.83 -14.50
N SER B 368 32.72 -50.04 -14.55
CA SER B 368 33.47 -51.17 -15.09
C SER B 368 33.69 -51.03 -16.60
N GLY B 369 32.81 -50.30 -17.29
CA GLY B 369 32.95 -50.13 -18.73
C GLY B 369 34.11 -49.26 -19.15
N ARG B 370 34.72 -48.52 -18.22
CA ARG B 370 35.93 -47.78 -18.54
C ARG B 370 37.11 -48.68 -18.88
N ALA B 371 37.02 -49.97 -18.58
CA ALA B 371 38.06 -50.91 -18.94
C ALA B 371 37.91 -51.32 -20.41
N GLY B 372 39.05 -51.55 -21.04
CA GLY B 372 39.10 -52.12 -22.39
C GLY B 372 38.40 -51.31 -23.45
N ARG B 373 38.68 -50.00 -23.51
CA ARG B 373 38.14 -49.19 -24.59
C ARG B 373 38.76 -49.55 -25.94
N ASP B 374 39.94 -50.16 -25.94
CA ASP B 374 40.61 -50.55 -27.18
C ASP B 374 40.07 -51.86 -27.77
N GLY B 375 39.15 -52.53 -27.08
CA GLY B 375 38.59 -53.77 -27.58
C GLY B 375 39.35 -55.02 -27.19
N GLU B 376 40.46 -54.88 -26.47
CA GLU B 376 41.19 -56.04 -25.98
C GLU B 376 40.59 -56.54 -24.67
N ILE B 377 40.93 -57.78 -24.33
CA ILE B 377 40.34 -58.42 -23.15
C ILE B 377 40.74 -57.65 -21.89
N SER B 378 39.74 -57.32 -21.08
CA SER B 378 39.95 -56.64 -19.80
C SER B 378 39.06 -57.27 -18.75
N HIS B 379 39.37 -57.00 -17.49
CA HIS B 379 38.69 -57.63 -16.37
C HIS B 379 37.88 -56.61 -15.57
N CYS B 380 36.71 -57.06 -15.10
CA CYS B 380 35.85 -56.28 -14.21
C CYS B 380 35.55 -57.15 -12.99
N LEU B 381 36.19 -56.83 -11.86
CA LEU B 381 36.11 -57.62 -10.64
C LEU B 381 35.29 -56.87 -9.60
N LEU B 382 34.35 -57.55 -8.98
CA LEU B 382 33.51 -56.96 -7.94
C LEU B 382 33.67 -57.76 -6.65
N PHE B 383 34.13 -57.10 -5.58
CA PHE B 383 34.23 -57.73 -4.27
C PHE B 383 32.98 -57.36 -3.47
N TYR B 384 32.20 -58.36 -3.08
CA TYR B 384 30.88 -58.17 -2.51
C TYR B 384 30.83 -58.63 -1.05
N THR B 385 30.31 -57.75 -0.19
CA THR B 385 29.91 -58.10 1.16
C THR B 385 28.69 -57.26 1.53
N TYR B 386 27.81 -57.85 2.35
CA TYR B 386 26.55 -57.20 2.69
C TYR B 386 26.75 -56.03 3.66
N HIS B 387 27.85 -56.04 4.42
CA HIS B 387 28.18 -54.88 5.24
C HIS B 387 28.36 -53.64 4.38
N ASP B 388 28.89 -53.81 3.16
CA ASP B 388 28.94 -52.70 2.22
C ASP B 388 27.54 -52.26 1.79
N VAL B 389 26.59 -53.20 1.75
CA VAL B 389 25.20 -52.82 1.49
C VAL B 389 24.68 -51.92 2.59
N THR B 390 25.01 -52.24 3.84
CA THR B 390 24.61 -51.36 4.94
C THR B 390 25.29 -50.00 4.82
N ARG B 391 26.57 -49.99 4.43
CA ARG B 391 27.27 -48.72 4.26
C ARG B 391 26.62 -47.86 3.18
N LEU B 392 26.20 -48.49 2.08
CA LEU B 392 25.52 -47.75 1.03
C LEU B 392 24.14 -47.26 1.48
N LYS B 393 23.45 -48.03 2.32
CA LYS B 393 22.21 -47.55 2.88
C LYS B 393 22.44 -46.30 3.73
N ARG B 394 23.50 -46.29 4.53
CA ARG B 394 23.86 -45.09 5.28
C ARG B 394 24.13 -43.92 4.35
N LEU B 395 24.87 -44.16 3.27
CA LEU B 395 25.15 -43.09 2.31
C LEU B 395 23.88 -42.55 1.67
N ILE B 396 22.93 -43.43 1.35
CA ILE B 396 21.67 -42.98 0.78
C ILE B 396 20.88 -42.16 1.80
N MET B 397 20.87 -42.59 3.06
CA MET B 397 20.18 -41.84 4.10
C MET B 397 20.83 -40.49 4.35
N MET B 398 22.11 -40.33 4.04
CA MET B 398 22.78 -39.04 4.18
C MET B 398 22.69 -38.18 2.93
N GLU B 399 21.48 -37.98 2.40
CA GLU B 399 21.27 -37.13 1.23
C GLU B 399 20.64 -35.83 1.72
N LYS B 400 21.30 -34.71 1.42
CA LYS B 400 20.90 -33.44 2.02
C LYS B 400 19.51 -33.00 1.55
N ASP B 401 19.20 -33.20 0.28
CA ASP B 401 17.95 -32.72 -0.31
C ASP B 401 17.11 -33.88 -0.86
N GLY B 402 17.27 -35.07 -0.29
CA GLY B 402 16.49 -36.21 -0.72
C GLY B 402 15.24 -36.39 0.13
N ASN B 403 14.18 -36.86 -0.51
CA ASN B 403 12.93 -37.15 0.16
C ASN B 403 12.66 -38.65 0.16
N HIS B 404 11.46 -39.03 0.60
CA HIS B 404 11.08 -40.44 0.70
C HIS B 404 11.12 -41.13 -0.66
N HIS B 405 10.65 -40.45 -1.70
CA HIS B 405 10.58 -41.05 -3.03
C HIS B 405 11.97 -41.30 -3.60
N THR B 406 12.84 -40.29 -3.52
CA THR B 406 14.20 -40.45 -4.04
C THR B 406 14.94 -41.54 -3.31
N ARG B 407 14.79 -41.61 -1.98
CA ARG B 407 15.47 -42.64 -1.21
C ARG B 407 14.91 -44.03 -1.53
N GLU B 408 13.60 -44.13 -1.78
CA GLU B 408 13.03 -45.42 -2.16
C GLU B 408 13.58 -45.88 -3.50
N THR B 409 13.70 -44.96 -4.47
CA THR B 409 14.27 -45.32 -5.76
C THR B 409 15.73 -45.74 -5.62
N HIS B 410 16.50 -45.02 -4.80
CA HIS B 410 17.90 -45.38 -4.59
C HIS B 410 18.01 -46.75 -3.92
N PHE B 411 17.12 -47.05 -2.97
CA PHE B 411 17.11 -48.36 -2.35
C PHE B 411 16.78 -49.46 -3.35
N ASN B 412 15.85 -49.19 -4.27
CA ASN B 412 15.55 -50.20 -5.30
C ASN B 412 16.74 -50.43 -6.22
N ASN B 413 17.44 -49.36 -6.60
CA ASN B 413 18.66 -49.53 -7.39
C ASN B 413 19.70 -50.37 -6.64
N LEU B 414 19.87 -50.09 -5.35
CA LEU B 414 20.81 -50.86 -4.54
C LEU B 414 20.38 -52.33 -4.45
N TYR B 415 19.07 -52.56 -4.36
CA TYR B 415 18.56 -53.94 -4.36
C TYR B 415 18.90 -54.65 -5.66
N SER B 416 18.73 -53.97 -6.79
CA SER B 416 19.09 -54.58 -8.08
C SER B 416 20.58 -54.89 -8.14
N MET B 417 21.40 -54.01 -7.57
CA MET B 417 22.84 -54.27 -7.54
C MET B 417 23.17 -55.50 -6.70
N VAL B 418 22.53 -55.63 -5.53
CA VAL B 418 22.76 -56.80 -4.69
C VAL B 418 22.24 -58.06 -5.37
N HIS B 419 21.14 -57.94 -6.11
CA HIS B 419 20.62 -59.08 -6.86
C HIS B 419 21.61 -59.54 -7.92
N TYR B 420 22.27 -58.59 -8.58
CA TYR B 420 23.34 -58.95 -9.51
C TYR B 420 24.48 -59.65 -8.79
N CYS B 421 24.87 -59.12 -7.63
CA CYS B 421 25.99 -59.70 -6.88
C CYS B 421 25.69 -61.13 -6.44
N GLU B 422 24.48 -61.41 -5.98
CA GLU B 422 24.14 -62.71 -5.42
C GLU B 422 23.69 -63.72 -6.47
N ASN B 423 23.49 -63.31 -7.72
CA ASN B 423 23.04 -64.22 -8.77
C ASN B 423 24.26 -64.98 -9.29
N ILE B 424 24.46 -66.20 -8.75
CA ILE B 424 25.57 -67.05 -9.17
C ILE B 424 25.13 -68.05 -10.23
N THR B 425 23.92 -67.88 -10.78
CA THR B 425 23.36 -68.79 -11.76
C THR B 425 23.30 -68.18 -13.15
N GLU B 426 22.68 -67.01 -13.28
CA GLU B 426 22.50 -66.39 -14.59
C GLU B 426 23.82 -65.82 -15.13
N CYS B 427 23.96 -65.87 -16.46
CA CYS B 427 25.11 -65.26 -17.12
C CYS B 427 25.11 -63.75 -16.86
N ARG B 428 26.29 -63.21 -16.53
CA ARG B 428 26.38 -61.80 -16.16
C ARG B 428 25.99 -60.90 -17.33
N ARG B 429 26.36 -61.29 -18.55
CA ARG B 429 25.95 -60.52 -19.71
C ARG B 429 24.43 -60.49 -19.85
N ILE B 430 23.78 -61.63 -19.63
CA ILE B 430 22.32 -61.68 -19.71
C ILE B 430 21.69 -60.81 -18.64
N GLN B 431 22.26 -60.83 -17.42
CA GLN B 431 21.73 -59.99 -16.35
C GLN B 431 21.83 -58.51 -16.70
N LEU B 432 23.00 -58.07 -17.17
CA LEU B 432 23.17 -56.66 -17.49
C LEU B 432 22.27 -56.23 -18.65
N LEU B 433 22.23 -57.03 -19.71
CA LEU B 433 21.41 -56.65 -20.86
C LEU B 433 19.93 -56.71 -20.54
N ALA B 434 19.49 -57.62 -19.66
CA ALA B 434 18.11 -57.63 -19.23
C ALA B 434 17.80 -56.41 -18.37
N TYR B 435 18.76 -55.98 -17.54
CA TYR B 435 18.56 -54.77 -16.77
C TYR B 435 18.42 -53.56 -17.68
N PHE B 436 19.17 -53.52 -18.78
CA PHE B 436 19.08 -52.41 -19.72
C PHE B 436 18.03 -52.62 -20.80
N GLY B 437 17.32 -53.74 -20.79
CA GLY B 437 16.22 -53.96 -21.70
C GLY B 437 16.58 -54.46 -23.08
N GLU B 438 17.82 -54.86 -23.31
CA GLU B 438 18.23 -55.47 -24.58
C GLU B 438 18.02 -56.97 -24.46
N ASN B 439 17.10 -57.51 -25.27
CA ASN B 439 16.67 -58.90 -25.11
C ASN B 439 17.13 -59.81 -26.23
N GLY B 440 17.28 -59.33 -27.46
CA GLY B 440 17.61 -60.18 -28.58
C GLY B 440 19.06 -60.66 -28.61
N PHE B 441 19.67 -60.80 -27.44
CA PHE B 441 21.07 -61.19 -27.35
C PHE B 441 21.20 -62.70 -27.23
N ASN B 442 22.22 -63.24 -27.90
CA ASN B 442 22.48 -64.67 -27.86
C ASN B 442 22.85 -65.13 -26.46
N PRO B 443 22.10 -66.06 -25.86
CA PRO B 443 22.46 -66.54 -24.52
C PRO B 443 23.71 -67.39 -24.47
N ASP B 444 24.13 -67.96 -25.59
CA ASP B 444 25.31 -68.82 -25.63
C ASP B 444 26.58 -68.06 -25.94
N PHE B 445 26.55 -66.73 -25.85
CA PHE B 445 27.73 -65.92 -26.16
C PHE B 445 28.94 -66.34 -25.33
N CYS B 446 28.76 -66.48 -24.01
CA CYS B 446 29.86 -66.86 -23.14
C CYS B 446 30.39 -68.26 -23.43
N LYS B 447 29.58 -69.11 -24.06
CA LYS B 447 30.03 -70.45 -24.43
C LYS B 447 30.68 -70.48 -25.80
N LYS B 448 30.21 -69.65 -26.74
CA LYS B 448 30.82 -69.59 -28.06
C LYS B 448 32.18 -68.89 -28.02
N HIS B 449 32.35 -67.92 -27.12
CA HIS B 449 33.59 -67.16 -26.99
C HIS B 449 34.10 -67.30 -25.56
N PRO B 450 34.72 -68.44 -25.22
CA PRO B 450 35.16 -68.66 -23.84
C PRO B 450 36.26 -67.71 -23.38
N ASP B 451 36.97 -67.05 -24.31
CA ASP B 451 38.03 -66.14 -23.90
C ASP B 451 37.50 -64.97 -23.10
N VAL B 452 36.24 -64.59 -23.31
CA VAL B 452 35.65 -63.47 -22.60
C VAL B 452 34.43 -63.92 -21.80
N SER B 453 34.50 -65.11 -21.23
CA SER B 453 33.37 -65.65 -20.49
C SER B 453 33.34 -65.12 -19.07
N CYS B 454 32.13 -64.86 -18.57
CA CYS B 454 31.97 -64.43 -17.19
C CYS B 454 32.19 -65.62 -16.26
N ASP B 455 32.24 -65.32 -14.96
CA ASP B 455 32.49 -66.36 -13.97
C ASP B 455 31.32 -67.35 -13.88
N ASN B 456 30.09 -66.86 -14.05
CA ASN B 456 28.93 -67.74 -13.91
C ASN B 456 28.86 -68.78 -15.03
N CYS B 457 29.31 -68.42 -16.24
CA CYS B 457 29.27 -69.39 -17.33
C CYS B 457 30.39 -70.41 -17.25
N CYS B 458 31.40 -70.18 -16.41
CA CYS B 458 32.48 -71.13 -16.23
C CYS B 458 32.02 -72.33 -15.42
N SER B 474 28.09 -71.51 8.23
CA SER B 474 26.76 -72.11 8.27
C SER B 474 26.02 -71.71 9.54
N GLN B 475 24.69 -71.89 9.54
CA GLN B 475 23.89 -71.54 10.71
C GLN B 475 24.21 -72.45 11.89
N ARG B 476 24.70 -73.66 11.62
CA ARG B 476 25.08 -74.57 12.70
C ARG B 476 26.19 -73.98 13.56
N GLU B 477 27.03 -73.12 12.98
CA GLU B 477 28.10 -72.50 13.76
C GLU B 477 27.57 -71.47 14.75
N GLU B 478 26.62 -70.62 14.32
CA GLU B 478 25.99 -69.70 15.26
C GLU B 478 25.21 -70.46 16.32
N MET B 479 24.53 -71.53 15.92
CA MET B 479 23.84 -72.38 16.88
C MET B 479 24.82 -72.96 17.91
N VAL B 480 25.99 -73.41 17.45
CA VAL B 480 26.97 -74.00 18.35
C VAL B 480 27.55 -72.94 19.29
N LYS B 481 27.70 -71.70 18.81
CA LYS B 481 28.20 -70.65 19.69
C LYS B 481 27.20 -70.36 20.81
N LYS B 482 25.93 -70.14 20.47
CA LYS B 482 24.96 -69.86 21.52
C LYS B 482 24.75 -71.07 22.42
N CYS B 483 24.90 -72.29 21.88
CA CYS B 483 24.79 -73.49 22.69
C CYS B 483 25.92 -73.60 23.70
N LEU B 484 27.15 -73.32 23.26
CA LEU B 484 28.29 -73.32 24.17
C LEU B 484 28.07 -72.29 25.29
N GLY B 485 27.58 -71.10 24.94
CA GLY B 485 27.29 -70.10 25.96
C GLY B 485 26.25 -70.58 26.96
N GLU B 486 25.15 -71.17 26.47
CA GLU B 486 24.12 -71.67 27.37
C GLU B 486 24.67 -72.77 28.28
N LEU B 487 25.47 -73.69 27.74
CA LEU B 487 26.02 -74.78 28.54
C LEU B 487 26.99 -74.26 29.60
N THR B 488 27.84 -73.30 29.25
CA THR B 488 28.75 -72.75 30.24
C THR B 488 27.97 -72.05 31.34
N GLU B 489 26.84 -71.43 31.02
CA GLU B 489 26.02 -70.81 32.07
C GLU B 489 25.40 -71.87 32.98
N VAL B 490 24.85 -72.95 32.40
CA VAL B 490 24.22 -73.96 33.25
C VAL B 490 25.27 -74.69 34.08
N CYS B 491 26.51 -74.79 33.57
CA CYS B 491 27.58 -75.40 34.35
C CYS B 491 28.01 -74.49 35.49
N LYS B 492 28.05 -73.18 35.26
CA LYS B 492 28.29 -72.25 36.37
C LYS B 492 27.20 -72.36 37.42
N SER B 493 25.95 -72.51 36.99
CA SER B 493 24.85 -72.67 37.95
C SER B 493 25.01 -73.96 38.76
N LEU B 494 25.32 -75.07 38.07
CA LEU B 494 25.54 -76.34 38.77
C LEU B 494 26.72 -76.25 39.73
N GLY B 495 27.78 -75.54 39.34
CA GLY B 495 28.90 -75.35 40.23
C GLY B 495 28.53 -74.53 41.46
N LYS B 496 27.71 -73.49 41.27
CA LYS B 496 27.26 -72.70 42.40
C LYS B 496 26.41 -73.54 43.36
N VAL B 497 25.56 -74.41 42.82
CA VAL B 497 24.72 -75.22 43.71
C VAL B 497 25.49 -76.39 44.32
N PHE B 498 26.60 -76.82 43.72
CA PHE B 498 27.41 -77.89 44.27
C PHE B 498 28.67 -77.39 44.97
N GLY B 499 28.93 -76.09 44.93
CA GLY B 499 30.09 -75.54 45.62
C GLY B 499 31.42 -75.87 45.00
N VAL B 500 31.48 -76.02 43.68
CA VAL B 500 32.71 -76.29 42.97
C VAL B 500 32.76 -75.40 41.73
N HIS B 501 33.97 -75.24 41.19
CA HIS B 501 34.13 -74.50 39.94
C HIS B 501 33.52 -75.28 38.79
N TYR B 502 33.00 -74.55 37.80
CA TYR B 502 32.30 -75.21 36.70
C TYR B 502 33.22 -76.06 35.84
N PHE B 503 34.55 -75.92 35.99
CA PHE B 503 35.48 -76.81 35.31
C PHE B 503 35.41 -78.23 35.86
N ASN B 504 34.89 -78.41 37.07
CA ASN B 504 34.77 -79.73 37.66
C ASN B 504 33.45 -80.39 37.30
N ILE B 505 32.52 -79.66 36.69
CA ILE B 505 31.33 -80.26 36.11
C ILE B 505 31.70 -80.70 34.71
N PHE B 506 31.98 -79.72 33.84
CA PHE B 506 32.49 -79.96 32.49
C PHE B 506 33.54 -78.91 32.20
N ASN B 507 34.70 -79.34 31.71
CA ASN B 507 35.77 -78.40 31.41
C ASN B 507 35.51 -77.71 30.08
N THR B 508 36.41 -76.79 29.71
CA THR B 508 36.23 -76.02 28.49
C THR B 508 36.17 -76.92 27.26
N VAL B 509 37.08 -77.89 27.18
CA VAL B 509 37.15 -78.74 26.00
C VAL B 509 35.94 -79.66 25.92
N THR B 510 35.52 -80.22 27.06
CA THR B 510 34.33 -81.07 27.07
C THR B 510 33.08 -80.27 26.76
N LEU B 511 32.99 -79.03 27.25
CA LEU B 511 31.85 -78.18 26.92
C LEU B 511 31.83 -77.84 25.43
N LYS B 512 32.98 -77.52 24.86
CA LYS B 512 33.05 -77.25 23.43
C LYS B 512 32.65 -78.47 22.61
N LYS B 513 33.08 -79.66 23.03
CA LYS B 513 32.73 -80.86 22.29
C LYS B 513 31.26 -81.22 22.45
N LEU B 514 30.69 -80.97 23.63
CA LEU B 514 29.26 -81.21 23.82
C LEU B 514 28.44 -80.24 23.00
N ALA B 515 28.88 -78.98 22.92
CA ALA B 515 28.19 -78.00 22.09
C ALA B 515 28.29 -78.38 20.62
N GLU B 516 29.46 -78.85 20.19
CA GLU B 516 29.68 -79.19 18.79
C GLU B 516 28.73 -80.28 18.31
N SER B 517 28.31 -81.18 19.20
CA SER B 517 27.39 -82.24 18.81
C SER B 517 25.99 -81.71 18.54
N LEU B 518 25.56 -80.69 19.28
CA LEU B 518 24.19 -80.16 19.21
C LEU B 518 23.15 -81.24 19.43
N SER B 519 23.52 -82.33 20.09
CA SER B 519 22.67 -83.51 20.19
C SER B 519 22.07 -83.63 21.60
N SER B 520 20.85 -84.17 21.65
CA SER B 520 20.20 -84.50 22.90
C SER B 520 20.15 -86.01 23.15
N ASP B 521 20.85 -86.79 22.33
CA ASP B 521 20.85 -88.24 22.47
C ASP B 521 21.94 -88.65 23.46
N PRO B 522 21.60 -89.32 24.57
CA PRO B 522 22.65 -89.75 25.51
C PRO B 522 23.64 -90.74 24.93
N GLU B 523 23.20 -91.56 23.97
CA GLU B 523 24.09 -92.58 23.41
C GLU B 523 25.29 -91.96 22.69
N VAL B 524 25.07 -90.85 22.00
CA VAL B 524 26.19 -90.20 21.30
C VAL B 524 26.98 -89.31 22.26
N LEU B 525 26.32 -88.70 23.24
CA LEU B 525 27.02 -87.85 24.19
C LEU B 525 27.99 -88.67 25.05
N LEU B 526 27.59 -89.89 25.42
CA LEU B 526 28.49 -90.74 26.19
C LEU B 526 29.70 -91.18 25.38
N GLN B 527 29.65 -91.05 24.06
CA GLN B 527 30.79 -91.34 23.19
C GLN B 527 31.76 -90.17 23.08
N ILE B 528 31.45 -89.02 23.66
CA ILE B 528 32.32 -87.86 23.63
C ILE B 528 33.32 -87.96 24.78
N ASP B 529 34.58 -87.65 24.50
CA ASP B 529 35.60 -87.69 25.53
C ASP B 529 35.29 -86.68 26.62
N GLY B 530 35.32 -87.15 27.88
CA GLY B 530 35.04 -86.32 29.03
C GLY B 530 33.64 -86.46 29.57
N VAL B 531 32.68 -86.89 28.75
CA VAL B 531 31.31 -87.11 29.21
C VAL B 531 31.20 -88.54 29.69
N THR B 532 30.78 -88.72 30.95
CA THR B 532 30.69 -90.04 31.55
C THR B 532 29.29 -90.27 32.12
N GLU B 533 28.98 -91.54 32.35
CA GLU B 533 27.70 -91.92 32.93
C GLU B 533 27.55 -91.37 34.35
N ASP B 534 28.67 -91.30 35.10
CA ASP B 534 28.62 -90.75 36.45
C ASP B 534 28.22 -89.28 36.43
N LYS B 535 28.87 -88.49 35.57
CA LYS B 535 28.47 -87.09 35.43
C LYS B 535 27.10 -86.97 34.79
N LEU B 536 26.73 -87.94 33.95
CA LEU B 536 25.42 -87.92 33.32
C LEU B 536 24.31 -88.02 34.36
N GLU B 537 24.37 -89.05 35.22
CA GLU B 537 23.33 -89.23 36.23
C GLU B 537 23.13 -88.01 37.10
N LYS B 538 24.13 -87.12 37.19
CA LYS B 538 24.03 -85.92 38.00
C LYS B 538 23.57 -84.69 37.21
N TYR B 539 24.00 -84.55 35.95
CA TYR B 539 23.80 -83.30 35.22
C TYR B 539 22.97 -83.45 33.95
N GLY B 540 22.42 -84.64 33.68
CA GLY B 540 21.82 -84.90 32.39
C GLY B 540 20.57 -84.10 32.12
N ALA B 541 19.70 -83.96 33.12
CA ALA B 541 18.50 -83.16 32.95
C ALA B 541 18.86 -81.75 32.52
N GLU B 542 19.75 -81.10 33.26
CA GLU B 542 20.09 -79.70 32.99
C GLU B 542 20.79 -79.55 31.63
N VAL B 543 21.68 -80.47 31.29
CA VAL B 543 22.41 -80.30 30.03
C VAL B 543 21.54 -80.66 28.82
N ILE B 544 20.74 -81.72 28.94
CA ILE B 544 19.88 -82.14 27.85
C ILE B 544 18.74 -81.15 27.65
N SER B 545 18.33 -80.43 28.69
CA SER B 545 17.27 -79.44 28.51
C SER B 545 17.68 -78.37 27.49
N VAL B 546 18.93 -77.93 27.54
CA VAL B 546 19.38 -76.93 26.58
C VAL B 546 19.85 -77.58 25.27
N LEU B 547 20.38 -78.80 25.33
CA LEU B 547 20.79 -79.45 24.09
C LEU B 547 19.62 -79.90 23.24
N GLN B 548 18.45 -80.15 23.83
CA GLN B 548 17.29 -80.62 23.08
C GLN B 548 16.63 -79.49 22.29
N LYS B 549 16.68 -78.26 22.81
CA LYS B 549 16.18 -77.13 22.04
C LYS B 549 16.96 -76.92 20.74
N TYR B 550 18.20 -77.40 20.68
CA TYR B 550 19.05 -77.24 19.51
C TYR B 550 19.27 -78.56 18.76
N SER B 551 18.77 -79.67 19.30
CA SER B 551 18.81 -80.96 18.60
C SER B 551 18.30 -80.88 17.16
N GLU B 552 17.52 -79.85 16.82
CA GLU B 552 17.08 -79.68 15.44
C GLU B 552 18.26 -79.48 14.50
N TRP B 553 19.35 -78.89 14.99
CA TRP B 553 20.53 -78.61 14.17
C TRP B 553 21.62 -79.67 14.30
N THR B 554 21.32 -80.81 14.93
CA THR B 554 22.31 -81.86 15.07
C THR B 554 22.48 -82.69 13.80
N SER B 555 21.55 -82.59 12.86
CA SER B 555 21.64 -83.31 11.59
C SER B 555 21.99 -82.31 10.48
N PRO B 556 23.27 -82.18 10.10
CA PRO B 556 23.75 -81.20 9.12
C PRO B 556 23.06 -81.33 7.76
N ASN C 29 -15.62 -46.57 21.21
CA ASN C 29 -14.21 -46.27 21.38
C ASN C 29 -13.54 -47.25 22.32
N LEU C 30 -14.28 -47.69 23.34
CA LEU C 30 -13.74 -48.67 24.28
C LEU C 30 -13.46 -50.00 23.60
N LYS C 31 -14.24 -50.34 22.57
CA LYS C 31 -14.00 -51.58 21.83
C LYS C 31 -12.63 -51.54 21.14
N HIS C 32 -12.34 -50.46 20.43
CA HIS C 32 -11.03 -50.36 19.80
C HIS C 32 -9.92 -50.16 20.83
N GLU C 33 -10.26 -49.69 22.03
CA GLU C 33 -9.26 -49.62 23.08
C GLU C 33 -8.88 -51.02 23.56
N ARG C 34 -9.89 -51.88 23.73
CA ARG C 34 -9.62 -53.28 24.06
C ARG C 34 -8.90 -53.99 22.93
N PHE C 35 -9.16 -53.60 21.69
CA PHE C 35 -8.47 -54.20 20.55
C PHE C 35 -7.08 -53.63 20.35
N GLN C 36 -6.74 -52.52 21.01
CA GLN C 36 -5.38 -52.00 21.03
C GLN C 36 -4.66 -52.53 22.28
N SER C 37 -4.43 -53.84 22.32
CA SER C 37 -3.85 -54.45 23.51
C SER C 37 -2.86 -55.53 23.11
N LEU C 38 -1.75 -55.59 23.84
CA LEU C 38 -0.72 -56.59 23.64
C LEU C 38 -0.59 -57.56 24.80
N SER C 39 -1.67 -57.75 25.58
CA SER C 39 -1.64 -58.62 26.75
C SER C 39 -2.55 -59.83 26.58
N PHE C 40 -2.88 -60.20 25.36
CA PHE C 40 -3.69 -61.37 25.06
C PHE C 40 -2.84 -62.62 24.99
N PRO C 41 -3.44 -63.80 25.15
CA PRO C 41 -2.67 -65.04 25.01
C PRO C 41 -2.07 -65.23 23.63
N HIS C 42 -2.69 -64.68 22.58
CA HIS C 42 -2.18 -64.89 21.23
C HIS C 42 -1.06 -63.91 20.85
N THR C 43 -0.90 -62.82 21.61
CA THR C 43 0.04 -61.76 21.23
C THR C 43 1.43 -62.29 20.95
N LYS C 44 1.97 -63.12 21.85
CA LYS C 44 3.34 -63.61 21.69
C LYS C 44 3.53 -64.33 20.36
N GLU C 45 2.67 -65.30 20.06
CA GLU C 45 2.79 -66.04 18.81
C GLU C 45 2.50 -65.16 17.61
N MET C 46 1.49 -64.29 17.72
CA MET C 46 1.18 -63.38 16.63
C MET C 46 2.40 -62.55 16.26
N MET C 47 3.03 -61.92 17.26
CA MET C 47 4.22 -61.11 17.00
C MET C 47 5.38 -61.95 16.47
N LYS C 48 5.53 -63.17 17.00
CA LYS C 48 6.60 -64.04 16.51
C LYS C 48 6.45 -64.29 15.01
N ILE C 49 5.25 -64.67 14.58
CA ILE C 49 5.01 -64.90 13.15
C ILE C 49 5.10 -63.60 12.37
N PHE C 50 4.63 -62.50 12.97
CA PHE C 50 4.69 -61.18 12.34
C PHE C 50 6.12 -60.75 12.04
N HIS C 51 7.07 -61.16 12.88
CA HIS C 51 8.46 -60.76 12.68
C HIS C 51 9.24 -61.78 11.86
N LYS C 52 9.05 -63.07 12.10
CA LYS C 52 9.89 -64.10 11.49
C LYS C 52 9.35 -64.59 10.16
N LYS C 53 8.03 -64.73 10.02
CA LYS C 53 7.47 -65.28 8.79
C LYS C 53 7.15 -64.22 7.75
N PHE C 54 6.55 -63.11 8.16
CA PHE C 54 6.22 -62.04 7.22
C PHE C 54 7.35 -61.04 7.07
N GLY C 55 8.19 -60.89 8.09
CA GLY C 55 9.32 -59.98 8.01
C GLY C 55 8.98 -58.51 8.10
N LEU C 56 7.94 -58.16 8.85
CA LEU C 56 7.57 -56.77 9.06
C LEU C 56 8.02 -56.32 10.45
N HIS C 57 7.86 -55.02 10.71
CA HIS C 57 8.37 -54.45 11.95
C HIS C 57 7.32 -53.61 12.68
N ASN C 58 6.45 -52.93 11.94
CA ASN C 58 5.44 -52.07 12.54
C ASN C 58 4.10 -52.31 11.89
N PHE C 59 3.05 -52.38 12.71
CA PHE C 59 1.70 -52.49 12.18
C PHE C 59 1.25 -51.14 11.62
N ARG C 60 0.41 -51.21 10.59
CA ARG C 60 -0.18 -50.02 10.00
C ARG C 60 -1.51 -49.72 10.70
N THR C 61 -2.16 -48.64 10.26
CA THR C 61 -3.42 -48.24 10.85
C THR C 61 -4.45 -49.35 10.77
N ASN C 62 -5.05 -49.68 11.92
CA ASN C 62 -6.11 -50.67 12.11
C ASN C 62 -5.66 -52.11 11.89
N GLN C 63 -4.41 -52.35 11.51
CA GLN C 63 -3.97 -53.74 11.30
C GLN C 63 -3.96 -54.52 12.61
N LEU C 64 -3.32 -53.97 13.65
CA LEU C 64 -3.24 -54.68 14.92
C LEU C 64 -4.63 -54.90 15.52
N GLU C 65 -5.49 -53.88 15.45
CA GLU C 65 -6.83 -53.98 16.01
C GLU C 65 -7.63 -55.07 15.30
N ALA C 66 -7.58 -55.08 13.96
CA ALA C 66 -8.32 -56.09 13.20
C ALA C 66 -7.76 -57.48 13.46
N ILE C 67 -6.44 -57.61 13.57
CA ILE C 67 -5.83 -58.92 13.83
C ILE C 67 -6.25 -59.43 15.21
N ASN C 68 -6.24 -58.56 16.22
CA ASN C 68 -6.68 -58.95 17.56
C ASN C 68 -8.15 -59.36 17.55
N ALA C 69 -9.00 -58.55 16.91
CA ALA C 69 -10.42 -58.88 16.86
C ALA C 69 -10.65 -60.22 16.16
N ALA C 70 -9.91 -60.49 15.08
CA ALA C 70 -10.05 -61.76 14.38
C ALA C 70 -9.60 -62.93 15.26
N LEU C 71 -8.45 -62.78 15.92
CA LEU C 71 -7.94 -63.86 16.76
C LEU C 71 -8.77 -64.08 18.02
N LEU C 72 -9.62 -63.12 18.39
CA LEU C 72 -10.55 -63.31 19.48
C LEU C 72 -11.87 -63.93 19.02
N GLY C 73 -11.99 -64.27 17.73
CA GLY C 73 -13.17 -64.91 17.21
C GLY C 73 -14.25 -63.98 16.72
N GLU C 74 -13.98 -62.68 16.63
CA GLU C 74 -14.99 -61.72 16.19
C GLU C 74 -15.12 -61.73 14.67
N ASP C 75 -16.35 -61.46 14.21
CA ASP C 75 -16.57 -61.17 12.80
C ASP C 75 -16.08 -59.76 12.50
N CYS C 76 -15.41 -59.61 11.36
CA CYS C 76 -14.72 -58.36 11.05
C CYS C 76 -15.15 -57.82 9.70
N PHE C 77 -15.27 -56.50 9.61
CA PHE C 77 -15.52 -55.80 8.36
C PHE C 77 -14.47 -54.71 8.21
N ILE C 78 -13.63 -54.84 7.19
CA ILE C 78 -12.45 -54.00 7.02
C ILE C 78 -12.63 -53.15 5.77
N LEU C 79 -12.71 -51.83 5.96
CA LEU C 79 -12.65 -50.87 4.87
C LEU C 79 -11.28 -50.20 4.95
N MET C 80 -10.36 -50.63 4.08
CA MET C 80 -8.99 -50.15 4.09
C MET C 80 -8.59 -49.98 2.63
N PRO C 81 -7.97 -48.86 2.26
CA PRO C 81 -7.63 -48.63 0.86
C PRO C 81 -6.67 -49.69 0.32
N THR C 82 -6.66 -49.81 -1.00
CA THR C 82 -5.73 -50.75 -1.64
C THR C 82 -4.29 -50.34 -1.34
N GLY C 83 -3.47 -51.32 -0.98
CA GLY C 83 -2.13 -51.08 -0.53
C GLY C 83 -2.00 -50.78 0.95
N GLY C 84 -3.12 -50.64 1.66
CA GLY C 84 -3.09 -50.39 3.09
C GLY C 84 -2.62 -51.57 3.91
N GLY C 85 -2.70 -52.78 3.37
CA GLY C 85 -2.26 -53.97 4.09
C GLY C 85 -3.42 -54.85 4.52
N LYS C 86 -4.38 -55.06 3.62
CA LYS C 86 -5.55 -55.88 3.94
C LYS C 86 -5.20 -57.35 4.05
N SER C 87 -4.20 -57.81 3.28
CA SER C 87 -3.89 -59.24 3.23
C SER C 87 -3.44 -59.74 4.60
N LEU C 88 -2.55 -58.98 5.26
CA LEU C 88 -2.04 -59.39 6.56
C LEU C 88 -3.17 -59.62 7.56
N CYS C 89 -4.20 -58.77 7.51
CA CYS C 89 -5.28 -58.81 8.49
C CYS C 89 -5.93 -60.19 8.61
N TYR C 90 -5.93 -60.98 7.53
CA TYR C 90 -6.43 -62.35 7.62
C TYR C 90 -5.34 -63.40 7.46
N GLN C 91 -4.18 -63.05 6.91
CA GLN C 91 -3.16 -64.06 6.70
C GLN C 91 -2.36 -64.32 7.97
N LEU C 92 -2.12 -63.29 8.79
CA LEU C 92 -1.42 -63.49 10.05
C LEU C 92 -2.29 -64.26 11.06
N PRO C 93 -3.56 -63.90 11.28
CA PRO C 93 -4.39 -64.77 12.12
C PRO C 93 -4.52 -66.18 11.58
N ALA C 94 -4.57 -66.34 10.25
CA ALA C 94 -4.61 -67.67 9.66
C ALA C 94 -3.37 -68.48 10.07
N CYS C 95 -2.22 -67.82 10.19
CA CYS C 95 -1.03 -68.52 10.64
C CYS C 95 -1.08 -68.81 12.13
N VAL C 96 -1.72 -67.93 12.91
CA VAL C 96 -1.78 -68.15 14.34
C VAL C 96 -2.81 -69.21 14.69
N SER C 97 -3.99 -69.16 14.08
CA SER C 97 -5.09 -70.03 14.46
C SER C 97 -4.82 -71.47 14.02
N PRO C 98 -5.33 -72.45 14.74
CA PRO C 98 -5.28 -73.84 14.28
C PRO C 98 -6.30 -74.08 13.18
N GLY C 99 -5.99 -75.04 12.32
CA GLY C 99 -6.89 -75.39 11.25
C GLY C 99 -6.69 -74.54 10.02
N VAL C 100 -7.68 -74.59 9.13
CA VAL C 100 -7.60 -73.99 7.81
C VAL C 100 -8.49 -72.75 7.77
N THR C 101 -7.97 -71.69 7.16
CA THR C 101 -8.75 -70.49 6.87
C THR C 101 -9.13 -70.54 5.39
N VAL C 102 -10.43 -70.48 5.12
CA VAL C 102 -10.95 -70.53 3.75
C VAL C 102 -11.18 -69.11 3.27
N VAL C 103 -10.51 -68.74 2.18
CA VAL C 103 -10.58 -67.40 1.62
C VAL C 103 -11.36 -67.49 0.31
N ILE C 104 -12.46 -66.76 0.22
CA ILE C 104 -13.31 -66.72 -0.97
C ILE C 104 -12.88 -65.52 -1.79
N SER C 105 -12.49 -65.75 -3.04
CA SER C 105 -12.01 -64.70 -3.93
C SER C 105 -12.73 -64.78 -5.27
N PRO C 106 -12.97 -63.64 -5.91
CA PRO C 106 -13.81 -63.64 -7.13
C PRO C 106 -13.09 -64.06 -8.40
N LEU C 107 -11.76 -64.11 -8.42
CA LEU C 107 -11.03 -64.32 -9.66
C LEU C 107 -9.94 -65.36 -9.47
N ARG C 108 -9.82 -66.27 -10.44
CA ARG C 108 -8.76 -67.26 -10.43
C ARG C 108 -7.38 -66.60 -10.51
N SER C 109 -7.28 -65.51 -11.29
CA SER C 109 -6.01 -64.81 -11.41
C SER C 109 -5.55 -64.28 -10.04
N LEU C 110 -6.47 -63.63 -9.32
CA LEU C 110 -6.15 -63.14 -7.98
C LEU C 110 -5.75 -64.27 -7.06
N ILE C 111 -6.45 -65.40 -7.15
CA ILE C 111 -6.17 -66.55 -6.30
C ILE C 111 -4.76 -67.07 -6.56
N VAL C 112 -4.42 -67.26 -7.84
CA VAL C 112 -3.09 -67.77 -8.19
C VAL C 112 -2.01 -66.80 -7.74
N ASP C 113 -2.23 -65.50 -7.94
CA ASP C 113 -1.26 -64.50 -7.52
C ASP C 113 -1.03 -64.54 -6.01
N GLN C 114 -2.11 -64.55 -5.23
CA GLN C 114 -1.98 -64.50 -3.78
C GLN C 114 -1.37 -65.79 -3.23
N VAL C 115 -1.75 -66.95 -3.77
CA VAL C 115 -1.17 -68.20 -3.30
C VAL C 115 0.30 -68.27 -3.66
N GLN C 116 0.69 -67.75 -4.83
CA GLN C 116 2.09 -67.70 -5.19
C GLN C 116 2.88 -66.83 -4.22
N LYS C 117 2.33 -65.66 -3.87
CA LYS C 117 3.00 -64.79 -2.91
C LYS C 117 3.15 -65.49 -1.56
N LEU C 118 2.09 -66.16 -1.09
CA LEU C 118 2.15 -66.84 0.20
C LEU C 118 3.18 -67.96 0.20
N THR C 119 3.22 -68.76 -0.87
CA THR C 119 4.21 -69.83 -0.95
C THR C 119 5.63 -69.26 -1.04
N SER C 120 5.79 -68.11 -1.70
CA SER C 120 7.09 -67.44 -1.67
C SER C 120 7.46 -67.04 -0.25
N LEU C 121 6.46 -66.65 0.56
CA LEU C 121 6.71 -66.37 1.97
C LEU C 121 6.85 -67.63 2.81
N ASP C 122 6.77 -68.82 2.21
CA ASP C 122 6.88 -70.10 2.91
C ASP C 122 5.74 -70.30 3.92
N ILE C 123 4.55 -69.86 3.54
CA ILE C 123 3.32 -70.08 4.31
C ILE C 123 2.51 -71.16 3.60
N PRO C 124 2.13 -72.26 4.27
CA PRO C 124 1.34 -73.30 3.59
C PRO C 124 0.00 -72.79 3.11
N ALA C 125 -0.18 -72.74 1.78
CA ALA C 125 -1.40 -72.24 1.19
C ALA C 125 -1.63 -72.94 -0.13
N THR C 126 -2.90 -73.17 -0.45
CA THR C 126 -3.26 -73.84 -1.70
C THR C 126 -4.66 -73.41 -2.11
N TYR C 127 -5.07 -73.82 -3.31
CA TYR C 127 -6.36 -73.44 -3.83
C TYR C 127 -7.01 -74.60 -4.59
N LEU C 128 -8.33 -74.53 -4.70
CA LEU C 128 -9.15 -75.48 -5.47
C LEU C 128 -10.04 -74.69 -6.41
N THR C 129 -9.53 -74.44 -7.62
CA THR C 129 -10.32 -73.83 -8.67
C THR C 129 -10.27 -74.72 -9.91
N GLY C 130 -10.80 -74.24 -11.02
CA GLY C 130 -10.79 -75.03 -12.24
C GLY C 130 -9.45 -75.21 -12.90
N ASP C 131 -8.37 -74.69 -12.31
CA ASP C 131 -7.05 -74.81 -12.89
C ASP C 131 -6.21 -75.91 -12.25
N LYS C 132 -6.66 -76.48 -11.13
CA LYS C 132 -6.00 -77.65 -10.57
C LYS C 132 -6.52 -78.91 -11.24
N THR C 133 -5.63 -79.87 -11.46
CA THR C 133 -6.03 -81.15 -12.02
C THR C 133 -6.73 -81.99 -10.96
N ASP C 134 -7.46 -83.01 -11.41
CA ASP C 134 -8.18 -83.90 -10.49
C ASP C 134 -7.21 -84.55 -9.51
N SER C 135 -6.01 -84.90 -9.96
CA SER C 135 -5.03 -85.51 -9.08
C SER C 135 -4.56 -84.51 -8.02
N GLU C 136 -4.31 -83.26 -8.42
CA GLU C 136 -3.93 -82.24 -7.44
C GLU C 136 -5.05 -82.00 -6.44
N ALA C 137 -6.30 -82.04 -6.91
CA ALA C 137 -7.44 -81.90 -6.00
C ALA C 137 -7.47 -83.05 -4.98
N THR C 138 -7.27 -84.28 -5.46
CA THR C 138 -7.23 -85.42 -4.54
C THR C 138 -6.11 -85.28 -3.53
N ASN C 139 -4.94 -84.80 -3.98
CA ASN C 139 -3.82 -84.60 -3.06
C ASN C 139 -4.14 -83.55 -2.01
N ILE C 140 -4.81 -82.47 -2.42
CA ILE C 140 -5.15 -81.43 -1.47
C ILE C 140 -6.18 -81.94 -0.45
N TYR C 141 -7.20 -82.67 -0.93
CA TYR C 141 -8.18 -83.23 0.00
C TYR C 141 -7.52 -84.19 0.98
N LEU C 142 -6.56 -85.00 0.49
CA LEU C 142 -5.86 -85.92 1.37
C LEU C 142 -5.03 -85.17 2.41
N GLN C 143 -4.36 -84.10 1.99
CA GLN C 143 -3.60 -83.30 2.94
C GLN C 143 -4.50 -82.65 3.98
N LEU C 144 -5.67 -82.18 3.56
CA LEU C 144 -6.62 -81.59 4.50
C LEU C 144 -7.23 -82.63 5.44
N SER C 145 -7.27 -83.90 5.02
CA SER C 145 -7.87 -84.94 5.85
C SER C 145 -6.93 -85.48 6.93
N LYS C 146 -5.64 -85.15 6.89
CA LYS C 146 -4.73 -85.64 7.90
C LYS C 146 -5.05 -85.05 9.28
N LYS C 147 -4.50 -85.67 10.33
CA LYS C 147 -4.71 -85.17 11.68
C LYS C 147 -4.22 -83.74 11.81
N ASP C 148 -3.12 -83.42 11.12
CA ASP C 148 -2.60 -82.06 11.03
C ASP C 148 -2.69 -81.66 9.56
N PRO C 149 -3.65 -80.81 9.19
CA PRO C 149 -3.79 -80.43 7.77
C PRO C 149 -2.66 -79.56 7.25
N ILE C 150 -1.77 -79.05 8.12
CA ILE C 150 -0.61 -78.26 7.74
C ILE C 150 -1.02 -76.99 7.00
N ILE C 151 -1.90 -77.13 6.00
CA ILE C 151 -2.36 -75.99 5.23
C ILE C 151 -3.01 -74.97 6.15
N LYS C 152 -2.66 -73.70 5.96
CA LYS C 152 -3.26 -72.61 6.72
C LYS C 152 -4.24 -71.77 5.92
N LEU C 153 -4.11 -71.74 4.59
CA LEU C 153 -4.98 -70.91 3.76
C LEU C 153 -5.42 -71.71 2.54
N LEU C 154 -6.73 -71.80 2.35
CA LEU C 154 -7.34 -72.47 1.21
C LEU C 154 -8.17 -71.46 0.42
N TYR C 155 -7.75 -71.16 -0.80
CA TYR C 155 -8.44 -70.18 -1.63
C TYR C 155 -9.44 -70.86 -2.56
N VAL C 156 -10.67 -70.32 -2.58
CA VAL C 156 -11.74 -70.85 -3.42
C VAL C 156 -12.53 -69.69 -4.01
N THR C 157 -13.27 -69.98 -5.08
CA THR C 157 -14.21 -69.04 -5.66
C THR C 157 -15.60 -69.26 -5.10
N PRO C 158 -16.47 -68.25 -5.15
CA PRO C 158 -17.86 -68.47 -4.70
C PRO C 158 -18.57 -69.58 -5.48
N GLU C 159 -18.26 -69.70 -6.77
CA GLU C 159 -18.88 -70.75 -7.58
C GLU C 159 -18.42 -72.14 -7.16
N LYS C 160 -17.18 -72.25 -6.70
CA LYS C 160 -16.67 -73.54 -6.23
C LYS C 160 -17.43 -74.01 -4.99
N ILE C 161 -17.80 -73.08 -4.11
CA ILE C 161 -18.52 -73.44 -2.89
C ILE C 161 -19.94 -73.91 -3.21
N CYS C 162 -20.54 -73.36 -4.27
CA CYS C 162 -21.93 -73.66 -4.63
C CYS C 162 -22.04 -74.72 -5.70
N ALA C 163 -20.98 -75.51 -5.92
CA ALA C 163 -21.01 -76.57 -6.91
C ALA C 163 -20.30 -77.84 -6.47
N SER C 164 -19.25 -77.75 -5.66
CA SER C 164 -18.52 -78.93 -5.22
C SER C 164 -19.14 -79.47 -3.93
N ASN C 165 -19.79 -80.64 -4.04
CA ASN C 165 -20.22 -81.33 -2.83
C ASN C 165 -19.03 -81.89 -2.08
N ARG C 166 -17.96 -82.24 -2.82
CA ARG C 166 -16.74 -82.75 -2.20
C ARG C 166 -16.08 -81.70 -1.31
N LEU C 167 -16.02 -80.47 -1.80
CA LEU C 167 -15.43 -79.39 -1.00
C LEU C 167 -16.24 -79.14 0.26
N ILE C 168 -17.56 -79.18 0.16
CA ILE C 168 -18.41 -78.98 1.33
C ILE C 168 -18.22 -80.13 2.32
N SER C 169 -18.09 -81.36 1.83
CA SER C 169 -17.84 -82.48 2.74
C SER C 169 -16.50 -82.34 3.43
N THR C 170 -15.49 -81.84 2.72
CA THR C 170 -14.20 -81.58 3.37
C THR C 170 -14.32 -80.48 4.41
N LEU C 171 -15.09 -79.43 4.12
CA LEU C 171 -15.31 -78.38 5.10
C LEU C 171 -16.04 -78.91 6.33
N GLU C 172 -16.98 -79.83 6.12
CA GLU C 172 -17.67 -80.46 7.24
C GLU C 172 -16.71 -81.30 8.07
N ASN C 173 -15.83 -82.06 7.41
CA ASN C 173 -14.83 -82.84 8.12
C ASN C 173 -13.96 -81.93 8.99
N LEU C 174 -13.51 -80.81 8.44
CA LEU C 174 -12.70 -79.87 9.22
C LEU C 174 -13.51 -79.25 10.36
N TYR C 175 -14.79 -78.93 10.10
CA TYR C 175 -15.64 -78.30 11.11
C TYR C 175 -15.87 -79.24 12.30
N GLU C 176 -16.09 -80.52 12.03
CA GLU C 176 -16.35 -81.47 13.11
C GLU C 176 -15.11 -81.66 13.97
N ARG C 177 -13.92 -81.48 13.39
CA ARG C 177 -12.65 -81.62 14.07
C ARG C 177 -12.13 -80.30 14.63
N LYS C 178 -12.99 -79.27 14.68
CA LYS C 178 -12.64 -77.96 15.22
C LYS C 178 -11.43 -77.36 14.51
N LEU C 179 -11.30 -77.62 13.22
CA LEU C 179 -10.17 -77.14 12.42
C LEU C 179 -10.61 -76.27 11.25
N LEU C 180 -11.79 -75.68 11.34
CA LEU C 180 -12.26 -74.71 10.35
C LEU C 180 -12.19 -73.34 11.01
N ALA C 181 -11.12 -72.61 10.72
CA ALA C 181 -10.80 -71.41 11.48
C ALA C 181 -11.71 -70.23 11.12
N ARG C 182 -11.64 -69.76 9.88
CA ARG C 182 -12.30 -68.53 9.48
CA ARG C 182 -12.36 -68.56 9.50
C ARG C 182 -12.79 -68.66 8.05
N PHE C 183 -13.71 -67.77 7.68
CA PHE C 183 -14.13 -67.57 6.30
C PHE C 183 -13.81 -66.13 5.92
N VAL C 184 -12.99 -65.95 4.89
CA VAL C 184 -12.54 -64.63 4.45
C VAL C 184 -13.16 -64.33 3.10
N ILE C 185 -13.75 -63.14 2.98
CA ILE C 185 -14.33 -62.66 1.73
C ILE C 185 -13.47 -61.51 1.26
N ASP C 186 -12.61 -61.80 0.29
CA ASP C 186 -11.69 -60.82 -0.28
C ASP C 186 -12.43 -60.02 -1.35
N GLU C 187 -12.32 -58.69 -1.25
CA GLU C 187 -13.08 -57.79 -2.12
C GLU C 187 -14.58 -58.01 -1.93
N ALA C 188 -15.04 -57.75 -0.70
CA ALA C 188 -16.40 -58.10 -0.31
C ALA C 188 -17.45 -57.32 -1.08
N HIS C 189 -17.08 -56.18 -1.69
CA HIS C 189 -18.03 -55.41 -2.48
C HIS C 189 -18.60 -56.26 -3.61
N CYS C 190 -17.84 -57.24 -4.10
CA CYS C 190 -18.33 -58.12 -5.16
C CYS C 190 -19.62 -58.83 -4.72
N VAL C 191 -19.72 -59.16 -3.44
CA VAL C 191 -20.95 -59.77 -2.92
C VAL C 191 -22.15 -58.91 -3.30
N SER C 192 -22.03 -57.59 -3.11
CA SER C 192 -23.11 -56.69 -3.46
C SER C 192 -23.11 -56.32 -4.93
N GLN C 193 -21.99 -56.52 -5.64
CA GLN C 193 -21.92 -56.07 -7.03
C GLN C 193 -22.48 -57.09 -8.00
N TRP C 194 -22.29 -58.38 -7.71
CA TRP C 194 -22.77 -59.43 -8.59
C TRP C 194 -23.64 -60.45 -7.89
N GLY C 195 -23.90 -60.28 -6.59
CA GLY C 195 -24.66 -61.29 -5.85
C GLY C 195 -26.13 -61.32 -6.18
N HIS C 196 -26.67 -60.24 -6.76
CA HIS C 196 -28.08 -60.18 -7.10
C HIS C 196 -28.34 -60.56 -8.56
N ASP C 197 -27.29 -60.61 -9.38
CA ASP C 197 -27.40 -60.89 -10.81
C ASP C 197 -25.98 -61.07 -11.34
N PHE C 198 -25.86 -61.89 -12.39
CA PHE C 198 -24.60 -62.21 -13.09
C PHE C 198 -23.81 -63.30 -12.38
N ARG C 199 -23.51 -63.13 -11.09
CA ARG C 199 -22.81 -64.15 -10.30
C ARG C 199 -23.54 -64.35 -8.98
N GLN C 200 -24.70 -65.01 -9.05
CA GLN C 200 -25.57 -65.16 -7.89
C GLN C 200 -25.06 -66.15 -6.85
N ASP C 201 -24.01 -66.93 -7.16
CA ASP C 201 -23.45 -67.80 -6.13
C ASP C 201 -22.93 -66.98 -4.95
N TYR C 202 -22.48 -65.75 -5.21
CA TYR C 202 -22.07 -64.85 -4.14
C TYR C 202 -23.16 -64.66 -3.10
N LYS C 203 -24.42 -64.80 -3.50
CA LYS C 203 -25.49 -64.83 -2.51
C LYS C 203 -25.66 -66.23 -1.94
N ARG C 204 -25.75 -67.24 -2.80
CA ARG C 204 -25.99 -68.61 -2.34
C ARG C 204 -24.92 -69.09 -1.37
N MET C 205 -23.71 -68.52 -1.44
CA MET C 205 -22.63 -68.96 -0.58
C MET C 205 -22.91 -68.65 0.90
N ASN C 206 -23.86 -67.77 1.20
CA ASN C 206 -24.26 -67.58 2.60
C ASN C 206 -24.73 -68.88 3.23
N MET C 207 -25.08 -69.88 2.40
CA MET C 207 -25.34 -71.25 2.87
C MET C 207 -24.32 -71.69 3.91
N LEU C 208 -23.04 -71.36 3.68
CA LEU C 208 -21.99 -71.78 4.61
C LEU C 208 -22.28 -71.32 6.03
N ARG C 209 -22.74 -70.07 6.17
CA ARG C 209 -23.02 -69.52 7.49
C ARG C 209 -24.11 -70.30 8.22
N GLN C 210 -24.94 -71.04 7.49
CA GLN C 210 -25.92 -71.91 8.14
C GLN C 210 -25.31 -73.26 8.49
N LYS C 211 -24.41 -73.78 7.65
CA LYS C 211 -23.86 -75.10 7.90
C LYS C 211 -22.78 -75.09 8.96
N PHE C 212 -21.98 -74.03 9.03
CA PHE C 212 -20.89 -73.91 9.99
C PHE C 212 -21.06 -72.58 10.73
N PRO C 213 -22.03 -72.50 11.64
CA PRO C 213 -22.37 -71.21 12.24
C PRO C 213 -21.34 -70.69 13.22
N SER C 214 -20.49 -71.55 13.78
CA SER C 214 -19.51 -71.11 14.77
C SER C 214 -18.24 -70.57 14.14
N VAL C 215 -18.09 -70.67 12.83
CA VAL C 215 -16.89 -70.20 12.15
C VAL C 215 -17.03 -68.70 11.92
N PRO C 216 -16.07 -67.88 12.36
CA PRO C 216 -16.17 -66.44 12.17
C PRO C 216 -15.91 -66.04 10.72
N VAL C 217 -16.42 -64.87 10.36
CA VAL C 217 -16.32 -64.33 9.01
C VAL C 217 -15.60 -62.98 9.05
N MET C 218 -14.73 -62.76 8.07
CA MET C 218 -14.03 -61.50 7.90
C MET C 218 -14.19 -61.06 6.45
N ALA C 219 -14.79 -59.90 6.24
CA ALA C 219 -14.99 -59.32 4.92
C ALA C 219 -14.04 -58.14 4.75
N LEU C 220 -13.37 -58.08 3.59
CA LEU C 220 -12.40 -57.03 3.30
C LEU C 220 -12.79 -56.30 2.03
N THR C 221 -12.68 -54.97 2.07
CA THR C 221 -12.98 -54.17 0.88
C THR C 221 -12.29 -52.82 1.00
N ALA C 222 -12.01 -52.22 -0.16
CA ALA C 222 -11.45 -50.89 -0.22
C ALA C 222 -12.46 -49.84 -0.67
N THR C 223 -13.62 -50.27 -1.18
CA THR C 223 -14.61 -49.35 -1.71
C THR C 223 -15.99 -49.89 -1.42
N ALA C 224 -16.79 -49.13 -0.65
CA ALA C 224 -18.16 -49.50 -0.33
C ALA C 224 -18.88 -48.33 0.35
N ASN C 225 -19.90 -47.79 -0.30
CA ASN C 225 -20.72 -46.76 0.33
C ASN C 225 -21.53 -47.42 1.45
N PRO C 226 -22.14 -46.62 2.34
CA PRO C 226 -22.85 -47.25 3.49
C PRO C 226 -23.90 -48.26 3.08
N ARG C 227 -24.64 -47.99 1.99
CA ARG C 227 -25.64 -48.92 1.53
C ARG C 227 -25.01 -50.25 1.11
N VAL C 228 -23.90 -50.20 0.37
CA VAL C 228 -23.23 -51.43 -0.02
C VAL C 228 -22.58 -52.09 1.20
N GLN C 229 -22.13 -51.32 2.17
CA GLN C 229 -21.63 -51.92 3.42
C GLN C 229 -22.71 -52.78 4.07
N LYS C 230 -23.88 -52.19 4.28
CA LYS C 230 -24.98 -52.94 4.89
C LYS C 230 -25.44 -54.09 4.01
N ASP C 231 -25.37 -53.94 2.68
CA ASP C 231 -25.72 -55.04 1.78
C ASP C 231 -24.75 -56.20 1.94
N ILE C 232 -23.45 -55.91 1.99
CA ILE C 232 -22.45 -56.96 2.20
C ILE C 232 -22.70 -57.66 3.51
N LEU C 233 -22.95 -56.89 4.57
CA LEU C 233 -23.15 -57.48 5.89
C LEU C 233 -24.41 -58.34 5.93
N THR C 234 -25.48 -57.91 5.27
CA THR C 234 -26.71 -58.70 5.25
C THR C 234 -26.55 -59.98 4.42
N GLN C 235 -25.93 -59.87 3.24
CA GLN C 235 -25.82 -61.02 2.36
C GLN C 235 -24.91 -62.10 2.93
N LEU C 236 -23.87 -61.71 3.67
CA LEU C 236 -22.98 -62.67 4.30
C LEU C 236 -23.52 -63.17 5.64
N LYS C 237 -24.65 -62.65 6.11
CA LYS C 237 -25.26 -63.04 7.38
C LYS C 237 -24.29 -62.80 8.55
N ILE C 238 -23.92 -61.54 8.72
CA ILE C 238 -23.12 -61.08 9.85
C ILE C 238 -23.93 -60.01 10.55
N LEU C 239 -24.30 -60.28 11.80
CA LEU C 239 -25.24 -59.43 12.54
C LEU C 239 -24.55 -58.50 13.53
N ARG C 240 -23.27 -58.71 13.83
CA ARG C 240 -22.56 -57.89 14.81
C ARG C 240 -21.07 -57.88 14.51
N PRO C 241 -20.62 -57.22 13.43
CA PRO C 241 -19.20 -57.20 13.14
C PRO C 241 -18.46 -56.03 13.79
N GLN C 242 -17.17 -56.25 14.02
CA GLN C 242 -16.27 -55.15 14.35
C GLN C 242 -15.86 -54.45 13.07
N VAL C 243 -16.12 -53.15 12.97
CA VAL C 243 -15.91 -52.39 11.75
C VAL C 243 -14.64 -51.56 11.92
N PHE C 244 -13.69 -51.76 11.01
CA PHE C 244 -12.45 -50.99 11.01
C PHE C 244 -12.36 -50.24 9.68
N SER C 245 -12.47 -48.92 9.75
CA SER C 245 -12.54 -48.07 8.55
C SER C 245 -11.38 -47.08 8.53
N MET C 246 -11.22 -46.43 7.39
CA MET C 246 -10.17 -45.43 7.19
C MET C 246 -10.69 -44.35 6.23
N SER C 247 -9.84 -43.36 5.97
CA SER C 247 -10.21 -42.25 5.11
C SER C 247 -10.34 -42.70 3.66
N PHE C 248 -11.44 -42.33 3.02
CA PHE C 248 -11.64 -42.61 1.59
C PHE C 248 -10.90 -41.66 0.68
N ASN C 249 -10.27 -40.60 1.21
CA ASN C 249 -9.64 -39.61 0.37
C ASN C 249 -8.39 -40.17 -0.31
N ARG C 250 -8.23 -39.83 -1.58
CA ARG C 250 -7.02 -40.14 -2.34
C ARG C 250 -6.29 -38.80 -2.52
N HIS C 251 -5.34 -38.55 -1.62
CA HIS C 251 -4.77 -37.21 -1.49
C HIS C 251 -3.97 -36.79 -2.72
N ASN C 252 -3.43 -37.75 -3.47
CA ASN C 252 -2.49 -37.44 -4.55
C ASN C 252 -3.12 -37.47 -5.94
N LEU C 253 -4.43 -37.59 -6.03
CA LEU C 253 -5.12 -37.73 -7.31
C LEU C 253 -5.84 -36.43 -7.67
N LYS C 254 -5.69 -36.01 -8.93
CA LYS C 254 -6.41 -34.86 -9.47
C LYS C 254 -7.54 -35.34 -10.36
N TYR C 255 -8.78 -35.00 -9.99
CA TYR C 255 -9.96 -35.47 -10.71
C TYR C 255 -10.40 -34.44 -11.75
N TYR C 256 -10.58 -34.91 -12.98
CA TYR C 256 -11.00 -34.09 -14.12
C TYR C 256 -12.14 -34.78 -14.85
N VAL C 257 -13.10 -34.00 -15.34
CA VAL C 257 -14.10 -34.49 -16.28
C VAL C 257 -14.26 -33.47 -17.41
N LEU C 258 -14.03 -33.91 -18.65
CA LEU C 258 -14.11 -33.02 -19.79
C LEU C 258 -15.21 -33.48 -20.75
N PRO C 259 -15.81 -32.57 -21.49
CA PRO C 259 -16.84 -32.96 -22.47
C PRO C 259 -16.25 -33.80 -23.59
N LYS C 260 -16.97 -34.87 -23.95
CA LYS C 260 -16.52 -35.83 -24.94
C LYS C 260 -17.17 -35.57 -26.29
N LYS C 261 -16.35 -35.56 -27.35
CA LYS C 261 -16.84 -35.60 -28.72
C LYS C 261 -16.82 -37.04 -29.18
N PRO C 262 -17.97 -37.70 -29.35
CA PRO C 262 -17.99 -39.16 -29.55
C PRO C 262 -17.14 -39.67 -30.71
N LYS C 263 -16.87 -38.85 -31.72
CA LYS C 263 -16.11 -39.28 -32.89
C LYS C 263 -14.75 -38.58 -32.99
N LYS C 264 -14.05 -38.44 -31.87
CA LYS C 264 -12.74 -37.80 -31.84
C LYS C 264 -12.07 -38.00 -30.50
N VAL C 265 -12.80 -38.60 -29.54
CA VAL C 265 -12.33 -38.68 -28.17
C VAL C 265 -10.95 -39.33 -28.11
N ALA C 266 -10.74 -40.39 -28.90
CA ALA C 266 -9.45 -41.06 -28.90
C ALA C 266 -8.33 -40.07 -29.19
N PHE C 267 -8.46 -39.32 -30.29
CA PHE C 267 -7.42 -38.34 -30.62
C PHE C 267 -7.24 -37.36 -29.48
N ASP C 268 -8.36 -36.93 -28.87
CA ASP C 268 -8.26 -36.04 -27.73
C ASP C 268 -7.40 -36.63 -26.62
N CYS C 269 -7.70 -37.88 -26.20
CA CYS C 269 -6.89 -38.49 -25.13
C CYS C 269 -5.42 -38.52 -25.54
N LEU C 270 -5.16 -38.88 -26.81
CA LEU C 270 -3.81 -38.88 -27.33
C LEU C 270 -3.16 -37.53 -27.10
N GLU C 271 -3.87 -36.46 -27.49
CA GLU C 271 -3.33 -35.12 -27.33
C GLU C 271 -3.05 -34.86 -25.87
N TRP C 272 -3.99 -35.25 -25.01
CA TRP C 272 -3.82 -35.00 -23.59
C TRP C 272 -2.61 -35.77 -23.06
N ILE C 273 -2.46 -37.02 -23.49
CA ILE C 273 -1.37 -37.86 -23.00
C ILE C 273 -0.02 -37.23 -23.30
N ARG C 274 0.24 -36.96 -24.58
CA ARG C 274 1.58 -36.52 -24.98
C ARG C 274 1.96 -35.23 -24.28
N LYS C 275 0.98 -34.37 -24.02
CA LYS C 275 1.28 -33.10 -23.37
C LYS C 275 1.69 -33.31 -21.91
N HIS C 276 1.13 -34.31 -21.26
CA HIS C 276 1.28 -34.45 -19.81
C HIS C 276 2.12 -35.64 -19.38
N HIS C 277 1.93 -36.81 -20.00
CA HIS C 277 2.62 -38.04 -19.63
C HIS C 277 2.92 -38.89 -20.87
N PRO C 278 3.83 -38.42 -21.74
CA PRO C 278 4.14 -39.19 -22.95
C PRO C 278 4.87 -40.50 -22.67
N TYR C 279 5.53 -40.67 -21.52
CA TYR C 279 6.31 -41.87 -21.24
C TYR C 279 5.89 -42.59 -19.97
N ASP C 280 4.66 -42.35 -19.49
CA ASP C 280 4.21 -42.90 -18.23
C ASP C 280 3.10 -43.92 -18.46
N SER C 281 3.03 -44.90 -17.56
CA SER C 281 2.02 -45.95 -17.70
C SER C 281 0.64 -45.41 -17.39
N GLY C 282 -0.35 -45.96 -18.11
CA GLY C 282 -1.72 -45.51 -17.92
C GLY C 282 -2.73 -46.53 -18.40
N ILE C 283 -3.97 -46.29 -17.97
CA ILE C 283 -5.11 -47.11 -18.33
C ILE C 283 -6.16 -46.21 -18.97
N ILE C 284 -6.73 -46.67 -20.07
CA ILE C 284 -7.88 -46.02 -20.70
C ILE C 284 -9.03 -47.01 -20.62
N TYR C 285 -9.98 -46.74 -19.73
CA TYR C 285 -11.13 -47.62 -19.57
C TYR C 285 -12.19 -47.28 -20.60
N CYS C 286 -12.70 -48.31 -21.27
CA CYS C 286 -13.65 -48.15 -22.37
C CYS C 286 -14.94 -48.89 -22.04
N LEU C 287 -16.01 -48.47 -22.70
CA LEU C 287 -17.32 -49.06 -22.46
C LEU C 287 -17.47 -50.40 -23.14
N SER C 288 -16.88 -50.55 -24.33
CA SER C 288 -17.05 -51.75 -25.14
C SER C 288 -15.69 -52.26 -25.62
N ARG C 289 -15.69 -53.50 -26.11
CA ARG C 289 -14.47 -54.10 -26.66
C ARG C 289 -14.02 -53.40 -27.94
N ARG C 290 -14.96 -53.09 -28.83
CA ARG C 290 -14.61 -52.42 -30.08
C ARG C 290 -13.99 -51.06 -29.81
N GLU C 291 -14.47 -50.37 -28.78
CA GLU C 291 -13.85 -49.11 -28.38
C GLU C 291 -12.41 -49.32 -27.95
N CYS C 292 -12.15 -50.40 -27.19
CA CYS C 292 -10.77 -50.71 -26.81
C CYS C 292 -9.91 -50.91 -28.05
N ASP C 293 -10.42 -51.68 -29.02
CA ASP C 293 -9.64 -51.96 -30.22
C ASP C 293 -9.34 -50.67 -31.00
N THR C 294 -10.34 -49.81 -31.18
CA THR C 294 -10.12 -48.60 -31.98
C THR C 294 -9.25 -47.58 -31.25
N MET C 295 -9.40 -47.49 -29.92
CA MET C 295 -8.55 -46.63 -29.13
C MET C 295 -7.09 -47.07 -29.22
N ALA C 296 -6.85 -48.37 -29.05
CA ALA C 296 -5.50 -48.90 -29.17
C ALA C 296 -4.95 -48.68 -30.57
N ASP C 297 -5.80 -48.83 -31.59
CA ASP C 297 -5.35 -48.64 -32.97
C ASP C 297 -4.90 -47.19 -33.20
N THR C 298 -5.70 -46.22 -32.74
CA THR C 298 -5.32 -44.82 -32.90
C THR C 298 -4.00 -44.52 -32.19
N LEU C 299 -3.89 -44.94 -30.93
CA LEU C 299 -2.67 -44.66 -30.17
C LEU C 299 -1.47 -45.35 -30.79
N GLN C 300 -1.66 -46.53 -31.37
CA GLN C 300 -0.56 -47.20 -32.06
C GLN C 300 -0.18 -46.45 -33.33
N ARG C 301 -1.19 -45.97 -34.07
CA ARG C 301 -0.90 -45.24 -35.30
C ARG C 301 -0.10 -43.97 -35.02
N ASP C 302 -0.23 -43.41 -33.83
CA ASP C 302 0.60 -42.24 -33.53
C ASP C 302 1.87 -42.61 -32.78
N GLY C 303 2.22 -43.90 -32.73
CA GLY C 303 3.48 -44.35 -32.17
C GLY C 303 3.50 -44.59 -30.69
N LEU C 304 2.35 -44.57 -30.03
CA LEU C 304 2.27 -44.89 -28.61
C LEU C 304 2.02 -46.38 -28.42
N ALA C 305 2.82 -47.02 -27.57
CA ALA C 305 2.69 -48.45 -27.32
C ALA C 305 1.46 -48.66 -26.44
N ALA C 306 0.30 -48.73 -27.08
CA ALA C 306 -0.96 -48.96 -26.41
C ALA C 306 -1.54 -50.29 -26.88
N LEU C 307 -2.11 -51.05 -25.95
CA LEU C 307 -2.62 -52.37 -26.26
C LEU C 307 -4.01 -52.56 -25.69
N ALA C 308 -4.89 -53.17 -26.50
CA ALA C 308 -6.26 -53.42 -26.08
C ALA C 308 -6.36 -54.65 -25.18
N TYR C 309 -7.31 -54.62 -24.25
CA TYR C 309 -7.50 -55.67 -23.26
C TYR C 309 -8.97 -55.77 -22.91
N HIS C 310 -9.57 -56.93 -23.18
CA HIS C 310 -10.96 -57.19 -22.83
C HIS C 310 -11.19 -58.70 -22.79
N ALA C 311 -12.40 -59.10 -22.41
CA ALA C 311 -12.73 -60.51 -22.27
C ALA C 311 -12.76 -61.24 -23.61
N GLY C 312 -12.82 -60.52 -24.73
CA GLY C 312 -12.80 -61.16 -26.03
C GLY C 312 -11.50 -61.83 -26.37
N LEU C 313 -10.40 -61.38 -25.77
CA LEU C 313 -9.10 -62.00 -25.99
C LEU C 313 -9.01 -63.31 -25.21
N SER C 314 -8.18 -64.22 -25.71
CA SER C 314 -7.94 -65.46 -24.99
C SER C 314 -7.16 -65.17 -23.70
N ASP C 315 -7.10 -66.17 -22.83
CA ASP C 315 -6.36 -66.01 -21.57
C ASP C 315 -4.88 -65.78 -21.84
N SER C 316 -4.33 -66.47 -22.84
CA SER C 316 -2.92 -66.29 -23.18
C SER C 316 -2.63 -64.87 -23.63
N ALA C 317 -3.48 -64.33 -24.52
CA ALA C 317 -3.26 -62.98 -25.00
C ALA C 317 -3.46 -61.96 -23.89
N ARG C 318 -4.42 -62.20 -22.98
CA ARG C 318 -4.63 -61.28 -21.87
C ARG C 318 -3.42 -61.26 -20.95
N ASP C 319 -2.90 -62.43 -20.60
CA ASP C 319 -1.69 -62.49 -19.78
C ASP C 319 -0.52 -61.79 -20.48
N GLU C 320 -0.40 -61.98 -21.79
CA GLU C 320 0.71 -61.37 -22.52
C GLU C 320 0.62 -59.85 -22.49
N VAL C 321 -0.55 -59.29 -22.81
CA VAL C 321 -0.68 -57.83 -22.82
C VAL C 321 -0.51 -57.27 -21.41
N GLN C 322 -1.04 -57.96 -20.40
CA GLN C 322 -0.90 -57.49 -19.03
C GLN C 322 0.56 -57.46 -18.61
N GLN C 323 1.32 -58.52 -18.93
CA GLN C 323 2.73 -58.53 -18.58
C GLN C 323 3.51 -57.48 -19.36
N LYS C 324 3.12 -57.22 -20.61
CA LYS C 324 3.76 -56.15 -21.38
C LYS C 324 3.52 -54.80 -20.72
N TRP C 325 2.32 -54.58 -20.20
CA TRP C 325 2.00 -53.31 -19.56
C TRP C 325 2.72 -53.16 -18.22
N ILE C 326 2.75 -54.23 -17.42
CA ILE C 326 3.36 -54.15 -16.09
C ILE C 326 4.85 -53.83 -16.20
N ASN C 327 5.53 -54.45 -17.16
CA ASN C 327 6.96 -54.24 -17.33
C ASN C 327 7.30 -53.04 -18.20
N GLN C 328 6.29 -52.36 -18.75
CA GLN C 328 6.51 -51.23 -19.67
C GLN C 328 7.41 -51.63 -20.83
N ASP C 329 7.30 -52.88 -21.28
CA ASP C 329 8.09 -53.40 -22.39
C ASP C 329 7.17 -53.51 -23.60
N GLY C 330 7.14 -52.44 -24.40
CA GLY C 330 6.29 -52.42 -25.57
C GLY C 330 4.83 -52.17 -25.31
N CYS C 331 4.48 -51.65 -24.13
CA CYS C 331 3.10 -51.29 -23.82
C CYS C 331 3.13 -50.21 -22.75
N GLN C 332 2.84 -48.97 -23.15
CA GLN C 332 2.77 -47.86 -22.21
C GLN C 332 1.36 -47.67 -21.66
N VAL C 333 0.35 -47.75 -22.52
CA VAL C 333 -1.05 -47.54 -22.13
C VAL C 333 -1.84 -48.79 -22.45
N ILE C 334 -2.66 -49.23 -21.51
CA ILE C 334 -3.55 -50.35 -21.71
C ILE C 334 -4.97 -49.83 -21.85
N CYS C 335 -5.65 -50.22 -22.93
CA CYS C 335 -6.99 -49.77 -23.25
C CYS C 335 -7.94 -50.92 -22.95
N ALA C 336 -8.65 -50.83 -21.84
CA ALA C 336 -9.32 -51.99 -21.27
C ALA C 336 -10.77 -51.69 -20.91
N THR C 337 -11.56 -52.76 -20.84
CA THR C 337 -12.85 -52.72 -20.18
C THR C 337 -12.65 -52.94 -18.68
N ILE C 338 -13.74 -52.88 -17.92
CA ILE C 338 -13.67 -53.08 -16.48
C ILE C 338 -13.15 -54.45 -16.09
N ALA C 339 -12.94 -55.35 -17.04
CA ALA C 339 -12.35 -56.66 -16.73
C ALA C 339 -10.95 -56.52 -16.17
N PHE C 340 -10.21 -55.48 -16.58
CA PHE C 340 -8.85 -55.25 -16.13
C PHE C 340 -8.85 -54.43 -14.85
N GLY C 341 -7.99 -54.81 -13.90
CA GLY C 341 -7.73 -53.96 -12.75
C GLY C 341 -7.69 -54.63 -11.38
N MET C 342 -8.45 -55.72 -11.19
CA MET C 342 -8.56 -56.28 -9.84
C MET C 342 -7.24 -56.89 -9.38
N GLY C 343 -6.46 -57.43 -10.30
CA GLY C 343 -5.19 -58.03 -9.96
C GLY C 343 -4.00 -57.11 -10.10
N ILE C 344 -4.23 -55.84 -10.44
CA ILE C 344 -3.14 -54.94 -10.76
C ILE C 344 -2.58 -54.34 -9.48
N ASP C 345 -1.26 -54.36 -9.33
CA ASP C 345 -0.56 -53.76 -8.20
C ASP C 345 0.54 -52.84 -8.69
N LYS C 346 0.35 -52.21 -9.84
CA LYS C 346 1.37 -51.34 -10.40
C LYS C 346 1.39 -50.01 -9.66
N PRO C 347 2.55 -49.60 -9.13
CA PRO C 347 2.58 -48.39 -8.29
C PRO C 347 2.67 -47.08 -9.06
N ASP C 348 3.12 -47.10 -10.31
CA ASP C 348 3.41 -45.86 -11.02
C ASP C 348 2.45 -45.60 -12.18
N VAL C 349 1.15 -45.77 -11.95
CA VAL C 349 0.14 -45.40 -12.93
C VAL C 349 -0.11 -43.90 -12.79
N ARG C 350 0.31 -43.12 -13.78
CA ARG C 350 0.25 -41.67 -13.68
C ARG C 350 -1.07 -41.09 -14.16
N PHE C 351 -1.84 -41.81 -14.97
CA PHE C 351 -3.12 -41.29 -15.43
C PHE C 351 -4.08 -42.45 -15.70
N VAL C 352 -5.34 -42.25 -15.34
CA VAL C 352 -6.43 -43.16 -15.67
C VAL C 352 -7.50 -42.36 -16.41
N ILE C 353 -7.79 -42.76 -17.65
CA ILE C 353 -8.77 -42.08 -18.50
C ILE C 353 -9.96 -43.00 -18.70
N HIS C 354 -11.14 -42.51 -18.35
CA HIS C 354 -12.42 -43.14 -18.68
C HIS C 354 -12.94 -42.47 -19.94
N ALA C 355 -12.73 -43.12 -21.09
CA ALA C 355 -13.25 -42.59 -22.35
C ALA C 355 -14.76 -42.55 -22.38
N SER C 356 -15.42 -43.35 -21.54
CA SER C 356 -16.86 -43.30 -21.37
C SER C 356 -17.16 -43.37 -19.88
N LEU C 357 -18.31 -42.82 -19.48
CA LEU C 357 -18.66 -42.81 -18.07
C LEU C 357 -18.91 -44.23 -17.57
N PRO C 358 -18.46 -44.56 -16.37
CA PRO C 358 -18.72 -45.89 -15.81
C PRO C 358 -20.15 -46.02 -15.30
N LYS C 359 -20.50 -47.26 -14.94
CA LYS C 359 -21.87 -47.54 -14.52
C LYS C 359 -22.20 -46.99 -13.14
N SER C 360 -21.20 -46.73 -12.30
CA SER C 360 -21.49 -46.30 -10.93
C SER C 360 -20.34 -45.48 -10.37
N VAL C 361 -20.63 -44.75 -9.30
CA VAL C 361 -19.61 -43.95 -8.63
C VAL C 361 -18.62 -44.87 -7.90
N GLU C 362 -19.10 -45.98 -7.35
CA GLU C 362 -18.19 -46.96 -6.76
C GLU C 362 -17.23 -47.49 -7.81
N GLY C 363 -17.76 -47.84 -8.99
CA GLY C 363 -16.90 -48.29 -10.07
C GLY C 363 -15.91 -47.24 -10.51
N TYR C 364 -16.35 -45.99 -10.63
CA TYR C 364 -15.44 -44.92 -11.01
C TYR C 364 -14.35 -44.71 -9.97
N TYR C 365 -14.72 -44.73 -8.69
CA TYR C 365 -13.75 -44.55 -7.63
C TYR C 365 -12.70 -45.66 -7.67
N GLN C 366 -13.15 -46.92 -7.81
CA GLN C 366 -12.22 -48.03 -7.83
C GLN C 366 -11.31 -47.99 -9.05
N GLU C 367 -11.87 -47.63 -10.22
CA GLU C 367 -11.09 -47.63 -11.45
C GLU C 367 -10.09 -46.47 -11.48
N SER C 368 -10.52 -45.26 -11.09
CA SER C 368 -9.60 -44.13 -11.02
C SER C 368 -8.56 -44.30 -9.93
N GLY C 369 -8.87 -45.04 -8.86
CA GLY C 369 -7.92 -45.23 -7.78
C GLY C 369 -6.73 -46.10 -8.14
N ARG C 370 -6.78 -46.80 -9.27
CA ARG C 370 -5.64 -47.57 -9.74
C ARG C 370 -4.44 -46.69 -10.09
N ALA C 371 -4.65 -45.40 -10.26
CA ALA C 371 -3.55 -44.48 -10.51
C ALA C 371 -2.87 -44.08 -9.21
N GLY C 372 -1.56 -43.86 -9.29
CA GLY C 372 -0.79 -43.29 -8.20
C GLY C 372 -0.83 -44.06 -6.90
N ARG C 373 -0.62 -45.38 -6.96
CA ARG C 373 -0.51 -46.15 -5.73
C ARG C 373 0.74 -45.81 -4.94
N ASP C 374 1.76 -45.24 -5.60
CA ASP C 374 3.00 -44.84 -4.95
C ASP C 374 2.89 -43.51 -4.21
N GLY C 375 1.76 -42.83 -4.28
CA GLY C 375 1.59 -41.55 -3.62
C GLY C 375 2.02 -40.35 -4.44
N GLU C 376 2.49 -40.57 -5.67
CA GLU C 376 2.87 -39.47 -6.55
C GLU C 376 1.64 -38.91 -7.26
N ILE C 377 1.80 -37.70 -7.80
CA ILE C 377 0.68 -37.00 -8.43
C ILE C 377 0.22 -37.79 -9.64
N SER C 378 -1.09 -38.05 -9.70
CA SER C 378 -1.68 -38.76 -10.84
C SER C 378 -2.99 -38.08 -11.22
N HIS C 379 -3.41 -38.35 -12.44
CA HIS C 379 -4.59 -37.71 -13.03
C HIS C 379 -5.70 -38.72 -13.28
N CYS C 380 -6.94 -38.26 -13.11
CA CYS C 380 -8.12 -39.05 -13.40
C CYS C 380 -9.02 -38.25 -14.36
N LEU C 381 -9.08 -38.68 -15.61
CA LEU C 381 -9.83 -37.99 -16.67
C LEU C 381 -11.10 -38.76 -16.97
N LEU C 382 -12.22 -38.05 -17.03
CA LEU C 382 -13.51 -38.62 -17.37
C LEU C 382 -14.07 -37.87 -18.57
N PHE C 383 -14.29 -38.56 -19.68
CA PHE C 383 -14.94 -37.97 -20.84
C PHE C 383 -16.42 -38.34 -20.83
N TYR C 384 -17.28 -37.33 -20.77
CA TYR C 384 -18.71 -37.50 -20.52
C TYR C 384 -19.52 -37.11 -21.75
N THR C 385 -20.42 -38.00 -22.17
CA THR C 385 -21.48 -37.70 -23.13
C THR C 385 -22.69 -38.53 -22.77
N TYR C 386 -23.88 -37.96 -23.02
CA TYR C 386 -25.12 -38.63 -22.64
C TYR C 386 -25.44 -39.81 -23.56
N HIS C 387 -24.87 -39.83 -24.78
CA HIS C 387 -24.96 -41.01 -25.63
C HIS C 387 -24.46 -42.24 -24.88
N ASP C 388 -23.36 -42.10 -24.16
CA ASP C 388 -22.86 -43.21 -23.35
C ASP C 388 -23.80 -43.53 -22.20
N VAL C 389 -24.54 -42.54 -21.68
CA VAL C 389 -25.57 -42.83 -20.69
C VAL C 389 -26.64 -43.74 -21.28
N THR C 390 -27.04 -43.46 -22.54
CA THR C 390 -27.99 -44.33 -23.21
C THR C 390 -27.41 -45.72 -23.41
N ARG C 391 -26.14 -45.79 -23.80
CA ARG C 391 -25.48 -47.08 -23.99
C ARG C 391 -25.41 -47.88 -22.69
N LEU C 392 -25.14 -47.21 -21.57
CA LEU C 392 -25.10 -47.90 -20.29
C LEU C 392 -26.48 -48.35 -19.85
N LYS C 393 -27.51 -47.54 -20.11
CA LYS C 393 -28.89 -48.01 -19.90
C LYS C 393 -29.15 -49.27 -20.71
N ARG C 394 -28.69 -49.28 -21.97
CA ARG C 394 -28.83 -50.45 -22.82
C ARG C 394 -28.13 -51.66 -22.20
N LEU C 395 -26.92 -51.47 -21.68
CA LEU C 395 -26.18 -52.56 -21.05
C LEU C 395 -26.90 -53.07 -19.80
N ILE C 396 -27.48 -52.15 -19.02
CA ILE C 396 -28.20 -52.57 -17.81
C ILE C 396 -29.43 -53.38 -18.18
N MET C 397 -30.16 -52.96 -19.20
CA MET C 397 -31.36 -53.69 -19.60
C MET C 397 -31.04 -55.03 -20.26
N MET C 398 -29.78 -55.25 -20.65
CA MET C 398 -29.46 -56.50 -21.33
C MET C 398 -28.65 -57.44 -20.45
N GLU C 399 -29.13 -57.68 -19.25
CA GLU C 399 -28.54 -58.62 -18.32
C GLU C 399 -29.45 -59.83 -18.21
N LYS C 400 -28.87 -61.02 -18.41
CA LYS C 400 -29.68 -62.22 -18.54
C LYS C 400 -30.48 -62.52 -17.27
N ASP C 401 -29.93 -62.24 -16.10
CA ASP C 401 -30.55 -62.64 -14.84
C ASP C 401 -30.94 -61.45 -13.97
N GLY C 402 -31.22 -60.31 -14.59
CA GLY C 402 -31.68 -59.14 -13.85
C GLY C 402 -33.19 -59.05 -13.81
N ASN C 403 -33.72 -58.57 -12.68
CA ASN C 403 -35.14 -58.35 -12.53
C ASN C 403 -35.43 -56.85 -12.39
N HIS C 404 -36.68 -56.52 -12.06
CA HIS C 404 -37.03 -55.11 -11.94
C HIS C 404 -36.20 -54.42 -10.85
N HIS C 405 -36.01 -55.09 -9.71
CA HIS C 405 -35.30 -54.47 -8.58
C HIS C 405 -33.84 -54.19 -8.92
N THR C 406 -33.14 -55.18 -9.47
CA THR C 406 -31.73 -55.00 -9.79
C THR C 406 -31.54 -53.89 -10.81
N ARG C 407 -32.40 -53.84 -11.82
CA ARG C 407 -32.28 -52.79 -12.83
C ARG C 407 -32.66 -51.43 -12.29
N GLU C 408 -33.63 -51.36 -11.36
CA GLU C 408 -33.92 -50.09 -10.70
C GLU C 408 -32.71 -49.59 -9.94
N THR C 409 -32.05 -50.47 -9.20
CA THR C 409 -30.85 -50.07 -8.46
C THR C 409 -29.72 -49.65 -9.41
N HIS C 410 -29.51 -50.40 -10.49
CA HIS C 410 -28.47 -50.04 -11.45
C HIS C 410 -28.77 -48.68 -12.10
N PHE C 411 -30.04 -48.42 -12.42
CA PHE C 411 -30.39 -47.12 -12.98
C PHE C 411 -30.14 -46.01 -11.96
N ASN C 412 -30.40 -46.28 -10.68
CA ASN C 412 -30.11 -45.28 -9.67
C ASN C 412 -28.60 -45.01 -9.59
N ASN C 413 -27.79 -46.07 -9.70
CA ASN C 413 -26.34 -45.91 -9.72
C ASN C 413 -25.90 -45.07 -10.92
N LEU C 414 -26.48 -45.33 -12.09
CA LEU C 414 -26.15 -44.55 -13.28
C LEU C 414 -26.51 -43.09 -13.12
N TYR C 415 -27.67 -42.82 -12.50
CA TYR C 415 -28.03 -41.44 -12.19
C TYR C 415 -27.03 -40.82 -11.23
N SER C 416 -26.56 -41.59 -10.25
CA SER C 416 -25.56 -41.10 -9.32
C SER C 416 -24.25 -40.76 -10.01
N MET C 417 -23.89 -41.52 -11.04
CA MET C 417 -22.68 -41.21 -11.82
C MET C 417 -22.85 -39.95 -12.69
N VAL C 418 -23.99 -39.85 -13.40
CA VAL C 418 -24.21 -38.70 -14.26
C VAL C 418 -24.33 -37.42 -13.45
N HIS C 419 -24.93 -37.51 -12.26
CA HIS C 419 -24.66 -36.55 -11.21
C HIS C 419 -23.22 -36.77 -10.75
N TYR C 420 -22.50 -35.69 -10.48
CA TYR C 420 -21.04 -35.66 -10.38
C TYR C 420 -20.45 -35.44 -11.77
N CYS C 421 -20.92 -36.17 -12.79
CA CYS C 421 -20.46 -35.81 -14.13
C CYS C 421 -20.91 -34.39 -14.48
N GLU C 422 -22.15 -34.05 -14.12
CA GLU C 422 -22.72 -32.74 -14.42
C GLU C 422 -22.49 -31.70 -13.33
N ASN C 423 -21.99 -32.10 -12.16
CA ASN C 423 -21.77 -31.18 -11.06
C ASN C 423 -20.44 -30.46 -11.26
N ILE C 424 -20.51 -29.26 -11.83
CA ILE C 424 -19.32 -28.46 -12.09
C ILE C 424 -19.08 -27.42 -10.99
N THR C 425 -19.80 -27.50 -9.88
CA THR C 425 -19.71 -26.51 -8.81
C THR C 425 -18.99 -27.05 -7.57
N GLU C 426 -19.46 -28.17 -7.02
CA GLU C 426 -18.88 -28.70 -5.80
C GLU C 426 -17.52 -29.34 -6.08
N CYS C 427 -16.63 -29.26 -5.08
CA CYS C 427 -15.33 -29.91 -5.18
C CYS C 427 -15.51 -31.41 -5.35
N ARG C 428 -14.80 -31.99 -6.32
CA ARG C 428 -14.99 -33.41 -6.64
C ARG C 428 -14.60 -34.30 -5.48
N ARG C 429 -13.58 -33.92 -4.71
CA ARG C 429 -13.23 -34.69 -3.52
C ARG C 429 -14.38 -34.73 -2.53
N ILE C 430 -15.01 -33.57 -2.29
CA ILE C 430 -16.15 -33.51 -1.38
C ILE C 430 -17.31 -34.33 -1.93
N GLN C 431 -17.52 -34.30 -3.26
CA GLN C 431 -18.61 -35.09 -3.85
C GLN C 431 -18.39 -36.58 -3.62
N LEU C 432 -17.18 -37.06 -3.90
CA LEU C 432 -16.90 -38.49 -3.71
C LEU C 432 -17.01 -38.89 -2.25
N LEU C 433 -16.46 -38.08 -1.34
CA LEU C 433 -16.51 -38.42 0.07
C LEU C 433 -17.93 -38.36 0.61
N ALA C 434 -18.76 -37.46 0.09
CA ALA C 434 -20.18 -37.45 0.46
C ALA C 434 -20.90 -38.66 -0.09
N TYR C 435 -20.53 -39.11 -1.29
CA TYR C 435 -21.14 -40.32 -1.83
C TYR C 435 -20.80 -41.53 -0.97
N PHE C 436 -19.58 -41.58 -0.43
CA PHE C 436 -19.21 -42.70 0.43
C PHE C 436 -19.54 -42.46 1.90
N GLY C 437 -20.14 -41.32 2.24
CA GLY C 437 -20.60 -41.09 3.60
C GLY C 437 -19.56 -40.60 4.58
N GLU C 438 -18.39 -40.18 4.10
CA GLU C 438 -17.37 -39.60 4.97
C GLU C 438 -17.63 -38.11 5.09
N ASN C 439 -17.91 -37.64 6.31
CA ASN C 439 -18.55 -36.35 6.50
C ASN C 439 -17.57 -35.21 6.76
N GLY C 440 -16.62 -35.41 7.66
CA GLY C 440 -15.87 -34.30 8.24
C GLY C 440 -14.64 -33.84 7.50
N PHE C 441 -14.63 -33.94 6.18
CA PHE C 441 -13.44 -33.56 5.42
C PHE C 441 -13.49 -32.09 5.04
N ASN C 442 -12.33 -31.44 5.11
CA ASN C 442 -12.19 -30.03 4.80
C ASN C 442 -12.53 -29.75 3.33
N PRO C 443 -13.49 -28.87 3.05
CA PRO C 443 -13.78 -28.53 1.64
C PRO C 443 -12.69 -27.71 0.97
N ASP C 444 -11.82 -27.07 1.73
CA ASP C 444 -10.77 -26.23 1.16
C ASP C 444 -9.47 -27.00 0.91
N PHE C 445 -9.54 -28.33 0.91
CA PHE C 445 -8.35 -29.15 0.65
C PHE C 445 -7.72 -28.78 -0.69
N CYS C 446 -8.54 -28.68 -1.74
CA CYS C 446 -8.03 -28.34 -3.06
C CYS C 446 -7.41 -26.94 -3.09
N LYS C 447 -7.79 -26.08 -2.16
CA LYS C 447 -7.22 -24.74 -2.09
C LYS C 447 -5.97 -24.70 -1.23
N LYS C 448 -5.93 -25.50 -0.16
CA LYS C 448 -4.73 -25.57 0.67
C LYS C 448 -3.61 -26.33 -0.04
N HIS C 449 -3.96 -27.30 -0.88
CA HIS C 449 -3.00 -28.12 -1.63
C HIS C 449 -3.34 -27.98 -3.11
N PRO C 450 -2.96 -26.86 -3.73
CA PRO C 450 -3.33 -26.64 -5.14
C PRO C 450 -2.67 -27.61 -6.10
N ASP C 451 -1.59 -28.28 -5.69
CA ASP C 451 -0.92 -29.23 -6.57
C ASP C 451 -1.82 -30.39 -6.97
N VAL C 452 -2.82 -30.71 -6.16
CA VAL C 452 -3.74 -31.82 -6.43
C VAL C 452 -5.16 -31.29 -6.55
N SER C 453 -5.32 -30.14 -7.20
CA SER C 453 -6.64 -29.52 -7.29
C SER C 453 -7.45 -30.14 -8.41
N CYS C 454 -8.73 -30.35 -8.16
CA CYS C 454 -9.64 -30.83 -9.18
C CYS C 454 -9.98 -29.71 -10.16
N ASP C 455 -10.67 -30.08 -11.24
CA ASP C 455 -11.02 -29.10 -12.26
C ASP C 455 -12.02 -28.08 -11.74
N ASN C 456 -12.96 -28.50 -10.89
CA ASN C 456 -13.95 -27.58 -10.37
C ASN C 456 -13.34 -26.55 -9.45
N CYS C 457 -12.30 -26.92 -8.69
CA CYS C 457 -11.64 -25.99 -7.79
C CYS C 457 -10.68 -25.05 -8.51
N CYS C 458 -10.36 -25.32 -9.77
CA CYS C 458 -9.49 -24.44 -10.54
C CYS C 458 -10.22 -23.16 -10.94
N SER C 474 -23.42 -18.61 -28.46
CA SER C 474 -23.64 -18.07 -29.80
C SER C 474 -24.49 -19.02 -30.64
N GLN C 475 -25.65 -19.40 -30.11
CA GLN C 475 -26.56 -20.29 -30.83
C GLN C 475 -27.38 -19.51 -31.86
N ARG C 476 -26.82 -18.41 -32.34
CA ARG C 476 -27.47 -17.61 -33.37
C ARG C 476 -27.54 -18.36 -34.71
N GLU C 477 -26.63 -19.31 -34.93
CA GLU C 477 -26.62 -20.07 -36.18
C GLU C 477 -27.80 -21.03 -36.28
N GLU C 478 -28.36 -21.46 -35.15
CA GLU C 478 -29.54 -22.33 -35.21
C GLU C 478 -30.78 -21.55 -35.61
N MET C 479 -30.90 -20.31 -35.17
CA MET C 479 -32.09 -19.51 -35.49
C MET C 479 -32.03 -18.94 -36.90
N VAL C 480 -30.84 -18.57 -37.38
CA VAL C 480 -30.74 -18.03 -38.74
C VAL C 480 -31.13 -19.09 -39.76
N LYS C 481 -30.84 -20.36 -39.48
CA LYS C 481 -31.22 -21.43 -40.41
C LYS C 481 -32.73 -21.59 -40.47
N LYS C 482 -33.40 -21.56 -39.31
CA LYS C 482 -34.85 -21.65 -39.28
C LYS C 482 -35.48 -20.46 -39.99
N CYS C 483 -34.94 -19.26 -39.78
CA CYS C 483 -35.45 -18.08 -40.46
C CYS C 483 -35.27 -18.19 -41.97
N LEU C 484 -34.11 -18.67 -42.42
CA LEU C 484 -33.88 -18.88 -43.84
C LEU C 484 -34.86 -19.88 -44.43
N GLY C 485 -35.10 -20.99 -43.72
CA GLY C 485 -36.07 -21.97 -44.20
C GLY C 485 -37.46 -21.40 -44.32
N GLU C 486 -37.90 -20.66 -43.28
CA GLU C 486 -39.22 -20.04 -43.33
C GLU C 486 -39.33 -19.04 -44.46
N LEU C 487 -38.27 -18.25 -44.68
CA LEU C 487 -38.30 -17.26 -45.74
C LEU C 487 -38.38 -17.91 -47.12
N THR C 488 -37.60 -18.96 -47.35
CA THR C 488 -37.65 -19.67 -48.63
C THR C 488 -39.01 -20.32 -48.84
N GLU C 489 -39.63 -20.84 -47.77
CA GLU C 489 -40.97 -21.40 -47.92
C GLU C 489 -42.00 -20.33 -48.25
N VAL C 490 -41.85 -19.15 -47.63
CA VAL C 490 -42.69 -18.01 -48.01
C VAL C 490 -42.49 -17.68 -49.49
N CYS C 491 -41.24 -17.72 -49.94
CA CYS C 491 -40.94 -17.42 -51.34
C CYS C 491 -41.53 -18.47 -52.27
N LYS C 492 -41.54 -19.74 -51.85
CA LYS C 492 -42.11 -20.77 -52.72
C LYS C 492 -43.63 -20.65 -52.78
N SER C 493 -44.28 -20.30 -51.66
CA SER C 493 -45.72 -20.07 -51.70
C SER C 493 -46.06 -18.86 -52.55
N LEU C 494 -45.28 -17.78 -52.41
CA LEU C 494 -45.50 -16.59 -53.23
C LEU C 494 -45.27 -16.91 -54.70
N GLY C 495 -44.27 -17.74 -55.01
CA GLY C 495 -44.08 -18.15 -56.39
C GLY C 495 -45.23 -18.97 -56.92
N LYS C 496 -45.81 -19.81 -56.07
CA LYS C 496 -47.01 -20.56 -56.47
C LYS C 496 -48.16 -19.62 -56.77
N VAL C 497 -48.29 -18.53 -56.02
CA VAL C 497 -49.40 -17.61 -56.29
C VAL C 497 -49.08 -16.69 -57.47
N PHE C 498 -47.80 -16.43 -57.75
CA PHE C 498 -47.39 -15.58 -58.87
C PHE C 498 -47.04 -16.36 -60.13
N GLY C 499 -47.01 -17.70 -60.05
CA GLY C 499 -46.70 -18.51 -61.21
C GLY C 499 -45.26 -18.44 -61.67
N VAL C 500 -44.32 -18.20 -60.76
CA VAL C 500 -42.90 -18.14 -61.08
C VAL C 500 -42.14 -18.92 -60.02
N HIS C 501 -40.90 -19.28 -60.35
CA HIS C 501 -40.03 -19.92 -59.37
C HIS C 501 -39.64 -18.93 -58.28
N TYR C 502 -39.41 -19.46 -57.08
CA TYR C 502 -39.14 -18.61 -55.93
C TYR C 502 -37.82 -17.84 -56.05
N PHE C 503 -36.95 -18.20 -56.99
CA PHE C 503 -35.76 -17.40 -57.25
C PHE C 503 -36.11 -16.06 -57.91
N ASN C 504 -37.30 -15.94 -58.48
CA ASN C 504 -37.72 -14.70 -59.12
C ASN C 504 -38.41 -13.74 -58.16
N ILE C 505 -38.73 -14.18 -56.94
CA ILE C 505 -39.18 -13.27 -55.89
C ILE C 505 -37.92 -12.72 -55.23
N PHE C 506 -37.16 -13.60 -54.59
CA PHE C 506 -35.84 -13.31 -54.06
C PHE C 506 -34.97 -14.52 -54.32
N ASN C 507 -33.77 -14.30 -54.86
CA ASN C 507 -32.88 -15.40 -55.20
C ASN C 507 -32.22 -15.97 -53.94
N THR C 508 -31.43 -17.02 -54.13
CA THR C 508 -30.85 -17.74 -53.01
C THR C 508 -29.94 -16.85 -52.16
N VAL C 509 -29.07 -16.08 -52.80
CA VAL C 509 -28.08 -15.30 -52.06
C VAL C 509 -28.76 -14.17 -51.28
N THR C 510 -29.78 -13.55 -51.88
CA THR C 510 -30.51 -12.52 -51.16
C THR C 510 -31.22 -13.09 -49.94
N LEU C 511 -31.74 -14.32 -50.05
CA LEU C 511 -32.33 -14.98 -48.91
C LEU C 511 -31.29 -15.28 -47.84
N LYS C 512 -30.10 -15.73 -48.25
CA LYS C 512 -29.03 -15.98 -47.29
C LYS C 512 -28.66 -14.70 -46.53
N LYS C 513 -28.57 -13.58 -47.25
CA LYS C 513 -28.22 -12.32 -46.60
C LYS C 513 -29.35 -11.78 -45.74
N LEU C 514 -30.60 -11.98 -46.14
CA LEU C 514 -31.73 -11.56 -45.32
C LEU C 514 -31.81 -12.36 -44.03
N ALA C 515 -31.55 -13.66 -44.10
CA ALA C 515 -31.59 -14.50 -42.91
C ALA C 515 -30.54 -14.08 -41.90
N GLU C 516 -29.32 -13.78 -42.36
CA GLU C 516 -28.25 -13.44 -41.44
C GLU C 516 -28.55 -12.16 -40.65
N SER C 517 -29.28 -11.23 -41.24
CA SER C 517 -29.61 -9.99 -40.54
C SER C 517 -30.62 -10.23 -39.43
N LEU C 518 -31.64 -11.05 -39.70
CA LEU C 518 -32.75 -11.28 -38.78
C LEU C 518 -33.45 -9.98 -38.39
N SER C 519 -33.39 -8.98 -39.26
CA SER C 519 -33.92 -7.65 -38.97
C SER C 519 -35.17 -7.39 -39.79
N SER C 520 -36.09 -6.62 -39.20
CA SER C 520 -37.32 -6.22 -39.86
C SER C 520 -37.36 -4.73 -40.17
N ASP C 521 -36.23 -4.04 -40.02
CA ASP C 521 -36.15 -2.61 -40.34
C ASP C 521 -35.98 -2.44 -41.84
N PRO C 522 -36.89 -1.74 -42.52
CA PRO C 522 -36.76 -1.59 -43.99
C PRO C 522 -35.46 -0.96 -44.44
N GLU C 523 -34.86 -0.08 -43.63
CA GLU C 523 -33.61 0.56 -44.05
C GLU C 523 -32.48 -0.45 -44.21
N VAL C 524 -32.24 -1.26 -43.18
CA VAL C 524 -31.14 -2.22 -43.25
C VAL C 524 -31.42 -3.28 -44.30
N LEU C 525 -32.69 -3.58 -44.57
CA LEU C 525 -33.00 -4.54 -45.63
C LEU C 525 -32.74 -3.94 -47.00
N LEU C 526 -33.09 -2.66 -47.19
CA LEU C 526 -32.80 -1.99 -48.45
C LEU C 526 -31.31 -1.76 -48.64
N GLN C 527 -30.53 -1.84 -47.55
CA GLN C 527 -29.08 -1.75 -47.66
C GLN C 527 -28.45 -3.08 -48.04
N ILE C 528 -29.23 -4.16 -48.10
CA ILE C 528 -28.74 -5.48 -48.50
C ILE C 528 -28.85 -5.61 -50.00
N ASP C 529 -27.80 -6.16 -50.63
CA ASP C 529 -27.81 -6.37 -52.07
C ASP C 529 -28.93 -7.30 -52.48
N GLY C 530 -29.71 -6.87 -53.49
CA GLY C 530 -30.80 -7.64 -54.02
C GLY C 530 -32.17 -7.23 -53.50
N VAL C 531 -32.24 -6.58 -52.34
CA VAL C 531 -33.50 -6.09 -51.80
C VAL C 531 -33.70 -4.67 -52.31
N THR C 532 -34.83 -4.43 -52.96
CA THR C 532 -35.15 -3.13 -53.54
C THR C 532 -36.48 -2.63 -53.02
N GLU C 533 -36.70 -1.32 -53.20
CA GLU C 533 -37.95 -0.73 -52.75
C GLU C 533 -39.15 -1.31 -53.50
N ASP C 534 -38.98 -1.64 -54.78
CA ASP C 534 -40.05 -2.25 -55.55
C ASP C 534 -40.35 -3.66 -55.05
N LYS C 535 -39.30 -4.46 -54.83
CA LYS C 535 -39.51 -5.82 -54.34
C LYS C 535 -40.08 -5.83 -52.93
N LEU C 536 -39.67 -4.88 -52.10
CA LEU C 536 -40.24 -4.77 -50.76
C LEU C 536 -41.64 -4.18 -50.76
N GLU C 537 -42.02 -3.45 -51.82
CA GLU C 537 -43.38 -2.96 -51.95
C GLU C 537 -44.31 -4.01 -52.54
N LYS C 538 -43.77 -5.01 -53.23
CA LYS C 538 -44.59 -6.07 -53.80
C LYS C 538 -44.71 -7.28 -52.88
N TYR C 539 -43.64 -7.61 -52.14
CA TYR C 539 -43.58 -8.83 -51.36
C TYR C 539 -43.34 -8.57 -49.87
N GLY C 540 -43.37 -7.30 -49.45
CA GLY C 540 -42.85 -6.96 -48.13
C GLY C 540 -43.62 -7.57 -46.98
N ALA C 541 -44.95 -7.68 -47.11
CA ALA C 541 -45.77 -8.15 -46.01
C ALA C 541 -45.36 -9.55 -45.58
N GLU C 542 -45.27 -10.48 -46.54
CA GLU C 542 -45.00 -11.88 -46.22
C GLU C 542 -43.61 -12.07 -45.62
N VAL C 543 -42.62 -11.28 -46.04
CA VAL C 543 -41.27 -11.46 -45.53
C VAL C 543 -41.11 -10.78 -44.17
N ILE C 544 -41.74 -9.61 -43.98
CA ILE C 544 -41.64 -8.96 -42.67
C ILE C 544 -42.41 -9.75 -41.62
N SER C 545 -43.46 -10.48 -42.04
CA SER C 545 -44.18 -11.31 -41.08
C SER C 545 -43.27 -12.40 -40.52
N VAL C 546 -42.36 -12.92 -41.34
CA VAL C 546 -41.46 -13.97 -40.88
C VAL C 546 -40.28 -13.38 -40.12
N LEU C 547 -39.70 -12.29 -40.62
CA LEU C 547 -38.50 -11.75 -40.01
C LEU C 547 -38.77 -11.19 -38.62
N GLN C 548 -39.95 -10.64 -38.38
CA GLN C 548 -40.23 -10.02 -37.09
C GLN C 548 -40.42 -11.04 -35.97
N LYS C 549 -40.60 -12.32 -36.29
CA LYS C 549 -40.75 -13.34 -35.27
C LYS C 549 -39.44 -13.72 -34.59
N TYR C 550 -38.31 -13.28 -35.14
CA TYR C 550 -36.99 -13.60 -34.61
C TYR C 550 -36.30 -12.36 -34.05
N SER C 551 -37.06 -11.48 -33.39
CA SER C 551 -36.50 -10.22 -32.93
C SER C 551 -35.59 -10.41 -31.72
N GLU C 552 -35.86 -11.42 -30.89
CA GLU C 552 -35.07 -11.62 -29.69
C GLU C 552 -33.66 -12.12 -29.98
N TRP C 553 -33.43 -12.67 -31.17
CA TRP C 553 -32.10 -13.16 -31.58
C TRP C 553 -31.52 -12.34 -32.72
N THR C 554 -32.04 -11.14 -32.96
CA THR C 554 -31.57 -10.31 -34.06
C THR C 554 -30.28 -9.57 -33.76
N SER C 555 -29.82 -9.59 -32.51
CA SER C 555 -28.59 -8.90 -32.11
C SER C 555 -27.58 -9.93 -31.63
N PRO C 556 -26.38 -10.01 -32.22
CA PRO C 556 -25.35 -10.97 -31.82
C PRO C 556 -24.77 -10.69 -30.44
N HIS D 32 -23.56 24.79 3.91
CA HIS D 32 -22.85 23.91 3.00
C HIS D 32 -21.39 23.73 3.43
N GLU D 33 -20.95 24.57 4.37
CA GLU D 33 -19.59 24.46 4.89
C GLU D 33 -19.39 23.13 5.61
N ARG D 34 -20.41 22.68 6.34
CA ARG D 34 -20.33 21.38 6.99
C ARG D 34 -20.13 20.27 5.96
N PHE D 35 -20.61 20.49 4.73
CA PHE D 35 -20.46 19.50 3.67
C PHE D 35 -19.05 19.48 3.07
N GLN D 36 -18.20 20.45 3.42
CA GLN D 36 -16.81 20.46 2.95
C GLN D 36 -15.89 19.77 3.96
N SER D 37 -16.03 18.45 4.04
CA SER D 37 -15.25 17.69 5.01
C SER D 37 -14.78 16.39 4.40
N LEU D 38 -13.53 16.02 4.72
CA LEU D 38 -12.94 14.77 4.27
C LEU D 38 -12.70 13.82 5.44
N SER D 39 -13.46 13.97 6.53
CA SER D 39 -13.32 13.15 7.72
C SER D 39 -14.54 12.27 7.96
N PHE D 40 -15.31 11.99 6.91
CA PHE D 40 -16.47 11.11 7.03
C PHE D 40 -16.04 9.66 6.91
N PRO D 41 -16.84 8.73 7.43
CA PRO D 41 -16.48 7.30 7.30
C PRO D 41 -16.39 6.80 5.88
N HIS D 42 -17.16 7.37 4.94
CA HIS D 42 -17.15 6.88 3.57
C HIS D 42 -16.03 7.47 2.71
N THR D 43 -15.47 8.61 3.13
CA THR D 43 -14.53 9.34 2.27
C THR D 43 -13.42 8.42 1.75
N LYS D 44 -12.83 7.63 2.66
CA LYS D 44 -11.72 6.77 2.29
C LYS D 44 -12.08 5.91 1.07
N GLU D 45 -13.22 5.25 1.12
CA GLU D 45 -13.61 4.44 -0.04
C GLU D 45 -13.95 5.35 -1.22
N MET D 46 -14.70 6.43 -0.97
CA MET D 46 -15.10 7.33 -2.04
C MET D 46 -13.90 7.80 -2.83
N MET D 47 -12.89 8.32 -2.13
CA MET D 47 -11.72 8.87 -2.79
C MET D 47 -11.06 7.81 -3.67
N LYS D 48 -11.01 6.57 -3.17
CA LYS D 48 -10.42 5.50 -3.98
C LYS D 48 -11.16 5.37 -5.31
N ILE D 49 -12.49 5.28 -5.24
CA ILE D 49 -13.27 5.19 -6.47
C ILE D 49 -13.11 6.47 -7.27
N PHE D 50 -13.00 7.60 -6.58
CA PHE D 50 -12.80 8.87 -7.27
C PHE D 50 -11.50 8.87 -8.06
N HIS D 51 -10.46 8.20 -7.55
CA HIS D 51 -9.16 8.18 -8.22
C HIS D 51 -8.93 6.95 -9.08
N LYS D 52 -9.35 5.77 -8.63
CA LYS D 52 -9.02 4.55 -9.34
C LYS D 52 -10.04 4.22 -10.42
N LYS D 53 -11.32 4.48 -10.16
CA LYS D 53 -12.37 4.17 -11.12
C LYS D 53 -12.68 5.34 -12.04
N PHE D 54 -12.76 6.55 -11.50
CA PHE D 54 -13.07 7.73 -12.32
C PHE D 54 -11.84 8.39 -12.92
N GLY D 55 -10.67 8.27 -12.27
CA GLY D 55 -9.47 8.83 -12.83
C GLY D 55 -9.38 10.34 -12.77
N LEU D 56 -9.96 10.95 -11.75
CA LEU D 56 -9.94 12.40 -11.58
C LEU D 56 -8.92 12.81 -10.53
N HIS D 57 -8.72 14.12 -10.41
CA HIS D 57 -7.73 14.65 -9.48
C HIS D 57 -8.28 15.76 -8.59
N ASN D 58 -9.15 16.61 -9.11
CA ASN D 58 -9.68 17.75 -8.35
C ASN D 58 -11.18 17.84 -8.55
N PHE D 59 -11.90 18.07 -7.45
CA PHE D 59 -13.34 18.30 -7.51
C PHE D 59 -13.62 19.71 -8.03
N ARG D 60 -14.76 19.86 -8.70
CA ARG D 60 -15.20 21.16 -9.17
C ARG D 60 -16.08 21.83 -8.11
N THR D 61 -16.52 23.05 -8.42
CA THR D 61 -17.35 23.82 -7.50
C THR D 61 -18.61 23.04 -7.15
N ASN D 62 -18.87 22.91 -5.85
CA ASN D 62 -20.03 22.24 -5.26
C ASN D 62 -20.00 20.72 -5.46
N GLN D 63 -19.02 20.18 -6.18
CA GLN D 63 -18.98 18.75 -6.43
C GLN D 63 -18.75 17.97 -5.14
N LEU D 64 -17.69 18.32 -4.40
CA LEU D 64 -17.38 17.60 -3.17
C LEU D 64 -18.49 17.74 -2.14
N GLU D 65 -19.05 18.95 -2.02
CA GLU D 65 -20.12 19.20 -1.06
C GLU D 65 -21.37 18.39 -1.41
N ALA D 66 -21.75 18.38 -2.70
CA ALA D 66 -22.91 17.63 -3.12
C ALA D 66 -22.69 16.13 -2.94
N ILE D 67 -21.48 15.65 -3.21
CA ILE D 67 -21.19 14.22 -3.03
C ILE D 67 -21.28 13.84 -1.56
N ASN D 68 -20.74 14.69 -0.67
CA ASN D 68 -20.86 14.42 0.76
C ASN D 68 -22.31 14.42 1.20
N ALA D 69 -23.09 15.41 0.76
CA ALA D 69 -24.50 15.45 1.11
C ALA D 69 -25.25 14.22 0.61
N ALA D 70 -24.95 13.78 -0.61
CA ALA D 70 -25.59 12.58 -1.16
C ALA D 70 -25.22 11.34 -0.36
N LEU D 71 -23.93 11.17 -0.06
CA LEU D 71 -23.51 9.98 0.67
C LEU D 71 -23.98 9.98 2.12
N LEU D 72 -24.42 11.13 2.64
CA LEU D 72 -25.04 11.20 3.95
C LEU D 72 -26.54 11.02 3.91
N GLY D 73 -27.12 10.75 2.74
CA GLY D 73 -28.54 10.48 2.62
C GLY D 73 -29.45 11.67 2.42
N GLU D 74 -28.89 12.86 2.17
CA GLU D 74 -29.71 14.05 1.99
C GLU D 74 -30.35 14.10 0.61
N ASP D 75 -31.54 14.71 0.55
CA ASP D 75 -32.13 15.05 -0.74
C ASP D 75 -31.43 16.25 -1.34
N CYS D 76 -31.17 16.20 -2.64
CA CYS D 76 -30.34 17.21 -3.28
C CYS D 76 -31.03 17.83 -4.48
N PHE D 77 -30.82 19.13 -4.64
CA PHE D 77 -31.24 19.88 -5.84
C PHE D 77 -30.02 20.62 -6.36
N ILE D 78 -29.57 20.26 -7.55
CA ILE D 78 -28.31 20.76 -8.10
C ILE D 78 -28.61 21.57 -9.35
N LEU D 79 -28.29 22.86 -9.30
CA LEU D 79 -28.31 23.73 -10.47
C LEU D 79 -26.86 23.95 -10.87
N MET D 80 -26.42 23.25 -11.92
CA MET D 80 -25.05 23.29 -12.35
C MET D 80 -25.01 23.35 -13.88
N PRO D 81 -24.22 24.26 -14.44
CA PRO D 81 -24.21 24.42 -15.91
C PRO D 81 -23.75 23.15 -16.62
N THR D 82 -24.09 23.07 -17.90
CA THR D 82 -23.65 21.95 -18.72
C THR D 82 -22.14 21.91 -18.76
N GLY D 83 -21.57 20.72 -18.55
CA GLY D 83 -20.14 20.58 -18.41
C GLY D 83 -19.61 20.82 -17.01
N GLY D 84 -20.47 21.24 -16.08
CA GLY D 84 -20.06 21.49 -14.71
C GLY D 84 -19.69 20.25 -13.93
N GLY D 85 -20.16 19.08 -14.34
CA GLY D 85 -19.82 17.85 -13.66
C GLY D 85 -20.97 17.28 -12.85
N LYS D 86 -22.19 17.38 -13.39
CA LYS D 86 -23.37 16.94 -12.65
C LYS D 86 -23.39 15.43 -12.48
N SER D 87 -22.91 14.68 -13.48
CA SER D 87 -23.06 13.22 -13.46
C SER D 87 -22.37 12.61 -12.24
N LEU D 88 -21.13 13.03 -11.98
CA LEU D 88 -20.39 12.49 -10.84
C LEU D 88 -21.18 12.67 -9.56
N CYS D 89 -21.87 13.81 -9.42
CA CYS D 89 -22.59 14.13 -8.20
C CYS D 89 -23.55 13.02 -7.79
N TYR D 90 -24.06 12.25 -8.76
CA TYR D 90 -24.86 11.08 -8.42
C TYR D 90 -24.17 9.76 -8.76
N GLN D 91 -23.16 9.77 -9.63
CA GLN D 91 -22.52 8.53 -10.03
C GLN D 91 -21.46 8.07 -9.02
N LEU D 92 -20.74 9.01 -8.41
CA LEU D 92 -19.76 8.62 -7.38
C LEU D 92 -20.43 8.10 -6.12
N PRO D 93 -21.45 8.76 -5.55
CA PRO D 93 -22.16 8.13 -4.42
C PRO D 93 -22.78 6.80 -4.78
N ALA D 94 -23.30 6.67 -6.01
CA ALA D 94 -23.89 5.41 -6.45
C ALA D 94 -22.90 4.26 -6.35
N CYS D 95 -21.61 4.54 -6.58
CA CYS D 95 -20.61 3.49 -6.45
C CYS D 95 -20.33 3.15 -4.99
N VAL D 96 -20.45 4.13 -4.09
CA VAL D 96 -20.14 3.88 -2.68
C VAL D 96 -21.28 3.17 -1.98
N SER D 97 -22.52 3.62 -2.21
CA SER D 97 -23.64 3.10 -1.45
C SER D 97 -23.95 1.67 -1.88
N PRO D 98 -24.48 0.85 -0.96
CA PRO D 98 -24.92 -0.49 -1.34
C PRO D 98 -26.24 -0.42 -2.09
N GLY D 99 -26.46 -1.42 -2.94
CA GLY D 99 -27.68 -1.49 -3.70
C GLY D 99 -27.61 -0.71 -5.01
N VAL D 100 -28.78 -0.45 -5.57
CA VAL D 100 -28.91 0.13 -6.90
C VAL D 100 -29.39 1.57 -6.78
N THR D 101 -28.78 2.45 -7.58
CA THR D 101 -29.24 3.82 -7.74
C THR D 101 -30.04 3.89 -9.04
N VAL D 102 -31.28 4.35 -8.96
CA VAL D 102 -32.17 4.43 -10.10
C VAL D 102 -32.10 5.84 -10.67
N VAL D 103 -31.71 5.96 -11.93
CA VAL D 103 -31.56 7.25 -12.59
C VAL D 103 -32.66 7.36 -13.64
N ILE D 104 -33.51 8.37 -13.49
CA ILE D 104 -34.61 8.60 -14.42
C ILE D 104 -34.18 9.67 -15.42
N SER D 105 -34.23 9.32 -16.70
CA SER D 105 -33.78 10.20 -17.78
C SER D 105 -34.87 10.30 -18.84
N PRO D 106 -34.95 11.45 -19.53
CA PRO D 106 -36.07 11.68 -20.45
C PRO D 106 -35.95 11.00 -21.81
N LEU D 107 -34.76 10.54 -22.20
CA LEU D 107 -34.54 10.06 -23.55
C LEU D 107 -33.77 8.76 -23.55
N ARG D 108 -34.18 7.84 -24.43
CA ARG D 108 -33.45 6.58 -24.60
C ARG D 108 -32.02 6.83 -25.07
N SER D 109 -31.84 7.83 -25.94
CA SER D 109 -30.50 8.16 -26.44
C SER D 109 -29.57 8.55 -25.30
N LEU D 110 -30.03 9.45 -24.43
CA LEU D 110 -29.22 9.85 -23.29
C LEU D 110 -28.92 8.65 -22.40
N ILE D 111 -29.91 7.78 -22.21
CA ILE D 111 -29.72 6.62 -21.34
C ILE D 111 -28.63 5.71 -21.88
N VAL D 112 -28.71 5.36 -23.17
CA VAL D 112 -27.72 4.45 -23.74
C VAL D 112 -26.34 5.10 -23.73
N ASP D 113 -26.27 6.41 -24.03
CA ASP D 113 -24.98 7.09 -24.02
C ASP D 113 -24.34 7.06 -22.63
N GLN D 114 -25.12 7.39 -21.61
CA GLN D 114 -24.59 7.46 -20.26
C GLN D 114 -24.17 6.08 -19.76
N VAL D 115 -24.97 5.05 -20.04
CA VAL D 115 -24.59 3.70 -19.63
C VAL D 115 -23.36 3.24 -20.40
N GLN D 116 -23.21 3.61 -21.67
CA GLN D 116 -22.00 3.25 -22.40
C GLN D 116 -20.77 3.93 -21.78
N LYS D 117 -20.90 5.20 -21.39
CA LYS D 117 -19.79 5.88 -20.75
C LYS D 117 -19.43 5.21 -19.43
N LEU D 118 -20.44 4.90 -18.62
CA LEU D 118 -20.17 4.25 -17.34
C LEU D 118 -19.50 2.89 -17.53
N THR D 119 -19.97 2.10 -18.50
CA THR D 119 -19.36 0.81 -18.77
C THR D 119 -17.93 0.97 -19.28
N SER D 120 -17.67 2.02 -20.05
CA SER D 120 -16.31 2.34 -20.44
C SER D 120 -15.45 2.62 -19.22
N LEU D 121 -16.03 3.25 -18.20
CA LEU D 121 -15.34 3.41 -16.92
C LEU D 121 -15.33 2.13 -16.10
N ASP D 122 -15.93 1.06 -16.60
CA ASP D 122 -16.00 -0.24 -15.92
C ASP D 122 -16.79 -0.14 -14.61
N ILE D 123 -17.84 0.65 -14.61
CA ILE D 123 -18.78 0.74 -13.49
C ILE D 123 -20.03 -0.04 -13.86
N PRO D 124 -20.45 -1.04 -13.07
CA PRO D 124 -21.63 -1.82 -13.43
C PRO D 124 -22.90 -0.98 -13.51
N ALA D 125 -23.44 -0.85 -14.71
CA ALA D 125 -24.62 -0.03 -14.95
C ALA D 125 -25.39 -0.63 -16.13
N THR D 126 -26.72 -0.51 -16.06
CA THR D 126 -27.59 -1.05 -17.10
C THR D 126 -28.86 -0.21 -17.13
N TYR D 127 -29.71 -0.49 -18.12
CA TYR D 127 -30.95 0.25 -18.29
C TYR D 127 -32.08 -0.67 -18.67
N LEU D 128 -33.31 -0.19 -18.45
CA LEU D 128 -34.54 -0.91 -18.78
C LEU D 128 -35.43 0.00 -19.62
N THR D 129 -35.25 -0.06 -20.93
CA THR D 129 -36.14 0.65 -21.85
C THR D 129 -36.68 -0.33 -22.90
N GLY D 130 -37.39 0.19 -23.90
CA GLY D 130 -37.91 -0.65 -24.96
C GLY D 130 -36.87 -1.17 -25.92
N ASP D 131 -35.59 -0.88 -25.69
CA ASP D 131 -34.51 -1.31 -26.56
C ASP D 131 -33.80 -2.55 -26.05
N LYS D 132 -34.06 -2.97 -24.81
CA LYS D 132 -33.57 -4.25 -24.33
C LYS D 132 -34.53 -5.35 -24.75
N THR D 133 -33.98 -6.51 -25.09
CA THR D 133 -34.82 -7.64 -25.43
C THR D 133 -35.44 -8.23 -24.17
N ASP D 134 -36.52 -9.00 -24.35
CA ASP D 134 -37.19 -9.61 -23.21
C ASP D 134 -36.23 -10.49 -22.42
N SER D 135 -35.33 -11.19 -23.11
CA SER D 135 -34.35 -12.01 -22.41
C SER D 135 -33.37 -11.14 -21.64
N GLU D 136 -32.91 -10.05 -22.25
CA GLU D 136 -32.02 -9.13 -21.55
C GLU D 136 -32.73 -8.49 -20.36
N ALA D 137 -34.01 -8.18 -20.51
CA ALA D 137 -34.78 -7.62 -19.40
C ALA D 137 -34.87 -8.62 -18.25
N THR D 138 -35.18 -9.87 -18.56
CA THR D 138 -35.24 -10.90 -17.53
C THR D 138 -33.88 -11.09 -16.86
N ASN D 139 -32.80 -11.03 -17.64
CA ASN D 139 -31.46 -11.15 -17.06
C ASN D 139 -31.15 -9.98 -16.12
N ILE D 140 -31.59 -8.77 -16.50
CA ILE D 140 -31.36 -7.61 -15.65
C ILE D 140 -32.14 -7.74 -14.35
N TYR D 141 -33.42 -8.14 -14.45
CA TYR D 141 -34.24 -8.31 -13.26
C TYR D 141 -33.66 -9.40 -12.36
N LEU D 142 -33.17 -10.49 -12.95
CA LEU D 142 -32.61 -11.57 -12.15
C LEU D 142 -31.31 -11.16 -11.47
N GLN D 143 -30.42 -10.48 -12.21
CA GLN D 143 -29.15 -10.07 -11.61
C GLN D 143 -29.35 -9.04 -10.50
N LEU D 144 -30.20 -8.04 -10.74
CA LEU D 144 -30.45 -7.05 -9.67
C LEU D 144 -31.27 -7.64 -8.54
N SER D 145 -32.09 -8.67 -8.82
CA SER D 145 -32.88 -9.34 -7.80
C SER D 145 -32.09 -10.41 -7.05
N LYS D 146 -30.89 -10.74 -7.52
CA LYS D 146 -30.06 -11.74 -6.86
C LYS D 146 -29.68 -11.25 -5.46
N LYS D 147 -29.15 -12.17 -4.66
CA LYS D 147 -28.75 -11.84 -3.28
C LYS D 147 -27.79 -10.65 -3.25
N ASP D 148 -26.91 -10.57 -4.24
CA ASP D 148 -26.01 -9.41 -4.38
C ASP D 148 -26.35 -8.67 -5.66
N PRO D 149 -27.06 -7.54 -5.59
CA PRO D 149 -27.37 -6.78 -6.80
C PRO D 149 -26.18 -6.06 -7.40
N ILE D 150 -25.21 -6.81 -7.92
CA ILE D 150 -24.04 -6.33 -8.65
C ILE D 150 -24.26 -4.95 -9.28
N ILE D 151 -25.41 -4.78 -9.96
CA ILE D 151 -25.73 -3.53 -10.63
C ILE D 151 -25.70 -2.37 -9.64
N LYS D 152 -25.02 -1.29 -10.02
CA LYS D 152 -24.96 -0.09 -9.21
C LYS D 152 -25.78 1.07 -9.76
N LEU D 153 -26.09 1.07 -11.05
CA LEU D 153 -26.88 2.14 -11.67
C LEU D 153 -27.88 1.51 -12.64
N LEU D 154 -29.16 1.83 -12.44
CA LEU D 154 -30.23 1.38 -13.31
C LEU D 154 -30.91 2.60 -13.92
N TYR D 155 -30.78 2.76 -15.23
CA TYR D 155 -31.36 3.90 -15.93
C TYR D 155 -32.73 3.53 -16.49
N VAL D 156 -33.72 4.38 -16.23
CA VAL D 156 -35.09 4.16 -16.71
C VAL D 156 -35.69 5.49 -17.13
N THR D 157 -36.74 5.41 -17.94
CA THR D 157 -37.53 6.57 -18.32
C THR D 157 -38.73 6.73 -17.39
N PRO D 158 -39.30 7.94 -17.30
CA PRO D 158 -40.51 8.11 -16.50
C PRO D 158 -41.67 7.24 -16.97
N GLU D 159 -41.79 7.03 -18.28
CA GLU D 159 -42.87 6.21 -18.81
C GLU D 159 -42.69 4.74 -18.42
N LYS D 160 -41.45 4.28 -18.32
CA LYS D 160 -41.18 2.91 -17.88
C LYS D 160 -41.61 2.71 -16.44
N ILE D 161 -41.41 3.73 -15.60
CA ILE D 161 -41.79 3.63 -14.20
C ILE D 161 -43.31 3.60 -14.04
N CYS D 162 -44.03 4.26 -14.95
CA CYS D 162 -45.48 4.37 -14.88
C CYS D 162 -46.18 3.35 -15.77
N ALA D 163 -45.48 2.29 -16.19
CA ALA D 163 -46.06 1.27 -17.03
C ALA D 163 -45.60 -0.15 -16.71
N SER D 164 -44.38 -0.34 -16.22
CA SER D 164 -43.87 -1.66 -15.90
C SER D 164 -44.24 -2.01 -14.47
N ASN D 165 -45.19 -2.95 -14.31
CA ASN D 165 -45.46 -3.48 -12.98
C ASN D 165 -44.32 -4.37 -12.51
N ARG D 166 -43.66 -5.06 -13.44
CA ARG D 166 -42.49 -5.87 -13.10
C ARG D 166 -41.40 -5.02 -12.47
N LEU D 167 -41.14 -3.84 -13.05
CA LEU D 167 -40.12 -2.95 -12.50
C LEU D 167 -40.54 -2.42 -11.13
N ILE D 168 -41.82 -2.09 -10.96
CA ILE D 168 -42.28 -1.58 -9.66
C ILE D 168 -42.12 -2.65 -8.59
N SER D 169 -42.46 -3.89 -8.92
CA SER D 169 -42.29 -4.99 -7.96
C SER D 169 -40.81 -5.24 -7.68
N THR D 170 -39.96 -5.12 -8.69
CA THR D 170 -38.53 -5.27 -8.48
C THR D 170 -37.97 -4.17 -7.58
N LEU D 171 -38.43 -2.93 -7.78
CA LEU D 171 -37.99 -1.83 -6.93
C LEU D 171 -38.46 -1.99 -5.50
N GLU D 172 -39.70 -2.48 -5.31
CA GLU D 172 -40.16 -2.75 -3.94
C GLU D 172 -39.36 -3.87 -3.31
N ASN D 173 -39.03 -4.91 -4.10
CA ASN D 173 -38.18 -5.99 -3.62
C ASN D 173 -36.84 -5.44 -3.15
N LEU D 174 -36.24 -4.54 -3.93
CA LEU D 174 -34.97 -3.92 -3.53
C LEU D 174 -35.15 -3.07 -2.28
N TYR D 175 -36.28 -2.36 -2.19
CA TYR D 175 -36.54 -1.50 -1.05
C TYR D 175 -36.64 -2.28 0.24
N GLU D 176 -37.24 -3.47 0.19
CA GLU D 176 -37.43 -4.27 1.40
C GLU D 176 -36.09 -4.77 1.95
N ARG D 177 -35.10 -4.98 1.10
CA ARG D 177 -33.78 -5.45 1.52
C ARG D 177 -32.78 -4.30 1.72
N LYS D 178 -33.26 -3.06 1.78
CA LYS D 178 -32.42 -1.88 2.01
C LYS D 178 -31.35 -1.74 0.93
N LEU D 179 -31.71 -2.08 -0.31
CA LEU D 179 -30.79 -2.01 -1.43
C LEU D 179 -31.29 -1.07 -2.53
N LEU D 180 -32.16 -0.13 -2.16
CA LEU D 180 -32.63 0.93 -3.05
C LEU D 180 -31.96 2.21 -2.56
N ALA D 181 -30.86 2.61 -3.21
CA ALA D 181 -30.01 3.66 -2.68
C ALA D 181 -30.66 5.03 -2.81
N ARG D 182 -30.86 5.49 -4.03
CA ARG D 182 -31.39 6.83 -4.26
C ARG D 182 -32.08 6.90 -5.61
N PHE D 183 -33.08 7.77 -5.71
CA PHE D 183 -33.74 8.06 -6.97
C PHE D 183 -33.16 9.34 -7.54
N VAL D 184 -32.64 9.26 -8.77
CA VAL D 184 -32.00 10.38 -9.43
C VAL D 184 -32.87 10.85 -10.59
N ILE D 185 -33.10 12.14 -10.66
CA ILE D 185 -33.86 12.77 -11.74
C ILE D 185 -32.88 13.61 -12.53
N ASP D 186 -32.42 13.05 -13.65
CA ASP D 186 -31.48 13.72 -14.52
C ASP D 186 -32.25 14.65 -15.46
N GLU D 187 -31.79 15.90 -15.53
CA GLU D 187 -32.50 16.97 -16.25
C GLU D 187 -33.88 17.17 -15.64
N ALA D 188 -33.90 17.57 -14.37
CA ALA D 188 -35.14 17.62 -13.62
C ALA D 188 -36.09 18.69 -14.15
N HIS D 189 -35.58 19.65 -14.93
CA HIS D 189 -36.46 20.66 -15.52
C HIS D 189 -37.53 20.02 -16.39
N CYS D 190 -37.24 18.84 -16.95
CA CYS D 190 -38.24 18.13 -17.76
C CYS D 190 -39.50 17.88 -16.95
N VAL D 191 -39.37 17.61 -15.65
CA VAL D 191 -40.53 17.43 -14.78
C VAL D 191 -41.47 18.63 -14.92
N SER D 192 -40.90 19.83 -14.90
CA SER D 192 -41.71 21.04 -15.06
C SER D 192 -42.00 21.36 -16.51
N GLN D 193 -41.23 20.82 -17.46
CA GLN D 193 -41.38 21.20 -18.86
C GLN D 193 -42.45 20.39 -19.57
N TRP D 194 -42.57 19.11 -19.23
CA TRP D 194 -43.55 18.22 -19.85
C TRP D 194 -44.46 17.52 -18.86
N GLY D 195 -44.29 17.76 -17.55
CA GLY D 195 -45.07 17.03 -16.57
C GLY D 195 -46.53 17.42 -16.50
N HIS D 196 -46.88 18.59 -17.02
CA HIS D 196 -48.26 19.06 -17.00
C HIS D 196 -49.02 18.74 -18.27
N ASP D 197 -48.31 18.37 -19.34
CA ASP D 197 -48.90 18.08 -20.64
C ASP D 197 -47.81 17.47 -21.51
N PHE D 198 -48.24 16.60 -22.44
CA PHE D 198 -47.38 15.92 -23.41
C PHE D 198 -46.73 14.68 -22.79
N ARG D 199 -46.04 14.83 -21.66
CA ARG D 199 -45.44 13.70 -20.95
C ARG D 199 -45.79 13.78 -19.45
N GLN D 200 -47.04 13.48 -19.13
CA GLN D 200 -47.55 13.63 -17.76
C GLN D 200 -47.04 12.55 -16.81
N ASP D 201 -46.37 11.51 -17.32
CA ASP D 201 -45.78 10.51 -16.42
C ASP D 201 -44.73 11.13 -15.51
N TYR D 202 -44.07 12.20 -15.97
CA TYR D 202 -43.15 12.94 -15.12
C TYR D 202 -43.82 13.38 -13.83
N LYS D 203 -45.14 13.58 -13.86
CA LYS D 203 -45.90 13.80 -12.64
C LYS D 203 -46.23 12.47 -11.96
N ARG D 204 -46.73 11.50 -12.73
CA ARG D 204 -47.24 10.26 -12.15
C ARG D 204 -46.15 9.49 -11.43
N MET D 205 -44.90 9.57 -11.89
CA MET D 205 -43.84 8.86 -11.22
C MET D 205 -43.55 9.39 -9.82
N ASN D 206 -44.06 10.58 -9.49
CA ASN D 206 -44.00 11.06 -8.11
C ASN D 206 -44.66 10.07 -7.16
N MET D 207 -45.54 9.22 -7.68
CA MET D 207 -46.10 8.07 -6.98
C MET D 207 -45.03 7.32 -6.19
N LEU D 208 -43.83 7.20 -6.77
CA LEU D 208 -42.75 6.47 -6.12
C LEU D 208 -42.46 7.03 -4.74
N ARG D 209 -42.48 8.35 -4.59
CA ARG D 209 -42.19 8.97 -3.30
C ARG D 209 -43.19 8.58 -2.22
N GLN D 210 -44.39 8.11 -2.62
CA GLN D 210 -45.34 7.58 -1.65
C GLN D 210 -45.02 6.14 -1.29
N LYS D 211 -44.54 5.36 -2.26
CA LYS D 211 -44.25 3.95 -2.03
C LYS D 211 -42.94 3.74 -1.27
N PHE D 212 -41.94 4.58 -1.53
CA PHE D 212 -40.61 4.45 -0.93
C PHE D 212 -40.22 5.78 -0.32
N PRO D 213 -40.79 6.13 0.84
CA PRO D 213 -40.55 7.47 1.39
C PRO D 213 -39.16 7.67 1.98
N SER D 214 -38.46 6.60 2.36
CA SER D 214 -37.16 6.74 3.01
C SER D 214 -35.99 6.81 2.04
N VAL D 215 -36.20 6.59 0.75
CA VAL D 215 -35.10 6.64 -0.21
C VAL D 215 -34.89 8.10 -0.64
N PRO D 216 -33.67 8.61 -0.56
CA PRO D 216 -33.44 10.02 -0.93
C PRO D 216 -33.52 10.22 -2.43
N VAL D 217 -33.78 11.47 -2.81
CA VAL D 217 -33.91 11.88 -4.20
C VAL D 217 -32.88 12.96 -4.49
N MET D 218 -32.30 12.89 -5.69
CA MET D 218 -31.36 13.90 -6.17
C MET D 218 -31.82 14.35 -7.54
N ALA D 219 -32.13 15.63 -7.68
CA ALA D 219 -32.53 16.23 -8.95
C ALA D 219 -31.40 17.09 -9.46
N LEU D 220 -31.06 16.93 -10.74
CA LEU D 220 -29.99 17.71 -11.34
C LEU D 220 -30.49 18.42 -12.59
N THR D 221 -30.11 19.68 -12.75
CA THR D 221 -30.55 20.47 -13.90
C THR D 221 -29.55 21.60 -14.13
N ALA D 222 -29.46 22.03 -15.39
CA ALA D 222 -28.60 23.14 -15.78
C ALA D 222 -29.35 24.43 -16.07
N THR D 223 -30.69 24.37 -16.20
CA THR D 223 -31.47 25.55 -16.57
C THR D 223 -32.81 25.50 -15.84
N ALA D 224 -33.07 26.51 -15.01
CA ALA D 224 -34.32 26.61 -14.27
C ALA D 224 -34.47 27.96 -13.60
N ASN D 225 -35.47 28.75 -14.02
CA ASN D 225 -35.76 30.00 -13.35
C ASN D 225 -36.34 29.69 -11.97
N PRO D 226 -36.40 30.68 -11.06
CA PRO D 226 -36.84 30.37 -9.68
C PRO D 226 -38.22 29.75 -9.61
N ARG D 227 -39.16 30.21 -10.44
CA ARG D 227 -40.49 29.62 -10.44
C ARG D 227 -40.44 28.16 -10.89
N VAL D 228 -39.65 27.88 -11.93
CA VAL D 228 -39.51 26.49 -12.37
C VAL D 228 -38.74 25.67 -11.34
N GLN D 229 -37.80 26.27 -10.61
CA GLN D 229 -37.14 25.56 -9.52
C GLN D 229 -38.16 25.10 -8.48
N LYS D 230 -39.00 26.04 -8.01
CA LYS D 230 -40.02 25.69 -7.03
C LYS D 230 -40.99 24.65 -7.59
N ASP D 231 -41.32 24.77 -8.87
CA ASP D 231 -42.23 23.80 -9.49
C ASP D 231 -41.60 22.41 -9.53
N ILE D 232 -40.33 22.32 -9.90
CA ILE D 232 -39.63 21.04 -9.92
C ILE D 232 -39.63 20.41 -8.54
N LEU D 233 -39.30 21.20 -7.52
CA LEU D 233 -39.23 20.65 -6.17
C LEU D 233 -40.60 20.20 -5.67
N THR D 234 -41.66 20.96 -6.00
CA THR D 234 -43.00 20.55 -5.59
C THR D 234 -43.47 19.30 -6.33
N GLN D 235 -43.18 19.22 -7.64
CA GLN D 235 -43.67 18.09 -8.43
C GLN D 235 -42.99 16.79 -8.03
N LEU D 236 -41.72 16.83 -7.63
CA LEU D 236 -41.03 15.63 -7.16
C LEU D 236 -41.28 15.35 -5.69
N LYS D 237 -41.96 16.25 -4.99
CA LYS D 237 -42.30 16.12 -3.57
C LYS D 237 -41.04 15.88 -2.72
N ILE D 238 -40.10 16.82 -2.84
CA ILE D 238 -38.91 16.87 -1.99
C ILE D 238 -38.88 18.29 -1.42
N LEU D 239 -39.53 18.49 -0.28
CA LEU D 239 -39.83 19.84 0.19
C LEU D 239 -38.65 20.52 0.88
N ARG D 240 -37.70 19.76 1.44
CA ARG D 240 -36.55 20.33 2.14
C ARG D 240 -35.25 19.72 1.63
N PRO D 241 -34.87 20.04 0.39
CA PRO D 241 -33.62 19.51 -0.16
C PRO D 241 -32.43 20.42 0.13
N GLN D 242 -31.25 19.82 0.11
CA GLN D 242 -30.00 20.58 0.12
C GLN D 242 -29.76 21.12 -1.29
N VAL D 243 -29.62 22.43 -1.41
CA VAL D 243 -29.56 23.10 -2.70
C VAL D 243 -28.12 23.53 -2.98
N PHE D 244 -27.60 23.08 -4.12
CA PHE D 244 -26.26 23.46 -4.59
C PHE D 244 -26.44 24.20 -5.92
N SER D 245 -26.18 25.50 -5.92
CA SER D 245 -26.42 26.35 -7.07
C SER D 245 -25.12 27.01 -7.52
N MET D 246 -25.16 27.60 -8.71
CA MET D 246 -24.00 28.27 -9.29
C MET D 246 -24.46 29.42 -10.19
N SER D 247 -23.49 30.15 -10.73
CA SER D 247 -23.77 31.31 -11.56
C SER D 247 -24.34 30.91 -12.91
N PHE D 248 -25.42 31.57 -13.32
CA PHE D 248 -26.02 31.36 -14.63
C PHE D 248 -25.27 32.09 -15.75
N ASN D 249 -24.27 32.89 -15.43
CA ASN D 249 -23.61 33.71 -16.45
C ASN D 249 -22.80 32.86 -17.42
N ARG D 250 -22.95 33.17 -18.71
CA ARG D 250 -22.18 32.55 -19.80
C ARG D 250 -21.26 33.62 -20.38
N HIS D 251 -20.00 33.65 -19.90
CA HIS D 251 -19.13 34.79 -20.15
C HIS D 251 -18.73 34.92 -21.62
N ASN D 252 -18.70 33.82 -22.37
CA ASN D 252 -18.07 33.80 -23.70
C ASN D 252 -19.06 33.88 -24.85
N LEU D 253 -20.34 34.12 -24.60
CA LEU D 253 -21.36 34.10 -25.64
C LEU D 253 -21.79 35.52 -26.01
N LYS D 254 -21.90 35.77 -27.32
CA LYS D 254 -22.42 37.03 -27.84
C LYS D 254 -23.85 36.81 -28.31
N TYR D 255 -24.79 37.50 -27.68
CA TYR D 255 -26.21 37.35 -27.99
C TYR D 255 -26.66 38.43 -28.96
N TYR D 256 -27.30 38.02 -30.06
CA TYR D 256 -27.81 38.92 -31.08
C TYR D 256 -29.25 38.55 -31.41
N VAL D 257 -30.04 39.57 -31.73
CA VAL D 257 -31.36 39.39 -32.35
C VAL D 257 -31.43 40.31 -33.55
N LEU D 258 -31.64 39.74 -34.73
CA LEU D 258 -31.67 40.51 -35.95
C LEU D 258 -33.04 40.43 -36.60
N PRO D 259 -33.45 41.45 -37.35
CA PRO D 259 -34.74 41.37 -38.05
C PRO D 259 -34.70 40.31 -39.13
N LYS D 260 -35.75 39.50 -39.18
CA LYS D 260 -35.82 38.36 -40.09
C LYS D 260 -36.65 38.73 -41.32
N LYS D 261 -36.11 38.42 -42.50
CA LYS D 261 -36.88 38.45 -43.73
C LYS D 261 -37.38 37.04 -44.01
N PRO D 262 -38.67 36.75 -43.82
CA PRO D 262 -39.14 35.35 -43.87
C PRO D 262 -38.79 34.59 -45.14
N LYS D 263 -38.57 35.28 -46.26
CA LYS D 263 -38.27 34.62 -47.52
C LYS D 263 -36.85 34.92 -48.00
N LYS D 264 -35.89 34.89 -47.07
CA LYS D 264 -34.49 35.13 -47.39
C LYS D 264 -33.58 34.74 -46.24
N VAL D 265 -34.19 34.40 -45.09
CA VAL D 265 -33.41 34.18 -43.87
C VAL D 265 -32.35 33.12 -44.10
N ALA D 266 -32.71 32.02 -44.77
CA ALA D 266 -31.74 30.97 -45.05
C ALA D 266 -30.53 31.55 -45.78
N PHE D 267 -30.78 32.31 -46.84
CA PHE D 267 -29.68 32.92 -47.59
C PHE D 267 -28.84 33.79 -46.66
N ASP D 268 -29.49 34.54 -45.79
CA ASP D 268 -28.75 35.35 -44.83
C ASP D 268 -27.79 34.46 -44.05
N CYS D 269 -28.32 33.40 -43.43
CA CYS D 269 -27.47 32.47 -42.71
C CYS D 269 -26.38 31.96 -43.62
N LEU D 270 -26.75 31.53 -44.83
CA LEU D 270 -25.78 31.01 -45.78
C LEU D 270 -24.62 31.98 -45.95
N GLU D 271 -24.93 33.26 -46.17
CA GLU D 271 -23.86 34.23 -46.31
C GLU D 271 -23.12 34.41 -44.99
N TRP D 272 -23.88 34.63 -43.91
CA TRP D 272 -23.25 34.96 -42.63
C TRP D 272 -22.28 33.89 -42.19
N ILE D 273 -22.72 32.63 -42.24
CA ILE D 273 -21.84 31.53 -41.88
C ILE D 273 -20.58 31.58 -42.72
N ARG D 274 -20.73 31.62 -44.05
CA ARG D 274 -19.53 31.55 -44.89
C ARG D 274 -18.72 32.83 -44.82
N LYS D 275 -19.24 33.89 -44.20
CA LYS D 275 -18.41 35.07 -43.96
C LYS D 275 -17.66 34.95 -42.64
N HIS D 276 -18.28 34.34 -41.63
CA HIS D 276 -17.77 34.35 -40.28
C HIS D 276 -17.30 33.00 -39.78
N HIS D 277 -17.92 31.90 -40.19
CA HIS D 277 -17.57 30.57 -39.70
C HIS D 277 -17.54 29.59 -40.85
N PRO D 278 -16.58 29.74 -41.78
CA PRO D 278 -16.50 28.80 -42.91
C PRO D 278 -16.05 27.41 -42.52
N TYR D 279 -15.33 27.25 -41.42
CA TYR D 279 -14.81 25.96 -40.98
C TYR D 279 -15.28 25.59 -39.57
N ASP D 280 -16.36 26.19 -39.09
CA ASP D 280 -16.81 25.98 -37.73
C ASP D 280 -18.15 25.26 -37.70
N SER D 281 -18.33 24.42 -36.67
CA SER D 281 -19.56 23.68 -36.48
C SER D 281 -20.66 24.60 -35.95
N GLY D 282 -21.90 24.30 -36.32
CA GLY D 282 -23.00 25.13 -35.87
C GLY D 282 -24.34 24.43 -35.91
N ILE D 283 -25.29 25.05 -35.23
CA ILE D 283 -26.67 24.57 -35.16
C ILE D 283 -27.59 25.69 -35.63
N ILE D 284 -28.55 25.34 -36.48
CA ILE D 284 -29.62 26.25 -36.88
C ILE D 284 -30.92 25.62 -36.39
N TYR D 285 -31.50 26.18 -35.33
CA TYR D 285 -32.75 25.64 -34.81
C TYR D 285 -33.93 26.20 -35.59
N CYS D 286 -34.81 25.31 -36.02
CA CYS D 286 -35.94 25.66 -36.86
C CYS D 286 -37.24 25.28 -36.16
N LEU D 287 -38.33 25.95 -36.56
CA LEU D 287 -39.62 25.74 -35.92
C LEU D 287 -40.29 24.46 -36.40
N SER D 288 -40.16 24.12 -37.69
CA SER D 288 -40.86 22.99 -38.27
C SER D 288 -39.90 22.10 -39.04
N ARG D 289 -40.38 20.90 -39.38
CA ARG D 289 -39.57 19.98 -40.17
C ARG D 289 -39.30 20.51 -41.57
N ARG D 290 -40.33 21.06 -42.21
CA ARG D 290 -40.14 21.61 -43.56
C ARG D 290 -39.15 22.77 -43.55
N GLU D 291 -39.17 23.57 -42.48
CA GLU D 291 -38.16 24.63 -42.34
C GLU D 291 -36.77 24.04 -42.26
N CYS D 292 -36.60 22.95 -41.51
CA CYS D 292 -35.31 22.27 -41.43
C CYS D 292 -34.86 21.80 -42.81
N ASP D 293 -35.77 21.17 -43.55
CA ASP D 293 -35.41 20.65 -44.86
C ASP D 293 -35.02 21.77 -45.82
N THR D 294 -35.80 22.85 -45.83
CA THR D 294 -35.47 23.97 -46.72
C THR D 294 -34.15 24.63 -46.33
N MET D 295 -33.89 24.75 -45.03
CA MET D 295 -32.63 25.34 -44.58
C MET D 295 -31.44 24.49 -44.99
N ALA D 296 -31.53 23.18 -44.75
CA ALA D 296 -30.47 22.28 -45.16
C ALA D 296 -30.27 22.31 -46.67
N ASP D 297 -31.36 22.36 -47.43
CA ASP D 297 -31.25 22.43 -48.89
C ASP D 297 -30.56 23.71 -49.34
N THR D 298 -30.95 24.84 -48.76
CA THR D 298 -30.33 26.12 -49.12
C THR D 298 -28.84 26.10 -48.82
N LEU D 299 -28.46 25.63 -47.62
CA LEU D 299 -27.04 25.59 -47.29
C LEU D 299 -26.29 24.58 -48.15
N GLN D 300 -26.95 23.49 -48.55
CA GLN D 300 -26.29 22.46 -49.34
C GLN D 300 -26.05 22.89 -50.77
N ARG D 301 -26.97 23.70 -51.34
CA ARG D 301 -26.81 24.17 -52.70
C ARG D 301 -25.55 24.99 -52.90
N ASP D 302 -25.03 25.62 -51.86
CA ASP D 302 -23.82 26.41 -51.94
C ASP D 302 -22.59 25.63 -51.48
N GLY D 303 -22.69 24.32 -51.30
CA GLY D 303 -21.54 23.50 -50.96
C GLY D 303 -21.23 23.38 -49.49
N LEU D 304 -22.12 23.82 -48.61
CA LEU D 304 -21.94 23.66 -47.17
C LEU D 304 -22.54 22.35 -46.71
N ALA D 305 -21.77 21.57 -45.96
CA ALA D 305 -22.22 20.27 -45.45
C ALA D 305 -23.20 20.52 -44.30
N ALA D 306 -24.46 20.76 -44.67
CA ALA D 306 -25.52 20.99 -43.71
C ALA D 306 -26.54 19.86 -43.81
N LEU D 307 -27.04 19.43 -42.66
CA LEU D 307 -27.96 18.30 -42.63
C LEU D 307 -29.18 18.62 -41.76
N ALA D 308 -30.36 18.25 -42.25
CA ALA D 308 -31.59 18.45 -41.51
C ALA D 308 -31.76 17.35 -40.47
N TYR D 309 -32.38 17.72 -39.35
CA TYR D 309 -32.54 16.79 -38.24
C TYR D 309 -33.83 17.13 -37.50
N HIS D 310 -34.76 16.18 -37.47
CA HIS D 310 -36.01 16.35 -36.75
C HIS D 310 -36.60 14.96 -36.48
N ALA D 311 -37.74 14.96 -35.78
CA ALA D 311 -38.36 13.69 -35.38
C ALA D 311 -38.90 12.90 -36.57
N GLY D 312 -39.03 13.52 -37.74
CA GLY D 312 -39.52 12.80 -38.90
C GLY D 312 -38.55 11.75 -39.42
N LEU D 313 -37.25 11.93 -39.16
CA LEU D 313 -36.26 10.95 -39.56
C LEU D 313 -36.28 9.74 -38.64
N SER D 314 -35.83 8.61 -39.18
CA SER D 314 -35.72 7.40 -38.38
C SER D 314 -34.61 7.59 -37.33
N ASP D 315 -34.67 6.74 -36.30
CA ASP D 315 -33.62 6.80 -35.27
C ASP D 315 -32.25 6.50 -35.86
N SER D 316 -32.20 5.58 -36.83
CA SER D 316 -30.92 5.26 -37.49
C SER D 316 -30.41 6.46 -38.27
N ALA D 317 -31.27 7.10 -39.07
CA ALA D 317 -30.84 8.26 -39.83
C ALA D 317 -30.48 9.43 -38.92
N ARG D 318 -31.21 9.60 -37.82
CA ARG D 318 -30.88 10.65 -36.88
C ARG D 318 -29.52 10.39 -36.24
N ASP D 319 -29.22 9.14 -35.91
CA ASP D 319 -27.91 8.81 -35.35
C ASP D 319 -26.81 9.05 -36.38
N GLU D 320 -27.08 8.73 -37.64
CA GLU D 320 -26.11 9.01 -38.69
C GLU D 320 -25.80 10.50 -38.78
N VAL D 321 -26.86 11.33 -38.81
CA VAL D 321 -26.68 12.77 -38.91
C VAL D 321 -25.94 13.30 -37.68
N GLN D 322 -26.29 12.79 -36.50
CA GLN D 322 -25.64 13.25 -35.27
C GLN D 322 -24.15 12.89 -35.27
N GLN D 323 -23.81 11.66 -35.67
CA GLN D 323 -22.40 11.28 -35.69
C GLN D 323 -21.62 12.05 -36.74
N LYS D 324 -22.24 12.33 -37.89
CA LYS D 324 -21.55 13.14 -38.89
C LYS D 324 -21.33 14.56 -38.38
N TRP D 325 -22.30 15.12 -37.64
CA TRP D 325 -22.13 16.47 -37.12
C TRP D 325 -21.07 16.53 -36.03
N ILE D 326 -21.08 15.55 -35.12
CA ILE D 326 -20.13 15.55 -34.00
C ILE D 326 -18.70 15.43 -34.51
N ASN D 327 -18.48 14.58 -35.50
CA ASN D 327 -17.15 14.34 -36.04
C ASN D 327 -16.78 15.32 -37.16
N GLN D 328 -17.70 16.20 -37.55
CA GLN D 328 -17.49 17.11 -38.67
C GLN D 328 -17.10 16.35 -39.94
N ASP D 329 -17.68 15.17 -40.09
CA ASP D 329 -17.45 14.29 -41.24
C ASP D 329 -18.67 14.38 -42.14
N GLY D 330 -18.63 15.30 -43.10
CA GLY D 330 -19.72 15.49 -44.02
C GLY D 330 -20.91 16.24 -43.46
N CYS D 331 -20.74 16.95 -42.34
CA CYS D 331 -21.81 17.78 -41.79
C CYS D 331 -21.17 18.89 -40.97
N GLN D 332 -21.22 20.11 -41.49
CA GLN D 332 -20.70 21.27 -40.76
C GLN D 332 -21.76 21.90 -39.88
N VAL D 333 -22.97 22.07 -40.40
CA VAL D 333 -24.08 22.68 -39.67
C VAL D 333 -25.25 21.72 -39.64
N ILE D 334 -25.87 21.59 -38.47
CA ILE D 334 -27.07 20.77 -38.31
C ILE D 334 -28.26 21.71 -38.17
N CYS D 335 -29.27 21.50 -39.01
CA CYS D 335 -30.48 22.33 -39.07
C CYS D 335 -31.60 21.50 -38.44
N ALA D 336 -31.95 21.81 -37.20
CA ALA D 336 -32.75 20.91 -36.38
C ALA D 336 -33.90 21.62 -35.71
N THR D 337 -34.91 20.83 -35.34
CA THR D 337 -35.89 21.25 -34.36
C THR D 337 -35.33 21.02 -32.96
N ILE D 338 -36.10 21.41 -31.94
CA ILE D 338 -35.67 21.23 -30.56
C ILE D 338 -35.46 19.78 -30.17
N ALA D 339 -35.80 18.83 -31.06
CA ALA D 339 -35.53 17.42 -30.78
C ALA D 339 -34.04 17.16 -30.61
N PHE D 340 -33.20 17.94 -31.27
CA PHE D 340 -31.76 17.81 -31.19
C PHE D 340 -31.20 18.65 -30.05
N GLY D 341 -30.25 18.09 -29.30
CA GLY D 341 -29.48 18.91 -28.39
C GLY D 341 -29.22 18.43 -26.98
N MET D 342 -30.13 17.64 -26.40
CA MET D 342 -30.03 17.35 -24.97
C MET D 342 -28.82 16.48 -24.63
N GLY D 343 -28.39 15.61 -25.54
CA GLY D 343 -27.26 14.73 -25.31
C GLY D 343 -25.94 15.22 -25.85
N ILE D 344 -25.87 16.44 -26.38
CA ILE D 344 -24.70 16.89 -27.13
C ILE D 344 -23.63 17.39 -26.17
N ASP D 345 -22.39 16.96 -26.40
CA ASP D 345 -21.24 17.41 -25.62
C ASP D 345 -20.14 17.96 -26.53
N LYS D 346 -20.51 18.56 -27.66
CA LYS D 346 -19.51 19.08 -28.58
C LYS D 346 -18.94 20.37 -28.02
N PRO D 347 -17.63 20.49 -27.85
CA PRO D 347 -17.07 21.67 -27.15
C PRO D 347 -16.83 22.87 -28.05
N ASP D 348 -16.73 22.65 -29.36
CA ASP D 348 -16.32 23.73 -30.24
C ASP D 348 -17.42 24.15 -31.21
N VAL D 349 -18.64 24.30 -30.69
CA VAL D 349 -19.75 24.84 -31.47
C VAL D 349 -19.63 26.36 -31.45
N ARG D 350 -19.31 26.95 -32.61
CA ARG D 350 -19.01 28.38 -32.68
C ARG D 350 -20.24 29.26 -32.88
N PHE D 351 -21.35 28.72 -33.39
CA PHE D 351 -22.53 29.55 -33.57
C PHE D 351 -23.80 28.72 -33.43
N VAL D 352 -24.80 29.31 -32.79
CA VAL D 352 -26.15 28.75 -32.72
C VAL D 352 -27.11 29.79 -33.28
N ILE D 353 -27.84 29.41 -34.34
CA ILE D 353 -28.78 30.30 -35.01
C ILE D 353 -30.19 29.79 -34.77
N HIS D 354 -31.04 30.65 -34.21
CA HIS D 354 -32.47 30.40 -34.11
C HIS D 354 -33.13 31.09 -35.31
N ALA D 355 -33.42 30.30 -36.35
CA ALA D 355 -34.11 30.85 -37.52
C ALA D 355 -35.51 31.34 -37.18
N SER D 356 -36.09 30.85 -36.08
CA SER D 356 -37.34 31.34 -35.54
C SER D 356 -37.18 31.46 -34.04
N LEU D 357 -37.95 32.35 -33.43
CA LEU D 357 -37.82 32.53 -31.99
C LEU D 357 -38.32 31.28 -31.26
N PRO D 358 -37.64 30.87 -30.19
CA PRO D 358 -38.07 29.68 -29.45
C PRO D 358 -39.30 29.94 -28.61
N LYS D 359 -39.85 28.86 -28.06
CA LYS D 359 -41.10 28.95 -27.31
C LYS D 359 -40.94 29.61 -25.95
N SER D 360 -39.74 29.63 -25.39
CA SER D 360 -39.55 30.17 -24.04
C SER D 360 -38.13 30.67 -23.86
N VAL D 361 -37.95 31.50 -22.83
CA VAL D 361 -36.61 32.02 -22.52
C VAL D 361 -35.72 30.91 -21.96
N GLU D 362 -36.29 30.00 -21.18
CA GLU D 362 -35.50 28.86 -20.71
C GLU D 362 -35.02 28.02 -21.89
N GLY D 363 -35.90 27.77 -22.85
CA GLY D 363 -35.50 27.05 -24.04
C GLY D 363 -34.41 27.78 -24.82
N TYR D 364 -34.56 29.10 -24.97
CA TYR D 364 -33.53 29.88 -25.67
C TYR D 364 -32.19 29.79 -24.94
N TYR D 365 -32.21 29.92 -23.61
CA TYR D 365 -30.98 29.84 -22.84
C TYR D 365 -30.33 28.48 -23.02
N GLN D 366 -31.11 27.41 -22.93
CA GLN D 366 -30.57 26.06 -23.06
C GLN D 366 -30.01 25.84 -24.46
N GLU D 367 -30.71 26.31 -25.49
CA GLU D 367 -30.30 26.05 -26.86
C GLU D 367 -29.08 26.87 -27.24
N SER D 368 -29.07 28.17 -26.91
CA SER D 368 -27.91 29.01 -27.18
C SER D 368 -26.71 28.62 -26.33
N GLY D 369 -26.93 28.03 -25.16
CA GLY D 369 -25.80 27.64 -24.32
C GLY D 369 -25.00 26.48 -24.85
N ARG D 370 -25.52 25.74 -25.83
CA ARG D 370 -24.75 24.70 -26.48
C ARG D 370 -23.57 25.25 -27.28
N ALA D 371 -23.56 26.55 -27.56
CA ALA D 371 -22.41 27.17 -28.20
C ALA D 371 -21.31 27.45 -27.18
N GLY D 372 -20.07 27.30 -27.62
CA GLY D 372 -18.91 27.68 -26.82
C GLY D 372 -18.80 27.00 -25.48
N ARG D 373 -18.97 25.67 -25.45
CA ARG D 373 -18.74 24.94 -24.21
C ARG D 373 -17.27 24.93 -23.82
N ASP D 374 -16.36 25.15 -24.77
CA ASP D 374 -14.93 25.19 -24.50
C ASP D 374 -14.48 26.52 -23.89
N GLY D 375 -15.38 27.49 -23.78
CA GLY D 375 -15.05 28.78 -23.23
C GLY D 375 -14.55 29.79 -24.23
N GLU D 376 -14.43 29.42 -25.50
CA GLU D 376 -14.02 30.35 -26.54
C GLU D 376 -15.23 31.12 -27.06
N ILE D 377 -14.94 32.23 -27.75
CA ILE D 377 -15.99 33.12 -28.21
C ILE D 377 -16.92 32.40 -29.19
N SER D 378 -18.22 32.50 -28.94
CA SER D 378 -19.22 31.92 -29.82
C SER D 378 -20.35 32.90 -30.00
N HIS D 379 -21.13 32.69 -31.05
CA HIS D 379 -22.20 33.60 -31.43
C HIS D 379 -23.55 32.90 -31.29
N CYS D 380 -24.55 33.64 -30.82
CA CYS D 380 -25.93 33.17 -30.74
C CYS D 380 -26.81 34.19 -31.44
N LEU D 381 -27.25 33.85 -32.64
CA LEU D 381 -28.03 34.77 -33.47
C LEU D 381 -29.47 34.28 -33.54
N LEU D 382 -30.41 35.17 -33.24
CA LEU D 382 -31.83 34.84 -33.29
C LEU D 382 -32.48 35.78 -34.29
N PHE D 383 -33.10 35.22 -35.32
CA PHE D 383 -33.82 36.01 -36.31
C PHE D 383 -35.29 36.07 -35.93
N TYR D 384 -35.79 37.28 -35.70
CA TYR D 384 -37.11 37.49 -35.13
C TYR D 384 -38.05 38.13 -36.13
N THR D 385 -39.22 37.52 -36.29
CA THR D 385 -40.35 38.12 -36.98
C THR D 385 -41.62 37.64 -36.27
N TYR D 386 -42.64 38.50 -36.27
CA TYR D 386 -43.86 38.19 -35.50
C TYR D 386 -44.68 37.08 -36.15
N HIS D 387 -44.49 36.84 -37.45
CA HIS D 387 -45.12 35.67 -38.09
C HIS D 387 -44.73 34.39 -37.37
N ASP D 388 -43.48 34.30 -36.92
CA ASP D 388 -43.08 33.15 -36.12
C ASP D 388 -43.79 33.13 -34.77
N VAL D 389 -44.13 34.30 -34.23
CA VAL D 389 -44.94 34.33 -33.02
C VAL D 389 -46.31 33.73 -33.28
N THR D 390 -46.90 34.03 -34.44
CA THR D 390 -48.18 33.41 -34.80
C THR D 390 -48.04 31.90 -34.94
N ARG D 391 -46.95 31.45 -35.56
CA ARG D 391 -46.71 30.02 -35.70
C ARG D 391 -46.59 29.36 -34.33
N LEU D 392 -45.93 30.03 -33.39
CA LEU D 392 -45.82 29.49 -32.04
C LEU D 392 -47.15 29.49 -31.31
N LYS D 393 -48.01 30.50 -31.55
CA LYS D 393 -49.39 30.44 -31.07
C LYS D 393 -50.04 29.13 -31.51
N ARG D 394 -49.98 28.85 -32.82
CA ARG D 394 -50.60 27.63 -33.34
C ARG D 394 -50.00 26.38 -32.71
N LEU D 395 -48.67 26.34 -32.58
CA LEU D 395 -48.01 25.18 -31.98
C LEU D 395 -48.44 24.97 -30.52
N ILE D 396 -48.60 26.07 -29.78
CA ILE D 396 -49.02 25.96 -28.39
C ILE D 396 -50.45 25.40 -28.31
N MET D 397 -51.33 25.89 -29.18
CA MET D 397 -52.74 25.51 -29.04
C MET D 397 -53.00 24.04 -29.39
N MET D 398 -52.13 23.40 -30.14
CA MET D 398 -52.36 22.01 -30.59
C MET D 398 -51.69 21.02 -29.64
N GLU D 399 -52.06 21.11 -28.36
CA GLU D 399 -51.53 20.22 -27.34
C GLU D 399 -52.60 19.21 -26.97
N LYS D 400 -52.28 17.92 -27.10
CA LYS D 400 -53.28 16.87 -26.94
C LYS D 400 -53.82 16.82 -25.51
N ASP D 401 -52.96 17.04 -24.52
CA ASP D 401 -53.34 16.88 -23.12
C ASP D 401 -53.22 18.19 -22.35
N GLY D 402 -53.36 19.33 -23.03
CA GLY D 402 -53.26 20.62 -22.38
C GLY D 402 -54.62 21.15 -21.94
N ASN D 403 -54.63 21.85 -20.81
CA ASN D 403 -55.81 22.51 -20.30
C ASN D 403 -55.61 24.03 -20.33
N HIS D 404 -56.55 24.75 -19.72
CA HIS D 404 -56.50 26.21 -19.72
C HIS D 404 -55.25 26.73 -19.02
N HIS D 405 -54.88 26.12 -17.89
CA HIS D 405 -53.74 26.60 -17.12
C HIS D 405 -52.42 26.38 -17.85
N THR D 406 -52.20 25.17 -18.35
CA THR D 406 -50.94 24.88 -19.04
C THR D 406 -50.79 25.75 -20.28
N ARG D 407 -51.87 25.90 -21.04
CA ARG D 407 -51.84 26.77 -22.21
C ARG D 407 -51.51 28.21 -21.83
N GLU D 408 -52.13 28.71 -20.75
CA GLU D 408 -51.88 30.09 -20.33
C GLU D 408 -50.43 30.28 -19.91
N THR D 409 -49.87 29.31 -19.17
CA THR D 409 -48.47 29.42 -18.76
C THR D 409 -47.54 29.41 -19.98
N HIS D 410 -47.83 28.56 -20.97
CA HIS D 410 -47.02 28.56 -22.18
C HIS D 410 -47.14 29.90 -22.92
N PHE D 411 -48.33 30.50 -22.91
CA PHE D 411 -48.48 31.82 -23.52
C PHE D 411 -47.66 32.87 -22.78
N ASN D 412 -47.57 32.75 -21.45
CA ASN D 412 -46.73 33.67 -20.68
C ASN D 412 -45.25 33.48 -21.05
N ASN D 413 -44.84 32.23 -21.24
CA ASN D 413 -43.47 31.97 -21.69
C ASN D 413 -43.19 32.62 -23.04
N LEU D 414 -44.14 32.49 -23.98
CA LEU D 414 -43.97 33.14 -25.27
C LEU D 414 -43.92 34.66 -25.13
N TYR D 415 -44.70 35.21 -24.20
CA TYR D 415 -44.66 36.65 -23.95
C TYR D 415 -43.27 37.08 -23.48
N SER D 416 -42.68 36.32 -22.56
CA SER D 416 -41.34 36.67 -22.09
C SER D 416 -40.30 36.55 -23.21
N MET D 417 -40.45 35.54 -24.07
CA MET D 417 -39.51 35.39 -25.18
C MET D 417 -39.60 36.56 -26.16
N VAL D 418 -40.82 36.94 -26.54
CA VAL D 418 -40.98 38.06 -27.47
C VAL D 418 -40.53 39.36 -26.81
N HIS D 419 -40.69 39.48 -25.49
CA HIS D 419 -40.17 40.64 -24.79
C HIS D 419 -38.66 40.72 -24.88
N TYR D 420 -37.98 39.57 -24.71
CA TYR D 420 -36.53 39.54 -24.91
C TYR D 420 -36.17 39.97 -26.32
N CYS D 421 -36.90 39.44 -27.32
CA CYS D 421 -36.60 39.78 -28.71
C CYS D 421 -36.76 41.27 -28.98
N GLU D 422 -37.80 41.88 -28.43
CA GLU D 422 -38.11 43.28 -28.74
C GLU D 422 -37.38 44.28 -27.84
N ASN D 423 -36.69 43.82 -26.79
CA ASN D 423 -35.98 44.73 -25.89
C ASN D 423 -34.64 45.07 -26.53
N ILE D 424 -34.57 46.19 -27.22
CA ILE D 424 -33.35 46.63 -27.89
C ILE D 424 -32.56 47.64 -27.05
N THR D 425 -32.94 47.84 -25.79
CA THR D 425 -32.28 48.82 -24.94
C THR D 425 -31.45 48.16 -23.84
N GLU D 426 -32.06 47.27 -23.05
CA GLU D 426 -31.36 46.67 -21.93
C GLU D 426 -30.33 45.65 -22.43
N CYS D 427 -29.24 45.51 -21.66
CA CYS D 427 -28.23 44.51 -21.97
C CYS D 427 -28.83 43.11 -21.93
N ARG D 428 -28.49 42.30 -22.94
CA ARG D 428 -29.10 40.98 -23.05
C ARG D 428 -28.69 40.09 -21.87
N ARG D 429 -27.46 40.25 -21.39
CA ARG D 429 -27.04 39.53 -20.20
C ARG D 429 -27.86 39.93 -18.99
N ILE D 430 -28.13 41.24 -18.84
CA ILE D 430 -28.95 41.71 -17.74
C ILE D 430 -30.36 41.15 -17.86
N GLN D 431 -30.90 41.09 -19.07
CA GLN D 431 -32.23 40.54 -19.28
C GLN D 431 -32.29 39.07 -18.86
N LEU D 432 -31.32 38.27 -19.32
CA LEU D 432 -31.31 36.86 -18.98
C LEU D 432 -31.11 36.64 -17.48
N LEU D 433 -30.18 37.38 -16.88
CA LEU D 433 -29.91 37.20 -15.45
C LEU D 433 -31.09 37.65 -14.59
N ALA D 434 -31.81 38.69 -15.02
CA ALA D 434 -33.02 39.08 -14.30
C ALA D 434 -34.12 38.04 -14.47
N TYR D 435 -34.21 37.43 -15.65
CA TYR D 435 -35.18 36.36 -15.85
C TYR D 435 -34.88 35.16 -14.97
N PHE D 436 -33.60 34.84 -14.79
CA PHE D 436 -33.18 33.72 -13.96
C PHE D 436 -32.92 34.10 -12.51
N GLY D 437 -33.09 35.37 -12.14
CA GLY D 437 -32.96 35.76 -10.76
C GLY D 437 -31.57 36.02 -10.26
N GLU D 438 -30.58 36.17 -11.15
CA GLU D 438 -29.21 36.49 -10.75
C GLU D 438 -29.09 38.01 -10.65
N ASN D 439 -28.87 38.52 -9.44
CA ASN D 439 -28.87 39.94 -9.17
C ASN D 439 -27.49 40.55 -8.95
N GLY D 440 -26.62 39.88 -8.19
CA GLY D 440 -25.30 40.43 -7.91
C GLY D 440 -24.37 40.46 -9.11
N PHE D 441 -24.95 40.62 -10.30
CA PHE D 441 -24.21 40.60 -11.55
C PHE D 441 -23.80 42.01 -11.94
N ASN D 442 -22.58 42.13 -12.45
CA ASN D 442 -22.06 43.42 -12.92
C ASN D 442 -22.88 43.92 -14.10
N PRO D 443 -23.51 45.10 -14.00
CA PRO D 443 -24.25 45.62 -15.16
C PRO D 443 -23.36 46.10 -16.29
N ASP D 444 -22.10 46.43 -16.02
CA ASP D 444 -21.18 46.95 -17.03
C ASP D 444 -20.34 45.86 -17.70
N PHE D 445 -20.73 44.60 -17.55
CA PHE D 445 -19.95 43.50 -18.10
C PHE D 445 -19.72 43.65 -19.60
N CYS D 446 -20.78 43.93 -20.36
CA CYS D 446 -20.65 44.05 -21.82
C CYS D 446 -19.77 45.22 -22.25
N LYS D 447 -19.58 46.23 -21.40
CA LYS D 447 -18.74 47.36 -21.77
C LYS D 447 -17.27 47.14 -21.44
N LYS D 448 -16.98 46.45 -20.34
CA LYS D 448 -15.59 46.17 -19.98
C LYS D 448 -14.97 45.12 -20.89
N HIS D 449 -15.78 44.19 -21.42
CA HIS D 449 -15.31 43.10 -22.25
C HIS D 449 -16.03 43.16 -23.60
N PRO D 450 -15.60 44.06 -24.50
CA PRO D 450 -16.33 44.22 -25.77
C PRO D 450 -16.27 43.00 -26.67
N ASP D 451 -15.31 42.10 -26.47
CA ASP D 451 -15.23 40.90 -27.31
C ASP D 451 -16.44 40.00 -27.14
N VAL D 452 -17.14 40.08 -26.01
CA VAL D 452 -18.32 39.28 -25.75
C VAL D 452 -19.51 40.21 -25.57
N SER D 453 -19.56 41.28 -26.37
CA SER D 453 -20.60 42.28 -26.24
C SER D 453 -21.87 41.85 -26.98
N CYS D 454 -23.00 42.13 -26.36
CA CYS D 454 -24.29 41.89 -27.00
C CYS D 454 -24.54 42.93 -28.09
N ASP D 455 -25.61 42.72 -28.86
CA ASP D 455 -25.94 43.66 -29.93
C ASP D 455 -26.35 45.01 -29.36
N ASN D 456 -27.03 44.99 -28.20
CA ASN D 456 -27.52 46.23 -27.60
C ASN D 456 -26.37 47.10 -27.10
N CYS D 457 -25.28 46.48 -26.64
CA CYS D 457 -24.16 47.24 -26.08
C CYS D 457 -23.26 47.88 -27.15
N CYS D 458 -23.40 47.49 -28.42
CA CYS D 458 -22.61 48.09 -29.48
C CYS D 458 -23.10 49.51 -29.78
N SER D 474 -42.93 55.00 -40.68
CA SER D 474 -43.61 54.34 -39.58
C SER D 474 -45.06 54.04 -39.91
N GLN D 475 -45.98 54.51 -39.06
CA GLN D 475 -47.40 54.27 -39.25
C GLN D 475 -48.00 55.18 -40.33
N ARG D 476 -47.35 56.30 -40.64
CA ARG D 476 -47.89 57.19 -41.66
C ARG D 476 -47.76 56.61 -43.06
N GLU D 477 -46.79 55.72 -43.27
CA GLU D 477 -46.59 55.13 -44.60
C GLU D 477 -47.76 54.24 -44.99
N GLU D 478 -48.39 53.57 -44.02
CA GLU D 478 -49.55 52.74 -44.32
C GLU D 478 -50.82 53.59 -44.46
N MET D 479 -50.92 54.65 -43.66
CA MET D 479 -52.03 55.59 -43.82
C MET D 479 -51.99 56.23 -45.20
N VAL D 480 -50.79 56.46 -45.75
CA VAL D 480 -50.67 56.99 -47.10
C VAL D 480 -51.31 56.05 -48.10
N LYS D 481 -51.07 54.74 -47.98
CA LYS D 481 -51.64 53.79 -48.91
C LYS D 481 -53.16 53.66 -48.75
N LYS D 482 -53.63 53.69 -47.50
CA LYS D 482 -55.08 53.65 -47.28
C LYS D 482 -55.76 54.87 -47.88
N CYS D 483 -55.16 56.05 -47.66
CA CYS D 483 -55.68 57.27 -48.28
C CYS D 483 -55.65 57.18 -49.79
N LEU D 484 -54.59 56.62 -50.37
CA LEU D 484 -54.52 56.44 -51.82
C LEU D 484 -55.67 55.57 -52.31
N GLY D 485 -55.97 54.48 -51.59
CA GLY D 485 -57.09 53.64 -51.98
C GLY D 485 -58.40 54.40 -51.96
N GLU D 486 -58.62 55.18 -50.89
CA GLU D 486 -59.85 55.97 -50.81
C GLU D 486 -59.92 56.99 -51.94
N LEU D 487 -58.79 57.63 -52.26
CA LEU D 487 -58.75 58.62 -53.32
C LEU D 487 -59.06 57.99 -54.67
N THR D 488 -58.50 56.81 -54.93
CA THR D 488 -58.81 56.11 -56.18
C THR D 488 -60.29 55.77 -56.27
N GLU D 489 -60.88 55.35 -55.14
CA GLU D 489 -62.31 55.04 -55.13
C GLU D 489 -63.14 56.28 -55.47
N VAL D 490 -62.85 57.40 -54.81
CA VAL D 490 -63.64 58.61 -55.05
C VAL D 490 -63.40 59.14 -56.46
N CYS D 491 -62.19 58.92 -57.00
CA CYS D 491 -61.93 59.31 -58.39
C CYS D 491 -62.75 58.48 -59.36
N LYS D 492 -62.87 57.17 -59.10
CA LYS D 492 -63.72 56.35 -59.96
C LYS D 492 -65.18 56.77 -59.87
N SER D 493 -65.64 57.13 -58.68
CA SER D 493 -67.02 57.60 -58.53
CA SER D 493 -67.02 57.60 -58.53
C SER D 493 -67.24 58.90 -59.30
N LEU D 494 -66.32 59.86 -59.16
CA LEU D 494 -66.43 61.11 -59.89
C LEU D 494 -66.37 60.88 -61.39
N GLY D 495 -65.54 59.93 -61.83
CA GLY D 495 -65.49 59.60 -63.24
C GLY D 495 -66.80 59.03 -63.75
N LYS D 496 -67.46 58.20 -62.93
CA LYS D 496 -68.78 57.70 -63.29
C LYS D 496 -69.78 58.85 -63.42
N VAL D 497 -69.74 59.80 -62.48
CA VAL D 497 -70.71 60.89 -62.55
C VAL D 497 -70.38 61.88 -63.67
N PHE D 498 -69.12 61.92 -64.13
CA PHE D 498 -68.73 62.79 -65.22
C PHE D 498 -68.55 62.06 -66.55
N GLY D 499 -68.67 60.74 -66.55
CA GLY D 499 -68.58 59.99 -67.79
C GLY D 499 -67.18 59.90 -68.38
N VAL D 500 -66.15 59.90 -67.53
CA VAL D 500 -64.76 59.78 -68.00
C VAL D 500 -64.05 58.76 -67.12
N HIS D 501 -62.94 58.24 -67.65
CA HIS D 501 -62.08 57.36 -66.88
C HIS D 501 -61.39 58.15 -65.77
N TYR D 502 -61.13 57.48 -64.65
CA TYR D 502 -60.56 58.19 -63.50
C TYR D 502 -59.15 58.70 -63.75
N PHE D 503 -58.49 58.26 -64.83
CA PHE D 503 -57.19 58.83 -65.19
C PHE D 503 -57.29 60.27 -65.66
N ASN D 504 -58.47 60.72 -66.08
CA ASN D 504 -58.66 62.09 -66.54
C ASN D 504 -59.06 63.03 -65.41
N ILE D 505 -59.35 62.49 -64.23
CA ILE D 505 -59.57 63.28 -63.03
C ILE D 505 -58.22 63.55 -62.39
N PHE D 506 -57.55 62.49 -61.95
CA PHE D 506 -56.18 62.51 -61.47
C PHE D 506 -55.48 61.27 -62.00
N ASN D 507 -54.29 61.44 -62.55
CA ASN D 507 -53.60 60.28 -63.09
C ASN D 507 -53.00 59.48 -61.94
N THR D 508 -52.37 58.35 -62.28
CA THR D 508 -51.84 57.47 -61.24
C THR D 508 -50.80 58.19 -60.38
N VAL D 509 -49.88 58.91 -61.03
CA VAL D 509 -48.79 59.55 -60.30
C VAL D 509 -49.31 60.70 -59.45
N THR D 510 -50.27 61.46 -59.97
CA THR D 510 -50.84 62.56 -59.16
C THR D 510 -51.56 62.02 -57.94
N LEU D 511 -52.28 60.90 -58.08
CA LEU D 511 -52.91 60.29 -56.92
C LEU D 511 -51.88 59.78 -55.92
N LYS D 512 -50.81 59.15 -56.41
CA LYS D 512 -49.75 58.68 -55.51
C LYS D 512 -49.13 59.83 -54.74
N LYS D 513 -48.87 60.96 -55.40
CA LYS D 513 -48.28 62.09 -54.70
C LYS D 513 -49.27 62.78 -53.78
N LEU D 514 -50.55 62.81 -54.17
CA LEU D 514 -51.59 63.42 -53.33
C LEU D 514 -51.80 62.63 -52.04
N ALA D 515 -51.74 61.31 -52.10
CA ALA D 515 -51.94 60.51 -50.90
C ALA D 515 -50.86 60.77 -49.86
N GLU D 516 -49.61 60.89 -50.30
CA GLU D 516 -48.50 61.09 -49.36
C GLU D 516 -48.63 62.39 -48.58
N SER D 517 -49.27 63.41 -49.16
CA SER D 517 -49.38 64.69 -48.47
C SER D 517 -50.32 64.61 -47.28
N LEU D 518 -51.47 63.94 -47.45
CA LEU D 518 -52.48 63.80 -46.39
C LEU D 518 -52.93 65.15 -45.86
N SER D 519 -52.93 66.17 -46.71
CA SER D 519 -53.33 67.52 -46.33
C SER D 519 -54.71 67.84 -46.88
N SER D 520 -55.46 68.63 -46.12
CA SER D 520 -56.78 69.09 -46.52
C SER D 520 -56.83 70.57 -46.86
N ASP D 521 -55.68 71.25 -46.86
CA ASP D 521 -55.62 72.66 -47.17
C ASP D 521 -55.48 72.85 -48.67
N PRO D 522 -56.42 73.50 -49.35
CA PRO D 522 -56.26 73.74 -50.80
C PRO D 522 -55.00 74.51 -51.15
N GLU D 523 -54.55 75.40 -50.26
CA GLU D 523 -53.33 76.16 -50.55
C GLU D 523 -52.11 75.24 -50.62
N VAL D 524 -52.09 74.16 -49.85
CA VAL D 524 -50.97 73.23 -49.91
C VAL D 524 -51.14 72.25 -51.06
N LEU D 525 -52.38 71.93 -51.43
CA LEU D 525 -52.61 71.00 -52.54
C LEU D 525 -52.34 71.65 -53.89
N LEU D 526 -52.65 72.94 -54.03
CA LEU D 526 -52.39 73.66 -55.27
C LEU D 526 -50.91 73.80 -55.56
N GLN D 527 -50.04 73.59 -54.59
CA GLN D 527 -48.59 73.62 -54.81
C GLN D 527 -48.08 72.31 -55.41
N ILE D 528 -48.93 71.31 -55.54
CA ILE D 528 -48.58 70.03 -56.14
C ILE D 528 -48.74 70.15 -57.65
N ASP D 529 -47.79 69.60 -58.40
CA ASP D 529 -47.85 69.68 -59.85
C ASP D 529 -49.12 69.03 -60.38
N GLY D 530 -49.85 69.79 -61.21
CA GLY D 530 -51.08 69.34 -61.81
C GLY D 530 -52.33 69.82 -61.10
N VAL D 531 -52.23 70.18 -59.82
CA VAL D 531 -53.38 70.68 -59.07
C VAL D 531 -53.41 72.20 -59.12
N THR D 532 -54.51 72.75 -59.63
CA THR D 532 -54.73 74.19 -59.67
C THR D 532 -56.10 74.47 -59.07
N GLU D 533 -56.33 75.73 -58.70
CA GLU D 533 -57.63 76.08 -58.12
C GLU D 533 -58.76 75.86 -59.11
N ASP D 534 -58.50 76.15 -60.40
CA ASP D 534 -59.49 75.91 -61.43
C ASP D 534 -59.74 74.42 -61.62
N LYS D 535 -58.67 73.62 -61.68
CA LYS D 535 -58.81 72.18 -61.84
C LYS D 535 -59.47 71.56 -60.61
N LEU D 536 -59.12 72.02 -59.41
CA LEU D 536 -59.74 71.45 -58.22
C LEU D 536 -61.17 71.94 -58.02
N GLU D 537 -61.57 73.03 -58.69
CA GLU D 537 -62.95 73.50 -58.56
C GLU D 537 -63.98 72.41 -58.83
N LYS D 538 -63.59 71.32 -59.52
CA LYS D 538 -64.50 70.23 -59.82
C LYS D 538 -64.46 69.09 -58.80
N TYR D 539 -63.28 68.78 -58.22
CA TYR D 539 -63.11 67.59 -57.42
C TYR D 539 -62.71 67.89 -55.97
N GLY D 540 -62.60 69.16 -55.60
CA GLY D 540 -62.02 69.52 -54.32
C GLY D 540 -62.91 69.12 -53.15
N ALA D 541 -64.22 69.28 -53.31
CA ALA D 541 -65.15 68.85 -52.27
C ALA D 541 -64.88 67.41 -51.87
N GLU D 542 -64.86 66.50 -52.85
CA GLU D 542 -64.66 65.09 -52.56
C GLU D 542 -63.27 64.82 -52.00
N VAL D 543 -62.23 65.35 -52.65
CA VAL D 543 -60.88 64.98 -52.24
C VAL D 543 -60.56 65.54 -50.85
N ILE D 544 -60.99 66.77 -50.56
CA ILE D 544 -60.73 67.35 -49.26
C ILE D 544 -61.63 66.73 -48.19
N SER D 545 -62.85 66.32 -48.57
CA SER D 545 -63.73 65.66 -47.61
C SER D 545 -63.17 64.30 -47.21
N VAL D 546 -62.50 63.59 -48.12
CA VAL D 546 -61.91 62.32 -47.73
C VAL D 546 -60.56 62.54 -47.05
N LEU D 547 -59.86 63.63 -47.36
CA LEU D 547 -58.57 63.90 -46.72
C LEU D 547 -58.71 64.51 -45.33
N GLN D 548 -59.86 65.11 -45.01
CA GLN D 548 -60.05 65.70 -43.69
C GLN D 548 -60.05 64.66 -42.58
N LYS D 549 -60.34 63.40 -42.91
CA LYS D 549 -60.27 62.34 -41.90
C LYS D 549 -58.84 61.98 -41.52
N TYR D 550 -57.85 62.43 -42.29
CA TYR D 550 -56.44 62.15 -42.01
C TYR D 550 -55.73 63.37 -41.43
N SER D 551 -56.46 64.25 -40.74
CA SER D 551 -55.84 65.45 -40.19
C SER D 551 -54.82 65.13 -39.10
N GLU D 552 -54.99 64.00 -38.43
CA GLU D 552 -54.08 63.61 -37.35
C GLU D 552 -52.76 63.03 -37.85
N TRP D 553 -52.63 62.78 -39.16
CA TRP D 553 -51.43 62.17 -39.72
C TRP D 553 -50.78 63.02 -40.80
N THR D 554 -51.18 64.29 -40.93
CA THR D 554 -50.59 65.15 -41.96
C THR D 554 -49.10 65.38 -41.73
N SER D 555 -48.63 65.24 -40.49
CA SER D 555 -47.21 65.42 -40.23
C SER D 555 -46.41 64.26 -40.79
N PRO D 556 -45.20 64.52 -41.32
CA PRO D 556 -44.36 63.46 -41.89
C PRO D 556 -43.71 62.58 -40.82
N ASN E 29 29.60 41.27 49.37
CA ASN E 29 28.70 41.75 50.42
C ASN E 29 29.35 41.61 51.79
N LEU E 30 28.63 42.06 52.83
CA LEU E 30 29.11 41.87 54.18
C LEU E 30 29.18 40.39 54.55
N LYS E 31 28.32 39.57 53.94
CA LYS E 31 28.38 38.13 54.15
C LYS E 31 29.58 37.52 53.43
N HIS E 32 29.94 38.05 52.25
CA HIS E 32 31.10 37.53 51.55
C HIS E 32 32.41 38.00 52.16
N GLU E 33 32.37 39.01 53.04
CA GLU E 33 33.58 39.41 53.75
C GLU E 33 33.97 38.36 54.78
N ARG E 34 32.98 37.81 55.50
CA ARG E 34 33.25 36.77 56.48
C ARG E 34 33.79 35.50 55.84
N PHE E 35 33.38 35.19 54.61
CA PHE E 35 33.87 34.00 53.94
C PHE E 35 35.26 34.16 53.33
N GLN E 36 35.78 35.39 53.27
CA GLN E 36 37.15 35.61 52.82
C GLN E 36 38.08 35.64 54.04
N SER E 37 38.22 34.47 54.64
CA SER E 37 38.98 34.31 55.87
C SER E 37 39.79 33.02 55.81
N LEU E 38 41.01 33.07 56.35
CA LEU E 38 41.89 31.91 56.39
C LEU E 38 42.08 31.37 57.80
N SER E 39 41.10 31.59 58.68
CA SER E 39 41.17 31.15 60.06
C SER E 39 40.14 30.09 60.40
N PHE E 40 39.64 29.37 59.40
CA PHE E 40 38.69 28.29 59.63
C PHE E 40 39.43 27.01 59.99
N PRO E 41 38.75 26.05 60.64
CA PRO E 41 39.42 24.77 60.95
C PRO E 41 39.88 24.01 59.71
N HIS E 42 39.20 24.16 58.58
CA HIS E 42 39.59 23.41 57.38
C HIS E 42 40.70 24.09 56.60
N THR E 43 40.92 25.40 56.83
CA THR E 43 41.85 26.17 56.02
C THR E 43 43.21 25.49 55.90
N LYS E 44 43.76 25.05 57.04
CA LYS E 44 45.08 24.45 57.05
C LYS E 44 45.17 23.33 56.02
N GLU E 45 44.18 22.44 56.01
CA GLU E 45 44.19 21.36 55.03
C GLU E 45 43.91 21.89 53.63
N MET E 46 42.94 22.80 53.49
CA MET E 46 42.51 23.28 52.18
C MET E 46 43.68 23.82 51.36
N MET E 47 44.46 24.74 51.94
CA MET E 47 45.55 25.35 51.18
C MET E 47 46.51 24.30 50.67
N LYS E 48 46.77 23.25 51.45
CA LYS E 48 47.66 22.19 50.99
C LYS E 48 47.18 21.63 49.66
N ILE E 49 45.90 21.25 49.60
CA ILE E 49 45.36 20.71 48.36
C ILE E 49 45.39 21.77 47.27
N PHE E 50 45.13 23.03 47.66
CA PHE E 50 45.20 24.12 46.70
C PHE E 50 46.58 24.24 46.08
N HIS E 51 47.63 23.94 46.86
CA HIS E 51 49.00 24.06 46.36
C HIS E 51 49.57 22.75 45.85
N LYS E 52 49.32 21.64 46.52
CA LYS E 52 50.00 20.38 46.19
C LYS E 52 49.26 19.58 45.14
N LYS E 53 47.93 19.57 45.16
CA LYS E 53 47.18 18.75 44.21
C LYS E 53 46.82 19.53 42.94
N PHE E 54 46.35 20.77 43.08
CA PHE E 54 45.97 21.58 41.92
C PHE E 54 47.12 22.43 41.38
N GLY E 55 48.11 22.75 42.20
CA GLY E 55 49.25 23.51 41.72
C GLY E 55 48.98 24.97 41.45
N LEU E 56 48.10 25.60 42.21
CA LEU E 56 47.79 27.01 42.04
C LEU E 56 48.48 27.84 43.12
N HIS E 57 48.37 29.15 42.99
CA HIS E 57 49.07 30.05 43.90
C HIS E 57 48.18 31.13 44.49
N ASN E 58 47.23 31.65 43.72
CA ASN E 58 46.35 32.72 44.18
C ASN E 58 44.91 32.43 43.78
N PHE E 59 43.98 32.67 44.71
CA PHE E 59 42.57 32.52 44.40
C PHE E 59 42.09 33.68 43.53
N ARG E 60 41.12 33.38 42.68
CA ARG E 60 40.48 34.38 41.84
C ARG E 60 39.23 34.93 42.54
N THR E 61 38.57 35.88 41.90
CA THR E 61 37.38 36.51 42.47
C THR E 61 36.32 35.46 42.82
N ASN E 62 35.83 35.54 44.06
CA ASN E 62 34.79 34.68 44.64
C ASN E 62 35.21 33.23 44.85
N GLN E 63 36.42 32.85 44.44
CA GLN E 63 36.84 31.46 44.61
C GLN E 63 37.01 31.10 46.08
N LEU E 64 37.81 31.86 46.81
CA LEU E 64 38.08 31.55 48.22
C LEU E 64 36.81 31.63 49.05
N GLU E 65 35.99 32.65 48.83
CA GLU E 65 34.78 32.83 49.63
C GLU E 65 33.82 31.66 49.41
N ALA E 66 33.62 31.27 48.15
CA ALA E 66 32.73 30.15 47.85
C ALA E 66 33.29 28.84 48.40
N ILE E 67 34.60 28.64 48.33
CA ILE E 67 35.18 27.40 48.85
C ILE E 67 34.99 27.32 50.37
N ASN E 68 35.25 28.42 51.07
CA ASN E 68 35.05 28.43 52.52
C ASN E 68 33.58 28.22 52.88
N ALA E 69 32.67 28.91 52.19
CA ALA E 69 31.25 28.74 52.46
C ALA E 69 30.80 27.30 52.22
N ALA E 70 31.30 26.68 51.15
CA ALA E 70 30.96 25.29 50.87
C ALA E 70 31.48 24.37 51.96
N LEU E 71 32.73 24.56 52.38
CA LEU E 71 33.29 23.72 53.43
C LEU E 71 32.66 23.98 54.79
N LEU E 72 31.95 25.09 54.94
CA LEU E 72 31.18 25.36 56.14
C LEU E 72 29.76 24.80 56.05
N GLY E 73 29.42 24.10 54.98
CA GLY E 73 28.13 23.48 54.82
C GLY E 73 27.06 24.33 54.18
N GLU E 74 27.40 25.49 53.65
CA GLU E 74 26.41 26.35 53.03
C GLU E 74 26.05 25.86 51.63
N ASP E 75 24.79 26.08 51.26
CA ASP E 75 24.37 25.90 49.88
C ASP E 75 24.84 27.08 49.05
N CYS E 76 25.30 26.80 47.83
CA CYS E 76 25.97 27.82 47.02
C CYS E 76 25.32 27.95 45.65
N PHE E 77 25.26 29.18 45.17
CA PHE E 77 24.85 29.48 43.80
C PHE E 77 25.90 30.39 43.18
N ILE E 78 26.59 29.88 42.15
CA ILE E 78 27.74 30.57 41.60
C ILE E 78 27.39 30.99 40.17
N LEU E 79 27.27 32.31 39.96
CA LEU E 79 27.13 32.88 38.62
C LEU E 79 28.46 33.57 38.29
N MET E 80 29.29 32.89 37.51
CA MET E 80 30.61 33.38 37.17
C MET E 80 30.91 33.03 35.72
N PRO E 81 31.49 33.96 34.95
CA PRO E 81 31.74 33.69 33.53
C PRO E 81 32.64 32.49 33.31
N THR E 82 32.56 31.94 32.10
CA THR E 82 33.40 30.82 31.71
C THR E 82 34.87 31.20 31.76
N GLY E 83 35.69 30.28 32.28
CA GLY E 83 37.09 30.54 32.50
C GLY E 83 37.45 31.17 33.82
N GLY E 84 36.46 31.55 34.64
CA GLY E 84 36.76 32.14 35.92
C GLY E 84 37.35 31.18 36.93
N GLY E 85 37.11 29.88 36.76
CA GLY E 85 37.66 28.89 37.66
C GLY E 85 36.66 28.28 38.62
N LYS E 86 35.50 27.85 38.09
CA LYS E 86 34.45 27.32 38.94
C LYS E 86 34.56 25.82 39.19
N SER E 87 35.28 25.09 38.33
CA SER E 87 35.53 23.67 38.61
C SER E 87 36.15 23.50 39.99
N LEU E 88 37.13 24.33 40.32
CA LEU E 88 37.77 24.26 41.63
C LEU E 88 36.74 24.43 42.75
N CYS E 89 35.77 25.32 42.56
CA CYS E 89 34.81 25.66 43.61
C CYS E 89 34.12 24.44 44.20
N TYR E 90 33.96 23.38 43.42
CA TYR E 90 33.44 22.14 43.96
C TYR E 90 34.46 21.01 43.98
N GLN E 91 35.53 21.09 43.20
CA GLN E 91 36.49 20.00 43.17
C GLN E 91 37.49 20.08 44.32
N LEU E 92 37.89 21.29 44.70
CA LEU E 92 38.79 21.43 45.84
C LEU E 92 38.10 21.10 47.17
N PRO E 93 36.90 21.64 47.47
CA PRO E 93 36.21 21.17 48.69
C PRO E 93 35.92 19.68 48.68
N ALA E 94 35.58 19.12 47.50
CA ALA E 94 35.34 17.68 47.42
C ALA E 94 36.57 16.89 47.85
N CYS E 95 37.77 17.41 47.57
CA CYS E 95 38.98 16.74 48.03
C CYS E 95 39.17 16.91 49.53
N VAL E 96 38.73 18.04 50.09
CA VAL E 96 38.92 18.29 51.52
C VAL E 96 37.87 17.52 52.34
N SER E 97 36.61 17.57 51.92
CA SER E 97 35.54 16.99 52.70
C SER E 97 35.62 15.46 52.67
N PRO E 98 35.17 14.80 53.75
CA PRO E 98 35.09 13.35 53.73
C PRO E 98 33.89 12.87 52.91
N GLY E 99 34.01 11.66 52.38
CA GLY E 99 32.95 11.06 51.61
C GLY E 99 33.00 11.44 50.14
N VAL E 100 31.87 11.19 49.47
CA VAL E 100 31.75 11.31 48.03
C VAL E 100 30.91 12.53 47.68
N THR E 101 31.37 13.30 46.69
CA THR E 101 30.61 14.39 46.12
C THR E 101 30.00 13.94 44.79
N VAL E 102 28.68 14.06 44.67
CA VAL E 102 27.96 13.66 43.47
C VAL E 102 27.77 14.89 42.60
N VAL E 103 28.30 14.84 41.37
CA VAL E 103 28.24 15.95 40.42
C VAL E 103 27.29 15.56 39.30
N ILE E 104 26.25 16.36 39.11
CA ILE E 104 25.25 16.14 38.07
C ILE E 104 25.61 17.00 36.86
N SER E 105 25.81 16.35 35.72
CA SER E 105 26.21 17.01 34.48
C SER E 105 25.29 16.57 33.35
N PRO E 106 25.03 17.46 32.38
CA PRO E 106 24.01 17.16 31.35
C PRO E 106 24.47 16.26 30.22
N LEU E 107 25.77 16.06 30.02
CA LEU E 107 26.26 15.38 28.84
C LEU E 107 27.32 14.35 29.21
N ARG E 108 27.25 13.19 28.57
CA ARG E 108 28.28 12.17 28.79
C ARG E 108 29.65 12.68 28.37
N SER E 109 29.72 13.44 27.27
CA SER E 109 31.00 13.94 26.78
C SER E 109 31.68 14.83 27.82
N LEU E 110 30.93 15.78 28.39
CA LEU E 110 31.50 16.64 29.42
C LEU E 110 31.94 15.82 30.63
N ILE E 111 31.17 14.79 30.97
CA ILE E 111 31.51 13.93 32.10
C ILE E 111 32.85 13.24 31.87
N VAL E 112 33.04 12.67 30.68
CA VAL E 112 34.32 12.02 30.38
C VAL E 112 35.45 13.03 30.41
N ASP E 113 35.22 14.23 29.88
CA ASP E 113 36.25 15.27 29.91
C ASP E 113 36.66 15.59 31.34
N GLN E 114 35.66 15.80 32.22
CA GLN E 114 35.96 16.21 33.59
C GLN E 114 36.65 15.10 34.37
N VAL E 115 36.21 13.84 34.19
CA VAL E 115 36.85 12.74 34.91
C VAL E 115 38.27 12.53 34.39
N GLN E 116 38.50 12.75 33.09
CA GLN E 116 39.85 12.66 32.57
C GLN E 116 40.75 13.72 33.18
N LYS E 117 40.26 14.96 33.25
CA LYS E 117 41.04 16.02 33.89
C LYS E 117 41.35 15.67 35.34
N LEU E 118 40.34 15.18 36.08
CA LEU E 118 40.53 14.93 37.51
C LEU E 118 41.53 13.80 37.76
N THR E 119 41.40 12.69 37.02
CA THR E 119 42.36 11.60 37.18
C THR E 119 43.75 12.02 36.72
N SER E 120 43.84 12.88 35.71
CA SER E 120 45.13 13.44 35.33
C SER E 120 45.74 14.20 36.50
N LEU E 121 44.90 14.87 37.28
CA LEU E 121 45.34 15.50 38.52
C LEU E 121 45.54 14.49 39.65
N ASP E 122 45.31 13.20 39.40
CA ASP E 122 45.44 12.14 40.41
C ASP E 122 44.44 12.34 41.54
N ILE E 123 43.25 12.79 41.19
CA ILE E 123 42.13 12.92 42.13
C ILE E 123 41.15 11.79 41.85
N PRO E 124 40.83 10.96 42.84
CA PRO E 124 39.89 9.85 42.59
C PRO E 124 38.51 10.32 42.14
N ALA E 125 38.16 10.00 40.90
CA ALA E 125 36.89 10.41 40.33
C ALA E 125 36.45 9.37 39.31
N THR E 126 35.15 9.15 39.22
CA THR E 126 34.61 8.18 38.28
C THR E 126 33.18 8.61 37.93
N TYR E 127 32.58 7.89 36.98
CA TYR E 127 31.24 8.22 36.55
C TYR E 127 30.42 6.96 36.33
N LEU E 128 29.10 7.14 36.34
CA LEU E 128 28.14 6.08 36.08
C LEU E 128 27.17 6.58 35.01
N THR E 129 27.52 6.35 33.74
CA THR E 129 26.65 6.66 32.62
C THR E 129 26.48 5.43 31.74
N GLY E 130 25.82 5.59 30.60
CA GLY E 130 25.64 4.47 29.70
C GLY E 130 26.88 4.01 28.98
N ASP E 131 28.03 4.63 29.25
CA ASP E 131 29.28 4.27 28.61
C ASP E 131 30.18 3.38 29.47
N LYS E 132 29.82 3.17 30.73
CA LYS E 132 30.53 2.21 31.56
C LYS E 132 29.99 0.81 31.30
N THR E 133 30.89 -0.16 31.32
CA THR E 133 30.46 -1.55 31.15
C THR E 133 29.78 -2.05 32.43
N ASP E 134 29.00 -3.12 32.28
CA ASP E 134 28.31 -3.69 33.43
C ASP E 134 29.30 -4.10 34.51
N SER E 135 30.45 -4.66 34.11
CA SER E 135 31.46 -5.05 35.08
C SER E 135 32.07 -3.82 35.76
N GLU E 136 32.36 -2.77 34.99
CA GLU E 136 32.89 -1.55 35.58
C GLU E 136 31.87 -0.90 36.52
N ALA E 137 30.59 -0.95 36.16
CA ALA E 137 29.56 -0.41 37.03
C ALA E 137 29.48 -1.19 38.34
N THR E 138 29.50 -2.52 38.25
CA THR E 138 29.47 -3.34 39.46
C THR E 138 30.70 -3.08 40.32
N ASN E 139 31.87 -2.87 39.67
CA ASN E 139 33.08 -2.56 40.42
C ASN E 139 32.98 -1.22 41.13
N ILE E 140 32.37 -0.23 40.47
CA ILE E 140 32.20 1.08 41.09
C ILE E 140 31.26 0.99 42.28
N TYR E 141 30.15 0.27 42.14
CA TYR E 141 29.23 0.11 43.27
C TYR E 141 29.91 -0.62 44.42
N LEU E 142 30.70 -1.64 44.12
CA LEU E 142 31.40 -2.38 45.17
C LEU E 142 32.44 -1.51 45.86
N GLN E 143 33.16 -0.69 45.10
CA GLN E 143 34.15 0.22 45.68
C GLN E 143 33.46 1.25 46.58
N LEU E 144 32.31 1.76 46.15
CA LEU E 144 31.56 2.70 46.98
C LEU E 144 31.00 2.04 48.23
N SER E 145 30.78 0.72 48.19
CA SER E 145 30.25 0.03 49.37
C SER E 145 31.31 -0.28 50.41
N LYS E 146 32.60 -0.10 50.08
CA LYS E 146 33.66 -0.39 51.03
C LYS E 146 33.62 0.58 52.21
N LYS E 147 34.33 0.19 53.27
CA LYS E 147 34.38 1.03 54.47
C LYS E 147 34.96 2.42 54.18
N ASP E 148 35.94 2.48 53.28
CA ASP E 148 36.52 3.76 52.86
C ASP E 148 36.26 3.98 51.37
N PRO E 149 35.33 4.85 51.00
CA PRO E 149 35.10 5.13 49.58
C PRO E 149 36.26 5.90 48.98
N ILE E 150 37.09 5.21 48.21
CA ILE E 150 38.23 5.86 47.55
C ILE E 150 37.74 6.97 46.64
N ILE E 151 36.75 6.67 45.79
CA ILE E 151 36.23 7.66 44.87
C ILE E 151 35.72 8.88 45.62
N LYS E 152 36.17 10.06 45.21
CA LYS E 152 35.75 11.31 45.83
C LYS E 152 34.69 12.04 45.02
N LEU E 153 34.73 11.94 43.70
CA LEU E 153 33.78 12.59 42.81
C LEU E 153 33.11 11.54 41.94
N LEU E 154 31.77 11.53 41.98
CA LEU E 154 30.97 10.61 41.16
C LEU E 154 30.12 11.46 40.22
N TYR E 155 30.39 11.36 38.93
CA TYR E 155 29.66 12.14 37.92
C TYR E 155 28.50 11.33 37.36
N VAL E 156 27.31 11.94 37.35
CA VAL E 156 26.10 11.29 36.84
C VAL E 156 25.29 12.32 36.07
N THR E 157 24.39 11.81 35.23
CA THR E 157 23.41 12.64 34.55
C THR E 157 22.10 12.63 35.34
N PRO E 158 21.25 13.64 35.14
CA PRO E 158 19.93 13.62 35.81
C PRO E 158 19.11 12.38 35.45
N GLU E 159 19.23 11.89 34.22
CA GLU E 159 18.48 10.71 33.81
C GLU E 159 18.95 9.46 34.55
N LYS E 160 20.24 9.37 34.88
CA LYS E 160 20.75 8.23 35.62
C LYS E 160 20.16 8.19 37.03
N ILE E 161 20.00 9.35 37.67
CA ILE E 161 19.46 9.39 39.02
C ILE E 161 17.98 9.07 39.04
N CYS E 162 17.27 9.39 37.95
CA CYS E 162 15.82 9.19 37.89
C CYS E 162 15.46 7.89 37.21
N ALA E 163 16.41 6.96 37.10
CA ALA E 163 16.17 5.65 36.49
C ALA E 163 16.90 4.51 37.19
N SER E 164 18.06 4.75 37.79
CA SER E 164 18.84 3.70 38.45
C SER E 164 18.41 3.57 39.90
N ASN E 165 17.75 2.46 40.23
CA ASN E 165 17.48 2.15 41.63
C ASN E 165 18.76 1.76 42.35
N ARG E 166 19.70 1.14 41.63
CA ARG E 166 20.98 0.74 42.22
C ARG E 166 21.77 1.95 42.71
N LEU E 167 21.82 3.00 41.89
CA LEU E 167 22.51 4.22 42.30
C LEU E 167 21.84 4.85 43.52
N ILE E 168 20.52 4.85 43.56
CA ILE E 168 19.80 5.42 44.69
C ILE E 168 20.10 4.62 45.96
N SER E 169 20.15 3.30 45.85
CA SER E 169 20.48 2.47 47.01
C SER E 169 21.91 2.71 47.48
N THR E 170 22.83 2.88 46.53
CA THR E 170 24.21 3.20 46.90
C THR E 170 24.30 4.56 47.59
N LEU E 171 23.57 5.54 47.08
CA LEU E 171 23.56 6.86 47.72
C LEU E 171 22.96 6.79 49.12
N GLU E 172 21.94 5.97 49.31
CA GLU E 172 21.38 5.79 50.65
C GLU E 172 22.38 5.12 51.59
N ASN E 173 23.07 4.09 51.10
CA ASN E 173 24.10 3.44 51.91
C ASN E 173 25.17 4.42 52.35
N LEU E 174 25.65 5.25 51.42
CA LEU E 174 26.65 6.26 51.77
C LEU E 174 26.07 7.31 52.73
N TYR E 175 24.80 7.70 52.53
CA TYR E 175 24.17 8.70 53.38
C TYR E 175 24.06 8.21 54.81
N GLU E 176 23.80 6.91 55.01
CA GLU E 176 23.65 6.40 56.36
C GLU E 176 24.93 6.48 57.16
N ARG E 177 26.10 6.37 56.52
CA ARG E 177 27.37 6.47 57.21
C ARG E 177 27.99 7.87 57.12
N LYS E 178 27.19 8.88 56.75
CA LYS E 178 27.64 10.27 56.69
C LYS E 178 28.80 10.48 55.72
N LEU E 179 28.74 9.80 54.58
CA LEU E 179 29.80 9.89 53.57
C LEU E 179 29.27 10.42 52.24
N LEU E 180 28.17 11.15 52.26
CA LEU E 180 27.63 11.84 51.09
C LEU E 180 27.89 13.34 51.29
N ALA E 181 28.94 13.85 50.66
CA ALA E 181 29.44 15.19 50.97
C ALA E 181 28.52 16.27 50.44
N ARG E 182 28.37 16.35 49.10
CA ARG E 182 27.67 17.48 48.51
C ARG E 182 27.04 17.06 47.19
N PHE E 183 25.95 17.73 46.84
CA PHE E 183 25.33 17.60 45.53
C PHE E 183 25.68 18.82 44.70
N VAL E 184 26.32 18.60 43.55
CA VAL E 184 26.78 19.67 42.68
C VAL E 184 25.95 19.64 41.40
N ILE E 185 25.47 20.80 40.98
CA ILE E 185 24.70 20.95 39.76
C ILE E 185 25.57 21.74 38.79
N ASP E 186 26.24 21.03 37.88
CA ASP E 186 27.10 21.65 36.89
C ASP E 186 26.28 22.14 35.71
N GLU E 187 26.48 23.40 35.34
CA GLU E 187 25.69 24.07 34.30
C GLU E 187 24.21 24.07 34.71
N ALA E 188 23.94 24.76 35.83
CA ALA E 188 22.62 24.71 36.45
C ALA E 188 21.54 25.32 35.58
N HIS E 189 21.91 26.14 34.60
CA HIS E 189 20.90 26.71 33.70
C HIS E 189 20.11 25.62 32.99
N CYS E 190 20.73 24.46 32.77
CA CYS E 190 20.02 23.36 32.12
C CYS E 190 18.78 22.97 32.92
N VAL E 191 18.85 23.05 34.25
CA VAL E 191 17.69 22.79 35.09
C VAL E 191 16.51 23.63 34.63
N SER E 192 16.76 24.90 34.37
CA SER E 192 15.71 25.80 33.89
C SER E 192 15.48 25.68 32.38
N GLN E 193 16.45 25.15 31.63
CA GLN E 193 16.35 25.13 30.19
C GLN E 193 15.60 23.92 29.66
N TRP E 194 15.77 22.76 30.30
CA TRP E 194 15.13 21.52 29.86
C TRP E 194 14.31 20.84 30.94
N GLY E 195 14.23 21.41 32.15
CA GLY E 195 13.56 20.72 33.25
C GLY E 195 12.06 20.66 33.12
N HIS E 196 11.45 21.52 32.30
CA HIS E 196 10.00 21.55 32.14
C HIS E 196 9.52 20.74 30.93
N ASP E 197 10.41 20.36 30.02
CA ASP E 197 10.07 19.66 28.80
C ASP E 197 11.36 19.18 28.15
N PHE E 198 11.26 18.07 27.42
CA PHE E 198 12.37 17.45 26.68
C PHE E 198 13.22 16.58 27.61
N ARG E 199 13.72 17.16 28.71
CA ARG E 199 14.50 16.44 29.70
C ARG E 199 13.97 16.78 31.09
N GLN E 200 12.80 16.24 31.43
CA GLN E 200 12.15 16.59 32.69
C GLN E 200 12.84 15.96 33.90
N ASP E 201 13.77 15.02 33.70
CA ASP E 201 14.51 14.48 34.81
C ASP E 201 15.33 15.55 35.51
N TYR E 202 15.80 16.56 34.76
CA TYR E 202 16.46 17.71 35.35
C TYR E 202 15.64 18.38 36.43
N LYS E 203 14.31 18.25 36.36
CA LYS E 203 13.48 18.71 37.47
C LYS E 203 13.46 17.69 38.59
N ARG E 204 13.15 16.43 38.25
CA ARG E 204 12.77 15.46 39.25
C ARG E 204 13.94 14.98 40.10
N MET E 205 15.17 15.39 39.78
CA MET E 205 16.27 15.13 40.71
C MET E 205 16.09 15.88 42.03
N ASN E 206 15.18 16.86 42.09
CA ASN E 206 14.85 17.43 43.40
C ASN E 206 14.36 16.37 44.36
N MET E 207 13.87 15.23 43.83
CA MET E 207 13.59 14.03 44.62
C MET E 207 14.70 13.73 45.61
N LEU E 208 15.95 13.89 45.16
CA LEU E 208 17.11 13.63 46.01
C LEU E 208 17.06 14.45 47.27
N ARG E 209 16.67 15.72 47.14
CA ARG E 209 16.61 16.63 48.29
C ARG E 209 15.62 16.15 49.34
N GLN E 210 14.68 15.28 48.97
CA GLN E 210 13.78 14.68 49.95
C GLN E 210 14.42 13.49 50.64
N LYS E 211 15.21 12.69 49.90
CA LYS E 211 15.79 11.49 50.48
C LYS E 211 16.99 11.81 51.36
N PHE E 212 17.77 12.81 50.97
CA PHE E 212 19.00 13.17 51.69
C PHE E 212 18.94 14.67 51.97
N PRO E 213 18.12 15.09 52.94
CA PRO E 213 17.89 16.53 53.12
C PRO E 213 19.07 17.27 53.74
N SER E 214 19.96 16.57 54.44
CA SER E 214 21.08 17.23 55.12
C SER E 214 22.28 17.45 54.20
N VAL E 215 22.25 16.93 52.98
CA VAL E 215 23.39 17.11 52.07
C VAL E 215 23.29 18.48 51.42
N PRO E 216 24.33 19.31 51.51
CA PRO E 216 24.26 20.64 50.90
C PRO E 216 24.37 20.56 49.39
N VAL E 217 23.87 21.61 48.73
CA VAL E 217 23.84 21.69 47.27
C VAL E 217 24.59 22.94 46.83
N MET E 218 25.35 22.79 45.74
CA MET E 218 26.03 23.89 45.08
C MET E 218 25.71 23.84 43.60
N ALA E 219 25.11 24.90 43.08
CA ALA E 219 24.78 25.02 41.66
C ALA E 219 25.73 26.02 41.02
N LEU E 220 26.25 25.65 39.85
CA LEU E 220 27.20 26.49 39.13
C LEU E 220 26.66 26.78 37.73
N THR E 221 26.80 28.03 37.32
CA THR E 221 26.37 28.47 35.99
C THR E 221 27.11 29.73 35.59
N ALA E 222 27.25 29.91 34.29
CA ALA E 222 27.87 31.10 33.73
C ALA E 222 26.85 32.06 33.10
N THR E 223 25.62 31.62 32.91
CA THR E 223 24.62 32.46 32.24
C THR E 223 23.26 32.18 32.86
N ALA E 224 22.65 33.22 33.44
CA ALA E 224 21.33 33.11 34.04
C ALA E 224 20.78 34.49 34.40
N ASN E 225 19.71 34.92 33.73
CA ASN E 225 19.03 36.15 34.10
C ASN E 225 18.31 35.91 35.42
N PRO E 226 17.82 36.97 36.09
CA PRO E 226 17.22 36.77 37.41
C PRO E 226 16.08 35.77 37.42
N ARG E 227 15.26 35.74 36.37
CA ARG E 227 14.17 34.77 36.32
C ARG E 227 14.70 33.34 36.27
N VAL E 228 15.73 33.08 35.46
CA VAL E 228 16.31 31.74 35.42
C VAL E 228 17.04 31.43 36.71
N GLN E 229 17.63 32.44 37.35
CA GLN E 229 18.22 32.22 38.68
C GLN E 229 17.18 31.71 39.66
N LYS E 230 16.05 32.41 39.74
CA LYS E 230 14.98 32.00 40.65
C LYS E 230 14.43 30.63 40.27
N ASP E 231 14.33 30.34 38.97
CA ASP E 231 13.82 29.04 38.55
C ASP E 231 14.77 27.92 38.95
N ILE E 232 16.08 28.11 38.73
CA ILE E 232 17.06 27.12 39.14
C ILE E 232 16.99 26.90 40.64
N LEU E 233 16.94 28.00 41.40
CA LEU E 233 16.94 27.89 42.87
C LEU E 233 15.68 27.19 43.36
N THR E 234 14.53 27.46 42.73
CA THR E 234 13.28 26.81 43.13
C THR E 234 13.27 25.33 42.77
N GLN E 235 13.73 24.99 41.56
CA GLN E 235 13.68 23.60 41.13
C GLN E 235 14.65 22.72 41.90
N LEU E 236 15.79 23.28 42.33
CA LEU E 236 16.73 22.50 43.13
C LEU E 236 16.35 22.52 44.61
N LYS E 237 15.35 23.29 44.99
CA LYS E 237 14.85 23.36 46.36
C LYS E 237 15.96 23.72 47.35
N ILE E 238 16.57 24.88 47.13
CA ILE E 238 17.51 25.46 48.07
C ILE E 238 17.00 26.87 48.38
N LEU E 239 16.64 27.09 49.64
CA LEU E 239 15.84 28.25 50.01
C LEU E 239 16.66 29.44 50.49
N ARG E 240 17.93 29.24 50.85
CA ARG E 240 18.77 30.33 51.34
C ARG E 240 20.22 30.05 50.97
N PRO E 241 20.55 30.15 49.69
CA PRO E 241 21.93 29.90 49.26
C PRO E 241 22.79 31.15 49.32
N GLN E 242 24.10 30.92 49.47
CA GLN E 242 25.09 31.98 49.32
C GLN E 242 25.35 32.19 47.83
N VAL E 243 25.17 33.43 47.36
CA VAL E 243 25.25 33.74 45.94
C VAL E 243 26.57 34.46 45.69
N PHE E 244 27.37 33.91 44.78
CA PHE E 244 28.64 34.51 44.38
C PHE E 244 28.57 34.82 42.88
N SER E 245 28.55 36.11 42.55
CA SER E 245 28.35 36.57 41.18
C SER E 245 29.52 37.44 40.73
N MET E 246 29.54 37.72 39.42
CA MET E 246 30.53 38.60 38.80
C MET E 246 29.86 39.32 37.65
N SER E 247 30.65 40.17 36.97
CA SER E 247 30.13 40.98 35.88
C SER E 247 29.77 40.11 34.67
N PHE E 248 28.58 40.35 34.12
CA PHE E 248 28.15 39.66 32.90
C PHE E 248 28.78 40.25 31.64
N ASN E 249 29.44 41.39 31.74
CA ASN E 249 29.99 42.06 30.56
C ASN E 249 31.19 41.30 30.01
N ARG E 250 31.25 41.19 28.69
CA ARG E 250 32.39 40.59 27.99
C ARG E 250 33.12 41.74 27.29
N HIS E 251 34.18 42.22 27.93
CA HIS E 251 34.79 43.49 27.54
C HIS E 251 35.38 43.43 26.13
N ASN E 252 35.80 42.25 25.67
CA ASN E 252 36.56 42.14 24.44
C ASN E 252 35.73 41.67 23.25
N LEU E 253 34.41 41.62 23.38
CA LEU E 253 33.55 41.09 22.33
C LEU E 253 32.80 42.21 21.62
N LYS E 254 32.76 42.14 20.29
CA LYS E 254 32.02 43.06 19.45
C LYS E 254 30.73 42.41 18.96
N TYR E 255 29.59 42.98 19.35
CA TYR E 255 28.27 42.43 19.01
C TYR E 255 27.72 43.13 17.77
N TYR E 256 27.26 42.33 16.81
CA TYR E 256 26.70 42.82 15.55
C TYR E 256 25.39 42.11 15.27
N VAL E 257 24.46 42.83 14.63
CA VAL E 257 23.24 42.27 14.08
C VAL E 257 23.10 42.75 12.64
N LEU E 258 23.09 41.81 11.69
CA LEU E 258 23.04 42.16 10.29
C LEU E 258 21.79 41.60 9.61
N PRO E 259 21.29 42.28 8.58
CA PRO E 259 20.14 41.76 7.82
C PRO E 259 20.51 40.53 7.00
N LYS E 260 19.63 39.53 7.01
CA LYS E 260 19.87 38.29 6.30
C LYS E 260 19.12 38.27 4.96
N LYS E 261 19.82 37.88 3.91
CA LYS E 261 19.17 37.44 2.68
C LYS E 261 19.13 35.92 2.74
N PRO E 262 17.95 35.31 2.96
CA PRO E 262 17.92 33.87 3.28
C PRO E 262 18.64 32.97 2.28
N LYS E 263 18.79 33.42 1.04
CA LYS E 263 19.47 32.66 0.00
C LYS E 263 20.77 33.33 -0.42
N LYS E 264 21.55 33.82 0.56
CA LYS E 264 22.81 34.48 0.27
C LYS E 264 23.69 34.57 1.52
N VAL E 265 23.09 34.36 2.69
CA VAL E 265 23.77 34.61 3.96
C VAL E 265 25.10 33.86 4.02
N ALA E 266 25.09 32.60 3.57
CA ALA E 266 26.32 31.80 3.60
C ALA E 266 27.44 32.51 2.87
N PHE E 267 27.19 32.96 1.64
CA PHE E 267 28.22 33.65 0.90
C PHE E 267 28.69 34.88 1.65
N ASP E 268 27.75 35.62 2.24
CA ASP E 268 28.13 36.79 3.03
C ASP E 268 29.12 36.40 4.12
N CYS E 269 28.77 35.37 4.90
CA CYS E 269 29.68 34.93 5.95
C CYS E 269 31.04 34.60 5.35
N LEU E 270 31.04 33.82 4.26
CA LEU E 270 32.30 33.47 3.62
C LEU E 270 33.11 34.72 3.33
N GLU E 271 32.46 35.70 2.70
CA GLU E 271 33.17 36.92 2.35
C GLU E 271 33.71 37.59 3.61
N TRP E 272 32.86 37.68 4.64
CA TRP E 272 33.30 38.33 5.87
C TRP E 272 34.53 37.63 6.43
N ILE E 273 34.47 36.29 6.50
CA ILE E 273 35.63 35.55 6.98
C ILE E 273 36.83 35.85 6.10
N ARG E 274 36.65 35.71 4.78
CA ARG E 274 37.76 35.91 3.85
C ARG E 274 38.33 37.31 3.95
N LYS E 275 37.59 38.24 4.55
CA LYS E 275 38.09 39.60 4.68
C LYS E 275 38.70 39.84 6.05
N HIS E 276 38.15 39.22 7.11
CA HIS E 276 38.50 39.59 8.47
C HIS E 276 39.26 38.53 9.23
N HIS E 277 38.97 37.24 9.02
CA HIS E 277 39.62 36.16 9.75
C HIS E 277 39.94 35.03 8.79
N PRO E 278 40.87 35.26 7.86
CA PRO E 278 41.19 34.20 6.89
C PRO E 278 41.93 33.02 7.48
N TYR E 279 42.62 33.19 8.61
CA TYR E 279 43.42 32.12 9.21
C TYR E 279 43.03 31.84 10.65
N ASP E 280 41.82 32.22 11.07
CA ASP E 280 41.40 32.11 12.46
C ASP E 280 40.28 31.09 12.59
N SER E 281 40.27 30.39 13.73
CA SER E 281 39.23 29.42 14.03
C SER E 281 37.93 30.11 14.39
N GLY E 282 36.82 29.49 14.02
CA GLY E 282 35.52 30.09 14.29
C GLY E 282 34.39 29.09 14.29
N ILE E 283 33.25 29.55 14.79
CA ILE E 283 32.02 28.76 14.87
C ILE E 283 30.92 29.51 14.15
N ILE E 284 30.16 28.80 13.31
CA ILE E 284 28.97 29.34 12.66
C ILE E 284 27.79 28.49 13.14
N TYR E 285 26.94 29.08 13.99
CA TYR E 285 25.78 28.37 14.50
C TYR E 285 24.62 28.46 13.52
N CYS E 286 24.02 27.31 13.22
CA CYS E 286 22.95 27.20 12.23
C CYS E 286 21.69 26.65 12.88
N LEU E 287 20.55 26.93 12.25
CA LEU E 287 19.26 26.54 12.81
C LEU E 287 18.98 25.06 12.58
N SER E 288 19.38 24.52 11.43
CA SER E 288 19.06 23.15 11.06
C SER E 288 20.31 22.40 10.61
N ARG E 289 20.18 21.08 10.52
CA ARG E 289 21.28 20.25 10.04
C ARG E 289 21.60 20.56 8.59
N ARG E 290 20.58 20.72 7.75
CA ARG E 290 20.79 21.05 6.35
C ARG E 290 21.48 22.40 6.21
N GLU E 291 21.15 23.35 7.10
CA GLU E 291 21.86 24.63 7.10
C GLU E 291 23.35 24.42 7.38
N CYS E 292 23.68 23.55 8.34
CA CYS E 292 25.08 23.25 8.62
C CYS E 292 25.77 22.65 7.40
N ASP E 293 25.13 21.69 6.75
CA ASP E 293 25.75 21.03 5.59
C ASP E 293 25.97 22.03 4.46
N THR E 294 24.93 22.79 4.10
CA THR E 294 25.06 23.78 3.04
C THR E 294 26.09 24.84 3.38
N MET E 295 26.17 25.22 4.66
CA MET E 295 27.10 26.26 5.08
C MET E 295 28.54 25.78 4.95
N ALA E 296 28.80 24.57 5.45
CA ALA E 296 30.14 23.99 5.32
C ALA E 296 30.50 23.79 3.86
N ASP E 297 29.53 23.40 3.03
CA ASP E 297 29.80 23.22 1.61
C ASP E 297 30.17 24.55 0.95
N THR E 298 29.44 25.61 1.27
CA THR E 298 29.75 26.92 0.71
C THR E 298 31.16 27.36 1.12
N LEU E 299 31.49 27.22 2.39
CA LEU E 299 32.82 27.64 2.85
C LEU E 299 33.92 26.79 2.21
N GLN E 300 33.73 25.47 2.14
CA GLN E 300 34.74 24.62 1.52
C GLN E 300 34.88 24.87 0.04
N ARG E 301 33.81 25.37 -0.60
CA ARG E 301 33.84 25.62 -2.03
C ARG E 301 34.85 26.69 -2.41
N ASP E 302 35.13 27.62 -1.50
CA ASP E 302 36.15 28.65 -1.69
C ASP E 302 37.47 28.31 -1.02
N GLY E 303 37.65 27.07 -0.58
CA GLY E 303 38.91 26.64 0.00
C GLY E 303 39.05 26.86 1.48
N LEU E 304 37.96 27.17 2.20
CA LEU E 304 38.00 27.30 3.64
C LEU E 304 37.72 25.95 4.29
N ALA E 305 38.56 25.59 5.25
CA ALA E 305 38.45 24.31 5.96
C ALA E 305 37.28 24.40 6.94
N ALA E 306 36.08 24.14 6.46
CA ALA E 306 34.87 24.17 7.27
C ALA E 306 34.26 22.78 7.35
N LEU E 307 33.76 22.44 8.53
CA LEU E 307 33.19 21.12 8.78
C LEU E 307 31.84 21.27 9.47
N ALA E 308 30.85 20.51 9.01
CA ALA E 308 29.53 20.52 9.62
C ALA E 308 29.50 19.64 10.86
N TYR E 309 28.66 20.03 11.82
CA TYR E 309 28.55 19.34 13.09
C TYR E 309 27.10 19.44 13.54
N HIS E 310 26.43 18.31 13.68
CA HIS E 310 25.06 18.28 14.20
C HIS E 310 24.77 16.87 14.68
N ALA E 311 23.59 16.68 15.26
CA ALA E 311 23.22 15.37 15.80
C ALA E 311 23.04 14.33 14.72
N GLY E 312 22.91 14.74 13.45
CA GLY E 312 22.76 13.78 12.37
C GLY E 312 24.01 12.94 12.10
N LEU E 313 25.18 13.47 12.43
CA LEU E 313 26.40 12.71 12.25
C LEU E 313 26.52 11.63 13.32
N SER E 314 27.26 10.58 12.98
CA SER E 314 27.53 9.52 13.94
C SER E 314 28.42 10.05 15.06
N ASP E 315 28.42 9.31 16.18
CA ASP E 315 29.21 9.72 17.33
C ASP E 315 30.68 9.83 16.98
N SER E 316 31.22 8.84 16.26
CA SER E 316 32.60 8.86 15.84
C SER E 316 32.90 10.07 14.96
N ALA E 317 32.03 10.35 13.98
CA ALA E 317 32.26 11.48 13.10
C ALA E 317 32.20 12.81 13.85
N ARG E 318 31.31 12.91 14.84
CA ARG E 318 31.23 14.12 15.64
C ARG E 318 32.52 14.31 16.44
N ASP E 319 33.02 13.25 17.07
CA ASP E 319 34.27 13.35 17.82
C ASP E 319 35.43 13.71 16.90
N GLU E 320 35.45 13.14 15.69
CA GLU E 320 36.51 13.44 14.73
C GLU E 320 36.48 14.91 14.33
N VAL E 321 35.29 15.44 14.00
CA VAL E 321 35.19 16.84 13.59
C VAL E 321 35.58 17.75 14.74
N GLN E 322 35.16 17.40 15.96
CA GLN E 322 35.53 18.23 17.12
C GLN E 322 37.04 18.23 17.33
N GLN E 323 37.68 17.07 17.21
CA GLN E 323 39.12 17.02 17.39
C GLN E 323 39.87 17.77 16.30
N LYS E 324 39.36 17.71 15.06
CA LYS E 324 40.00 18.50 13.99
C LYS E 324 39.84 19.99 14.25
N TRP E 325 38.68 20.42 14.73
CA TRP E 325 38.48 21.85 14.98
C TRP E 325 39.29 22.32 16.17
N ILE E 326 39.33 21.54 17.25
CA ILE E 326 40.05 21.94 18.45
C ILE E 326 41.54 22.06 18.15
N ASN E 327 42.08 21.13 17.37
CA ASN E 327 43.50 21.13 17.02
C ASN E 327 43.81 21.99 15.80
N GLN E 328 42.78 22.56 15.16
CA GLN E 328 42.95 23.32 13.93
C GLN E 328 43.67 22.49 12.86
N ASP E 329 43.38 21.19 12.84
CA ASP E 329 43.98 20.25 11.90
C ASP E 329 42.97 19.93 10.81
N GLY E 330 43.03 20.69 9.72
CA GLY E 330 42.13 20.45 8.61
C GLY E 330 40.73 20.94 8.84
N CYS E 331 40.52 21.84 9.81
CA CYS E 331 39.20 22.40 10.06
C CYS E 331 39.40 23.77 10.69
N GLN E 332 39.12 24.82 9.92
CA GLN E 332 39.23 26.19 10.39
C GLN E 332 37.93 26.68 11.02
N VAL E 333 36.79 26.39 10.40
CA VAL E 333 35.49 26.83 10.88
C VAL E 333 34.61 25.61 11.08
N ILE E 334 33.89 25.57 12.21
CA ILE E 334 32.91 24.52 12.46
C ILE E 334 31.52 25.13 12.33
N CYS E 335 30.68 24.50 11.51
CA CYS E 335 29.32 24.96 11.23
C CYS E 335 28.38 24.00 11.95
N ALA E 336 27.83 24.45 13.07
CA ALA E 336 27.19 23.54 14.01
C ALA E 336 25.81 24.02 14.43
N THR E 337 25.00 23.05 14.87
CA THR E 337 23.81 23.33 15.65
C THR E 337 24.19 23.51 17.12
N ILE E 338 23.19 23.83 17.95
CA ILE E 338 23.41 24.01 19.38
C ILE E 338 23.92 22.76 20.07
N ALA E 339 23.95 21.62 19.39
CA ALA E 339 24.51 20.41 19.98
C ALA E 339 26.00 20.58 20.29
N PHE E 340 26.71 21.38 19.50
CA PHE E 340 28.14 21.59 19.71
C PHE E 340 28.43 22.73 20.68
N GLY E 341 29.40 22.53 21.56
CA GLY E 341 29.90 23.68 22.27
C GLY E 341 30.10 23.64 23.77
N MET E 342 29.29 22.85 24.47
CA MET E 342 29.27 22.96 25.93
C MET E 342 30.58 22.48 26.56
N GLY E 343 31.25 21.54 25.93
CA GLY E 343 32.49 21.01 26.46
C GLY E 343 33.76 21.63 25.95
N ILE E 344 33.68 22.65 25.09
CA ILE E 344 34.85 23.22 24.43
C ILE E 344 35.47 24.29 25.32
N ASP E 345 36.79 24.28 25.42
CA ASP E 345 37.55 25.27 26.17
C ASP E 345 38.60 25.94 25.29
N LYS E 346 38.28 26.13 24.01
CA LYS E 346 39.23 26.71 23.07
C LYS E 346 39.42 28.19 23.38
N PRO E 347 40.65 28.66 23.61
CA PRO E 347 40.84 30.05 24.06
C PRO E 347 40.90 31.06 22.92
N ASP E 348 41.20 30.62 21.70
CA ASP E 348 41.45 31.57 20.61
C ASP E 348 40.39 31.49 19.52
N VAL E 349 39.12 31.44 19.90
CA VAL E 349 38.02 31.55 18.94
C VAL E 349 37.78 33.03 18.67
N ARG E 350 38.09 33.47 17.45
CA ARG E 350 38.06 34.89 17.13
C ARG E 350 36.71 35.38 16.60
N PHE E 351 35.85 34.49 16.12
CA PHE E 351 34.55 34.94 15.65
C PHE E 351 33.50 33.86 15.86
N VAL E 352 32.31 34.30 16.26
CA VAL E 352 31.13 33.44 16.35
C VAL E 352 30.04 34.07 15.51
N ILE E 353 29.57 33.34 14.51
CA ILE E 353 28.53 33.80 13.60
C ILE E 353 27.28 32.96 13.85
N HIS E 354 26.18 33.63 14.18
CA HIS E 354 24.86 33.02 14.23
C HIS E 354 24.18 33.29 12.89
N ALA E 355 24.22 32.30 12.00
CA ALA E 355 23.56 32.42 10.72
C ALA E 355 22.06 32.54 10.88
N SER E 356 21.50 32.10 12.00
CA SER E 356 20.11 32.31 12.35
C SER E 356 20.02 32.72 13.81
N LEU E 357 18.97 33.46 14.15
CA LEU E 357 18.82 33.91 15.53
C LEU E 357 18.56 32.71 16.44
N PRO E 358 19.14 32.71 17.65
CA PRO E 358 18.90 31.60 18.57
C PRO E 358 17.51 31.70 19.20
N LYS E 359 17.14 30.65 19.92
CA LYS E 359 15.82 30.56 20.51
C LYS E 359 15.64 31.50 21.70
N SER E 360 16.73 31.96 22.31
CA SER E 360 16.63 32.80 23.50
C SER E 360 17.85 33.71 23.59
N VAL E 361 17.71 34.76 24.40
CA VAL E 361 18.82 35.70 24.60
C VAL E 361 19.93 35.05 25.42
N GLU E 362 19.57 34.22 26.40
CA GLU E 362 20.57 33.49 27.17
C GLU E 362 21.37 32.55 26.28
N GLY E 363 20.69 31.83 25.38
CA GLY E 363 21.40 30.98 24.44
C GLY E 363 22.35 31.76 23.56
N TYR E 364 21.90 32.91 23.06
CA TYR E 364 22.80 33.74 22.25
C TYR E 364 23.99 34.20 23.06
N TYR E 365 23.77 34.61 24.31
CA TYR E 365 24.87 35.08 25.15
C TYR E 365 25.91 33.97 25.32
N GLN E 366 25.46 32.76 25.64
CA GLN E 366 26.40 31.66 25.85
C GLN E 366 27.13 31.30 24.56
N GLU E 367 26.40 31.23 23.44
CA GLU E 367 27.00 30.78 22.19
C GLU E 367 27.99 31.80 21.65
N SER E 368 27.62 33.08 21.66
CA SER E 368 28.55 34.13 21.26
C SER E 368 29.69 34.23 22.28
N GLY E 369 29.43 33.87 23.54
CA GLY E 369 30.46 33.89 24.56
C GLY E 369 31.49 32.81 24.45
N ARG E 370 31.24 31.76 23.67
CA ARG E 370 32.35 30.83 23.45
C ARG E 370 33.55 31.46 22.76
N ALA E 371 33.38 32.64 22.17
CA ALA E 371 34.49 33.33 21.51
C ALA E 371 35.36 34.05 22.54
N GLY E 372 36.65 34.11 22.21
CA GLY E 372 37.60 34.91 22.95
C GLY E 372 37.78 34.59 24.43
N ARG E 373 38.00 33.32 24.75
CA ARG E 373 38.31 32.98 26.14
C ARG E 373 39.66 33.52 26.57
N ASP E 374 40.56 33.83 25.62
CA ASP E 374 41.85 34.39 25.94
C ASP E 374 41.82 35.89 26.21
N GLY E 375 40.67 36.54 26.01
CA GLY E 375 40.55 37.97 26.26
C GLY E 375 40.89 38.88 25.11
N GLU E 376 41.27 38.34 23.96
CA GLU E 376 41.57 39.18 22.81
C GLU E 376 40.28 39.55 22.06
N ILE E 377 40.36 40.59 21.23
CA ILE E 377 39.19 41.10 20.55
C ILE E 377 38.63 40.04 19.61
N SER E 378 37.32 39.81 19.70
CA SER E 378 36.62 38.84 18.87
C SER E 378 35.29 39.43 18.42
N HIS E 379 34.71 38.82 17.40
CA HIS E 379 33.46 39.31 16.81
C HIS E 379 32.32 38.32 17.02
N CYS E 380 31.12 38.85 17.27
CA CYS E 380 29.89 38.08 17.40
C CYS E 380 28.86 38.66 16.45
N LEU E 381 28.59 37.96 15.35
CA LEU E 381 27.71 38.44 14.29
C LEU E 381 26.41 37.65 14.30
N LEU E 382 25.28 38.35 14.26
CA LEU E 382 23.95 37.72 14.25
C LEU E 382 23.18 38.15 13.01
N PHE E 383 22.79 37.18 12.18
CA PHE E 383 22.01 37.42 10.98
C PHE E 383 20.52 37.17 11.26
N TYR E 384 19.70 38.21 11.09
CA TYR E 384 18.30 38.19 11.51
C TYR E 384 17.34 38.30 10.32
N THR E 385 16.37 37.38 10.26
CA THR E 385 15.20 37.49 9.39
C THR E 385 14.01 36.85 10.10
N TYR E 386 12.81 37.38 9.82
CA TYR E 386 11.61 36.89 10.52
C TYR E 386 11.19 35.49 10.04
N HIS E 387 11.61 35.08 8.84
CA HIS E 387 11.35 33.70 8.42
C HIS E 387 11.95 32.72 9.41
N ASP E 388 13.14 33.04 9.94
CA ASP E 388 13.73 32.20 10.97
C ASP E 388 12.91 32.25 12.26
N VAL E 389 12.24 33.36 12.54
CA VAL E 389 11.33 33.42 13.68
C VAL E 389 10.17 32.45 13.49
N THR E 390 9.62 32.39 12.27
CA THR E 390 8.57 31.42 12.00
C THR E 390 9.08 29.99 12.13
N ARG E 391 10.30 29.73 11.65
CA ARG E 391 10.88 28.40 11.76
C ARG E 391 11.06 28.00 13.22
N LEU E 392 11.51 28.94 14.05
CA LEU E 392 11.69 28.64 15.47
C LEU E 392 10.35 28.46 16.17
N LYS E 393 9.33 29.21 15.75
CA LYS E 393 7.99 28.96 16.27
C LYS E 393 7.53 27.55 15.95
N ARG E 394 7.77 27.11 14.70
CA ARG E 394 7.45 25.74 14.33
C ARG E 394 8.19 24.74 15.20
N LEU E 395 9.47 25.00 15.47
CA LEU E 395 10.24 24.11 16.34
C LEU E 395 9.66 24.08 17.75
N ILE E 396 9.19 25.23 18.24
CA ILE E 396 8.58 25.29 19.57
C ILE E 396 7.30 24.47 19.60
N MET E 397 6.48 24.58 18.56
CA MET E 397 5.24 23.81 18.50
C MET E 397 5.48 22.32 18.36
N MET E 398 6.64 21.92 17.84
CA MET E 398 6.91 20.51 17.60
C MET E 398 7.87 19.95 18.64
N GLU E 399 7.59 20.18 19.92
CA GLU E 399 8.37 19.64 21.02
C GLU E 399 7.50 18.60 21.72
N LYS E 400 8.05 17.39 21.87
CA LYS E 400 7.23 16.23 22.25
C LYS E 400 6.59 16.36 23.62
N ASP E 401 7.27 16.98 24.59
CA ASP E 401 6.80 16.97 25.96
C ASP E 401 6.45 18.37 26.47
N GLY E 402 6.06 19.27 25.58
CA GLY E 402 5.66 20.61 25.97
C GLY E 402 4.16 20.76 26.16
N ASN E 403 3.78 21.59 27.13
CA ASN E 403 2.39 21.95 27.35
C ASN E 403 2.19 23.43 27.02
N HIS E 404 1.01 23.95 27.32
CA HIS E 404 0.70 25.34 26.98
C HIS E 404 1.67 26.31 27.64
N HIS E 405 2.00 26.05 28.91
CA HIS E 405 2.89 26.95 29.65
C HIS E 405 4.28 26.97 29.05
N THR E 406 4.86 25.80 28.79
CA THR E 406 6.20 25.74 28.21
C THR E 406 6.23 26.40 26.84
N ARG E 407 5.20 26.15 26.02
CA ARG E 407 5.13 26.77 24.70
C ARG E 407 5.11 28.29 24.81
N GLU E 408 4.25 28.83 25.68
CA GLU E 408 4.17 30.28 25.83
C GLU E 408 5.49 30.87 26.34
N THR E 409 6.14 30.18 27.28
CA THR E 409 7.43 30.66 27.77
C THR E 409 8.47 30.69 26.67
N HIS E 410 8.52 29.64 25.84
CA HIS E 410 9.47 29.62 24.73
C HIS E 410 9.16 30.72 23.71
N PHE E 411 7.87 30.98 23.45
CA PHE E 411 7.52 32.06 22.54
C PHE E 411 7.96 33.41 23.10
N ASN E 412 7.82 33.61 24.41
CA ASN E 412 8.26 34.86 25.01
C ASN E 412 9.78 35.01 24.94
N ASN E 413 10.52 33.93 25.17
CA ASN E 413 11.96 33.98 25.01
C ASN E 413 12.35 34.36 23.58
N LEU E 414 11.68 33.76 22.59
CA LEU E 414 11.94 34.10 21.20
C LEU E 414 11.62 35.56 20.92
N TYR E 415 10.55 36.09 21.52
CA TYR E 415 10.20 37.49 21.29
C TYR E 415 11.22 38.42 21.91
N SER E 416 11.79 38.07 23.07
CA SER E 416 12.87 38.87 23.63
C SER E 416 14.09 38.85 22.73
N MET E 417 14.39 37.69 22.13
CA MET E 417 15.51 37.60 21.19
C MET E 417 15.25 38.47 19.97
N VAL E 418 14.02 38.45 19.44
CA VAL E 418 13.68 39.26 18.28
C VAL E 418 13.76 40.74 18.63
N HIS E 419 13.36 41.12 19.85
CA HIS E 419 13.48 42.51 20.26
CA HIS E 419 13.48 42.51 20.26
C HIS E 419 14.93 42.94 20.31
N TYR E 420 15.82 42.06 20.77
CA TYR E 420 17.25 42.37 20.70
C TYR E 420 17.68 42.57 19.25
N CYS E 421 17.23 41.69 18.35
CA CYS E 421 17.61 41.79 16.95
C CYS E 421 17.13 43.10 16.31
N GLU E 422 15.91 43.53 16.61
CA GLU E 422 15.34 44.70 15.95
C GLU E 422 15.70 46.03 16.60
N ASN E 423 16.30 46.01 17.79
CA ASN E 423 16.66 47.27 18.45
C ASN E 423 17.99 47.74 17.88
N ILE E 424 17.91 48.64 16.89
CA ILE E 424 19.10 49.20 16.25
C ILE E 424 19.50 50.54 16.86
N THR E 425 18.89 50.91 17.99
CA THR E 425 19.13 52.20 18.64
C THR E 425 19.95 52.07 19.92
N GLU E 426 19.50 51.23 20.85
CA GLU E 426 20.17 51.10 22.14
C GLU E 426 21.49 50.35 22.00
N CYS E 427 22.44 50.71 22.86
CA CYS E 427 23.72 50.00 22.91
C CYS E 427 23.51 48.54 23.28
N ARG E 428 24.13 47.64 22.51
CA ARG E 428 23.90 46.22 22.70
C ARG E 428 24.45 45.71 24.04
N ARG E 429 25.57 46.27 24.50
CA ARG E 429 26.08 45.88 25.81
C ARG E 429 25.08 46.23 26.91
N ILE E 430 24.53 47.45 26.84
CA ILE E 430 23.55 47.86 27.83
C ILE E 430 22.31 47.00 27.75
N GLN E 431 21.90 46.65 26.52
CA GLN E 431 20.73 45.81 26.34
C GLN E 431 20.93 44.44 26.98
N LEU E 432 22.08 43.80 26.71
CA LEU E 432 22.34 42.48 27.28
C LEU E 432 22.44 42.54 28.80
N LEU E 433 23.16 43.52 29.33
CA LEU E 433 23.32 43.61 30.78
C LEU E 433 21.99 43.95 31.47
N ALA E 434 21.13 44.73 30.83
CA ALA E 434 19.80 44.97 31.37
C ALA E 434 18.96 43.70 31.32
N TYR E 435 19.13 42.89 30.29
CA TYR E 435 18.45 41.60 30.23
C TYR E 435 18.89 40.71 31.38
N PHE E 436 20.18 40.77 31.74
CA PHE E 436 20.70 39.99 32.86
C PHE E 436 20.61 40.72 34.19
N GLY E 437 20.10 41.95 34.21
CA GLY E 437 19.85 42.64 35.46
C GLY E 437 21.02 43.36 36.06
N GLU E 438 22.12 43.56 35.33
CA GLU E 438 23.26 44.32 35.83
C GLU E 438 23.05 45.80 35.53
N ASN E 439 23.20 46.63 36.56
CA ASN E 439 22.83 48.04 36.48
C ASN E 439 24.02 48.99 36.45
N GLY E 440 25.03 48.78 37.29
CA GLY E 440 26.12 49.73 37.44
C GLY E 440 27.09 49.79 36.27
N PHE E 441 26.62 49.52 35.07
CA PHE E 441 27.47 49.49 33.89
C PHE E 441 27.54 50.84 33.20
N ASN E 442 28.73 51.20 32.75
CA ASN E 442 28.96 52.44 32.03
C ASN E 442 28.19 52.42 30.71
N PRO E 443 27.28 53.37 30.46
CA PRO E 443 26.61 53.40 29.15
C PRO E 443 27.52 53.83 28.02
N ASP E 444 28.61 54.55 28.32
CA ASP E 444 29.55 55.05 27.33
C ASP E 444 30.75 54.12 27.13
N PHE E 445 30.66 52.87 27.60
CA PHE E 445 31.79 51.94 27.51
C PHE E 445 32.31 51.81 26.08
N CYS E 446 31.39 51.64 25.12
CA CYS E 446 31.79 51.47 23.73
C CYS E 446 32.51 52.70 23.16
N LYS E 447 32.34 53.85 23.79
CA LYS E 447 33.00 55.07 23.32
C LYS E 447 34.40 55.26 23.88
N LYS E 448 34.65 54.82 25.12
CA LYS E 448 35.99 54.94 25.68
C LYS E 448 36.95 53.96 25.03
N HIS E 449 36.47 52.78 24.65
CA HIS E 449 37.27 51.74 24.00
C HIS E 449 36.58 51.39 22.69
N PRO E 450 36.77 52.21 21.65
CA PRO E 450 36.06 51.97 20.39
C PRO E 450 36.47 50.67 19.70
N ASP E 451 37.61 50.09 20.08
CA ASP E 451 38.06 48.84 19.46
C ASP E 451 37.08 47.70 19.69
N VAL E 452 36.28 47.76 20.76
CA VAL E 452 35.31 46.72 21.06
C VAL E 452 33.90 47.31 21.09
N SER E 453 33.62 48.23 20.19
CA SER E 453 32.32 48.91 20.16
C SER E 453 31.31 48.08 19.39
N CYS E 454 30.07 48.08 19.88
CA CYS E 454 28.99 47.40 19.18
C CYS E 454 28.59 48.19 17.93
N ASP E 455 27.74 47.56 17.10
CA ASP E 455 27.32 48.21 15.86
C ASP E 455 26.44 49.42 16.12
N ASN E 456 25.59 49.35 17.16
CA ASN E 456 24.70 50.47 17.45
C ASN E 456 25.47 51.69 17.92
N CYS E 457 26.59 51.50 18.61
CA CYS E 457 27.39 52.61 19.10
C CYS E 457 28.23 53.27 18.01
N CYS E 458 28.36 52.66 16.84
CA CYS E 458 29.09 53.25 15.73
C CYS E 458 28.32 54.41 15.13
N SER E 474 15.74 57.58 -2.90
CA SER E 474 14.52 57.64 -2.11
C SER E 474 13.58 56.50 -2.43
N GLN E 475 12.50 56.38 -1.67
CA GLN E 475 11.48 55.36 -1.91
C GLN E 475 10.61 55.65 -3.12
N ARG E 476 10.89 56.75 -3.84
CA ARG E 476 10.16 57.04 -5.08
C ARG E 476 10.22 55.88 -6.04
N GLU E 477 11.39 55.21 -6.13
CA GLU E 477 11.53 54.06 -7.01
C GLU E 477 10.50 52.98 -6.71
N GLU E 478 10.09 52.86 -5.44
CA GLU E 478 8.99 51.97 -5.11
C GLU E 478 7.67 52.52 -5.67
N MET E 479 7.36 53.78 -5.37
CA MET E 479 6.12 54.37 -5.84
C MET E 479 6.02 54.32 -7.36
N VAL E 480 7.11 54.66 -8.06
CA VAL E 480 7.10 54.61 -9.52
C VAL E 480 6.79 53.19 -9.98
N LYS E 481 7.30 52.18 -9.28
CA LYS E 481 7.02 50.80 -9.64
C LYS E 481 5.52 50.51 -9.57
N LYS E 482 4.82 51.15 -8.63
CA LYS E 482 3.37 51.04 -8.62
C LYS E 482 2.77 51.81 -9.80
N CYS E 483 3.21 53.06 -10.00
CA CYS E 483 2.56 53.91 -10.98
C CYS E 483 2.64 53.31 -12.37
N LEU E 484 3.85 52.87 -12.76
CA LEU E 484 4.00 52.21 -14.06
C LEU E 484 3.08 51.00 -14.15
N GLY E 485 3.01 50.21 -13.07
CA GLY E 485 2.13 49.06 -13.07
C GLY E 485 0.70 49.46 -13.36
N GLU E 486 0.24 50.52 -12.70
CA GLU E 486 -1.10 51.01 -12.99
C GLU E 486 -1.18 51.57 -14.41
N LEU E 487 -0.16 52.34 -14.79
CA LEU E 487 -0.22 53.05 -16.07
C LEU E 487 -0.30 52.08 -17.24
N THR E 488 0.51 51.03 -17.21
CA THR E 488 0.46 50.06 -18.30
C THR E 488 -0.94 49.50 -18.45
N GLU E 489 -1.59 49.18 -17.32
CA GLU E 489 -2.93 48.63 -17.38
C GLU E 489 -3.86 49.52 -18.21
N VAL E 490 -3.85 50.83 -17.94
CA VAL E 490 -4.80 51.69 -18.64
C VAL E 490 -4.52 51.64 -20.14
N CYS E 491 -3.25 51.64 -20.53
CA CYS E 491 -2.92 51.51 -21.94
C CYS E 491 -3.53 50.22 -22.49
N LYS E 492 -3.26 49.10 -21.83
CA LYS E 492 -3.87 47.83 -22.23
C LYS E 492 -5.38 48.01 -22.35
N SER E 493 -6.01 48.60 -21.33
CA SER E 493 -7.46 48.77 -21.37
C SER E 493 -7.85 49.61 -22.57
N LEU E 494 -7.15 50.74 -22.78
CA LEU E 494 -7.46 51.58 -23.93
C LEU E 494 -7.34 50.79 -25.22
N GLY E 495 -6.33 49.92 -25.31
CA GLY E 495 -6.20 49.10 -26.50
C GLY E 495 -7.41 48.21 -26.71
N LYS E 496 -7.89 47.58 -25.63
CA LYS E 496 -9.07 46.75 -25.72
C LYS E 496 -10.26 47.54 -26.25
N VAL E 497 -10.34 48.83 -25.94
CA VAL E 497 -11.48 49.61 -26.41
C VAL E 497 -11.21 50.27 -27.77
N PHE E 498 -9.94 50.32 -28.19
CA PHE E 498 -9.60 50.87 -29.50
C PHE E 498 -9.17 49.81 -30.49
N GLY E 499 -9.09 48.55 -30.06
CA GLY E 499 -8.75 47.47 -30.96
C GLY E 499 -7.31 47.44 -31.42
N VAL E 500 -6.37 47.90 -30.57
CA VAL E 500 -4.96 47.89 -30.92
C VAL E 500 -4.16 47.37 -29.73
N HIS E 501 -2.95 46.91 -30.01
CA HIS E 501 -2.04 46.48 -28.96
C HIS E 501 -1.55 47.70 -28.16
N TYR E 502 -1.32 47.49 -26.87
CA TYR E 502 -0.93 48.62 -26.03
C TYR E 502 0.44 49.19 -26.38
N PHE E 503 1.23 48.49 -27.18
CA PHE E 503 2.48 49.06 -27.69
C PHE E 503 2.22 50.16 -28.71
N ASN E 504 1.02 50.20 -29.30
CA ASN E 504 0.66 51.21 -30.27
C ASN E 504 0.06 52.46 -29.64
N ILE E 505 -0.24 52.41 -28.35
CA ILE E 505 -0.64 53.60 -27.61
C ILE E 505 0.62 54.28 -27.11
N PHE E 506 1.35 53.61 -26.23
CA PHE E 506 2.66 54.04 -25.76
C PHE E 506 3.52 52.78 -25.65
N ASN E 507 4.74 52.83 -26.20
CA ASN E 507 5.58 51.65 -26.17
C ASN E 507 6.19 51.49 -24.78
N THR E 508 6.95 50.41 -24.59
CA THR E 508 7.47 50.07 -23.27
C THR E 508 8.37 51.17 -22.72
N VAL E 509 9.32 51.64 -23.52
CA VAL E 509 10.29 52.61 -23.01
C VAL E 509 9.63 53.97 -22.80
N THR E 510 8.75 54.38 -23.70
CA THR E 510 8.05 55.65 -23.53
C THR E 510 7.12 55.60 -22.32
N LEU E 511 6.45 54.46 -22.10
CA LEU E 511 5.60 54.34 -20.93
C LEU E 511 6.42 54.37 -19.65
N LYS E 512 7.58 53.69 -19.64
CA LYS E 512 8.46 53.75 -18.47
C LYS E 512 8.94 55.17 -18.20
N LYS E 513 9.29 55.91 -19.26
CA LYS E 513 9.76 57.28 -19.08
C LYS E 513 8.65 58.21 -18.63
N LEU E 514 7.42 57.99 -19.10
CA LEU E 514 6.29 58.79 -18.63
C LEU E 514 6.01 58.49 -17.17
N ALA E 515 6.12 57.23 -16.76
CA ALA E 515 5.94 56.87 -15.36
C ALA E 515 7.00 57.50 -14.49
N GLU E 516 8.26 57.52 -14.97
CA GLU E 516 9.35 58.06 -14.17
C GLU E 516 9.15 59.53 -13.84
N SER E 517 8.47 60.28 -14.70
CA SER E 517 8.26 61.70 -14.43
C SER E 517 7.27 61.91 -13.29
N LEU E 518 6.19 61.11 -13.25
CA LEU E 518 5.12 61.26 -12.27
C LEU E 518 4.53 62.67 -12.29
N SER E 519 4.49 63.29 -13.46
CA SER E 519 4.02 64.66 -13.60
C SER E 519 2.71 64.70 -14.38
N SER E 520 1.86 65.65 -14.00
CA SER E 520 0.57 65.86 -14.67
C SER E 520 0.59 67.08 -15.58
N ASP E 521 1.72 67.74 -15.72
CA ASP E 521 1.81 68.93 -16.57
C ASP E 521 1.90 68.51 -18.04
N PRO E 522 0.97 68.96 -18.89
CA PRO E 522 1.01 68.52 -20.30
C PRO E 522 2.29 68.92 -21.03
N GLU E 523 2.90 70.05 -20.66
CA GLU E 523 4.12 70.48 -21.36
C GLU E 523 5.25 69.49 -21.13
N VAL E 524 5.49 69.11 -19.88
CA VAL E 524 6.60 68.20 -19.58
C VAL E 524 6.29 66.80 -20.12
N LEU E 525 5.01 66.45 -20.26
CA LEU E 525 4.68 65.17 -20.88
C LEU E 525 4.95 65.22 -22.38
N LEU E 526 4.62 66.33 -23.03
CA LEU E 526 4.91 66.49 -24.44
C LEU E 526 6.41 66.63 -24.70
N GLN E 527 7.19 66.96 -23.66
CA GLN E 527 8.64 67.00 -23.78
C GLN E 527 9.28 65.63 -23.61
N ILE E 528 8.51 64.59 -23.31
CA ILE E 528 9.00 63.23 -23.17
C ILE E 528 9.00 62.57 -24.53
N ASP E 529 10.08 61.83 -24.82
CA ASP E 529 10.18 61.12 -26.09
C ASP E 529 9.05 60.12 -26.25
N GLY E 530 8.39 60.15 -27.41
CA GLY E 530 7.29 59.27 -27.71
C GLY E 530 5.92 59.90 -27.53
N VAL E 531 5.82 60.95 -26.73
CA VAL E 531 4.56 61.66 -26.53
C VAL E 531 4.46 62.75 -27.59
N THR E 532 3.37 62.73 -28.36
CA THR E 532 3.12 63.66 -29.44
C THR E 532 1.79 64.36 -29.19
N GLU E 533 1.58 65.47 -29.91
CA GLU E 533 0.34 66.22 -29.74
C GLU E 533 -0.87 65.37 -30.11
N ASP E 534 -0.73 64.50 -31.11
CA ASP E 534 -1.83 63.60 -31.46
C ASP E 534 -2.06 62.56 -30.36
N LYS E 535 -0.99 61.92 -29.90
CA LYS E 535 -1.12 60.91 -28.85
C LYS E 535 -1.58 61.54 -27.54
N LEU E 536 -1.05 62.71 -27.21
CA LEU E 536 -1.52 63.44 -26.02
C LEU E 536 -3.00 63.76 -26.13
N GLU E 537 -3.39 64.46 -27.21
CA GLU E 537 -4.80 64.81 -27.41
C GLU E 537 -5.71 63.59 -27.46
N LYS E 538 -5.17 62.40 -27.74
CA LYS E 538 -6.00 61.20 -27.79
C LYS E 538 -6.09 60.46 -26.46
N TYR E 539 -5.02 60.43 -25.66
CA TYR E 539 -4.95 59.56 -24.49
C TYR E 539 -4.75 60.32 -23.17
N GLY E 540 -4.77 61.65 -23.19
CA GLY E 540 -4.34 62.40 -22.02
C GLY E 540 -5.24 62.23 -20.82
N ALA E 541 -6.55 62.29 -21.01
CA ALA E 541 -7.47 62.13 -19.89
C ALA E 541 -7.29 60.76 -19.24
N GLU E 542 -7.22 59.72 -20.06
CA GLU E 542 -7.08 58.36 -19.53
C GLU E 542 -5.78 58.18 -18.77
N VAL E 543 -4.67 58.71 -19.30
CA VAL E 543 -3.41 58.51 -18.61
C VAL E 543 -3.28 59.42 -17.39
N ILE E 544 -3.91 60.59 -17.40
CA ILE E 544 -3.81 61.51 -16.28
C ILE E 544 -4.72 61.08 -15.13
N SER E 545 -5.82 60.38 -15.43
CA SER E 545 -6.64 59.82 -14.36
C SER E 545 -5.81 58.97 -13.41
N VAL E 546 -4.76 58.33 -13.90
CA VAL E 546 -3.85 57.57 -13.05
C VAL E 546 -2.65 58.42 -12.62
N LEU E 547 -2.11 59.23 -13.53
CA LEU E 547 -0.91 60.00 -13.21
C LEU E 547 -1.21 61.10 -12.18
N GLN E 548 -2.45 61.57 -12.09
CA GLN E 548 -2.77 62.62 -11.14
C GLN E 548 -2.73 62.14 -9.70
N LYS E 549 -2.87 60.84 -9.47
CA LYS E 549 -2.84 60.31 -8.11
C LYS E 549 -1.44 60.34 -7.51
N TYR E 550 -0.41 60.51 -8.33
CA TYR E 550 0.98 60.52 -7.87
C TYR E 550 1.58 61.91 -7.90
N SER E 551 0.74 62.95 -7.73
CA SER E 551 1.24 64.31 -7.80
C SER E 551 2.15 64.65 -6.63
N GLU E 552 1.99 63.96 -5.49
CA GLU E 552 2.80 64.23 -4.31
C GLU E 552 4.21 63.65 -4.40
N TRP E 553 4.50 62.87 -5.44
CA TRP E 553 5.81 62.25 -5.61
C TRP E 553 6.53 62.77 -6.86
N THR E 554 6.28 64.04 -7.21
CA THR E 554 6.80 64.57 -8.47
C THR E 554 8.30 64.84 -8.38
N SER E 555 8.72 65.63 -7.40
CA SER E 555 10.12 66.05 -7.30
C SER E 555 10.81 65.29 -6.17
N PRO E 556 11.87 64.53 -6.46
CA PRO E 556 12.66 63.79 -5.46
C PRO E 556 13.28 64.71 -4.41
N LYS F 31 -23.38 18.63 20.05
CA LYS F 31 -23.68 19.83 19.26
C LYS F 31 -22.46 20.75 19.18
N HIS F 32 -21.36 20.33 19.83
CA HIS F 32 -20.15 21.14 19.85
C HIS F 32 -19.47 21.23 18.48
N GLU F 33 -19.88 20.40 17.52
CA GLU F 33 -19.30 20.50 16.18
C GLU F 33 -19.64 21.82 15.52
N ARG F 34 -20.89 22.28 15.68
CA ARG F 34 -21.27 23.58 15.12
C ARG F 34 -20.51 24.72 15.79
N PHE F 35 -20.19 24.58 17.08
CA PHE F 35 -19.44 25.60 17.80
C PHE F 35 -17.94 25.51 17.58
N GLN F 36 -17.44 24.43 16.96
CA GLN F 36 -16.02 24.30 16.64
C GLN F 36 -15.74 24.76 15.21
N SER F 37 -15.83 26.08 15.00
CA SER F 37 -15.68 26.66 13.68
C SER F 37 -14.93 27.98 13.75
N LEU F 38 -14.12 28.23 12.72
CA LEU F 38 -13.40 29.49 12.55
C LEU F 38 -13.96 30.30 11.39
N SER F 39 -15.23 30.08 11.03
CA SER F 39 -15.87 30.75 9.90
C SER F 39 -17.03 31.64 10.34
N PHE F 40 -17.03 32.09 11.60
CA PHE F 40 -18.06 32.98 12.09
C PHE F 40 -17.72 34.44 11.76
N PRO F 41 -18.72 35.33 11.75
CA PRO F 41 -18.41 36.75 11.49
C PRO F 41 -17.49 37.37 12.52
N HIS F 42 -17.53 36.89 13.76
CA HIS F 42 -16.70 37.44 14.83
C HIS F 42 -15.30 36.83 14.87
N THR F 43 -15.09 35.71 14.18
CA THR F 43 -13.84 34.94 14.29
C THR F 43 -12.60 35.81 14.04
N LYS F 44 -12.61 36.59 12.96
CA LYS F 44 -11.42 37.38 12.60
C LYS F 44 -10.98 38.29 13.74
N GLU F 45 -11.91 39.09 14.27
CA GLU F 45 -11.56 40.01 15.36
C GLU F 45 -11.18 39.24 16.61
N MET F 46 -11.90 38.14 16.88
CA MET F 46 -11.57 37.30 18.03
C MET F 46 -10.11 36.87 17.98
N MET F 47 -9.69 36.29 16.85
CA MET F 47 -8.31 35.85 16.70
C MET F 47 -7.33 37.01 16.80
N LYS F 48 -7.69 38.15 16.21
CA LYS F 48 -6.81 39.32 16.31
C LYS F 48 -6.55 39.69 17.77
N ILE F 49 -7.61 39.76 18.57
CA ILE F 49 -7.46 40.08 19.99
C ILE F 49 -6.75 38.96 20.73
N PHE F 50 -7.04 37.70 20.37
CA PHE F 50 -6.41 36.55 20.98
C PHE F 50 -4.89 36.55 20.79
N HIS F 51 -4.42 37.06 19.66
CA HIS F 51 -2.98 37.05 19.40
C HIS F 51 -2.30 38.33 19.84
N LYS F 52 -2.91 39.49 19.60
CA LYS F 52 -2.26 40.76 19.85
C LYS F 52 -2.52 41.30 21.25
N LYS F 53 -3.73 41.11 21.79
CA LYS F 53 -4.07 41.64 23.10
C LYS F 53 -3.76 40.68 24.23
N PHE F 54 -4.09 39.40 24.07
CA PHE F 54 -3.81 38.41 25.09
C PHE F 54 -2.42 37.79 24.96
N GLY F 55 -1.85 37.80 23.76
CA GLY F 55 -0.51 37.28 23.57
C GLY F 55 -0.43 35.78 23.61
N LEU F 56 -1.48 35.08 23.21
CA LEU F 56 -1.50 33.63 23.19
C LEU F 56 -1.34 33.13 21.76
N HIS F 57 -1.21 31.82 21.64
CA HIS F 57 -0.96 31.21 20.33
C HIS F 57 -1.90 30.06 20.02
N ASN F 58 -2.28 29.27 21.02
CA ASN F 58 -3.14 28.12 20.82
C ASN F 58 -4.20 28.07 21.90
N PHE F 59 -5.44 27.77 21.49
CA PHE F 59 -6.52 27.57 22.43
C PHE F 59 -6.38 26.22 23.12
N ARG F 60 -6.82 26.16 24.37
CA ARG F 60 -6.82 24.90 25.09
C ARG F 60 -8.17 24.19 24.93
N THR F 61 -8.27 23.02 25.56
CA THR F 61 -9.46 22.18 25.46
C THR F 61 -10.72 22.93 25.87
N ASN F 62 -11.72 22.90 24.99
CA ASN F 62 -13.05 23.49 25.16
C ASN F 62 -13.03 25.02 25.16
N GLN F 63 -11.86 25.65 25.08
CA GLN F 63 -11.79 27.11 25.10
C GLN F 63 -12.46 27.71 23.87
N LEU F 64 -12.05 27.27 22.68
CA LEU F 64 -12.58 27.84 21.44
C LEU F 64 -14.09 27.60 21.31
N GLU F 65 -14.54 26.39 21.65
CA GLU F 65 -15.96 26.08 21.53
C GLU F 65 -16.80 26.95 22.46
N ALA F 66 -16.35 27.08 23.71
CA ALA F 66 -17.09 27.91 24.67
C ALA F 66 -17.07 29.38 24.26
N ILE F 67 -15.94 29.86 23.74
CA ILE F 67 -15.86 31.25 23.30
C ILE F 67 -16.80 31.50 22.13
N ASN F 68 -16.84 30.57 21.18
CA ASN F 68 -17.76 30.70 20.05
C ASN F 68 -19.21 30.69 20.52
N ALA F 69 -19.55 29.76 21.41
CA ALA F 69 -20.90 29.70 21.95
C ALA F 69 -21.28 30.99 22.67
N ALA F 70 -20.33 31.56 23.42
CA ALA F 70 -20.59 32.83 24.11
C ALA F 70 -20.84 33.95 23.11
N LEU F 71 -19.99 34.05 22.08
CA LEU F 71 -20.17 35.09 21.09
C LEU F 71 -21.40 34.89 20.22
N LEU F 72 -22.01 33.70 20.25
CA LEU F 72 -23.27 33.45 19.56
C LEU F 72 -24.48 33.80 20.41
N GLY F 73 -24.29 34.31 21.62
CA GLY F 73 -25.38 34.73 22.47
C GLY F 73 -25.96 33.64 23.35
N GLU F 74 -25.36 32.47 23.39
CA GLU F 74 -25.88 31.35 24.17
C GLU F 74 -25.53 31.49 25.65
N ASP F 75 -26.41 30.97 26.49
CA ASP F 75 -26.09 30.81 27.90
C ASP F 75 -25.13 29.63 28.07
N CYS F 76 -24.13 29.79 28.93
CA CYS F 76 -23.06 28.82 29.03
C CYS F 76 -22.87 28.36 30.47
N PHE F 77 -22.56 27.06 30.61
CA PHE F 77 -22.19 26.47 31.89
C PHE F 77 -20.91 25.67 31.66
N ILE F 78 -19.81 26.12 32.28
CA ILE F 78 -18.48 25.56 31.99
C ILE F 78 -17.92 24.89 33.24
N LEU F 79 -17.72 23.58 33.16
CA LEU F 79 -17.02 22.81 34.18
C LEU F 79 -15.62 22.53 33.65
N MET F 80 -14.63 23.27 34.14
CA MET F 80 -13.27 23.19 33.67
C MET F 80 -12.35 23.28 34.88
N PRO F 81 -11.33 22.42 34.97
CA PRO F 81 -10.47 22.44 36.16
C PRO F 81 -9.76 23.78 36.33
N THR F 82 -9.33 24.04 37.56
CA THR F 82 -8.59 25.26 37.84
C THR F 82 -7.29 25.27 37.04
N GLY F 83 -6.99 26.41 36.42
CA GLY F 83 -5.87 26.50 35.51
C GLY F 83 -6.16 26.07 34.10
N GLY F 84 -7.35 25.54 33.83
CA GLY F 84 -7.71 25.11 32.49
C GLY F 84 -7.91 26.24 31.51
N GLY F 85 -8.15 27.45 32.01
CA GLY F 85 -8.34 28.61 31.16
C GLY F 85 -9.77 29.11 31.13
N LYS F 86 -10.41 29.13 32.30
CA LYS F 86 -11.77 29.65 32.39
C LYS F 86 -11.83 31.14 32.05
N SER F 87 -10.83 31.91 32.51
CA SER F 87 -10.90 33.36 32.41
C SER F 87 -11.05 33.81 30.96
N LEU F 88 -10.26 33.23 30.05
CA LEU F 88 -10.34 33.60 28.65
C LEU F 88 -11.74 33.40 28.09
N CYS F 89 -12.41 32.31 28.51
CA CYS F 89 -13.72 31.95 27.98
C CYS F 89 -14.73 33.08 28.08
N TYR F 90 -14.59 33.96 29.07
CA TYR F 90 -15.46 35.13 29.17
C TYR F 90 -14.74 36.44 28.90
N GLN F 91 -13.40 36.48 28.98
CA GLN F 91 -12.69 37.73 28.76
C GLN F 91 -12.52 38.04 27.28
N LEU F 92 -12.34 37.02 26.43
CA LEU F 92 -12.26 37.29 25.00
C LEU F 92 -13.62 37.70 24.42
N PRO F 93 -14.73 37.02 24.71
CA PRO F 93 -16.02 37.55 24.25
C PRO F 93 -16.33 38.94 24.80
N ALA F 94 -15.94 39.21 26.04
CA ALA F 94 -16.14 40.55 26.59
C ALA F 94 -15.44 41.61 25.76
N CYS F 95 -14.26 41.29 25.22
CA CYS F 95 -13.57 42.22 24.35
C CYS F 95 -14.19 42.28 22.96
N VAL F 96 -14.73 41.16 22.48
CA VAL F 96 -15.30 41.14 21.13
C VAL F 96 -16.68 41.79 21.11
N SER F 97 -17.53 41.46 22.08
CA SER F 97 -18.91 41.93 22.05
C SER F 97 -18.97 43.43 22.32
N PRO F 98 -19.97 44.12 21.78
CA PRO F 98 -20.15 45.53 22.13
C PRO F 98 -20.74 45.67 23.52
N GLY F 99 -20.43 46.79 24.16
CA GLY F 99 -20.94 47.05 25.48
C GLY F 99 -20.08 46.46 26.58
N VAL F 100 -20.69 46.35 27.76
CA VAL F 100 -20.01 45.98 28.98
C VAL F 100 -20.42 44.58 29.38
N THR F 101 -19.45 43.77 29.81
CA THR F 101 -19.71 42.46 30.41
C THR F 101 -19.60 42.60 31.92
N VAL F 102 -20.66 42.23 32.63
CA VAL F 102 -20.71 42.33 34.08
C VAL F 102 -20.32 40.98 34.67
N VAL F 103 -19.25 40.96 35.45
CA VAL F 103 -18.71 39.75 36.04
C VAL F 103 -18.95 39.80 37.54
N ILE F 104 -19.68 38.82 38.05
CA ILE F 104 -19.98 38.71 39.47
C ILE F 104 -18.99 37.75 40.09
N SER F 105 -18.25 38.22 41.09
CA SER F 105 -17.22 37.44 41.77
C SER F 105 -17.45 37.52 43.27
N PRO F 106 -17.13 36.45 44.01
CA PRO F 106 -17.51 36.40 45.43
C PRO F 106 -16.59 37.19 46.35
N LEU F 107 -15.42 37.61 45.91
CA LEU F 107 -14.42 38.18 46.80
C LEU F 107 -13.83 39.45 46.20
N ARG F 108 -13.67 40.47 47.04
CA ARG F 108 -13.01 41.70 46.61
C ARG F 108 -11.58 41.42 46.17
N SER F 109 -10.90 40.51 46.87
CA SER F 109 -9.53 40.15 46.51
C SER F 109 -9.47 39.59 45.10
N LEU F 110 -10.39 38.67 44.77
CA LEU F 110 -10.42 38.11 43.41
C LEU F 110 -10.68 39.20 42.38
N ILE F 111 -11.59 40.13 42.69
CA ILE F 111 -11.92 41.19 41.75
C ILE F 111 -10.72 42.08 41.48
N VAL F 112 -10.05 42.54 42.55
CA VAL F 112 -8.90 43.43 42.36
C VAL F 112 -7.77 42.69 41.64
N ASP F 113 -7.53 41.42 42.00
CA ASP F 113 -6.48 40.65 41.34
C ASP F 113 -6.74 40.50 39.84
N GLN F 114 -7.96 40.10 39.49
CA GLN F 114 -8.27 39.86 38.08
C GLN F 114 -8.28 41.16 37.28
N VAL F 115 -8.82 42.23 37.85
CA VAL F 115 -8.84 43.51 37.13
C VAL F 115 -7.43 44.05 36.98
N GLN F 116 -6.56 43.85 37.98
CA GLN F 116 -5.17 44.27 37.85
C GLN F 116 -4.48 43.50 36.74
N LYS F 117 -4.68 42.18 36.68
CA LYS F 117 -4.08 41.40 35.60
C LYS F 117 -4.60 41.85 34.23
N LEU F 118 -5.90 42.13 34.14
CA LEU F 118 -6.47 42.57 32.86
C LEU F 118 -5.90 43.92 32.44
N THR F 119 -5.80 44.87 33.37
CA THR F 119 -5.25 46.18 33.03
C THR F 119 -3.77 46.08 32.68
N SER F 120 -3.03 45.19 33.35
CA SER F 120 -1.64 44.94 32.97
C SER F 120 -1.56 44.38 31.56
N LEU F 121 -2.53 43.54 31.18
CA LEU F 121 -2.63 43.06 29.80
C LEU F 121 -3.20 44.09 28.84
N ASP F 122 -3.51 45.30 29.32
CA ASP F 122 -4.05 46.39 28.51
C ASP F 122 -5.44 46.08 27.93
N ILE F 123 -6.28 45.41 28.72
CA ILE F 123 -7.69 45.20 28.38
C ILE F 123 -8.51 46.14 29.26
N PRO F 124 -9.35 46.99 28.69
CA PRO F 124 -10.16 47.92 29.51
C PRO F 124 -11.09 47.18 30.46
N ALA F 125 -10.83 47.30 31.75
CA ALA F 125 -11.62 46.62 32.77
C ALA F 125 -11.59 47.45 34.04
N THR F 126 -12.69 47.40 34.78
CA THR F 126 -12.81 48.17 36.01
C THR F 126 -13.76 47.44 36.96
N TYR F 127 -13.84 47.95 38.19
CA TYR F 127 -14.68 47.34 39.20
C TYR F 127 -15.33 48.42 40.06
N LEU F 128 -16.42 48.04 40.70
CA LEU F 128 -17.16 48.91 41.63
C LEU F 128 -17.38 48.08 42.90
N THR F 129 -16.44 48.17 43.84
CA THR F 129 -16.57 47.49 45.12
C THR F 129 -16.43 48.50 46.25
N GLY F 130 -16.41 48.00 47.48
CA GLY F 130 -16.27 48.85 48.64
C GLY F 130 -14.89 49.45 48.85
N ASP F 131 -13.94 49.16 47.96
CA ASP F 131 -12.60 49.71 48.06
C ASP F 131 -12.34 50.89 47.13
N LYS F 132 -13.25 51.15 46.19
CA LYS F 132 -13.17 52.34 45.36
C LYS F 132 -13.82 53.53 46.06
N THR F 133 -13.21 54.70 45.89
CA THR F 133 -13.78 55.92 46.44
C THR F 133 -14.98 56.38 45.61
N ASP F 134 -15.79 57.24 46.21
CA ASP F 134 -16.99 57.74 45.54
C ASP F 134 -16.66 58.49 44.25
N SER F 135 -15.56 59.23 44.23
CA SER F 135 -15.21 60.02 43.04
C SER F 135 -14.84 59.13 41.86
N GLU F 136 -14.00 58.12 42.09
CA GLU F 136 -13.66 57.21 40.99
C GLU F 136 -14.89 56.43 40.55
N ALA F 137 -15.79 56.10 41.49
CA ALA F 137 -17.03 55.46 41.10
C ALA F 137 -17.85 56.37 40.19
N THR F 138 -17.93 57.65 40.52
CA THR F 138 -18.63 58.61 39.66
C THR F 138 -17.98 58.67 38.28
N ASN F 139 -16.65 58.63 38.22
CA ASN F 139 -15.97 58.63 36.93
C ASN F 139 -16.29 57.36 36.14
N ILE F 140 -16.40 56.22 36.83
CA ILE F 140 -16.74 54.97 36.16
C ILE F 140 -18.15 55.03 35.60
N TYR F 141 -19.10 55.55 36.40
CA TYR F 141 -20.47 55.70 35.93
C TYR F 141 -20.54 56.64 34.72
N LEU F 142 -19.76 57.73 34.77
CA LEU F 142 -19.74 58.66 33.64
C LEU F 142 -19.17 58.01 32.39
N GLN F 143 -18.12 57.21 32.55
CA GLN F 143 -17.55 56.49 31.41
C GLN F 143 -18.57 55.50 30.85
N LEU F 144 -19.32 54.84 31.73
CA LEU F 144 -20.37 53.92 31.29
C LEU F 144 -21.50 54.67 30.59
N SER F 145 -21.68 55.95 30.94
CA SER F 145 -22.73 56.77 30.33
C SER F 145 -22.33 57.36 29.00
N LYS F 146 -21.06 57.28 28.61
CA LYS F 146 -20.62 57.85 27.35
C LYS F 146 -21.26 57.13 26.17
N LYS F 147 -21.21 57.78 25.00
CA LYS F 147 -21.78 57.18 23.80
C LYS F 147 -21.10 55.85 23.47
N ASP F 148 -19.80 55.76 23.68
CA ASP F 148 -19.04 54.52 23.52
C ASP F 148 -18.46 54.10 24.86
N PRO F 149 -19.03 53.11 25.53
CA PRO F 149 -18.45 52.66 26.81
C PRO F 149 -17.13 51.95 26.58
N ILE F 150 -16.03 52.63 26.90
CA ILE F 150 -14.70 52.05 26.77
C ILE F 150 -14.58 50.77 27.58
N ILE F 151 -15.02 50.82 28.84
CA ILE F 151 -14.91 49.66 29.73
C ILE F 151 -15.60 48.46 29.11
N LYS F 152 -14.88 47.34 29.03
CA LYS F 152 -15.42 46.08 28.54
C LYS F 152 -15.84 45.14 29.65
N LEU F 153 -15.15 45.17 30.78
CA LEU F 153 -15.43 44.29 31.92
C LEU F 153 -15.69 45.13 33.16
N LEU F 154 -16.83 44.90 33.79
CA LEU F 154 -17.21 45.54 35.05
C LEU F 154 -17.35 44.45 36.09
N TYR F 155 -16.44 44.43 37.06
CA TYR F 155 -16.45 43.42 38.11
C TYR F 155 -17.20 43.93 39.32
N VAL F 156 -18.14 43.14 39.82
CA VAL F 156 -18.95 43.50 40.98
C VAL F 156 -19.15 42.27 41.86
N THR F 157 -19.52 42.53 43.11
CA THR F 157 -19.93 41.50 44.06
C THR F 157 -21.44 41.34 44.03
N PRO F 158 -21.95 40.19 44.47
CA PRO F 158 -23.41 40.03 44.53
C PRO F 158 -24.09 41.05 45.44
N GLU F 159 -23.44 41.44 46.53
CA GLU F 159 -24.03 42.40 47.46
C GLU F 159 -24.10 43.79 46.85
N LYS F 160 -23.14 44.16 46.00
CA LYS F 160 -23.21 45.47 45.34
C LYS F 160 -24.41 45.55 44.41
N ILE F 161 -24.74 44.44 43.73
CA ILE F 161 -25.88 44.44 42.82
C ILE F 161 -27.18 44.54 43.60
N CYS F 162 -27.19 44.04 44.85
CA CYS F 162 -28.40 44.02 45.67
C CYS F 162 -28.46 45.21 46.63
N ALA F 163 -27.68 46.26 46.39
CA ALA F 163 -27.68 47.44 47.24
C ALA F 163 -27.54 48.76 46.50
N SER F 164 -26.84 48.81 45.37
CA SER F 164 -26.62 50.05 44.63
C SER F 164 -27.76 50.27 43.65
N ASN F 165 -28.61 51.26 43.92
CA ASN F 165 -29.60 51.66 42.93
C ASN F 165 -28.95 52.38 41.75
N ARG F 166 -27.84 53.08 41.99
CA ARG F 166 -27.11 53.72 40.89
C ARG F 166 -26.59 52.68 39.91
N LEU F 167 -26.09 51.54 40.43
CA LEU F 167 -25.63 50.48 39.54
C LEU F 167 -26.78 49.89 38.74
N ILE F 168 -27.94 49.70 39.36
CA ILE F 168 -29.09 49.15 38.65
C ILE F 168 -29.56 50.12 37.57
N SER F 169 -29.58 51.41 37.86
CA SER F 169 -29.99 52.40 36.86
C SER F 169 -28.98 52.46 35.71
N THR F 170 -27.68 52.36 36.03
CA THR F 170 -26.67 52.34 34.98
C THR F 170 -26.82 51.09 34.11
N LEU F 171 -27.10 49.94 34.73
CA LEU F 171 -27.33 48.72 33.96
C LEU F 171 -28.57 48.85 33.08
N GLU F 172 -29.60 49.52 33.57
CA GLU F 172 -30.78 49.78 32.74
C GLU F 172 -30.45 50.68 31.56
N ASN F 173 -29.66 51.73 31.81
CA ASN F 173 -29.20 52.61 30.73
C ASN F 173 -28.44 51.79 29.68
N LEU F 174 -27.56 50.91 30.13
CA LEU F 174 -26.80 50.07 29.21
C LEU F 174 -27.72 49.13 28.44
N TYR F 175 -28.75 48.60 29.11
CA TYR F 175 -29.70 47.70 28.47
C TYR F 175 -30.49 48.41 27.39
N GLU F 176 -30.84 49.68 27.62
CA GLU F 176 -31.64 50.40 26.63
C GLU F 176 -30.86 50.64 25.34
N ARG F 177 -29.53 50.77 25.43
CA ARG F 177 -28.70 50.95 24.25
C ARG F 177 -28.09 49.65 23.74
N LYS F 178 -28.60 48.51 24.22
CA LYS F 178 -28.14 47.19 23.77
C LYS F 178 -26.63 47.02 23.99
N LEU F 179 -26.13 47.57 25.09
CA LEU F 179 -24.70 47.51 25.41
C LEU F 179 -24.43 46.80 26.74
N LEU F 180 -25.34 45.93 27.15
CA LEU F 180 -25.13 45.07 28.31
C LEU F 180 -24.88 43.67 27.78
N ALA F 181 -23.61 43.29 27.71
CA ALA F 181 -23.20 42.07 27.01
C ALA F 181 -23.56 40.82 27.80
N ARG F 182 -22.74 40.50 28.81
CA ARG F 182 -22.87 39.25 29.55
C ARG F 182 -23.16 39.53 31.01
N PHE F 183 -23.77 38.54 31.67
CA PHE F 183 -23.64 38.37 33.10
C PHE F 183 -22.80 37.11 33.32
N VAL F 184 -21.65 37.27 33.97
CA VAL F 184 -20.72 36.17 34.20
C VAL F 184 -20.68 35.87 35.70
N ILE F 185 -20.83 34.61 36.04
CA ILE F 185 -20.74 34.15 37.42
C ILE F 185 -19.48 33.29 37.52
N ASP F 186 -18.42 33.90 38.04
CA ASP F 186 -17.15 33.23 38.25
C ASP F 186 -17.21 32.48 39.56
N GLU F 187 -16.84 31.20 39.54
CA GLU F 187 -17.00 30.30 40.69
C GLU F 187 -18.48 30.15 41.04
N ALA F 188 -19.23 29.61 40.08
CA ALA F 188 -20.69 29.54 40.21
C ALA F 188 -21.13 28.62 41.33
N HIS F 189 -20.26 27.71 41.78
CA HIS F 189 -20.62 26.83 42.90
C HIS F 189 -20.98 27.65 44.13
N CYS F 190 -20.41 28.85 44.27
CA CYS F 190 -20.74 29.72 45.39
C CYS F 190 -22.23 30.00 45.45
N VAL F 191 -22.89 30.11 44.29
CA VAL F 191 -24.34 30.29 44.26
C VAL F 191 -25.03 29.22 45.10
N SER F 192 -24.59 27.96 44.92
CA SER F 192 -25.15 26.87 45.71
C SER F 192 -24.51 26.75 47.09
N GLN F 193 -23.33 27.35 47.29
CA GLN F 193 -22.61 27.14 48.54
C GLN F 193 -23.04 28.11 49.63
N TRP F 194 -23.30 29.38 49.29
CA TRP F 194 -23.69 30.36 50.29
C TRP F 194 -24.98 31.09 49.95
N GLY F 195 -25.61 30.80 48.80
CA GLY F 195 -26.79 31.54 48.41
C GLY F 195 -28.02 31.22 49.22
N HIS F 196 -28.04 30.08 49.91
CA HIS F 196 -29.19 29.69 50.71
C HIS F 196 -29.07 30.04 52.19
N ASP F 197 -27.88 30.34 52.70
CA ASP F 197 -27.74 30.59 54.13
C ASP F 197 -26.38 31.15 54.56
N PHE F 198 -26.08 32.39 54.16
CA PHE F 198 -24.87 33.11 54.55
C PHE F 198 -24.77 34.39 53.74
N ARG F 199 -24.85 34.24 52.42
CA ARG F 199 -24.82 35.36 51.47
C ARG F 199 -26.01 35.15 50.55
N GLN F 200 -27.20 35.45 51.06
CA GLN F 200 -28.43 35.18 50.32
C GLN F 200 -28.60 36.09 49.13
N ASP F 201 -27.77 37.14 49.00
CA ASP F 201 -27.81 37.95 47.79
C ASP F 201 -27.44 37.11 46.58
N TYR F 202 -26.60 36.09 46.76
CA TYR F 202 -26.30 35.16 45.67
C TYR F 202 -27.58 34.54 45.11
N LYS F 203 -28.61 34.39 45.94
CA LYS F 203 -29.91 34.04 45.42
C LYS F 203 -30.66 35.29 44.97
N ARG F 204 -30.66 36.33 45.80
CA ARG F 204 -31.45 37.53 45.52
C ARG F 204 -30.99 38.25 44.26
N MET F 205 -29.78 37.96 43.77
CA MET F 205 -29.31 38.54 42.52
C MET F 205 -30.07 38.02 41.30
N ASN F 206 -30.91 37.01 41.46
CA ASN F 206 -31.77 36.58 40.36
C ASN F 206 -32.55 37.73 39.76
N MET F 207 -32.70 38.83 40.51
CA MET F 207 -33.25 40.09 40.02
C MET F 207 -32.76 40.46 38.64
N LEU F 208 -31.47 40.25 38.35
CA LEU F 208 -30.94 40.63 37.04
C LEU F 208 -31.71 39.93 35.91
N ARG F 209 -31.98 38.63 36.06
CA ARG F 209 -32.70 37.91 35.01
C ARG F 209 -34.10 38.45 34.82
N GLN F 210 -34.66 39.13 35.82
CA GLN F 210 -35.94 39.79 35.65
C GLN F 210 -35.77 41.17 35.02
N LYS F 211 -34.71 41.89 35.37
CA LYS F 211 -34.54 43.24 34.87
C LYS F 211 -33.99 43.26 33.45
N PHE F 212 -33.10 42.34 33.13
CA PHE F 212 -32.45 42.26 31.81
C PHE F 212 -32.55 40.83 31.30
N PRO F 213 -33.74 40.42 30.85
CA PRO F 213 -33.93 39.00 30.50
C PRO F 213 -33.24 38.60 29.21
N SER F 214 -32.94 39.54 28.32
CA SER F 214 -32.31 39.21 27.06
C SER F 214 -30.79 39.12 27.14
N VAL F 215 -30.21 39.47 28.28
CA VAL F 215 -28.76 39.45 28.42
C VAL F 215 -28.33 38.02 28.74
N PRO F 216 -27.39 37.44 28.00
CA PRO F 216 -26.98 36.06 28.26
C PRO F 216 -26.17 35.94 29.54
N VAL F 217 -26.18 34.71 30.09
CA VAL F 217 -25.49 34.38 31.32
C VAL F 217 -24.49 33.26 31.07
N MET F 218 -23.32 33.39 31.66
CA MET F 218 -22.28 32.37 31.59
C MET F 218 -21.76 32.10 33.00
N ALA F 219 -21.92 30.86 33.46
CA ALA F 219 -21.45 30.42 34.77
C ALA F 219 -20.26 29.49 34.61
N LEU F 220 -19.21 29.71 35.41
CA LEU F 220 -18.00 28.89 35.34
C LEU F 220 -17.69 28.31 36.70
N THR F 221 -17.29 27.04 36.72
CA THR F 221 -16.93 26.38 37.97
C THR F 221 -15.99 25.22 37.66
N ALA F 222 -15.18 24.87 38.66
CA ALA F 222 -14.27 23.73 38.58
C ALA F 222 -14.75 22.53 39.39
N THR F 223 -15.77 22.72 40.22
CA THR F 223 -16.26 21.68 41.13
C THR F 223 -17.77 21.77 41.24
N ALA F 224 -18.47 20.72 40.84
CA ALA F 224 -19.92 20.64 40.96
C ALA F 224 -20.43 19.25 40.63
N ASN F 225 -20.97 18.55 41.63
CA ASN F 225 -21.63 17.28 41.39
C ASN F 225 -22.96 17.57 40.68
N PRO F 226 -23.63 16.55 40.13
CA PRO F 226 -24.85 16.83 39.34
C PRO F 226 -25.91 17.61 40.11
N ARG F 227 -26.09 17.32 41.40
CA ARG F 227 -27.08 18.06 42.18
C ARG F 227 -26.72 19.54 42.28
N VAL F 228 -25.46 19.85 42.57
CA VAL F 228 -25.05 21.25 42.64
C VAL F 228 -25.07 21.88 41.26
N GLN F 229 -24.79 21.13 40.20
CA GLN F 229 -24.93 21.67 38.85
C GLN F 229 -26.36 22.13 38.60
N LYS F 230 -27.33 21.25 38.85
CA LYS F 230 -28.73 21.61 38.65
C LYS F 230 -29.12 22.77 39.55
N ASP F 231 -28.61 22.79 40.79
CA ASP F 231 -28.93 23.89 41.69
C ASP F 231 -28.39 25.21 41.18
N ILE F 232 -27.15 25.22 40.68
CA ILE F 232 -26.57 26.43 40.11
C ILE F 232 -27.41 26.93 38.95
N LEU F 233 -27.79 26.01 38.05
CA LEU F 233 -28.54 26.43 36.87
C LEU F 233 -29.93 26.95 37.23
N THR F 234 -30.59 26.33 38.21
CA THR F 234 -31.91 26.81 38.62
C THR F 234 -31.82 28.14 39.35
N GLN F 235 -30.86 28.29 40.26
CA GLN F 235 -30.75 29.52 41.03
C GLN F 235 -30.32 30.69 40.16
N LEU F 236 -29.52 30.44 39.13
CA LEU F 236 -29.11 31.47 38.19
C LEU F 236 -30.13 31.73 37.11
N LYS F 237 -31.24 30.97 37.08
CA LYS F 237 -32.28 31.11 36.06
C LYS F 237 -31.69 30.94 34.67
N ILE F 238 -31.11 29.76 34.45
CA ILE F 238 -30.56 29.35 33.17
C ILE F 238 -31.28 28.06 32.80
N LEU F 239 -32.21 28.14 31.85
CA LEU F 239 -33.11 27.04 31.55
C LEU F 239 -32.63 26.16 30.39
N ARG F 240 -31.65 26.63 29.61
CA ARG F 240 -31.17 25.85 28.48
C ARG F 240 -29.74 26.25 28.12
N PRO F 241 -28.75 25.93 28.96
CA PRO F 241 -27.38 26.31 28.66
C PRO F 241 -26.62 25.27 27.84
N GLN F 242 -25.62 25.76 27.12
CA GLN F 242 -24.62 24.90 26.50
C GLN F 242 -23.60 24.50 27.56
N VAL F 243 -23.42 23.20 27.76
CA VAL F 243 -22.61 22.68 28.87
C VAL F 243 -21.28 22.21 28.30
N PHE F 244 -20.19 22.74 28.86
CA PHE F 244 -18.84 22.35 28.50
C PHE F 244 -18.18 21.74 29.73
N SER F 245 -17.95 20.43 29.70
CA SER F 245 -17.43 19.71 30.85
C SER F 245 -16.13 19.02 30.50
N MET F 246 -15.43 18.54 31.54
CA MET F 246 -14.19 17.80 31.37
C MET F 246 -14.07 16.78 32.49
N SER F 247 -12.99 16.01 32.46
CA SER F 247 -12.77 14.97 33.46
C SER F 247 -12.42 15.59 34.81
N PHE F 248 -13.06 15.10 35.87
CA PHE F 248 -12.75 15.53 37.22
C PHE F 248 -11.48 14.91 37.77
N ASN F 249 -10.85 13.99 37.05
CA ASN F 249 -9.68 13.29 37.56
C ASN F 249 -8.49 14.24 37.70
N ARG F 250 -7.80 14.13 38.83
CA ARG F 250 -6.55 14.84 39.09
C ARG F 250 -5.44 13.79 39.08
N HIS F 251 -4.78 13.66 37.92
CA HIS F 251 -3.90 12.51 37.70
C HIS F 251 -2.70 12.52 38.63
N ASN F 252 -2.28 13.70 39.10
CA ASN F 252 -1.01 13.85 39.80
C ASN F 252 -1.15 13.90 41.33
N LEU F 253 -2.34 13.64 41.86
CA LEU F 253 -2.58 13.76 43.30
C LEU F 253 -2.68 12.39 43.95
N LYS F 254 -2.00 12.22 45.07
CA LYS F 254 -2.09 11.04 45.91
C LYS F 254 -2.93 11.39 47.13
N TYR F 255 -4.07 10.72 47.29
CA TYR F 255 -5.00 11.01 48.36
C TYR F 255 -4.76 10.11 49.56
N TYR F 256 -4.64 10.71 50.74
CA TYR F 256 -4.46 9.98 52.00
C TYR F 256 -5.46 10.49 53.04
N VAL F 257 -5.95 9.56 53.86
CA VAL F 257 -6.72 9.87 55.05
C VAL F 257 -6.17 9.01 56.19
N LEU F 258 -5.69 9.68 57.25
CA LEU F 258 -5.09 8.97 58.36
C LEU F 258 -5.87 9.21 59.66
N PRO F 259 -5.83 8.26 60.59
CA PRO F 259 -6.50 8.48 61.88
C PRO F 259 -5.82 9.59 62.67
N LYS F 260 -6.64 10.47 63.24
CA LYS F 260 -6.16 11.65 63.93
C LYS F 260 -6.14 11.44 65.44
N LYS F 261 -5.03 11.81 66.08
CA LYS F 261 -4.99 11.92 67.52
C LYS F 261 -5.20 13.39 67.89
N PRO F 262 -6.36 13.78 68.42
CA PRO F 262 -6.66 15.21 68.57
C PRO F 262 -5.64 15.98 69.40
N LYS F 263 -4.90 15.31 70.28
CA LYS F 263 -3.91 15.97 71.14
C LYS F 263 -2.50 15.52 70.77
N LYS F 264 -2.23 15.43 69.47
CA LYS F 264 -0.93 15.04 68.95
C LYS F 264 -0.88 15.29 67.45
N VAL F 265 -2.02 15.72 66.88
CA VAL F 265 -2.15 15.85 65.43
C VAL F 265 -1.09 16.81 64.89
N ALA F 266 -0.86 17.92 65.60
CA ALA F 266 0.16 18.88 65.15
C ALA F 266 1.52 18.22 65.00
N PHE F 267 1.96 17.49 66.03
CA PHE F 267 3.25 16.80 65.95
C PHE F 267 3.28 15.79 64.81
N ASP F 268 2.19 15.03 64.64
CA ASP F 268 2.14 14.05 63.55
C ASP F 268 2.29 14.70 62.18
N CYS F 269 1.46 15.71 61.88
CA CYS F 269 1.56 16.40 60.60
C CYS F 269 2.93 17.02 60.41
N LEU F 270 3.44 17.73 61.43
CA LEU F 270 4.77 18.33 61.33
C LEU F 270 5.82 17.29 60.97
N GLU F 271 5.79 16.14 61.66
CA GLU F 271 6.75 15.08 61.39
C GLU F 271 6.60 14.58 59.96
N TRP F 272 5.36 14.38 59.51
CA TRP F 272 5.12 13.91 58.16
C TRP F 272 5.70 14.89 57.14
N ILE F 273 5.45 16.18 57.35
CA ILE F 273 6.01 17.21 56.48
C ILE F 273 7.53 17.12 56.45
N ARG F 274 8.14 17.04 57.63
CA ARG F 274 9.60 16.97 57.70
C ARG F 274 10.14 15.73 57.02
N LYS F 275 9.38 14.63 57.03
CA LYS F 275 9.85 13.39 56.43
C LYS F 275 9.68 13.40 54.91
N HIS F 276 8.61 14.02 54.41
CA HIS F 276 8.24 13.93 53.00
C HIS F 276 8.42 15.23 52.23
N HIS F 277 8.22 16.38 52.87
CA HIS F 277 8.30 17.67 52.19
C HIS F 277 9.09 18.66 53.05
N PRO F 278 10.40 18.40 53.22
CA PRO F 278 11.20 19.34 54.02
C PRO F 278 11.42 20.68 53.35
N TYR F 279 11.32 20.74 52.02
CA TYR F 279 11.58 21.95 51.25
C TYR F 279 10.40 22.34 50.37
N ASP F 280 9.20 21.86 50.67
CA ASP F 280 8.04 22.06 49.81
C ASP F 280 7.01 22.96 50.49
N SER F 281 6.35 23.80 49.69
CA SER F 281 5.30 24.68 50.20
C SER F 281 4.03 23.88 50.44
N GLY F 282 3.26 24.29 51.44
CA GLY F 282 2.04 23.56 51.76
C GLY F 282 1.04 24.37 52.55
N ILE F 283 -0.16 23.81 52.61
CA ILE F 283 -1.28 24.39 53.35
C ILE F 283 -1.77 23.34 54.35
N ILE F 284 -2.02 23.79 55.58
CA ILE F 284 -2.66 22.98 56.61
C ILE F 284 -4.01 23.63 56.92
N TYR F 285 -5.08 23.00 56.47
CA TYR F 285 -6.42 23.54 56.70
C TYR F 285 -6.91 23.11 58.08
N CYS F 286 -7.41 24.06 58.85
CA CYS F 286 -7.84 23.82 60.22
C CYS F 286 -9.31 24.17 60.38
N LEU F 287 -9.93 23.57 61.40
CA LEU F 287 -11.36 23.76 61.63
C LEU F 287 -11.66 25.10 62.30
N SER F 288 -10.79 25.54 63.21
CA SER F 288 -11.04 26.74 63.99
C SER F 288 -9.83 27.66 63.96
N ARG F 289 -10.03 28.90 64.41
CA ARG F 289 -8.94 29.87 64.48
C ARG F 289 -7.91 29.43 65.50
N ARG F 290 -8.36 28.97 66.67
CA ARG F 290 -7.43 28.51 67.70
C ARG F 290 -6.63 27.31 67.21
N GLU F 291 -7.26 26.45 66.41
CA GLU F 291 -6.52 25.34 65.80
C GLU F 291 -5.42 25.83 64.88
N CYS F 292 -5.71 26.87 64.08
CA CYS F 292 -4.70 27.46 63.21
C CYS F 292 -3.53 28.01 64.04
N ASP F 293 -3.85 28.76 65.09
CA ASP F 293 -2.79 29.35 65.93
C ASP F 293 -1.97 28.27 66.62
N THR F 294 -2.62 27.21 67.09
CA THR F 294 -1.89 26.11 67.73
C THR F 294 -0.97 25.42 66.74
N MET F 295 -1.45 25.18 65.52
CA MET F 295 -0.63 24.54 64.50
C MET F 295 0.59 25.39 64.16
N ALA F 296 0.36 26.68 63.94
CA ALA F 296 1.46 27.59 63.64
C ALA F 296 2.45 27.66 64.79
N ASP F 297 1.95 27.65 66.04
CA ASP F 297 2.82 27.71 67.19
C ASP F 297 3.71 26.47 67.28
N THR F 298 3.14 25.28 67.09
CA THR F 298 3.93 24.06 67.12
C THR F 298 5.00 24.06 66.03
N LEU F 299 4.59 24.39 64.81
CA LEU F 299 5.52 24.36 63.69
C LEU F 299 6.63 25.39 63.86
N GLN F 300 6.31 26.58 64.37
CA GLN F 300 7.34 27.56 64.66
C GLN F 300 8.23 27.13 65.82
N ARG F 301 7.68 26.38 66.78
CA ARG F 301 8.47 25.97 67.92
C ARG F 301 9.53 24.94 67.52
N ASP F 302 9.26 24.13 66.50
CA ASP F 302 10.30 23.23 66.01
C ASP F 302 11.06 23.79 64.80
N GLY F 303 10.83 25.04 64.44
CA GLY F 303 11.61 25.66 63.37
C GLY F 303 11.08 25.54 61.97
N LEU F 304 9.82 25.14 61.79
CA LEU F 304 9.20 25.11 60.47
C LEU F 304 8.54 26.46 60.23
N ALA F 305 8.81 27.06 59.07
CA ALA F 305 8.26 28.37 58.73
C ALA F 305 6.79 28.23 58.35
N ALA F 306 5.94 28.21 59.38
CA ALA F 306 4.49 28.12 59.20
C ALA F 306 3.84 29.38 59.75
N LEU F 307 2.81 29.85 59.05
CA LEU F 307 2.13 31.09 59.43
C LEU F 307 0.62 30.87 59.44
N ALA F 308 -0.04 31.37 60.47
CA ALA F 308 -1.49 31.23 60.60
C ALA F 308 -2.22 32.26 59.75
N TYR F 309 -3.40 31.88 59.27
CA TYR F 309 -4.19 32.73 58.38
C TYR F 309 -5.67 32.43 58.61
N HIS F 310 -6.43 33.41 59.09
CA HIS F 310 -7.87 33.28 59.23
C HIS F 310 -8.47 34.68 59.35
N ALA F 311 -9.80 34.75 59.44
CA ALA F 311 -10.50 36.02 59.47
C ALA F 311 -10.22 36.83 60.72
N GLY F 312 -9.66 36.21 61.77
CA GLY F 312 -9.36 36.96 62.97
C GLY F 312 -8.24 37.97 62.78
N LEU F 313 -7.36 37.72 61.82
CA LEU F 313 -6.29 38.67 61.51
C LEU F 313 -6.86 39.84 60.70
N SER F 314 -6.20 40.98 60.83
CA SER F 314 -6.57 42.13 60.02
C SER F 314 -6.21 41.87 58.56
N ASP F 315 -6.82 42.65 57.66
CA ASP F 315 -6.48 42.55 56.25
C ASP F 315 -5.02 42.91 56.02
N SER F 316 -4.46 43.79 56.86
CA SER F 316 -3.04 44.09 56.77
C SER F 316 -2.21 42.84 57.00
N ALA F 317 -2.49 42.14 58.11
CA ALA F 317 -1.74 40.93 58.41
C ALA F 317 -2.03 39.83 57.41
N ARG F 318 -3.27 39.74 56.93
CA ARG F 318 -3.61 38.71 55.95
C ARG F 318 -2.85 38.91 54.64
N ASP F 319 -2.79 40.16 54.15
CA ASP F 319 -2.01 40.41 52.94
C ASP F 319 -0.54 40.12 53.18
N GLU F 320 -0.02 40.48 54.36
CA GLU F 320 1.39 40.23 54.65
C GLU F 320 1.71 38.74 54.61
N VAL F 321 0.91 37.93 55.32
CA VAL F 321 1.17 36.49 55.36
C VAL F 321 0.97 35.85 53.99
N GLN F 322 -0.03 36.30 53.23
CA GLN F 322 -0.24 35.74 51.91
C GLN F 322 0.96 35.99 51.01
N GLN F 323 1.51 37.21 51.04
CA GLN F 323 2.70 37.48 50.24
C GLN F 323 3.90 36.70 50.74
N LYS F 324 3.99 36.48 52.06
CA LYS F 324 5.09 35.68 52.60
C LYS F 324 5.01 34.23 52.12
N TRP F 325 3.80 33.67 52.07
CA TRP F 325 3.65 32.27 51.64
C TRP F 325 3.89 32.13 50.14
N ILE F 326 3.36 33.06 49.34
CA ILE F 326 3.48 32.95 47.89
C ILE F 326 4.94 32.97 47.47
N ASN F 327 5.75 33.82 48.11
CA ASN F 327 7.16 33.98 47.74
C ASN F 327 8.07 32.96 48.42
N GLN F 328 7.54 32.12 49.31
CA GLN F 328 8.34 31.18 50.09
C GLN F 328 9.48 31.88 50.82
N ASP F 329 9.23 33.11 51.28
CA ASP F 329 10.20 33.93 51.99
C ASP F 329 9.81 33.93 53.47
N GLY F 330 10.37 33.00 54.22
CA GLY F 330 10.07 32.91 55.64
C GLY F 330 8.74 32.28 55.97
N CYS F 331 8.14 31.56 55.02
CA CYS F 331 6.88 30.85 55.27
C CYS F 331 6.83 29.66 54.34
N GLN F 332 7.00 28.46 54.89
CA GLN F 332 6.92 27.23 54.11
C GLN F 332 5.51 26.68 54.07
N VAL F 333 4.82 26.65 55.20
CA VAL F 333 3.46 26.14 55.29
C VAL F 333 2.56 27.22 55.89
N ILE F 334 1.38 27.38 55.28
CA ILE F 334 0.37 28.30 55.79
C ILE F 334 -0.75 27.47 56.43
N CYS F 335 -1.09 27.82 57.66
CA CYS F 335 -2.09 27.11 58.46
C CYS F 335 -3.34 27.98 58.46
N ALA F 336 -4.34 27.58 57.68
CA ALA F 336 -5.42 28.49 57.33
C ALA F 336 -6.79 27.83 57.53
N THR F 337 -7.79 28.68 57.70
CA THR F 337 -9.18 28.30 57.56
C THR F 337 -9.60 28.35 56.09
N ILE F 338 -10.85 27.97 55.81
CA ILE F 338 -11.36 27.99 54.46
C ILE F 338 -11.39 29.37 53.83
N ALA F 339 -11.11 30.43 54.61
CA ALA F 339 -11.04 31.77 54.04
C ALA F 339 -9.89 31.89 53.04
N PHE F 340 -8.81 31.15 53.25
CA PHE F 340 -7.66 31.19 52.37
C PHE F 340 -7.79 30.17 51.25
N GLY F 341 -7.44 30.59 50.04
CA GLY F 341 -7.28 29.64 48.95
C GLY F 341 -7.95 30.00 47.64
N MET F 342 -9.05 30.74 47.69
CA MET F 342 -9.85 30.95 46.49
C MET F 342 -9.11 31.81 45.46
N GLY F 343 -8.30 32.75 45.92
CA GLY F 343 -7.56 33.60 45.02
C GLY F 343 -6.13 33.19 44.75
N ILE F 344 -5.66 32.10 45.35
CA ILE F 344 -4.27 31.71 45.29
C ILE F 344 -4.06 30.84 44.05
N ASP F 345 -2.99 31.11 43.30
CA ASP F 345 -2.67 30.37 42.09
C ASP F 345 -1.24 29.83 42.14
N LYS F 346 -0.79 29.41 43.30
CA LYS F 346 0.58 28.90 43.42
C LYS F 346 0.69 27.55 42.72
N PRO F 347 1.62 27.39 41.78
CA PRO F 347 1.64 26.16 40.98
C PRO F 347 2.35 24.99 41.62
N ASP F 348 3.23 25.23 42.60
CA ASP F 348 4.08 24.17 43.15
C ASP F 348 3.72 23.87 44.61
N VAL F 349 2.43 23.76 44.92
CA VAL F 349 1.99 23.32 46.23
C VAL F 349 2.01 21.79 46.23
N ARG F 350 2.96 21.21 46.96
CA ARG F 350 3.18 19.77 46.93
C ARG F 350 2.37 18.99 47.95
N PHE F 351 1.84 19.64 48.99
CA PHE F 351 1.02 18.91 49.95
C PHE F 351 -0.05 19.84 50.50
N VAL F 352 -1.25 19.29 50.67
CA VAL F 352 -2.34 19.98 51.36
C VAL F 352 -2.80 19.10 52.51
N ILE F 353 -2.75 19.65 53.73
CA ILE F 353 -3.14 18.92 54.94
C ILE F 353 -4.43 19.50 55.48
N HIS F 354 -5.44 18.67 55.60
CA HIS F 354 -6.67 18.98 56.32
C HIS F 354 -6.51 18.39 57.72
N ALA F 355 -6.15 19.25 58.69
CA ALA F 355 -6.00 18.78 60.06
C ALA F 355 -7.31 18.25 60.63
N SER F 356 -8.44 18.66 60.06
CA SER F 356 -9.74 18.11 60.38
C SER F 356 -10.50 17.91 59.09
N LEU F 357 -11.45 16.97 59.10
CA LEU F 357 -12.21 16.68 57.90
C LEU F 357 -13.06 17.88 57.50
N PRO F 358 -13.16 18.18 56.21
CA PRO F 358 -13.92 19.35 55.75
C PRO F 358 -15.42 19.11 55.85
N LYS F 359 -16.17 20.19 55.65
CA LYS F 359 -17.62 20.14 55.83
C LYS F 359 -18.32 19.37 54.72
N SER F 360 -17.69 19.22 53.56
CA SER F 360 -18.35 18.55 52.43
C SER F 360 -17.30 17.96 51.51
N VAL F 361 -17.75 17.03 50.66
CA VAL F 361 -16.86 16.42 49.68
C VAL F 361 -16.48 17.42 48.60
N GLU F 362 -17.42 18.30 48.24
CA GLU F 362 -17.12 19.37 47.28
C GLU F 362 -16.03 20.29 47.84
N GLY F 363 -16.18 20.68 49.10
CA GLY F 363 -15.16 21.48 49.75
C GLY F 363 -13.82 20.76 49.82
N TYR F 364 -13.84 19.47 50.14
CA TYR F 364 -12.60 18.71 50.19
C TYR F 364 -11.91 18.66 48.83
N TYR F 365 -12.69 18.41 47.77
CA TYR F 365 -12.09 18.37 46.43
C TYR F 365 -11.47 19.71 46.08
N GLN F 366 -12.20 20.81 46.33
CA GLN F 366 -11.67 22.12 45.98
C GLN F 366 -10.43 22.46 46.81
N GLU F 367 -10.44 22.14 48.09
CA GLU F 367 -9.32 22.52 48.97
C GLU F 367 -8.09 21.67 48.70
N SER F 368 -8.25 20.35 48.57
CA SER F 368 -7.13 19.49 48.25
C SER F 368 -6.63 19.71 46.82
N GLY F 369 -7.48 20.18 45.92
CA GLY F 369 -7.07 20.47 44.56
C GLY F 369 -6.14 21.66 44.43
N ARG F 370 -5.99 22.44 45.51
CA ARG F 370 -5.03 23.53 45.52
C ARG F 370 -3.61 23.01 45.37
N ALA F 371 -3.41 21.70 45.60
CA ALA F 371 -2.14 21.05 45.38
C ALA F 371 -1.93 20.68 43.91
N GLY F 372 -0.67 20.70 43.49
CA GLY F 372 -0.26 20.21 42.19
C GLY F 372 -0.88 20.86 40.97
N ARG F 373 -0.90 22.20 40.94
CA ARG F 373 -1.34 22.89 39.73
C ARG F 373 -0.33 22.74 38.59
N ASP F 374 0.94 22.48 38.91
CA ASP F 374 1.97 22.32 37.88
C ASP F 374 1.98 20.94 37.23
N GLY F 375 1.15 20.01 37.71
CA GLY F 375 1.13 18.67 37.16
C GLY F 375 2.10 17.69 37.79
N GLU F 376 2.89 18.14 38.77
CA GLU F 376 3.81 17.24 39.46
C GLU F 376 3.09 16.51 40.59
N ILE F 377 3.69 15.41 41.04
CA ILE F 377 3.07 14.56 42.05
C ILE F 377 2.92 15.33 43.35
N SER F 378 1.73 15.29 43.94
CA SER F 378 1.46 15.98 45.19
C SER F 378 0.64 15.08 46.12
N HIS F 379 0.62 15.47 47.39
CA HIS F 379 -0.05 14.73 48.45
C HIS F 379 -1.23 15.53 49.00
N CYS F 380 -2.30 14.82 49.30
CA CYS F 380 -3.47 15.39 49.97
C CYS F 380 -3.72 14.53 51.21
N LEU F 381 -3.37 15.07 52.37
CA LEU F 381 -3.43 14.36 53.63
C LEU F 381 -4.59 14.88 54.46
N LEU F 382 -5.46 13.97 54.90
CA LEU F 382 -6.64 14.30 55.69
C LEU F 382 -6.59 13.54 57.01
N PHE F 383 -6.64 14.27 58.13
CA PHE F 383 -6.71 13.64 59.44
C PHE F 383 -8.17 13.54 59.86
N TYR F 384 -8.65 12.32 60.07
CA TYR F 384 -10.07 12.04 60.24
C TYR F 384 -10.38 11.58 61.66
N THR F 385 -11.37 12.23 62.27
CA THR F 385 -12.05 11.73 63.47
C THR F 385 -13.50 12.18 63.44
N TYR F 386 -14.39 11.32 63.95
CA TYR F 386 -15.81 11.67 64.02
C TYR F 386 -16.07 12.69 65.13
N HIS F 387 -15.19 12.75 66.12
CA HIS F 387 -15.25 13.76 67.15
C HIS F 387 -15.04 15.16 66.59
N ASP F 388 -14.47 15.26 65.39
CA ASP F 388 -14.49 16.52 64.64
C ASP F 388 -15.78 16.68 63.85
N VAL F 389 -16.42 15.57 63.47
CA VAL F 389 -17.74 15.65 62.85
C VAL F 389 -18.73 16.31 63.79
N THR F 390 -18.64 16.00 65.09
CA THR F 390 -19.50 16.66 66.06
C THR F 390 -19.25 18.16 66.10
N ARG F 391 -17.99 18.58 66.06
CA ARG F 391 -17.66 20.01 66.03
C ARG F 391 -18.18 20.66 64.75
N LEU F 392 -18.11 19.96 63.62
CA LEU F 392 -18.62 20.51 62.37
C LEU F 392 -20.14 20.61 62.41
N LYS F 393 -20.80 19.65 63.06
CA LYS F 393 -22.25 19.75 63.25
C LYS F 393 -22.61 20.93 64.13
N ARG F 394 -21.81 21.19 65.16
CA ARG F 394 -22.03 22.37 65.99
C ARG F 394 -21.89 23.64 65.18
N LEU F 395 -20.86 23.70 64.32
CA LEU F 395 -20.67 24.87 63.47
C LEU F 395 -21.83 25.04 62.49
N ILE F 396 -22.35 23.92 61.96
CA ILE F 396 -23.49 23.98 61.03
C ILE F 396 -24.73 24.48 61.75
N MET F 397 -25.03 23.93 62.93
CA MET F 397 -26.18 24.37 63.70
C MET F 397 -26.05 25.83 64.13
N MET F 398 -24.84 26.38 64.13
CA MET F 398 -24.61 27.79 64.45
C MET F 398 -24.61 28.64 63.19
N GLU F 399 -25.67 28.51 62.39
CA GLU F 399 -25.86 29.32 61.19
C GLU F 399 -26.92 30.37 61.48
N LYS F 400 -26.57 31.63 61.29
CA LYS F 400 -27.45 32.73 61.67
C LYS F 400 -28.73 32.70 60.84
N ASP F 401 -28.61 32.33 59.56
CA ASP F 401 -29.71 32.39 58.61
C ASP F 401 -30.06 31.01 58.04
N GLY F 402 -29.81 29.95 58.81
CA GLY F 402 -30.12 28.60 58.35
C GLY F 402 -31.51 28.15 58.79
N ASN F 403 -32.17 27.42 57.90
CA ASN F 403 -33.47 26.84 58.15
C ASN F 403 -33.36 25.31 58.14
N HIS F 404 -34.52 24.65 58.16
CA HIS F 404 -34.57 23.19 58.21
C HIS F 404 -33.93 22.57 56.97
N HIS F 405 -34.24 23.11 55.78
CA HIS F 405 -33.78 22.51 54.53
C HIS F 405 -32.28 22.70 54.33
N THR F 406 -31.80 23.93 54.48
CA THR F 406 -30.37 24.20 54.29
C THR F 406 -29.54 23.40 55.27
N ARG F 407 -29.95 23.39 56.54
CA ARG F 407 -29.28 22.56 57.52
C ARG F 407 -29.25 21.10 57.06
N GLU F 408 -30.43 20.52 56.80
CA GLU F 408 -30.51 19.12 56.34
C GLU F 408 -29.55 18.84 55.19
N THR F 409 -29.43 19.76 54.24
CA THR F 409 -28.50 19.58 53.13
C THR F 409 -27.06 19.53 53.63
N HIS F 410 -26.69 20.42 54.55
CA HIS F 410 -25.33 20.40 55.08
C HIS F 410 -25.02 19.12 55.85
N PHE F 411 -26.01 18.62 56.60
CA PHE F 411 -25.83 17.39 57.34
C PHE F 411 -25.60 16.22 56.39
N ASN F 412 -26.35 16.18 55.28
CA ASN F 412 -26.12 15.15 54.26
C ASN F 412 -24.73 15.28 53.62
N ASN F 413 -24.28 16.51 53.35
CA ASN F 413 -22.93 16.69 52.82
C ASN F 413 -21.90 16.17 53.81
N LEU F 414 -22.08 16.48 55.09
CA LEU F 414 -21.16 15.98 56.11
C LEU F 414 -21.20 14.46 56.17
N TYR F 415 -22.38 13.87 56.01
CA TYR F 415 -22.48 12.42 56.00
C TYR F 415 -21.70 11.82 54.84
N SER F 416 -21.77 12.46 53.66
CA SER F 416 -21.03 11.94 52.52
C SER F 416 -19.53 12.06 52.74
N MET F 417 -19.10 13.15 53.39
CA MET F 417 -17.67 13.31 53.70
C MET F 417 -17.21 12.22 54.66
N VAL F 418 -18.02 11.93 55.69
CA VAL F 418 -17.65 10.89 56.64
C VAL F 418 -17.63 9.52 55.98
N HIS F 419 -18.57 9.27 55.06
CA HIS F 419 -18.58 8.00 54.35
C HIS F 419 -17.33 7.84 53.49
N TYR F 420 -16.87 8.93 52.88
CA TYR F 420 -15.60 8.89 52.15
C TYR F 420 -14.44 8.60 53.11
N CYS F 421 -14.41 9.28 54.26
CA CYS F 421 -13.33 9.09 55.21
C CYS F 421 -13.27 7.65 55.72
N GLU F 422 -14.42 7.04 55.97
CA GLU F 422 -14.49 5.71 56.55
C GLU F 422 -14.40 4.59 55.52
N ASN F 423 -14.45 4.92 54.23
CA ASN F 423 -14.37 3.93 53.17
C ASN F 423 -12.92 3.55 52.95
N ILE F 424 -12.48 2.47 53.57
CA ILE F 424 -11.11 1.98 53.43
C ILE F 424 -11.01 0.90 52.35
N THR F 425 -12.07 0.69 51.57
CA THR F 425 -12.10 -0.35 50.56
C THR F 425 -12.03 0.19 49.13
N GLU F 426 -12.93 1.10 48.77
CA GLU F 426 -12.98 1.59 47.40
C GLU F 426 -11.82 2.54 47.11
N CYS F 427 -11.36 2.52 45.86
CA CYS F 427 -10.32 3.46 45.44
C CYS F 427 -10.84 4.89 45.57
N ARG F 428 -10.02 5.75 46.15
CA ARG F 428 -10.47 7.10 46.47
C ARG F 428 -10.79 7.90 45.22
N ARG F 429 -10.05 7.68 44.13
CA ARG F 429 -10.38 8.33 42.87
C ARG F 429 -11.76 7.90 42.39
N ILE F 430 -12.07 6.60 42.50
CA ILE F 430 -13.37 6.11 42.08
C ILE F 430 -14.47 6.73 42.94
N GLN F 431 -14.22 6.86 44.24
CA GLN F 431 -15.21 7.48 45.13
C GLN F 431 -15.47 8.92 44.73
N LEU F 432 -14.39 9.69 44.51
CA LEU F 432 -14.54 11.10 44.15
C LEU F 432 -15.26 11.25 42.82
N LEU F 433 -14.87 10.46 41.82
CA LEU F 433 -15.49 10.57 40.50
C LEU F 433 -16.94 10.10 40.51
N ALA F 434 -17.28 9.12 41.34
CA ALA F 434 -18.67 8.70 41.47
C ALA F 434 -19.50 9.78 42.15
N TYR F 435 -18.91 10.50 43.11
CA TYR F 435 -19.61 11.61 43.73
C TYR F 435 -19.94 12.69 42.71
N PHE F 436 -19.05 12.94 41.76
CA PHE F 436 -19.26 13.95 40.73
C PHE F 436 -19.92 13.40 39.48
N GLY F 437 -20.25 12.11 39.44
CA GLY F 437 -20.99 11.54 38.34
C GLY F 437 -20.19 11.14 37.12
N GLU F 438 -18.86 11.11 37.21
CA GLU F 438 -18.03 10.63 36.12
C GLU F 438 -17.86 9.12 36.27
N ASN F 439 -18.35 8.37 35.29
CA ASN F 439 -18.46 6.91 35.40
C ASN F 439 -17.51 6.14 34.50
N GLY F 440 -17.32 6.58 33.26
CA GLY F 440 -16.49 5.85 32.31
C GLY F 440 -15.00 5.86 32.61
N PHE F 441 -14.65 5.91 33.88
CA PHE F 441 -13.25 6.01 34.31
C PHE F 441 -12.62 4.64 34.50
N ASN F 442 -11.36 4.53 34.11
CA ASN F 442 -10.60 3.29 34.26
C ASN F 442 -10.47 2.92 35.73
N PRO F 443 -10.93 1.73 36.15
CA PRO F 443 -10.76 1.33 37.56
C PRO F 443 -9.32 1.03 37.94
N ASP F 444 -8.45 0.72 36.98
CA ASP F 444 -7.07 0.34 37.26
C ASP F 444 -6.09 1.52 37.21
N PHE F 445 -6.59 2.76 37.22
CA PHE F 445 -5.71 3.92 37.16
C PHE F 445 -4.71 3.91 38.31
N CYS F 446 -5.19 3.69 39.53
CA CYS F 446 -4.31 3.71 40.70
C CYS F 446 -3.27 2.60 40.67
N LYS F 447 -3.53 1.52 39.93
CA LYS F 447 -2.58 0.43 39.82
C LYS F 447 -1.59 0.60 38.68
N LYS F 448 -2.02 1.21 37.56
CA LYS F 448 -1.11 1.41 36.44
C LYS F 448 -0.07 2.48 36.73
N HIS F 449 -0.42 3.49 37.53
CA HIS F 449 0.47 4.58 37.89
C HIS F 449 0.57 4.63 39.41
N PRO F 450 1.35 3.72 40.01
CA PRO F 450 1.39 3.65 41.48
C PRO F 450 2.02 4.87 42.15
N ASP F 451 2.79 5.68 41.41
CA ASP F 451 3.41 6.85 42.02
C ASP F 451 2.40 7.86 42.52
N VAL F 452 1.18 7.87 41.96
CA VAL F 452 0.14 8.79 42.39
C VAL F 452 -1.05 7.99 42.90
N SER F 453 -0.77 6.90 43.60
CA SER F 453 -1.81 6.02 44.10
C SER F 453 -2.35 6.52 45.43
N CYS F 454 -3.66 6.35 45.63
CA CYS F 454 -4.26 6.67 46.90
C CYS F 454 -3.87 5.63 47.95
N ASP F 455 -4.23 5.91 49.21
CA ASP F 455 -3.83 5.01 50.30
C ASP F 455 -4.49 3.64 50.17
N ASN F 456 -5.75 3.59 49.71
CA ASN F 456 -6.46 2.32 49.64
C ASN F 456 -5.86 1.40 48.58
N CYS F 457 -5.38 1.95 47.47
CA CYS F 457 -4.80 1.14 46.40
C CYS F 457 -3.36 0.71 46.67
N CYS F 458 -2.70 1.28 47.66
CA CYS F 458 -1.34 0.89 48.00
C CYS F 458 -1.30 -0.49 48.65
N SER F 466 0.70 -2.46 58.57
CA SER F 466 -0.40 -2.34 59.51
C SER F 466 -1.40 -1.27 59.06
N LYS F 467 -2.61 -1.69 58.70
CA LYS F 467 -3.65 -0.78 58.27
C LYS F 467 -4.99 -1.21 58.85
N ALA F 468 -5.55 -2.30 58.34
CA ALA F 468 -6.78 -2.86 58.88
C ALA F 468 -6.53 -3.78 60.07
N LEU F 469 -5.26 -4.02 60.43
CA LEU F 469 -4.96 -4.88 61.57
C LEU F 469 -5.17 -4.16 62.90
N VAL F 470 -5.08 -2.82 62.91
CA VAL F 470 -5.25 -2.08 64.15
C VAL F 470 -6.67 -2.25 64.68
N ALA F 471 -7.66 -2.36 63.79
CA ALA F 471 -9.02 -2.63 64.25
C ALA F 471 -9.14 -4.03 64.84
N LYS F 472 -8.47 -5.02 64.21
CA LYS F 472 -8.49 -6.38 64.72
C LYS F 472 -7.86 -6.46 66.10
N VAL F 473 -6.84 -5.65 66.37
CA VAL F 473 -6.23 -5.65 67.70
C VAL F 473 -7.09 -4.87 68.69
N SER F 474 -7.67 -3.75 68.25
CA SER F 474 -8.44 -2.89 69.15
C SER F 474 -9.72 -3.57 69.61
N GLN F 475 -10.38 -4.32 68.72
CA GLN F 475 -11.58 -5.05 69.12
C GLN F 475 -11.27 -6.07 70.21
N ARG F 476 -10.17 -6.82 70.04
CA ARG F 476 -9.78 -7.78 71.06
C ARG F 476 -9.43 -7.11 72.38
N GLU F 477 -8.75 -5.95 72.31
CA GLU F 477 -8.40 -5.24 73.54
C GLU F 477 -9.66 -4.76 74.27
N GLU F 478 -10.63 -4.21 73.52
CA GLU F 478 -11.88 -3.79 74.15
C GLU F 478 -12.62 -4.99 74.76
N MET F 479 -12.56 -6.13 74.07
CA MET F 479 -13.18 -7.35 74.61
C MET F 479 -12.54 -7.74 75.93
N VAL F 480 -11.20 -7.72 76.01
CA VAL F 480 -10.55 -8.11 77.26
C VAL F 480 -10.85 -7.08 78.35
N LYS F 481 -11.02 -5.81 77.98
CA LYS F 481 -11.37 -4.81 79.00
C LYS F 481 -12.75 -5.08 79.58
N LYS F 482 -13.73 -5.30 78.72
CA LYS F 482 -15.08 -5.62 79.21
C LYS F 482 -15.08 -6.90 80.04
N CYS F 483 -14.30 -7.90 79.61
CA CYS F 483 -14.21 -9.15 80.35
C CYS F 483 -13.61 -8.95 81.72
N LEU F 484 -12.54 -8.16 81.80
CA LEU F 484 -11.93 -7.85 83.09
C LEU F 484 -12.93 -7.16 84.01
N GLY F 485 -13.69 -6.20 83.47
CA GLY F 485 -14.70 -5.54 84.30
C GLY F 485 -15.73 -6.50 84.85
N GLU F 486 -16.27 -7.37 83.98
CA GLU F 486 -17.27 -8.33 84.42
C GLU F 486 -16.71 -9.29 85.45
N LEU F 487 -15.48 -9.79 85.23
CA LEU F 487 -14.89 -10.72 86.17
C LEU F 487 -14.63 -10.07 87.52
N THR F 488 -14.13 -8.84 87.52
CA THR F 488 -13.92 -8.13 88.78
C THR F 488 -15.22 -7.94 89.52
N GLU F 489 -16.30 -7.60 88.80
CA GLU F 489 -17.58 -7.39 89.48
C GLU F 489 -18.12 -8.69 90.08
N VAL F 490 -18.01 -9.81 89.35
CA VAL F 490 -18.52 -11.06 89.90
C VAL F 490 -17.66 -11.53 91.07
N CYS F 491 -16.34 -11.27 91.02
CA CYS F 491 -15.50 -11.60 92.16
C CYS F 491 -15.86 -10.75 93.38
N LYS F 492 -16.16 -9.47 93.16
CA LYS F 492 -16.62 -8.62 94.26
C LYS F 492 -17.91 -9.14 94.86
N SER F 493 -18.83 -9.60 94.01
CA SER F 493 -20.09 -10.16 94.52
CA SER F 493 -20.09 -10.16 94.52
C SER F 493 -19.83 -11.40 95.37
N LEU F 494 -18.98 -12.30 94.88
CA LEU F 494 -18.67 -13.50 95.66
C LEU F 494 -18.00 -13.15 96.99
N GLY F 495 -17.11 -12.16 96.97
CA GLY F 495 -16.47 -11.72 98.21
C GLY F 495 -17.46 -11.14 99.19
N LYS F 496 -18.43 -10.35 98.70
CA LYS F 496 -19.49 -9.86 99.56
C LYS F 496 -20.33 -11.00 100.11
N VAL F 497 -20.50 -12.06 99.34
CA VAL F 497 -21.26 -13.22 99.83
C VAL F 497 -20.51 -13.89 100.98
N PHE F 498 -19.22 -14.19 100.80
CA PHE F 498 -18.46 -14.90 101.81
C PHE F 498 -17.78 -14.00 102.84
N GLY F 499 -17.89 -12.68 102.70
CA GLY F 499 -17.30 -11.79 103.69
C GLY F 499 -15.79 -11.68 103.61
N VAL F 500 -15.22 -11.76 102.41
CA VAL F 500 -13.78 -11.63 102.21
C VAL F 500 -13.57 -10.65 101.06
N HIS F 501 -12.37 -10.10 100.99
CA HIS F 501 -12.01 -9.20 99.90
C HIS F 501 -11.91 -9.98 98.60
N TYR F 502 -12.24 -9.32 97.49
CA TYR F 502 -12.27 -10.01 96.20
C TYR F 502 -10.88 -10.47 95.74
N PHE F 503 -9.81 -9.97 96.36
CA PHE F 503 -8.47 -10.46 96.08
C PHE F 503 -8.25 -11.89 96.58
N ASN F 504 -9.08 -12.39 97.49
CA ASN F 504 -8.90 -13.74 98.00
C ASN F 504 -9.61 -14.79 97.16
N ILE F 505 -10.45 -14.36 96.21
CA ILE F 505 -11.02 -15.25 95.22
C ILE F 505 -10.07 -15.33 94.04
N PHE F 506 -9.88 -14.19 93.36
CA PHE F 506 -8.89 -14.03 92.31
C PHE F 506 -8.27 -12.66 92.41
N ASN F 507 -6.95 -12.59 92.38
CA ASN F 507 -6.24 -11.32 92.48
C ASN F 507 -6.28 -10.59 91.13
N THR F 508 -5.69 -9.39 91.12
CA THR F 508 -5.74 -8.54 89.92
C THR F 508 -5.07 -9.21 88.72
N VAL F 509 -3.89 -9.78 88.93
CA VAL F 509 -3.12 -10.32 87.81
C VAL F 509 -3.78 -11.57 87.25
N THR F 510 -4.34 -12.42 88.11
CA THR F 510 -5.02 -13.61 87.61
C THR F 510 -6.26 -13.24 86.79
N LEU F 511 -7.00 -12.23 87.22
CA LEU F 511 -8.15 -11.78 86.43
C LEU F 511 -7.70 -11.17 85.10
N LYS F 512 -6.62 -10.39 85.12
CA LYS F 512 -6.09 -9.83 83.89
C LYS F 512 -5.67 -10.94 82.92
N LYS F 513 -5.05 -12.00 83.45
CA LYS F 513 -4.63 -13.12 82.60
C LYS F 513 -5.83 -13.91 82.10
N LEU F 514 -6.90 -14.00 82.90
CA LEU F 514 -8.11 -14.66 82.43
C LEU F 514 -8.75 -13.87 81.29
N ALA F 515 -8.75 -12.53 81.40
CA ALA F 515 -9.33 -11.71 80.34
C ALA F 515 -8.57 -11.85 79.02
N GLU F 516 -7.24 -11.86 79.07
CA GLU F 516 -6.45 -11.95 77.84
C GLU F 516 -6.69 -13.25 77.09
N SER F 517 -7.06 -14.33 77.81
CA SER F 517 -7.26 -15.61 77.15
C SER F 517 -8.52 -15.62 76.30
N LEU F 518 -9.58 -14.92 76.74
CA LEU F 518 -10.89 -14.88 76.06
C LEU F 518 -11.50 -16.28 75.90
N SER F 519 -11.12 -17.24 76.74
CA SER F 519 -11.55 -18.61 76.58
C SER F 519 -12.69 -18.93 77.57
N SER F 520 -12.97 -20.22 77.72
CA SER F 520 -13.97 -20.69 78.67
C SER F 520 -13.77 -22.19 78.91
N ASP F 521 -12.78 -22.76 78.25
CA ASP F 521 -12.43 -24.15 78.43
C ASP F 521 -11.62 -24.31 79.70
N PRO F 522 -12.07 -25.10 80.68
CA PRO F 522 -11.28 -25.25 81.91
C PRO F 522 -9.89 -25.80 81.68
N GLU F 523 -9.71 -26.66 80.66
CA GLU F 523 -8.41 -27.24 80.40
C GLU F 523 -7.37 -26.19 80.02
N VAL F 524 -7.81 -25.06 79.46
CA VAL F 524 -6.88 -23.97 79.21
C VAL F 524 -6.79 -23.03 80.42
N LEU F 525 -7.85 -22.94 81.23
CA LEU F 525 -7.80 -22.07 82.40
C LEU F 525 -6.76 -22.56 83.39
N LEU F 526 -6.64 -23.88 83.54
CA LEU F 526 -5.61 -24.44 84.41
C LEU F 526 -4.21 -24.21 83.85
N GLN F 527 -4.10 -23.86 82.57
CA GLN F 527 -2.80 -23.52 82.00
C GLN F 527 -2.37 -22.09 82.30
N ILE F 528 -3.24 -21.29 82.91
CA ILE F 528 -2.92 -19.93 83.31
C ILE F 528 -2.30 -19.96 84.69
N ASP F 529 -1.22 -19.21 84.87
CA ASP F 529 -0.55 -19.13 86.17
C ASP F 529 -1.50 -18.53 87.21
N GLY F 530 -1.63 -19.21 88.36
CA GLY F 530 -2.46 -18.76 89.44
C GLY F 530 -3.83 -19.43 89.51
N VAL F 531 -4.30 -20.01 88.42
CA VAL F 531 -5.58 -20.69 88.39
C VAL F 531 -5.36 -22.16 88.78
N THR F 532 -6.11 -22.61 89.78
CA THR F 532 -5.98 -23.97 90.30
C THR F 532 -7.30 -24.72 90.23
N GLU F 533 -7.20 -26.04 90.33
CA GLU F 533 -8.39 -26.90 90.26
C GLU F 533 -9.32 -26.67 91.43
N ASP F 534 -8.79 -26.36 92.62
CA ASP F 534 -9.65 -26.10 93.77
C ASP F 534 -10.47 -24.82 93.56
N LYS F 535 -9.81 -23.75 93.10
CA LYS F 535 -10.54 -22.52 92.82
C LYS F 535 -11.52 -22.71 91.68
N LEU F 536 -11.21 -23.60 90.74
CA LEU F 536 -12.19 -23.98 89.72
C LEU F 536 -13.41 -24.61 90.35
N GLU F 537 -13.22 -25.72 91.07
CA GLU F 537 -14.32 -26.41 91.72
C GLU F 537 -15.11 -25.52 92.66
N LYS F 538 -14.53 -24.42 93.13
CA LYS F 538 -15.25 -23.54 94.03
C LYS F 538 -15.98 -22.39 93.31
N TYR F 539 -15.39 -21.83 92.25
CA TYR F 539 -15.90 -20.59 91.67
C TYR F 539 -16.24 -20.69 90.19
N GLY F 540 -16.18 -21.88 89.57
CA GLY F 540 -16.23 -21.94 88.12
C GLY F 540 -17.54 -21.49 87.51
N ALA F 541 -18.66 -21.80 88.19
CA ALA F 541 -19.96 -21.41 87.66
C ALA F 541 -20.07 -19.89 87.55
N GLU F 542 -19.49 -19.16 88.50
CA GLU F 542 -19.54 -17.71 88.49
C GLU F 542 -18.40 -17.07 87.71
N VAL F 543 -17.29 -17.78 87.53
CA VAL F 543 -16.16 -17.21 86.80
C VAL F 543 -16.34 -17.38 85.30
N ILE F 544 -16.82 -18.55 84.87
CA ILE F 544 -17.09 -18.76 83.46
C ILE F 544 -18.22 -17.86 82.98
N SER F 545 -19.26 -17.70 83.81
CA SER F 545 -20.39 -16.78 83.64
C SER F 545 -20.57 -16.24 82.23
N VAL F 546 -20.34 -14.94 82.05
CA VAL F 546 -20.40 -14.33 80.72
C VAL F 546 -19.09 -14.48 79.96
N LEU F 547 -18.03 -14.94 80.62
CA LEU F 547 -16.77 -15.20 79.93
C LEU F 547 -16.94 -16.25 78.84
N GLN F 548 -17.84 -17.20 79.03
CA GLN F 548 -18.14 -18.16 77.97
C GLN F 548 -18.77 -17.48 76.76
N LYS F 549 -19.50 -16.39 76.98
CA LYS F 549 -20.11 -15.64 75.89
C LYS F 549 -19.11 -14.80 75.11
N TYR F 550 -17.89 -14.63 75.61
CA TYR F 550 -16.85 -13.86 74.93
C TYR F 550 -15.94 -14.74 74.09
N SER F 551 -16.38 -15.95 73.72
CA SER F 551 -15.55 -16.83 72.92
C SER F 551 -15.40 -16.38 71.48
N GLU F 552 -16.09 -15.31 71.07
CA GLU F 552 -16.03 -14.86 69.69
C GLU F 552 -14.76 -14.09 69.36
N TRP F 553 -14.05 -13.60 70.38
CA TRP F 553 -12.80 -12.89 70.15
C TRP F 553 -11.60 -13.74 70.56
ZN ZN M . 13.33 -2.23 -24.55
PB ADP N . 14.09 18.93 -39.47
O1B ADP N . 13.44 17.57 -39.56
O2B ADP N . 13.18 20.08 -39.84
O3B ADP N . 14.93 19.15 -38.25
PA ADP N . 15.62 20.25 -41.41
O1A ADP N . 14.92 20.32 -42.75
O2A ADP N . 15.53 21.42 -40.46
O3A ADP N . 15.17 18.90 -40.67
O5' ADP N . 17.18 19.97 -41.69
C5' ADP N . 17.65 18.64 -41.87
C4' ADP N . 18.88 18.69 -42.77
O4' ADP N . 18.77 17.68 -43.76
C3' ADP N . 18.94 20.04 -43.50
O3' ADP N . 20.24 20.61 -43.31
C2' ADP N . 18.72 19.72 -44.96
O2' ADP N . 19.65 20.45 -45.77
C1' ADP N . 18.97 18.23 -45.06
N9 ADP N . 18.03 17.60 -46.03
C8 ADP N . 16.71 17.83 -46.12
N7 ADP N . 16.16 17.08 -47.11
C5 ADP N . 17.14 16.36 -47.68
C6 ADP N . 17.26 15.37 -48.77
N6 ADP N . 16.18 14.99 -49.49
N1 ADP N . 18.48 14.86 -49.03
C2 ADP N . 19.57 15.23 -48.33
N3 ADP N . 19.54 16.13 -47.33
C4 ADP N . 18.38 16.72 -46.96
C4 RY8 O . 4.22 18.98 -25.89
C5 RY8 O . 4.73 18.47 -27.03
C6 RY8 O . 0.10 18.90 -24.72
C7 RY8 O . 1.11 18.80 -23.77
C8 RY8 O . 0.45 19.04 -26.06
C10 RY8 O . 1.79 19.08 -26.43
C13 RY8 O . -1.33 18.85 -24.30
C15 RY8 O . -3.55 19.88 -24.66
C17 RY8 O . -5.23 21.01 -23.35
C20 RY8 O . -4.52 19.12 -25.31
C21 RY8 O . -5.65 22.00 -22.30
C22 RY8 O . -2.82 21.66 -22.99
C1 RY8 O . 6.36 19.44 -25.54
C11 RY8 O . 2.80 18.97 -25.48
C12 RY8 O . 7.58 19.94 -24.85
C16 RY8 O . -6.20 20.26 -24.00
C18 RY8 O . -5.85 19.32 -24.97
C19 RY8 O . -3.88 20.83 -23.68
C9 RY8 O . 2.44 18.84 -24.14
N14 RY8 O . -2.18 19.68 -24.95
N2 RY8 O . 5.16 19.54 -25.02
N24 RY8 O . -7.80 19.30 -26.88
O25 RY8 O . -6.47 17.30 -26.45
O26 RY8 O . -8.11 18.08 -24.78
O27 RY8 O . -1.69 18.10 -23.39
S23 RY8 O . -7.11 18.39 -25.77
S3 RY8 O . 6.44 18.67 -27.08
O1 PG4 P . -6.49 40.36 -29.46
C1 PG4 P . -5.93 39.12 -29.89
C2 PG4 P . -6.92 38.34 -30.70
O2 PG4 P . -7.31 39.12 -31.82
C3 PG4 P . -6.25 39.33 -32.74
C4 PG4 P . -6.46 40.62 -33.47
O3 PG4 P . -5.40 40.84 -34.39
C5 PG4 P . -5.42 42.13 -34.99
C6 PG4 P . -4.65 43.10 -34.16
O4 PG4 P . -5.39 43.46 -33.00
C7 PG4 P . -4.56 43.89 -31.92
C8 PG4 P . -5.38 43.93 -30.67
O5 PG4 P . -5.92 42.65 -30.36
O1 PG4 Q . 19.19 2.86 -41.11
C1 PG4 Q . 18.70 1.53 -41.04
C2 PG4 Q . 18.29 1.15 -39.65
O2 PG4 Q . 19.42 1.24 -38.79
C3 PG4 Q . 19.48 0.18 -37.85
C4 PG4 Q . 18.31 0.25 -36.92
O3 PG4 Q . 18.40 -0.76 -35.93
C5 PG4 Q . 18.82 -0.26 -34.68
C6 PG4 Q . 20.26 -0.58 -34.45
O4 PG4 Q . 20.96 0.60 -34.08
C7 PG4 Q . 21.90 1.00 -35.06
C8 PG4 Q . 22.67 2.19 -34.55
O5 PG4 Q . 23.64 2.62 -35.49
ZN ZN R . 28.41 -65.44 -19.04
PB ADP S . 32.38 -40.77 -27.07
O1B ADP S . 31.36 -41.44 -27.95
O2B ADP S . 32.92 -41.63 -25.95
O3B ADP S . 32.01 -39.37 -26.65
PA ADP S . 34.11 -39.16 -28.62
O1A ADP S . 33.17 -38.78 -29.74
O2A ADP S . 34.37 -38.19 -27.49
O3A ADP S . 33.67 -40.58 -28.02
O5' ADP S . 35.53 -39.55 -29.26
C5' ADP S . 35.66 -40.77 -30.00
C4' ADP S . 36.91 -40.69 -30.86
O4' ADP S . 36.63 -41.33 -32.11
C3' ADP S . 37.27 -39.24 -31.15
O3' ADP S . 38.66 -39.04 -30.93
C2' ADP S . 36.94 -39.04 -32.62
O2' ADP S . 37.96 -38.27 -33.27
C1' ADP S . 36.85 -40.43 -33.20
N9 ADP S . 35.73 -40.54 -34.17
C8 ADP S . 34.46 -40.13 -33.95
N7 ADP S . 33.69 -40.36 -35.04
C5 ADP S . 34.47 -40.92 -35.98
C6 ADP S . 34.30 -41.43 -37.37
N6 ADP S . 33.09 -41.37 -37.97
N1 ADP S . 35.38 -41.94 -37.99
C2 ADP S . 36.58 -42.01 -37.39
N3 ADP S . 36.81 -41.58 -36.14
C4 ADP S . 35.82 -41.03 -35.40
C4 RY8 T . 23.20 -43.49 -13.08
C5 RY8 T . 23.53 -43.87 -14.33
C6 RY8 T . 19.21 -43.23 -11.55
C7 RY8 T . 20.19 -43.93 -10.86
C8 RY8 T . 19.56 -42.60 -12.74
C10 RY8 T . 20.85 -42.67 -13.23
C13 RY8 T . 17.81 -43.19 -11.05
C15 RY8 T . 15.88 -41.69 -10.66
C17 RY8 T . 14.42 -40.76 -8.97
C20 RY8 T . 14.79 -42.00 -11.46
C21 RY8 T . 14.18 -40.09 -7.65
C22 RY8 T . 16.91 -40.75 -8.54
C1 RY8 T . 25.41 -43.39 -12.90
C11 RY8 T . 21.84 -43.38 -12.54
C12 RY8 T . 26.75 -43.17 -12.28
C16 RY8 T . 13.34 -41.08 -9.79
C18 RY8 T . 13.51 -41.70 -11.01
C19 RY8 T . 15.72 -41.07 -9.41
C9 RY8 T . 21.48 -44.00 -11.34
N14 RY8 T . 17.19 -41.99 -11.10
N2 RY8 T . 24.29 -43.22 -12.26
N24 RY8 T . 11.58 -40.73 -12.69
O25 RY8 T . 12.55 -42.95 -13.06
O26 RY8 T . 11.07 -42.55 -11.12
O27 RY8 T . 17.27 -44.21 -10.60
S23 RY8 T . 12.11 -42.08 -12.00
S3 RY8 T . 25.25 -43.91 -14.53
O1 PG4 U . 17.03 -21.94 -9.67
C1 PG4 U . 15.73 -21.39 -9.56
C2 PG4 U . 14.83 -21.90 -10.63
O2 PG4 U . 15.43 -21.67 -11.90
C3 PG4 U . 15.43 -20.30 -12.28
C4 PG4 U . 16.82 -19.87 -12.60
O3 PG4 U . 16.81 -18.61 -13.26
C5 PG4 U . 18.00 -18.38 -14.01
C6 PG4 U . 18.81 -17.32 -13.36
O4 PG4 U . 19.05 -17.64 -12.00
C7 PG4 U . 18.56 -16.66 -11.09
C8 PG4 U . 18.39 -17.28 -9.74
O5 PG4 U . 17.46 -18.35 -9.77
ZN ZN V . -11.66 -29.98 -5.60
PB ADP W . -4.19 -54.41 -0.06
O1B ADP W . -4.64 -55.84 -0.09
O2B ADP W . -4.43 -53.65 -1.35
O3B ADP W . -4.55 -53.66 1.19
PA ADP W . -1.80 -55.85 0.36
O1A ADP W . -2.12 -56.92 -0.66
O2A ADP W . -1.98 -56.13 1.83
O3A ADP W . -2.58 -54.49 -0.01
O5' ADP W . -0.29 -55.37 0.11
C5' ADP W . 0.19 -54.17 0.71
C4' ADP W . 1.70 -54.27 0.77
O4' ADP W . 2.14 -53.68 2.00
C3' ADP W . 2.11 -55.73 0.80
O3' ADP W . 3.20 -55.93 -0.11
C2' ADP W . 2.56 -56.00 2.22
O2' ADP W . 3.71 -56.86 2.25
C1' ADP W . 2.90 -54.62 2.76
N9 ADP W . 2.54 -54.50 4.20
C8 ADP W . 1.37 -54.87 4.76
N7 ADP W . 1.38 -54.62 6.10
C5 ADP W . 2.59 -54.10 6.41
C6 ADP W . 3.28 -53.62 7.63
N6 ADP W . 2.67 -53.65 8.84
N1 ADP W . 4.54 -53.16 7.50
C2 ADP W . 5.16 -53.12 6.31
N3 ADP W . 4.60 -53.54 5.17
C4 ADP W . 3.35 -54.04 5.14
C4 RY8 X . -19.28 -51.86 -7.16
C5 RY8 X . -18.32 -51.59 -6.24
C6 RY8 X . -23.48 -52.09 -6.40
C7 RY8 X . -23.01 -51.65 -7.64
C8 RY8 X . -22.56 -52.47 -5.43
C10 RY8 X . -21.21 -52.41 -5.68
C13 RY8 X . -24.96 -52.11 -6.13
C15 RY8 X . -26.76 -53.52 -5.20
C17 RY8 X . -28.86 -54.52 -5.83
C20 RY8 X . -27.27 -53.16 -3.95
C21 RY8 X . -29.75 -55.27 -6.80
C22 RY8 X . -26.98 -54.56 -7.50
C1 RY8 X . -17.50 -51.90 -8.49
C11 RY8 X . -20.73 -51.96 -6.91
C12 RY8 X . -16.70 -52.02 -9.74
C16 RY8 X . -29.37 -54.16 -4.58
C18 RY8 X . -28.59 -53.49 -3.66
C19 RY8 X . -27.55 -54.19 -6.15
C9 RY8 X . -21.65 -51.59 -7.89
N14 RY8 X . -25.42 -53.22 -5.52
N2 RY8 X . -18.79 -52.04 -8.45
N24 RY8 X . -29.07 -54.26 -1.08
O25 RY8 X . -28.51 -51.93 -1.59
O26 RY8 X . -30.68 -52.87 -2.28
O27 RY8 X . -25.67 -51.16 -6.45
S23 RY8 X . -29.28 -53.04 -2.09
S3 RY8 X . -16.76 -51.53 -6.97
O1 PG4 Y . 0.43 -37.17 3.85
C1 PG4 Y . -0.69 -37.49 3.04
C2 PG4 Y . -1.88 -36.65 3.38
O2 PG4 Y . -1.57 -35.28 3.15
C3 PG4 Y . -2.01 -34.82 1.88
C4 PG4 Y . -0.87 -34.21 1.14
O3 PG4 Y . -1.29 -33.80 -0.16
C5 PG4 Y . -0.21 -33.68 -1.07
C6 PG4 Y . -0.11 -34.90 -1.92
O4 PG4 Y . 1.07 -34.85 -2.72
C7 PG4 Y . 2.23 -35.22 -1.99
C8 PG4 Y . 3.01 -36.23 -2.76
O5 PG4 Y . 3.44 -35.71 -4.01
O1 PG4 Z . -25.04 -77.67 -7.53
C1 PG4 Z . -25.17 -77.96 -6.14
C2 PG4 Z . -23.85 -78.27 -5.52
O2 PG4 Z . -24.03 -78.51 -4.13
C3 PG4 Z . -23.17 -77.72 -3.32
C4 PG4 Z . -23.99 -76.84 -2.43
O3 PG4 Z . -24.81 -76.00 -3.24
C5 PG4 Z . -25.87 -75.39 -2.50
C6 PG4 Z . -27.01 -75.08 -3.41
O4 PG4 Z . -26.54 -74.32 -4.52
C7 PG4 Z . -27.15 -74.71 -5.74
C8 PG4 Z . -26.18 -74.51 -6.86
O5 PG4 Z . -25.77 -73.15 -6.95
ZN ZN AA . -24.96 43.67 -23.19
PB ADP BA . -22.75 17.80 -17.05
O1B ADP BA . -23.45 16.47 -16.95
O2B ADP BA . -23.10 18.60 -18.29
O3B ADP BA . -22.75 18.60 -15.77
PA ADP BA . -20.67 15.91 -17.05
O1A ADP BA . -21.30 15.06 -18.14
O2A ADP BA . -20.83 15.54 -15.59
O3A ADP BA . -21.20 17.43 -17.27
O5' ADP BA . -19.11 16.09 -17.40
C5' ADP BA . -18.64 15.84 -18.72
C4' ADP BA . -17.15 15.53 -18.66
O4' ADP BA . -16.55 16.24 -17.57
C3' ADP BA . -16.93 14.05 -18.42
O3' ADP BA . -16.19 13.50 -19.51
C2' ADP BA . -16.11 13.96 -17.15
O2' ADP BA . -14.99 13.09 -17.33
C1' ADP BA . -15.66 15.38 -16.87
N9 ADP BA . -15.67 15.67 -15.42
C8 ADP BA . -16.72 15.59 -14.58
N7 ADP BA . -16.36 15.92 -13.31
C5 ADP BA . -15.04 16.20 -13.33
C6 ADP BA . -14.03 16.62 -12.33
N6 ADP BA . -14.37 16.80 -11.02
N1 ADP BA . -12.76 16.81 -12.76
C2 ADP BA . -12.43 16.63 -14.05
N3 ADP BA . -13.29 16.26 -15.01
C4 ADP BA . -14.59 16.04 -14.71
C4 RY8 CA . -37.96 24.53 -20.45
C5 RY8 CA . -36.72 24.49 -19.90
C6 RY8 CA . -41.62 25.44 -18.44
C7 RY8 CA . -41.38 25.91 -19.72
C8 RY8 CA . -40.65 24.68 -17.82
C10 RY8 CA . -39.46 24.40 -18.46
C13 RY8 CA . -42.94 25.76 -17.78
C15 RY8 CA . -44.55 24.98 -16.10
C17 RY8 CA . -46.95 24.66 -16.05
C20 RY8 CA . -44.57 25.52 -14.81
C21 RY8 CA . -48.24 24.23 -16.68
C22 RY8 CA . -45.70 23.93 -18.10
C1 RY8 CA . -36.80 23.97 -22.26
C11 RY8 CA . -39.22 24.86 -19.75
C12 RY8 CA . -36.51 23.59 -23.67
C16 RY8 CA . -46.96 25.20 -14.77
C18 RY8 CA . -45.79 25.62 -14.16
C19 RY8 CA . -45.73 24.54 -16.73
C9 RY8 CA . -40.19 25.62 -20.37
N14 RY8 CA . -43.34 24.91 -16.82
N2 RY8 CA . -38.00 24.23 -21.80
N24 RY8 CA . -46.41 25.15 -11.54
O25 RY8 CA . -44.50 26.56 -12.12
O26 RY8 CA . -46.80 27.35 -12.53
O27 RY8 CA . -43.60 26.73 -18.14
S23 RY8 CA . -45.85 26.28 -12.52
S3 RY8 CA . -35.53 24.07 -21.08
O1 PG4 DA . -50.80 6.58 -12.81
C1 PG4 DA . -51.29 5.28 -12.59
C2 PG4 DA . -50.55 4.27 -13.42
O2 PG4 DA . -49.18 4.27 -13.05
C3 PG4 DA . -48.94 3.55 -11.86
C4 PG4 DA . -47.64 2.80 -11.96
O3 PG4 DA . -47.67 1.92 -13.07
C5 PG4 DA . -48.68 0.92 -12.97
C6 PG4 DA . -48.89 0.27 -14.29
O4 PG4 DA . -49.32 1.23 -15.25
C7 PG4 DA . -50.39 0.78 -16.05
C8 PG4 DA . -51.62 1.58 -15.73
O5 PG4 DA . -52.02 1.40 -14.37
ZN ZN EA . 27.70 49.49 22.54
PB ADP FA . 35.01 27.33 33.88
O1B ADP FA . 35.04 27.14 32.39
O2B ADP FA . 34.44 26.16 34.66
O3B ADP FA . 34.52 28.69 34.33
PA ADP FA . 37.33 26.00 34.69
O1A ADP FA . 36.83 24.88 33.81
O2A ADP FA . 37.30 25.85 36.19
O3A ADP FA . 36.57 27.35 34.30
O5' ADP FA . 38.85 26.33 34.27
C5' ADP FA . 39.86 25.33 34.37
C4' ADP FA . 41.23 25.98 34.22
O4' ADP FA . 41.27 27.20 34.98
C3' ADP FA . 42.33 25.08 34.73
O3' ADP FA . 43.20 24.73 33.65
C2' ADP FA . 43.08 25.89 35.76
O2' ADP FA . 44.49 25.87 35.50
C1' ADP FA . 42.54 27.31 35.62
N9 ADP FA . 42.41 27.95 36.95
C8 ADP FA . 41.34 27.88 37.77
N7 ADP FA . 41.56 28.58 38.91
C5 ADP FA . 42.79 29.12 38.84
C6 ADP FA . 43.64 29.97 39.69
N6 ADP FA . 43.21 30.42 40.90
N1 ADP FA . 44.87 30.31 39.22
C2 ADP FA . 45.32 29.88 38.03
N3 ADP FA . 44.60 29.11 37.20
C4 ADP FA . 43.35 28.70 37.54
C4 RY8 GA . 19.08 28.82 28.49
C5 RY8 GA . 20.15 29.29 29.18
C6 RY8 GA . 14.99 29.11 29.72
C7 RY8 GA . 15.35 29.27 28.38
C8 RY8 GA . 15.99 28.84 30.64
C10 RY8 GA . 17.31 28.75 30.25
C13 RY8 GA . 13.57 29.24 30.15
C15 RY8 GA . 11.85 28.24 31.61
C17 RY8 GA . 9.62 27.32 31.66
C20 RY8 GA . 11.57 29.04 32.70
C21 RY8 GA . 8.53 26.42 31.12
C22 RY8 GA . 11.20 26.48 29.88
C1 RY8 GA . 20.69 28.22 27.09
C11 RY8 GA . 17.67 28.91 28.91
C12 RY8 GA . 21.34 27.63 25.88
C16 RY8 GA . 9.34 28.12 32.77
C18 RY8 GA . 10.32 28.98 33.28
C19 RY8 GA . 10.88 27.37 31.07
C9 RY8 GA . 16.67 29.18 27.98
N14 RY8 GA . 13.13 28.29 31.00
N2 RY8 GA . 19.40 28.21 27.29
N24 RY8 GA . 10.12 29.14 36.00
O25 RY8 GA . 10.91 31.05 34.71
O26 RY8 GA . 8.54 30.35 34.58
O27 RY8 GA . 12.87 30.17 29.77
S23 RY8 GA . 9.93 30.00 34.66
S3 RY8 GA . 21.61 28.99 28.33
O1 PG4 HA . 11.07 8.67 37.25
C1 PG4 HA . 10.78 9.49 38.38
C2 PG4 HA . 12.01 9.75 39.20
O2 PG4 HA . 12.49 8.51 39.71
C3 PG4 HA . 13.05 8.64 41.00
C4 PG4 HA . 13.45 7.30 41.54
O3 PG4 HA . 14.43 6.70 40.71
C5 PG4 HA . 14.27 5.29 40.60
C6 PG4 HA . 13.91 4.92 39.21
O4 PG4 HA . 12.79 5.68 38.78
C7 PG4 HA . 11.77 4.89 38.21
C8 PG4 HA . 11.46 5.38 36.83
O5 PG4 HA . 12.59 5.31 35.98
ZN ZN IA . -6.82 4.39 44.41
PB ADP JA . -8.42 28.66 35.65
O1B ADP JA . -9.56 28.43 34.69
O2B ADP JA . -7.81 27.39 36.23
O3B ADP JA . -8.68 29.75 36.67
PA ADP JA . -7.23 30.78 34.22
O1A ADP JA . -8.40 31.02 33.28
O2A ADP JA . -7.02 31.65 35.43
O3A ADP JA . -7.26 29.25 34.71
O5' ADP JA . -5.87 30.77 33.36
C5' ADP JA . -4.61 30.76 34.03
C4' ADP JA . -3.48 30.94 33.03
O4' ADP JA . -3.74 30.18 31.84
C3' ADP JA . -3.35 32.39 32.61
O3' ADP JA . -2.12 32.91 33.11
C2' ADP JA . -3.35 32.39 31.09
O2' ADP JA . -2.21 33.11 30.60
C1' ADP JA . -3.26 30.93 30.71
N9 ADP JA . -4.05 30.63 29.49
C8 ADP JA . -5.36 30.92 29.28
N7 ADP JA . -5.76 30.52 28.05
C5 ADP JA . -4.68 29.96 27.44
C6 ADP JA . -4.41 29.34 26.13
N6 ADP JA . -5.39 29.21 25.19
N1 ADP JA . -3.16 28.87 25.90
C2 ADP JA . -2.18 28.98 26.83
N3 ADP JA . -2.36 29.54 28.03
C4 ADP JA . -3.57 30.04 28.40
C4 RY8 KA . -19.33 23.71 47.75
C5 RY8 KA . -18.67 23.58 46.57
C6 RY8 KA . -23.45 22.81 48.43
C7 RY8 KA . -22.46 22.26 49.24
C8 RY8 KA . -23.07 23.67 47.40
C10 RY8 KA . -21.74 23.96 47.19
C13 RY8 KA . -24.89 22.45 48.62
C15 RY8 KA . -27.19 23.35 48.49
C17 RY8 KA . -29.29 23.93 49.53
C20 RY8 KA . -27.85 22.60 47.51
C21 RY8 KA . -30.09 24.60 50.60
C22 RY8 KA . -27.16 24.81 50.57
C1 RY8 KA . -17.31 24.38 48.39
C11 RY8 KA . -20.74 23.41 47.99
C12 RY8 KA . -16.22 24.88 49.29
C16 RY8 KA . -29.94 23.18 48.54
C18 RY8 KA . -29.22 22.53 47.55
C19 RY8 KA . -27.88 24.01 49.50
C9 RY8 KA . -21.13 22.55 49.02
N14 RY8 KA . -25.77 23.46 48.45
N2 RY8 KA . -18.53 24.17 48.79
N24 RY8 KA . -31.02 22.59 45.49
O25 RY8 KA . -29.10 21.07 45.42
O26 RY8 KA . -30.95 20.68 47.02
O27 RY8 KA . -25.22 21.30 48.91
S23 RY8 KA . -30.09 21.59 46.33
S3 RY8 KA . -17.02 24.04 46.72
MG MG LA . -14.25 71.25 6.98
MG MG MA . 2.96 42.26 -20.44
MG MG NA . 26.78 -23.24 -0.43
MG MG OA . -50.44 5.12 -28.95
MG MG PA . 14.63 19.26 6.14
MG MG QA . 12.62 6.22 23.60
#